data_2O4E
#
_entry.id   2O4E
#
_entity_poly.entity_id   1
_entity_poly.type   'polypeptide(L)'
_entity_poly.pdbx_seq_one_letter_code
;MGSSHHHHHHSSGLVPRGSHMASKLKEAAEVTGSVSLEALEEVQVGENLEVGVGIDELVNAEAFAYDFTLNYDENAFEYV
EAISDDGVFVNAKKIEDGKVRVLVSSLTGEPLPAKEVLAKVVLRAEAKAEGSNLSVTNSSVGDGEGLVHEIAGTEKTVNI
IEGTS
;
_entity_poly.pdbx_strand_id   A
#
# COMPACT_ATOMS: atom_id res chain seq x y z
N MET A 1 -3.49 -45.74 2.35
CA MET A 1 -2.37 -45.77 3.32
C MET A 1 -1.96 -44.36 3.75
N GLY A 2 -1.42 -43.59 2.81
CA GLY A 2 -1.00 -42.24 3.11
C GLY A 2 -0.25 -41.60 1.96
N SER A 3 -0.79 -41.72 0.76
CA SER A 3 -0.17 -41.15 -0.42
C SER A 3 -0.41 -39.64 -0.49
N SER A 4 0.67 -38.87 -0.35
CA SER A 4 0.58 -37.41 -0.40
C SER A 4 1.80 -36.81 -1.09
N HIS A 5 1.75 -35.51 -1.33
CA HIS A 5 2.86 -34.81 -1.98
C HIS A 5 2.65 -33.30 -1.95
N HIS A 6 1.41 -32.88 -2.22
CA HIS A 6 1.07 -31.46 -2.22
C HIS A 6 0.56 -31.01 -0.86
N HIS A 7 0.23 -29.74 -0.74
CA HIS A 7 -0.28 -29.19 0.51
C HIS A 7 -1.48 -28.29 0.27
N HIS A 8 -2.64 -28.69 0.77
CA HIS A 8 -3.86 -27.91 0.60
C HIS A 8 -3.80 -26.62 1.41
N HIS A 9 -3.82 -26.76 2.73
CA HIS A 9 -3.77 -25.60 3.61
C HIS A 9 -3.10 -25.95 4.94
N HIS A 10 -1.85 -25.54 5.11
CA HIS A 10 -1.11 -25.82 6.33
C HIS A 10 -0.27 -24.61 6.73
N SER A 11 -0.91 -23.65 7.41
CA SER A 11 -0.22 -22.46 7.86
C SER A 11 0.02 -22.48 9.36
N SER A 12 1.05 -21.79 9.82
CA SER A 12 1.38 -21.75 11.24
C SER A 12 1.81 -20.33 11.65
N GLY A 13 2.03 -20.15 12.95
CA GLY A 13 2.44 -18.85 13.44
C GLY A 13 3.94 -18.70 13.51
N LEU A 14 4.56 -19.32 14.51
CA LEU A 14 6.01 -19.25 14.68
C LEU A 14 6.47 -17.81 14.86
N VAL A 15 5.75 -17.07 15.71
CA VAL A 15 6.09 -15.67 15.98
C VAL A 15 7.51 -15.53 16.51
N PRO A 16 7.86 -16.29 17.59
CA PRO A 16 9.19 -16.24 18.20
C PRO A 16 10.31 -15.96 17.20
N ARG A 17 11.18 -15.02 17.55
CA ARG A 17 12.30 -14.65 16.68
C ARG A 17 13.48 -15.59 16.89
N GLY A 18 14.56 -15.34 16.17
CA GLY A 18 15.75 -16.17 16.30
C GLY A 18 15.80 -17.27 15.24
N SER A 19 16.69 -17.12 14.27
CA SER A 19 16.84 -18.10 13.20
C SER A 19 18.31 -18.42 12.96
N HIS A 20 18.56 -19.52 12.25
CA HIS A 20 19.93 -19.93 11.94
C HIS A 20 20.26 -19.68 10.48
N MET A 21 21.47 -20.05 10.08
CA MET A 21 21.91 -19.87 8.70
C MET A 21 21.73 -21.15 7.89
N ALA A 22 20.62 -21.25 7.17
CA ALA A 22 20.33 -22.41 6.36
C ALA A 22 19.39 -22.07 5.21
N SER A 23 19.69 -22.60 4.03
CA SER A 23 18.87 -22.34 2.85
C SER A 23 18.05 -23.57 2.48
N LYS A 24 16.73 -23.39 2.40
CA LYS A 24 15.83 -24.48 2.06
C LYS A 24 15.30 -24.33 0.64
N LEU A 25 14.96 -23.10 0.26
CA LEU A 25 14.43 -22.82 -1.06
C LEU A 25 15.57 -22.48 -2.03
N LYS A 26 15.76 -23.33 -3.03
CA LYS A 26 16.81 -23.12 -4.02
C LYS A 26 16.59 -21.82 -4.77
N GLU A 27 17.67 -21.28 -5.33
CA GLU A 27 17.59 -20.03 -6.09
C GLU A 27 17.11 -18.89 -5.20
N ALA A 28 16.82 -17.75 -5.82
CA ALA A 28 16.35 -16.58 -5.07
C ALA A 28 15.45 -15.71 -5.94
N ALA A 29 14.22 -15.49 -5.49
CA ALA A 29 13.27 -14.68 -6.23
C ALA A 29 12.56 -13.69 -5.30
N GLU A 30 13.32 -13.11 -4.38
CA GLU A 30 12.77 -12.14 -3.43
C GLU A 30 12.59 -10.78 -4.09
N VAL A 31 11.45 -10.16 -3.85
CA VAL A 31 11.15 -8.84 -4.42
C VAL A 31 11.64 -7.73 -3.50
N THR A 32 11.91 -6.57 -4.09
CA THR A 32 12.35 -5.42 -3.32
C THR A 32 11.18 -4.86 -2.52
N GLY A 33 10.04 -4.80 -3.19
CA GLY A 33 8.85 -4.30 -2.57
C GLY A 33 9.00 -2.89 -2.07
N SER A 34 8.32 -1.96 -2.72
CA SER A 34 8.40 -0.56 -2.32
C SER A 34 7.12 0.19 -2.63
N VAL A 35 6.75 1.04 -1.69
CA VAL A 35 5.56 1.85 -1.82
C VAL A 35 5.86 3.20 -2.43
N SER A 36 4.94 3.68 -3.22
CA SER A 36 5.07 4.97 -3.89
C SER A 36 4.23 6.02 -3.19
N LEU A 37 4.89 6.94 -2.48
CA LEU A 37 4.20 8.00 -1.75
C LEU A 37 4.17 9.28 -2.58
N GLU A 38 2.98 9.67 -3.02
CA GLU A 38 2.81 10.88 -3.81
C GLU A 38 1.60 11.68 -3.34
N ALA A 39 1.84 12.89 -2.86
CA ALA A 39 0.78 13.75 -2.37
C ALA A 39 1.24 15.19 -2.18
N LEU A 40 0.30 16.10 -2.06
CA LEU A 40 0.62 17.52 -1.86
C LEU A 40 1.25 17.73 -0.49
N GLU A 41 0.87 16.89 0.47
CA GLU A 41 1.40 16.99 1.83
C GLU A 41 0.94 18.27 2.51
N GLU A 42 -0.27 18.72 2.19
CA GLU A 42 -0.80 19.93 2.79
C GLU A 42 -2.31 20.04 2.59
N VAL A 43 -3.04 20.10 3.70
CA VAL A 43 -4.49 20.22 3.66
C VAL A 43 -4.94 21.41 4.53
N GLN A 44 -6.20 21.81 4.41
CA GLN A 44 -6.72 22.92 5.19
C GLN A 44 -8.04 22.51 5.85
N VAL A 45 -8.08 22.53 7.20
CA VAL A 45 -9.27 22.15 7.94
C VAL A 45 -10.55 22.42 7.15
N GLY A 46 -11.41 21.43 7.12
CA GLY A 46 -12.64 21.53 6.40
C GLY A 46 -12.50 21.08 4.97
N GLU A 47 -11.37 20.43 4.67
CA GLU A 47 -11.07 19.94 3.33
C GLU A 47 -10.61 18.49 3.39
N ASN A 48 -10.40 17.88 2.23
CA ASN A 48 -9.96 16.50 2.16
C ASN A 48 -8.68 16.38 1.34
N LEU A 49 -7.85 15.41 1.70
CA LEU A 49 -6.59 15.18 1.00
C LEU A 49 -6.63 13.86 0.24
N GLU A 50 -5.74 13.73 -0.75
CA GLU A 50 -5.68 12.52 -1.56
C GLU A 50 -4.25 12.06 -1.77
N VAL A 51 -3.78 11.16 -0.90
CA VAL A 51 -2.43 10.65 -0.99
C VAL A 51 -2.43 9.23 -1.59
N GLY A 52 -2.17 9.15 -2.89
CA GLY A 52 -2.16 7.87 -3.56
C GLY A 52 -0.88 7.09 -3.34
N VAL A 53 -0.89 6.19 -2.37
CA VAL A 53 0.28 5.38 -2.08
C VAL A 53 0.31 4.13 -2.94
N GLY A 54 1.02 4.20 -4.06
CA GLY A 54 1.09 3.07 -4.97
C GLY A 54 2.36 2.26 -4.81
N ILE A 55 2.96 1.87 -5.93
CA ILE A 55 4.19 1.08 -5.90
C ILE A 55 5.39 1.91 -6.35
N ASP A 56 6.48 1.79 -5.59
CA ASP A 56 7.72 2.49 -5.92
C ASP A 56 8.65 1.53 -6.63
N GLU A 57 8.57 0.26 -6.25
CA GLU A 57 9.38 -0.79 -6.85
C GLU A 57 8.87 -2.16 -6.42
N LEU A 58 8.76 -3.06 -7.39
CA LEU A 58 8.30 -4.41 -7.13
C LEU A 58 8.85 -5.38 -8.18
N VAL A 59 10.01 -5.96 -7.90
CA VAL A 59 10.64 -6.88 -8.83
C VAL A 59 10.61 -8.32 -8.33
N ASN A 60 9.90 -9.18 -9.08
CA ASN A 60 9.77 -10.61 -8.78
C ASN A 60 8.41 -10.93 -8.14
N ALA A 61 7.37 -10.26 -8.61
CA ALA A 61 6.02 -10.48 -8.10
C ALA A 61 4.99 -9.78 -8.98
N GLU A 62 3.84 -10.42 -9.16
CA GLU A 62 2.76 -9.85 -9.97
C GLU A 62 1.63 -9.35 -9.09
N ALA A 63 1.80 -8.14 -8.56
CA ALA A 63 0.78 -7.54 -7.69
C ALA A 63 -0.54 -7.33 -8.43
N PHE A 64 -1.54 -8.10 -8.03
CA PHE A 64 -2.87 -7.97 -8.63
C PHE A 64 -3.77 -7.16 -7.71
N ALA A 65 -3.57 -7.32 -6.41
CA ALA A 65 -4.34 -6.60 -5.41
C ALA A 65 -3.41 -6.05 -4.33
N TYR A 66 -3.28 -4.72 -4.28
CA TYR A 66 -2.41 -4.09 -3.30
C TYR A 66 -3.22 -3.37 -2.22
N ASP A 67 -3.47 -4.05 -1.12
CA ASP A 67 -4.23 -3.48 -0.01
C ASP A 67 -3.28 -2.99 1.08
N PHE A 68 -3.19 -1.67 1.24
CA PHE A 68 -2.31 -1.09 2.24
C PHE A 68 -3.08 -0.62 3.46
N THR A 69 -2.35 -0.23 4.50
CA THR A 69 -2.96 0.23 5.75
C THR A 69 -2.23 1.48 6.24
N LEU A 70 -2.83 2.64 6.01
CA LEU A 70 -2.24 3.91 6.44
C LEU A 70 -2.49 4.17 7.92
N ASN A 71 -1.61 4.95 8.53
CA ASN A 71 -1.74 5.28 9.94
C ASN A 71 -1.79 6.78 10.15
N TYR A 72 -2.99 7.29 10.42
CA TYR A 72 -3.18 8.72 10.65
C TYR A 72 -3.61 9.00 12.08
N ASP A 73 -4.07 10.22 12.34
CA ASP A 73 -4.51 10.61 13.67
C ASP A 73 -6.00 10.95 13.68
N GLU A 74 -6.76 10.27 14.54
CA GLU A 74 -8.19 10.50 14.64
C GLU A 74 -8.48 11.78 15.43
N ASN A 75 -7.61 12.10 16.37
CA ASN A 75 -7.77 13.29 17.18
C ASN A 75 -7.71 14.56 16.33
N ALA A 76 -6.93 14.49 15.26
CA ALA A 76 -6.78 15.64 14.36
C ALA A 76 -7.47 15.39 13.03
N PHE A 77 -7.15 14.24 12.42
CA PHE A 77 -7.74 13.88 11.14
C PHE A 77 -8.98 13.03 11.33
N GLU A 78 -9.57 12.58 10.22
CA GLU A 78 -10.77 11.76 10.27
C GLU A 78 -10.95 10.96 8.99
N TYR A 79 -10.77 9.65 9.07
CA TYR A 79 -10.91 8.79 7.90
C TYR A 79 -12.25 9.02 7.22
N VAL A 80 -12.28 8.86 5.90
CA VAL A 80 -13.50 9.06 5.13
C VAL A 80 -13.73 7.91 4.15
N GLU A 81 -12.96 7.88 3.07
CA GLU A 81 -13.09 6.84 2.07
C GLU A 81 -11.90 6.84 1.12
N ALA A 82 -11.42 5.65 0.76
CA ALA A 82 -10.29 5.53 -0.14
C ALA A 82 -10.71 5.62 -1.57
N ILE A 83 -9.78 6.09 -2.37
CA ILE A 83 -10.01 6.30 -3.76
C ILE A 83 -8.98 5.61 -4.62
N SER A 84 -9.24 5.69 -5.91
CA SER A 84 -8.36 5.10 -6.91
C SER A 84 -8.31 5.96 -8.17
N ASP A 85 -7.78 5.39 -9.25
CA ASP A 85 -7.68 6.10 -10.52
C ASP A 85 -8.90 5.82 -11.41
N ASP A 86 -8.75 6.02 -12.71
CA ASP A 86 -9.84 5.78 -13.65
C ASP A 86 -9.75 4.39 -14.26
N GLY A 87 -9.33 3.42 -13.43
CA GLY A 87 -9.21 2.04 -13.90
C GLY A 87 -9.18 1.06 -12.75
N VAL A 88 -8.45 1.40 -11.70
CA VAL A 88 -8.32 0.54 -10.53
C VAL A 88 -9.41 0.87 -9.51
N PHE A 89 -9.85 -0.15 -8.77
CA PHE A 89 -10.88 0.04 -7.76
C PHE A 89 -10.28 0.07 -6.35
N VAL A 90 -10.76 0.98 -5.52
CA VAL A 90 -10.26 1.11 -4.16
C VAL A 90 -11.42 1.23 -3.17
N ASN A 91 -11.23 0.66 -1.99
CA ASN A 91 -12.24 0.71 -0.94
C ASN A 91 -11.60 0.54 0.43
N ALA A 92 -11.71 1.56 1.27
CA ALA A 92 -11.13 1.53 2.61
C ALA A 92 -12.16 1.11 3.65
N LYS A 93 -11.68 0.60 4.77
CA LYS A 93 -12.56 0.16 5.84
C LYS A 93 -11.97 0.51 7.21
N LYS A 94 -12.57 1.50 7.86
CA LYS A 94 -12.13 1.95 9.16
C LYS A 94 -12.11 0.81 10.15
N ILE A 95 -10.91 0.47 10.63
CA ILE A 95 -10.74 -0.61 11.59
C ILE A 95 -10.34 -0.04 12.96
N GLU A 96 -9.74 1.14 12.97
CA GLU A 96 -9.33 1.77 14.21
C GLU A 96 -9.12 3.28 14.00
N ASP A 97 -9.03 4.01 15.11
CA ASP A 97 -8.84 5.45 15.06
C ASP A 97 -7.46 5.80 14.49
N GLY A 98 -7.45 6.67 13.49
CA GLY A 98 -6.19 7.07 12.87
C GLY A 98 -5.48 5.91 12.21
N LYS A 99 -6.26 4.95 11.71
CA LYS A 99 -5.69 3.78 11.05
C LYS A 99 -6.81 2.94 10.46
N VAL A 100 -6.73 2.71 9.16
CA VAL A 100 -7.76 1.95 8.47
C VAL A 100 -7.20 1.21 7.27
N ARG A 101 -7.87 0.13 6.88
CA ARG A 101 -7.42 -0.71 5.77
C ARG A 101 -8.04 -0.29 4.44
N VAL A 102 -7.31 -0.55 3.36
CA VAL A 102 -7.77 -0.22 2.01
C VAL A 102 -7.70 -1.45 1.10
N LEU A 103 -8.71 -1.59 0.25
CA LEU A 103 -8.77 -2.72 -0.69
C LEU A 103 -8.60 -2.23 -2.11
N VAL A 104 -7.44 -2.50 -2.70
CA VAL A 104 -7.16 -2.07 -4.06
C VAL A 104 -7.18 -3.25 -5.03
N SER A 105 -7.61 -2.98 -6.25
CA SER A 105 -7.68 -4.00 -7.29
C SER A 105 -7.83 -3.36 -8.67
N SER A 106 -7.08 -3.86 -9.65
CA SER A 106 -7.13 -3.32 -11.00
C SER A 106 -8.29 -3.93 -11.78
N LEU A 107 -9.34 -3.15 -11.97
CA LEU A 107 -10.51 -3.60 -12.71
C LEU A 107 -10.40 -3.15 -14.17
N THR A 108 -9.16 -3.06 -14.66
CA THR A 108 -8.91 -2.64 -16.03
C THR A 108 -8.66 -3.85 -16.93
N GLY A 109 -8.06 -4.89 -16.36
CA GLY A 109 -7.77 -6.08 -17.13
C GLY A 109 -6.30 -6.45 -17.09
N GLU A 110 -5.45 -5.46 -16.85
CA GLU A 110 -4.01 -5.68 -16.79
C GLU A 110 -3.50 -5.52 -15.37
N PRO A 111 -2.36 -6.17 -15.04
CA PRO A 111 -1.77 -6.10 -13.71
C PRO A 111 -1.56 -4.67 -13.23
N LEU A 112 -1.15 -4.52 -11.98
CA LEU A 112 -0.91 -3.20 -11.40
C LEU A 112 0.15 -2.44 -12.21
N PRO A 113 -0.22 -1.30 -12.82
CA PRO A 113 0.73 -0.50 -13.61
C PRO A 113 1.93 -0.05 -12.78
N ALA A 114 1.70 0.13 -11.48
CA ALA A 114 2.76 0.56 -10.58
C ALA A 114 3.39 1.87 -11.03
N LYS A 115 4.20 2.45 -10.16
CA LYS A 115 4.87 3.71 -10.49
C LYS A 115 3.86 4.82 -10.73
N GLU A 116 2.62 4.61 -10.26
CA GLU A 116 1.55 5.59 -10.42
C GLU A 116 0.63 5.55 -9.20
N VAL A 117 -0.54 6.15 -9.33
CA VAL A 117 -1.52 6.16 -8.24
C VAL A 117 -2.28 4.84 -8.19
N LEU A 118 -1.92 4.00 -7.22
CA LEU A 118 -2.57 2.71 -7.06
C LEU A 118 -3.75 2.81 -6.09
N ALA A 119 -3.63 3.69 -5.10
CA ALA A 119 -4.69 3.87 -4.12
C ALA A 119 -4.39 5.05 -3.20
N LYS A 120 -5.40 5.91 -3.01
CA LYS A 120 -5.24 7.08 -2.16
C LYS A 120 -6.27 7.09 -1.04
N VAL A 121 -5.80 7.34 0.19
CA VAL A 121 -6.67 7.40 1.35
C VAL A 121 -6.88 8.84 1.78
N VAL A 122 -8.14 9.29 1.75
CA VAL A 122 -8.46 10.65 2.12
C VAL A 122 -8.85 10.77 3.59
N LEU A 123 -8.07 11.55 4.34
CA LEU A 123 -8.34 11.77 5.76
C LEU A 123 -8.94 13.16 5.97
N ARG A 124 -10.22 13.19 6.32
CA ARG A 124 -10.94 14.44 6.53
C ARG A 124 -10.25 15.35 7.55
N ALA A 125 -9.83 16.53 7.09
CA ALA A 125 -9.20 17.52 7.94
C ALA A 125 -10.27 18.31 8.68
N GLU A 126 -10.92 17.68 9.64
CA GLU A 126 -11.96 18.33 10.42
C GLU A 126 -11.33 19.03 11.61
N ALA A 127 -10.03 18.85 11.73
CA ALA A 127 -9.26 19.47 12.78
C ALA A 127 -7.80 19.47 12.40
N LYS A 128 -7.24 20.65 12.38
CA LYS A 128 -5.85 20.85 12.00
C LYS A 128 -4.92 19.84 12.67
N ALA A 129 -3.76 19.64 12.05
CA ALA A 129 -2.76 18.71 12.55
C ALA A 129 -1.46 18.90 11.77
N GLU A 130 -0.91 20.11 11.85
CA GLU A 130 0.33 20.43 11.14
C GLU A 130 1.45 19.48 11.52
N GLY A 131 1.91 18.70 10.54
CA GLY A 131 2.97 17.75 10.79
C GLY A 131 2.44 16.42 11.28
N SER A 132 1.16 16.14 11.00
CA SER A 132 0.53 14.89 11.41
C SER A 132 1.14 13.72 10.63
N ASN A 133 2.39 13.40 10.96
CA ASN A 133 3.11 12.32 10.30
C ASN A 133 2.25 11.07 10.12
N LEU A 134 2.12 10.65 8.87
CA LEU A 134 1.36 9.46 8.50
C LEU A 134 2.32 8.45 7.88
N SER A 135 1.91 7.18 7.84
CA SER A 135 2.76 6.15 7.27
C SER A 135 1.93 4.96 6.79
N VAL A 136 2.44 4.28 5.77
CA VAL A 136 1.76 3.12 5.21
C VAL A 136 2.66 1.89 5.23
N THR A 137 2.52 1.07 6.27
CA THR A 137 3.32 -0.13 6.41
C THR A 137 2.52 -1.37 6.01
N ASN A 138 3.04 -2.55 6.36
CA ASN A 138 2.38 -3.82 6.05
C ASN A 138 1.81 -3.84 4.63
N SER A 139 2.34 -2.99 3.76
CA SER A 139 1.88 -2.92 2.38
C SER A 139 2.18 -4.22 1.65
N SER A 140 1.14 -5.01 1.40
CA SER A 140 1.30 -6.29 0.72
C SER A 140 0.87 -6.20 -0.74
N VAL A 141 1.15 -7.27 -1.51
CA VAL A 141 0.78 -7.32 -2.91
C VAL A 141 0.38 -8.74 -3.31
N GLY A 142 -0.74 -8.86 -4.00
CA GLY A 142 -1.22 -10.16 -4.42
C GLY A 142 -0.57 -10.65 -5.71
N ASP A 143 0.48 -11.47 -5.58
CA ASP A 143 1.18 -12.00 -6.74
C ASP A 143 0.22 -12.73 -7.67
N GLY A 144 0.64 -12.93 -8.91
CA GLY A 144 -0.19 -13.64 -9.87
C GLY A 144 -0.39 -15.10 -9.52
N GLU A 145 0.58 -15.67 -8.82
CA GLU A 145 0.51 -17.07 -8.43
C GLU A 145 -0.48 -17.26 -7.28
N GLY A 146 -0.36 -16.41 -6.26
CA GLY A 146 -1.25 -16.51 -5.12
C GLY A 146 -0.60 -16.02 -3.84
N LEU A 147 0.72 -16.07 -3.78
CA LEU A 147 1.46 -15.63 -2.61
C LEU A 147 1.51 -14.11 -2.54
N VAL A 148 1.74 -13.58 -1.34
CA VAL A 148 1.82 -12.14 -1.15
C VAL A 148 3.21 -11.71 -0.69
N HIS A 149 3.90 -10.95 -1.53
CA HIS A 149 5.24 -10.47 -1.22
C HIS A 149 5.19 -9.17 -0.43
N GLU A 150 5.21 -9.27 0.89
CA GLU A 150 5.16 -8.09 1.75
C GLU A 150 6.19 -7.06 1.28
N ILE A 151 5.71 -5.97 0.69
CA ILE A 151 6.58 -4.93 0.17
C ILE A 151 6.99 -3.95 1.27
N ALA A 152 8.00 -3.15 0.96
CA ALA A 152 8.53 -2.15 1.88
C ALA A 152 7.45 -1.14 2.28
N GLY A 153 7.84 0.11 2.47
CA GLY A 153 6.89 1.14 2.86
C GLY A 153 7.49 2.53 2.79
N THR A 154 6.72 3.53 3.19
CA THR A 154 7.18 4.91 3.18
C THR A 154 6.33 5.78 4.08
N GLU A 155 6.94 6.81 4.65
CA GLU A 155 6.24 7.73 5.55
C GLU A 155 5.88 9.02 4.84
N LYS A 156 4.88 9.72 5.38
CA LYS A 156 4.42 10.99 4.80
C LYS A 156 3.83 11.89 5.89
N THR A 157 3.70 13.15 5.56
CA THR A 157 3.12 14.13 6.49
C THR A 157 2.26 15.13 5.74
N VAL A 158 1.29 15.71 6.45
CA VAL A 158 0.40 16.70 5.85
C VAL A 158 0.12 17.84 6.83
N ASN A 159 0.21 19.07 6.33
CA ASN A 159 -0.03 20.24 7.18
C ASN A 159 -1.43 20.78 6.97
N ILE A 160 -2.22 20.71 8.02
CA ILE A 160 -3.57 21.23 7.96
C ILE A 160 -3.56 22.69 8.30
N ILE A 161 -3.96 23.51 7.35
CA ILE A 161 -3.96 24.94 7.53
C ILE A 161 -5.35 25.45 7.86
N GLU A 162 -5.44 26.23 8.92
CA GLU A 162 -6.72 26.79 9.35
C GLU A 162 -7.38 27.59 8.22
N GLY A 163 -8.70 27.55 8.18
CA GLY A 163 -9.43 28.28 7.16
C GLY A 163 -9.52 29.77 7.45
N THR A 164 -10.45 30.16 8.31
CA THR A 164 -10.63 31.55 8.66
C THR A 164 -9.60 31.99 9.70
N SER A 165 -10.02 32.85 10.61
CA SER A 165 -9.16 33.35 11.66
C SER A 165 -9.96 33.69 12.92
N MET A 1 -7.30 -22.09 15.70
CA MET A 1 -6.20 -21.98 16.68
C MET A 1 -4.84 -21.92 16.01
N GLY A 2 -4.65 -22.73 14.97
CA GLY A 2 -3.40 -22.75 14.25
C GLY A 2 -3.45 -21.94 12.97
N SER A 3 -3.48 -20.62 13.11
CA SER A 3 -3.53 -19.73 11.95
C SER A 3 -2.16 -19.14 11.65
N SER A 4 -2.07 -18.40 10.54
CA SER A 4 -0.81 -17.78 10.15
C SER A 4 -0.61 -16.46 10.89
N HIS A 5 0.60 -16.28 11.43
CA HIS A 5 0.93 -15.07 12.17
C HIS A 5 2.25 -14.49 11.71
N HIS A 6 2.63 -13.34 12.27
CA HIS A 6 3.88 -12.69 11.91
C HIS A 6 4.40 -11.84 13.07
N HIS A 7 4.16 -12.32 14.29
CA HIS A 7 4.60 -11.60 15.48
C HIS A 7 4.72 -12.56 16.67
N HIS A 8 5.75 -12.34 17.49
CA HIS A 8 5.97 -13.19 18.66
C HIS A 8 6.20 -14.64 18.25
N HIS A 9 6.50 -15.48 19.23
CA HIS A 9 6.73 -16.90 18.97
C HIS A 9 7.90 -17.10 18.02
N HIS A 10 8.39 -18.33 17.93
CA HIS A 10 9.51 -18.64 17.05
C HIS A 10 9.81 -20.14 17.07
N SER A 11 10.88 -20.54 16.38
CA SER A 11 11.26 -21.94 16.32
C SER A 11 10.17 -22.78 15.70
N SER A 12 10.39 -23.20 14.45
CA SER A 12 9.41 -24.01 13.74
C SER A 12 9.93 -25.44 13.55
N GLY A 13 11.12 -25.57 12.99
CA GLY A 13 11.70 -26.88 12.77
C GLY A 13 11.88 -27.65 14.06
N LEU A 14 12.02 -28.97 13.95
CA LEU A 14 12.19 -29.83 15.12
C LEU A 14 13.58 -30.48 15.11
N VAL A 15 14.03 -30.87 13.92
CA VAL A 15 15.34 -31.51 13.78
C VAL A 15 16.13 -30.87 12.64
N PRO A 16 17.48 -30.88 12.76
CA PRO A 16 18.38 -30.30 11.76
C PRO A 16 17.84 -30.40 10.33
N ARG A 17 17.31 -29.30 9.83
CA ARG A 17 16.75 -29.25 8.48
C ARG A 17 16.82 -27.84 7.90
N GLY A 18 16.03 -26.94 8.47
CA GLY A 18 16.02 -25.57 8.00
C GLY A 18 14.88 -25.29 7.05
N SER A 19 15.05 -24.30 6.18
CA SER A 19 14.02 -23.94 5.20
C SER A 19 12.74 -23.51 5.90
N HIS A 20 11.82 -22.95 5.14
CA HIS A 20 10.54 -22.49 5.69
C HIS A 20 9.40 -23.40 5.23
N MET A 21 9.53 -23.95 4.02
CA MET A 21 8.52 -24.83 3.48
C MET A 21 9.15 -26.08 2.86
N ALA A 22 8.32 -26.93 2.28
CA ALA A 22 8.80 -28.16 1.65
C ALA A 22 9.79 -27.86 0.54
N SER A 23 10.46 -28.90 0.05
CA SER A 23 11.44 -28.75 -1.01
C SER A 23 10.80 -28.19 -2.27
N LYS A 24 11.52 -27.32 -2.97
CA LYS A 24 11.01 -26.71 -4.19
C LYS A 24 12.06 -26.77 -5.30
N LEU A 25 11.59 -26.74 -6.55
CA LEU A 25 12.50 -26.80 -7.69
C LEU A 25 12.79 -25.40 -8.22
N LYS A 26 11.76 -24.55 -8.25
CA LYS A 26 11.90 -23.18 -8.73
C LYS A 26 12.92 -22.41 -7.88
N GLU A 27 13.79 -21.65 -8.54
CA GLU A 27 14.80 -20.87 -7.85
C GLU A 27 14.16 -19.84 -6.93
N ALA A 28 14.99 -19.02 -6.29
CA ALA A 28 14.50 -17.99 -5.38
C ALA A 28 13.95 -16.80 -6.15
N ALA A 29 13.42 -15.82 -5.43
CA ALA A 29 12.85 -14.63 -6.04
C ALA A 29 12.43 -13.61 -4.97
N GLU A 30 13.40 -12.91 -4.41
CA GLU A 30 13.12 -11.92 -3.38
C GLU A 30 12.90 -10.54 -4.00
N VAL A 31 11.75 -9.94 -3.68
CA VAL A 31 11.40 -8.62 -4.21
C VAL A 31 11.82 -7.52 -3.24
N THR A 32 12.22 -6.38 -3.79
CA THR A 32 12.63 -5.26 -2.96
C THR A 32 11.43 -4.71 -2.20
N GLY A 33 10.30 -4.74 -2.89
CA GLY A 33 9.07 -4.26 -2.32
C GLY A 33 9.17 -2.84 -1.84
N SER A 34 8.51 -1.93 -2.54
CA SER A 34 8.56 -0.52 -2.15
C SER A 34 7.29 0.20 -2.57
N VAL A 35 6.86 1.09 -1.69
CA VAL A 35 5.66 1.86 -1.91
C VAL A 35 5.97 3.22 -2.50
N SER A 36 5.11 3.66 -3.39
CA SER A 36 5.24 4.96 -4.02
C SER A 36 4.26 5.93 -3.38
N LEU A 37 4.78 6.82 -2.54
CA LEU A 37 3.94 7.78 -1.84
C LEU A 37 4.13 9.19 -2.38
N GLU A 38 3.04 9.81 -2.78
CA GLU A 38 3.06 11.18 -3.32
C GLU A 38 1.87 11.97 -2.80
N ALA A 39 2.13 13.08 -2.13
CA ALA A 39 1.07 13.92 -1.59
C ALA A 39 1.47 15.39 -1.55
N LEU A 40 0.47 16.26 -1.40
CA LEU A 40 0.72 17.69 -1.34
C LEU A 40 1.38 18.05 -0.02
N GLU A 41 1.10 17.26 1.01
CA GLU A 41 1.67 17.47 2.33
C GLU A 41 1.03 18.66 3.05
N GLU A 42 -0.20 19.01 2.65
CA GLU A 42 -0.89 20.13 3.28
C GLU A 42 -2.39 20.12 2.96
N VAL A 43 -3.21 20.22 4.00
CA VAL A 43 -4.66 20.25 3.85
C VAL A 43 -5.28 21.13 4.92
N GLN A 44 -5.76 22.30 4.51
CA GLN A 44 -6.37 23.26 5.44
C GLN A 44 -7.71 22.73 5.97
N VAL A 45 -7.87 22.70 7.30
CA VAL A 45 -9.09 22.22 7.94
C VAL A 45 -10.32 22.43 7.08
N GLY A 46 -11.03 21.34 6.83
CA GLY A 46 -12.23 21.41 6.04
C GLY A 46 -12.11 20.67 4.72
N GLU A 47 -10.87 20.43 4.30
CA GLU A 47 -10.61 19.73 3.04
C GLU A 47 -10.02 18.34 3.31
N ASN A 48 -9.87 17.55 2.26
CA ASN A 48 -9.32 16.20 2.39
C ASN A 48 -7.99 16.08 1.67
N LEU A 49 -7.28 14.99 1.93
CA LEU A 49 -5.98 14.74 1.31
C LEU A 49 -6.07 13.62 0.28
N GLU A 50 -5.08 13.55 -0.61
CA GLU A 50 -5.05 12.52 -1.64
C GLU A 50 -3.64 11.95 -1.77
N VAL A 51 -3.39 10.86 -1.07
CA VAL A 51 -2.08 10.22 -1.11
C VAL A 51 -2.11 8.94 -1.93
N GLY A 52 -1.69 9.04 -3.19
CA GLY A 52 -1.65 7.89 -4.07
C GLY A 52 -0.50 6.98 -3.76
N VAL A 53 -0.59 6.25 -2.65
CA VAL A 53 0.47 5.33 -2.27
C VAL A 53 0.40 4.03 -3.06
N GLY A 54 1.23 3.95 -4.09
CA GLY A 54 1.24 2.76 -4.94
C GLY A 54 2.51 1.95 -4.80
N ILE A 55 3.24 1.82 -5.90
CA ILE A 55 4.49 1.05 -5.90
C ILE A 55 5.68 1.92 -6.31
N ASP A 56 6.78 1.77 -5.57
CA ASP A 56 8.00 2.50 -5.86
C ASP A 56 9.00 1.53 -6.49
N GLU A 57 8.97 0.29 -6.01
CA GLU A 57 9.84 -0.76 -6.50
C GLU A 57 9.26 -2.12 -6.16
N LEU A 58 9.20 -3.00 -7.15
CA LEU A 58 8.67 -4.34 -6.96
C LEU A 58 9.27 -5.29 -7.98
N VAL A 59 10.40 -5.92 -7.63
CA VAL A 59 11.06 -6.85 -8.54
C VAL A 59 10.98 -8.29 -8.04
N ASN A 60 10.28 -9.12 -8.82
CA ASN A 60 10.09 -10.56 -8.53
C ASN A 60 8.71 -10.85 -7.95
N ALA A 61 7.77 -9.93 -8.17
CA ALA A 61 6.40 -10.11 -7.68
C ALA A 61 5.40 -9.48 -8.66
N GLU A 62 4.34 -10.23 -8.97
CA GLU A 62 3.31 -9.75 -9.88
C GLU A 62 2.10 -9.25 -9.11
N ALA A 63 2.14 -7.99 -8.71
CA ALA A 63 1.05 -7.39 -7.95
C ALA A 63 -0.25 -7.38 -8.76
N PHE A 64 -1.30 -7.94 -8.18
CA PHE A 64 -2.61 -7.98 -8.83
C PHE A 64 -3.64 -7.22 -8.01
N ALA A 65 -3.54 -7.33 -6.69
CA ALA A 65 -4.46 -6.66 -5.78
C ALA A 65 -3.70 -5.96 -4.65
N TYR A 66 -3.74 -4.64 -4.65
CA TYR A 66 -3.06 -3.85 -3.64
C TYR A 66 -3.92 -3.67 -2.39
N ASP A 67 -3.31 -3.85 -1.23
CA ASP A 67 -4.00 -3.70 0.04
C ASP A 67 -3.04 -3.18 1.11
N PHE A 68 -3.24 -1.92 1.53
CA PHE A 68 -2.39 -1.32 2.54
C PHE A 68 -3.20 -0.72 3.69
N THR A 69 -2.50 -0.31 4.74
CA THR A 69 -3.15 0.27 5.90
C THR A 69 -2.44 1.56 6.33
N LEU A 70 -3.02 2.70 5.97
CA LEU A 70 -2.44 3.99 6.31
C LEU A 70 -2.71 4.34 7.76
N ASN A 71 -1.83 5.16 8.34
CA ASN A 71 -1.97 5.57 9.72
C ASN A 71 -2.05 7.09 9.84
N TYR A 72 -3.20 7.58 10.29
CA TYR A 72 -3.41 9.01 10.45
C TYR A 72 -3.80 9.36 11.88
N ASP A 73 -4.17 10.62 12.11
CA ASP A 73 -4.57 11.06 13.44
C ASP A 73 -6.09 11.05 13.59
N GLU A 74 -6.58 10.37 14.63
CA GLU A 74 -8.01 10.28 14.87
C GLU A 74 -8.52 11.51 15.61
N ASN A 75 -7.66 12.09 16.46
CA ASN A 75 -8.02 13.28 17.23
C ASN A 75 -8.02 14.51 16.34
N ALA A 76 -7.17 14.50 15.30
CA ALA A 76 -7.09 15.63 14.38
C ALA A 76 -7.71 15.28 13.03
N PHE A 77 -7.27 14.17 12.45
CA PHE A 77 -7.79 13.73 11.16
C PHE A 77 -8.94 12.76 11.35
N GLU A 78 -9.61 12.41 10.24
CA GLU A 78 -10.73 11.48 10.27
C GLU A 78 -10.90 10.78 8.94
N TYR A 79 -10.71 9.46 8.94
CA TYR A 79 -10.84 8.68 7.71
C TYR A 79 -12.12 9.01 6.96
N VAL A 80 -12.09 8.91 5.64
CA VAL A 80 -13.25 9.20 4.81
C VAL A 80 -13.51 8.08 3.82
N GLU A 81 -12.82 8.10 2.68
CA GLU A 81 -13.00 7.08 1.65
C GLU A 81 -11.78 6.99 0.74
N ALA A 82 -11.38 5.78 0.41
CA ALA A 82 -10.23 5.54 -0.46
C ALA A 82 -10.58 5.67 -1.90
N ILE A 83 -9.57 6.01 -2.66
CA ILE A 83 -9.73 6.25 -4.07
C ILE A 83 -8.67 5.54 -4.89
N SER A 84 -8.85 5.63 -6.18
CA SER A 84 -7.94 5.03 -7.15
C SER A 84 -7.99 5.77 -8.48
N ASP A 85 -7.45 5.15 -9.52
CA ASP A 85 -7.44 5.76 -10.85
C ASP A 85 -8.82 5.61 -11.51
N ASP A 86 -8.85 5.76 -12.84
CA ASP A 86 -10.10 5.65 -13.58
C ASP A 86 -10.28 4.25 -14.14
N GLY A 87 -9.87 3.25 -13.36
CA GLY A 87 -10.00 1.87 -13.78
C GLY A 87 -9.94 0.90 -12.62
N VAL A 88 -9.06 1.19 -11.66
CA VAL A 88 -8.91 0.33 -10.50
C VAL A 88 -9.90 0.72 -9.40
N PHE A 89 -10.45 -0.29 -8.72
CA PHE A 89 -11.41 -0.06 -7.66
C PHE A 89 -10.73 -0.10 -6.29
N VAL A 90 -10.79 1.02 -5.57
CA VAL A 90 -10.19 1.10 -4.24
C VAL A 90 -11.25 1.35 -3.18
N ASN A 91 -11.22 0.55 -2.11
CA ASN A 91 -12.18 0.68 -1.03
C ASN A 91 -11.51 0.55 0.32
N ALA A 92 -11.61 1.61 1.12
CA ALA A 92 -11.03 1.62 2.45
C ALA A 92 -12.05 1.24 3.51
N LYS A 93 -11.59 0.60 4.57
CA LYS A 93 -12.46 0.18 5.66
C LYS A 93 -11.89 0.57 7.01
N LYS A 94 -12.49 1.58 7.62
CA LYS A 94 -12.08 2.08 8.92
C LYS A 94 -12.05 0.97 9.95
N ILE A 95 -10.87 0.39 10.14
CA ILE A 95 -10.70 -0.68 11.10
C ILE A 95 -10.49 -0.13 12.52
N GLU A 96 -10.00 1.11 12.59
CA GLU A 96 -9.76 1.75 13.87
C GLU A 96 -9.55 3.26 13.69
N ASP A 97 -9.19 3.93 14.78
CA ASP A 97 -8.96 5.37 14.74
C ASP A 97 -7.56 5.69 14.20
N GLY A 98 -7.49 6.55 13.20
CA GLY A 98 -6.22 6.93 12.62
C GLY A 98 -5.50 5.74 12.01
N LYS A 99 -6.27 4.78 11.50
CA LYS A 99 -5.71 3.59 10.88
C LYS A 99 -6.81 2.78 10.24
N VAL A 100 -6.70 2.57 8.94
CA VAL A 100 -7.73 1.84 8.22
C VAL A 100 -7.15 1.08 7.04
N ARG A 101 -7.84 0.00 6.63
CA ARG A 101 -7.37 -0.84 5.53
C ARG A 101 -8.04 -0.46 4.21
N VAL A 102 -7.34 -0.72 3.10
CA VAL A 102 -7.87 -0.42 1.78
C VAL A 102 -7.83 -1.64 0.87
N LEU A 103 -8.81 -1.74 -0.02
CA LEU A 103 -8.90 -2.86 -0.95
C LEU A 103 -8.74 -2.37 -2.39
N VAL A 104 -7.60 -2.67 -2.99
CA VAL A 104 -7.33 -2.25 -4.36
C VAL A 104 -7.45 -3.42 -5.33
N SER A 105 -8.02 -3.16 -6.50
CA SER A 105 -8.19 -4.17 -7.53
C SER A 105 -8.50 -3.52 -8.88
N SER A 106 -7.87 -4.01 -9.94
CA SER A 106 -8.08 -3.47 -11.27
C SER A 106 -9.32 -4.07 -11.92
N LEU A 107 -10.34 -3.24 -12.09
CA LEU A 107 -11.59 -3.69 -12.72
C LEU A 107 -11.55 -3.39 -14.22
N THR A 108 -10.34 -3.39 -14.78
CA THR A 108 -10.14 -3.12 -16.19
C THR A 108 -9.86 -4.40 -16.95
N GLY A 109 -9.27 -5.38 -16.27
CA GLY A 109 -8.94 -6.64 -16.89
C GLY A 109 -7.48 -7.01 -16.70
N GLU A 110 -6.65 -6.01 -16.39
CA GLU A 110 -5.22 -6.23 -16.18
C GLU A 110 -4.86 -6.01 -14.71
N PRO A 111 -3.74 -6.59 -14.27
CA PRO A 111 -3.27 -6.45 -12.88
C PRO A 111 -2.90 -5.02 -12.52
N LEU A 112 -2.78 -4.74 -11.23
CA LEU A 112 -2.42 -3.40 -10.76
C LEU A 112 -1.11 -2.95 -11.39
N PRO A 113 -1.06 -1.72 -11.93
CA PRO A 113 0.13 -1.17 -12.55
C PRO A 113 1.06 -0.49 -11.54
N ALA A 114 2.36 -0.61 -11.78
CA ALA A 114 3.34 -0.01 -10.88
C ALA A 114 3.82 1.33 -11.41
N LYS A 115 4.54 2.07 -10.57
CA LYS A 115 5.06 3.37 -10.95
C LYS A 115 3.92 4.34 -11.26
N GLU A 116 2.82 4.20 -10.53
CA GLU A 116 1.66 5.05 -10.71
C GLU A 116 0.72 4.96 -9.50
N VAL A 117 -0.11 5.97 -9.32
CA VAL A 117 -1.06 6.00 -8.20
C VAL A 117 -1.85 4.71 -8.14
N LEU A 118 -1.53 3.85 -7.17
CA LEU A 118 -2.21 2.58 -7.01
C LEU A 118 -3.43 2.72 -6.10
N ALA A 119 -3.35 3.65 -5.15
CA ALA A 119 -4.45 3.87 -4.22
C ALA A 119 -4.17 5.03 -3.28
N LYS A 120 -5.25 5.61 -2.73
CA LYS A 120 -5.12 6.73 -1.81
C LYS A 120 -6.30 6.82 -0.86
N VAL A 121 -6.01 6.97 0.42
CA VAL A 121 -7.04 7.10 1.45
C VAL A 121 -7.16 8.54 1.90
N VAL A 122 -8.21 9.21 1.45
CA VAL A 122 -8.41 10.61 1.78
C VAL A 122 -8.90 10.79 3.22
N LEU A 123 -8.03 11.33 4.07
CA LEU A 123 -8.39 11.57 5.46
C LEU A 123 -9.15 12.89 5.56
N ARG A 124 -9.74 13.16 6.72
CA ARG A 124 -10.51 14.38 6.90
C ARG A 124 -9.85 15.38 7.85
N ALA A 125 -9.53 16.55 7.32
CA ALA A 125 -8.94 17.63 8.10
C ALA A 125 -10.05 18.44 8.76
N GLU A 126 -10.75 17.81 9.70
CA GLU A 126 -11.84 18.47 10.41
C GLU A 126 -11.27 19.24 11.60
N ALA A 127 -9.97 19.06 11.79
CA ALA A 127 -9.26 19.72 12.86
C ALA A 127 -7.78 19.68 12.58
N LYS A 128 -7.20 20.86 12.56
CA LYS A 128 -5.79 21.03 12.27
C LYS A 128 -4.92 19.96 12.92
N ALA A 129 -3.71 19.82 12.39
CA ALA A 129 -2.75 18.84 12.87
C ALA A 129 -1.44 18.98 12.10
N GLU A 130 -0.83 20.15 12.21
CA GLU A 130 0.42 20.44 11.51
C GLU A 130 1.49 19.40 11.85
N GLY A 131 1.96 18.70 10.82
CA GLY A 131 2.98 17.69 11.00
C GLY A 131 2.40 16.34 11.36
N SER A 132 1.08 16.19 11.20
CA SER A 132 0.42 14.92 11.49
C SER A 132 0.86 13.87 10.47
N ASN A 133 2.11 13.47 10.57
CA ASN A 133 2.68 12.50 9.65
C ASN A 133 1.94 11.16 9.67
N LEU A 134 1.88 10.53 8.51
CA LEU A 134 1.22 9.25 8.36
C LEU A 134 2.24 8.18 7.94
N SER A 135 1.86 6.92 8.05
CA SER A 135 2.76 5.84 7.68
C SER A 135 2.00 4.72 6.97
N VAL A 136 2.33 4.50 5.71
CA VAL A 136 1.69 3.46 4.92
C VAL A 136 2.54 2.19 4.91
N THR A 137 2.21 1.28 5.83
CA THR A 137 2.94 0.01 5.94
C THR A 137 2.06 -1.16 5.52
N ASN A 138 2.48 -2.37 5.89
CA ASN A 138 1.73 -3.59 5.55
C ASN A 138 1.22 -3.59 4.11
N SER A 139 1.84 -2.78 3.27
CA SER A 139 1.45 -2.68 1.87
C SER A 139 1.81 -3.97 1.13
N SER A 140 0.84 -4.86 1.01
CA SER A 140 1.06 -6.14 0.34
C SER A 140 0.66 -6.08 -1.12
N VAL A 141 0.80 -7.21 -1.81
CA VAL A 141 0.46 -7.30 -3.23
C VAL A 141 0.16 -8.74 -3.62
N GLY A 142 -0.83 -8.90 -4.50
CA GLY A 142 -1.21 -10.23 -4.95
C GLY A 142 -0.34 -10.72 -6.09
N ASP A 143 0.78 -11.37 -5.75
CA ASP A 143 1.70 -11.89 -6.75
C ASP A 143 0.97 -12.77 -7.76
N GLY A 144 1.60 -12.97 -8.92
CA GLY A 144 0.99 -13.78 -9.95
C GLY A 144 0.75 -15.21 -9.50
N GLU A 145 1.77 -15.83 -8.93
CA GLU A 145 1.67 -17.21 -8.46
C GLU A 145 0.52 -17.36 -7.47
N GLY A 146 0.18 -16.27 -6.79
CA GLY A 146 -0.90 -16.31 -5.83
C GLY A 146 -0.42 -16.10 -4.40
N LEU A 147 0.74 -15.48 -4.25
CA LEU A 147 1.31 -15.23 -2.93
C LEU A 147 1.45 -13.73 -2.67
N VAL A 148 1.76 -13.38 -1.43
CA VAL A 148 1.93 -11.98 -1.06
C VAL A 148 3.39 -11.65 -0.79
N HIS A 149 3.80 -10.44 -1.19
CA HIS A 149 5.17 -10.00 -1.00
C HIS A 149 5.22 -8.75 -0.13
N GLU A 150 5.36 -8.94 1.18
CA GLU A 150 5.43 -7.82 2.11
C GLU A 150 6.42 -6.78 1.61
N ILE A 151 5.90 -5.75 0.95
CA ILE A 151 6.75 -4.71 0.40
C ILE A 151 7.08 -3.63 1.44
N ALA A 152 8.08 -2.83 1.12
CA ALA A 152 8.55 -1.77 2.00
C ALA A 152 7.42 -0.78 2.34
N GLY A 153 7.77 0.49 2.55
CA GLY A 153 6.77 1.49 2.89
C GLY A 153 7.32 2.90 2.86
N THR A 154 6.45 3.88 3.05
CA THR A 154 6.85 5.29 3.04
C THR A 154 6.02 6.09 4.03
N GLU A 155 6.50 7.28 4.40
CA GLU A 155 5.80 8.13 5.35
C GLU A 155 5.53 9.51 4.75
N LYS A 156 4.49 10.17 5.27
CA LYS A 156 4.10 11.49 4.78
C LYS A 156 3.85 12.44 5.95
N THR A 157 3.82 13.73 5.64
CA THR A 157 3.58 14.76 6.64
C THR A 157 2.71 15.86 6.05
N VAL A 158 1.51 16.03 6.60
CA VAL A 158 0.59 17.05 6.11
C VAL A 158 0.35 18.12 7.17
N ASN A 159 0.36 19.39 6.74
CA ASN A 159 0.14 20.50 7.64
C ASN A 159 -1.24 21.08 7.44
N ILE A 160 -2.12 20.85 8.39
CA ILE A 160 -3.46 21.38 8.31
C ILE A 160 -3.47 22.81 8.81
N ILE A 161 -3.80 23.70 7.91
CA ILE A 161 -3.83 25.12 8.21
C ILE A 161 -5.25 25.57 8.50
N GLU A 162 -5.40 26.43 9.50
CA GLU A 162 -6.73 26.92 9.87
C GLU A 162 -7.35 27.73 8.75
N GLY A 163 -8.66 27.63 8.63
CA GLY A 163 -9.37 28.36 7.58
C GLY A 163 -9.55 29.83 7.92
N THR A 164 -10.76 30.33 7.72
CA THR A 164 -11.07 31.72 8.00
C THR A 164 -11.40 31.92 9.48
N SER A 165 -11.61 33.18 9.87
CA SER A 165 -11.95 33.50 11.25
C SER A 165 -10.83 33.06 12.19
N MET A 1 17.93 -21.90 -32.91
CA MET A 1 16.59 -21.75 -32.27
C MET A 1 16.31 -20.29 -31.93
N GLY A 2 16.70 -19.40 -32.83
CA GLY A 2 16.49 -17.98 -32.61
C GLY A 2 17.53 -17.11 -33.29
N SER A 3 18.77 -17.24 -32.84
CA SER A 3 19.87 -16.46 -33.41
C SER A 3 21.14 -17.30 -33.51
N SER A 4 21.43 -17.80 -34.70
CA SER A 4 22.61 -18.62 -34.93
C SER A 4 23.40 -18.12 -36.13
N HIS A 5 22.73 -18.05 -37.28
CA HIS A 5 23.38 -17.58 -38.51
C HIS A 5 23.61 -16.08 -38.47
N HIS A 6 24.66 -15.66 -37.77
CA HIS A 6 24.99 -14.25 -37.66
C HIS A 6 26.33 -14.05 -36.95
N HIS A 7 27.27 -13.42 -37.65
CA HIS A 7 28.60 -13.17 -37.09
C HIS A 7 28.68 -11.78 -36.49
N HIS A 8 28.15 -11.62 -35.27
CA HIS A 8 28.17 -10.34 -34.59
C HIS A 8 29.16 -10.35 -33.43
N HIS A 9 29.65 -9.17 -33.06
CA HIS A 9 30.61 -9.04 -31.97
C HIS A 9 30.68 -7.61 -31.47
N HIS A 10 29.54 -6.93 -31.47
CA HIS A 10 29.47 -5.55 -31.02
C HIS A 10 30.37 -4.65 -31.86
N SER A 11 29.78 -4.02 -32.88
CA SER A 11 30.52 -3.14 -33.76
C SER A 11 30.33 -1.68 -33.36
N SER A 12 30.24 -1.45 -32.06
CA SER A 12 30.06 -0.08 -31.53
C SER A 12 31.40 0.60 -31.34
N GLY A 13 31.97 1.10 -32.42
CA GLY A 13 33.26 1.78 -32.34
C GLY A 13 34.40 0.89 -32.74
N LEU A 14 35.40 0.78 -31.87
CA LEU A 14 36.57 -0.05 -32.13
C LEU A 14 36.91 -0.93 -30.92
N VAL A 15 36.92 -0.31 -29.74
CA VAL A 15 37.23 -1.03 -28.51
C VAL A 15 35.99 -1.18 -27.65
N PRO A 16 35.15 -2.19 -27.93
CA PRO A 16 33.92 -2.46 -27.17
C PRO A 16 34.01 -2.09 -25.70
N ARG A 17 35.18 -2.33 -25.11
CA ARG A 17 35.40 -2.02 -23.70
C ARG A 17 34.44 -2.80 -22.81
N GLY A 18 34.83 -3.01 -21.56
CA GLY A 18 33.99 -3.74 -20.64
C GLY A 18 32.95 -2.86 -19.96
N SER A 19 32.41 -3.33 -18.84
CA SER A 19 31.41 -2.57 -18.11
C SER A 19 31.77 -2.48 -16.63
N HIS A 20 31.39 -1.36 -16.00
CA HIS A 20 31.67 -1.15 -14.59
C HIS A 20 30.53 -1.67 -13.72
N MET A 21 30.70 -1.57 -12.40
CA MET A 21 29.69 -2.03 -11.46
C MET A 21 29.41 -3.51 -11.63
N ALA A 22 29.90 -4.32 -10.70
CA ALA A 22 29.70 -5.75 -10.73
C ALA A 22 28.70 -6.21 -9.68
N SER A 23 27.46 -6.47 -10.11
CA SER A 23 26.41 -6.91 -9.19
C SER A 23 25.70 -8.14 -9.74
N LYS A 24 26.19 -9.32 -9.35
CA LYS A 24 25.60 -10.58 -9.81
C LYS A 24 24.46 -11.00 -8.88
N LEU A 25 23.26 -11.16 -9.44
CA LEU A 25 22.11 -11.57 -8.67
C LEU A 25 21.17 -12.43 -9.51
N LYS A 26 21.43 -13.73 -9.52
CA LYS A 26 20.62 -14.67 -10.28
C LYS A 26 19.66 -15.43 -9.37
N GLU A 27 20.21 -16.23 -8.46
CA GLU A 27 19.41 -17.00 -7.52
C GLU A 27 18.58 -16.08 -6.64
N ALA A 28 17.76 -16.69 -5.78
CA ALA A 28 16.91 -15.93 -4.87
C ALA A 28 15.94 -15.04 -5.63
N ALA A 29 14.67 -15.38 -5.59
CA ALA A 29 13.64 -14.61 -6.29
C ALA A 29 12.92 -13.67 -5.33
N GLU A 30 13.67 -13.11 -4.40
CA GLU A 30 13.10 -12.18 -3.42
C GLU A 30 12.97 -10.78 -4.00
N VAL A 31 11.74 -10.28 -4.04
CA VAL A 31 11.48 -8.94 -4.57
C VAL A 31 12.08 -7.87 -3.68
N THR A 32 12.36 -6.71 -4.25
CA THR A 32 12.91 -5.59 -3.50
C THR A 32 11.82 -5.01 -2.62
N GLY A 33 10.64 -4.87 -3.21
CA GLY A 33 9.51 -4.35 -2.49
C GLY A 33 9.68 -2.89 -2.14
N SER A 34 8.85 -2.06 -2.74
CA SER A 34 8.90 -0.63 -2.47
C SER A 34 7.59 0.07 -2.80
N VAL A 35 7.17 0.93 -1.87
CA VAL A 35 5.94 1.67 -2.02
C VAL A 35 6.20 3.06 -2.59
N SER A 36 5.28 3.50 -3.42
CA SER A 36 5.37 4.81 -4.04
C SER A 36 4.41 5.78 -3.36
N LEU A 37 4.96 6.70 -2.58
CA LEU A 37 4.15 7.68 -1.85
C LEU A 37 4.29 9.07 -2.47
N GLU A 38 3.17 9.59 -2.98
CA GLU A 38 3.15 10.91 -3.59
C GLU A 38 1.88 11.67 -3.21
N ALA A 39 2.02 12.96 -2.93
CA ALA A 39 0.87 13.79 -2.55
C ALA A 39 1.28 15.23 -2.34
N LEU A 40 0.29 16.10 -2.17
CA LEU A 40 0.54 17.53 -1.95
C LEU A 40 1.14 17.75 -0.57
N GLU A 41 0.78 16.90 0.38
CA GLU A 41 1.28 16.98 1.75
C GLU A 41 0.69 18.18 2.49
N GLU A 42 -0.55 18.53 2.14
CA GLU A 42 -1.20 19.66 2.79
C GLU A 42 -2.70 19.68 2.53
N VAL A 43 -3.49 19.81 3.61
CA VAL A 43 -4.94 19.87 3.51
C VAL A 43 -5.50 20.77 4.60
N GLN A 44 -5.99 21.94 4.21
CA GLN A 44 -6.55 22.91 5.15
C GLN A 44 -7.88 22.41 5.72
N VAL A 45 -8.01 22.38 7.05
CA VAL A 45 -9.23 21.92 7.72
C VAL A 45 -10.47 22.19 6.89
N GLY A 46 -11.28 21.16 6.76
CA GLY A 46 -12.51 21.26 6.02
C GLY A 46 -12.43 20.57 4.67
N GLU A 47 -11.20 20.36 4.18
CA GLU A 47 -10.98 19.70 2.90
C GLU A 47 -10.49 18.27 3.11
N ASN A 48 -10.40 17.51 2.02
CA ASN A 48 -9.95 16.13 2.08
C ASN A 48 -8.49 16.01 1.66
N LEU A 49 -7.89 14.85 1.92
CA LEU A 49 -6.51 14.60 1.57
C LEU A 49 -6.42 13.58 0.44
N GLU A 50 -5.29 13.57 -0.26
CA GLU A 50 -5.09 12.63 -1.37
C GLU A 50 -3.70 12.03 -1.32
N VAL A 51 -3.57 10.88 -0.67
CA VAL A 51 -2.29 10.21 -0.57
C VAL A 51 -2.29 8.94 -1.41
N GLY A 52 -1.78 9.05 -2.62
CA GLY A 52 -1.73 7.91 -3.51
C GLY A 52 -0.51 7.04 -3.30
N VAL A 53 -0.46 6.32 -2.18
CA VAL A 53 0.66 5.45 -1.88
C VAL A 53 0.54 4.15 -2.66
N GLY A 54 1.20 4.11 -3.82
CA GLY A 54 1.14 2.93 -4.67
C GLY A 54 2.39 2.09 -4.57
N ILE A 55 2.95 1.74 -5.73
CA ILE A 55 4.17 0.93 -5.78
C ILE A 55 5.35 1.73 -6.30
N ASP A 56 6.45 1.69 -5.55
CA ASP A 56 7.66 2.38 -5.95
C ASP A 56 8.56 1.42 -6.72
N GLU A 57 8.43 0.13 -6.41
CA GLU A 57 9.20 -0.91 -7.07
C GLU A 57 8.91 -2.28 -6.47
N LEU A 58 8.75 -3.26 -7.36
CA LEU A 58 8.50 -4.63 -6.96
C LEU A 58 9.00 -5.59 -8.05
N VAL A 59 10.25 -6.02 -7.92
CA VAL A 59 10.84 -6.92 -8.90
C VAL A 59 10.85 -8.36 -8.42
N ASN A 60 10.08 -9.20 -9.12
CA ASN A 60 9.96 -10.64 -8.83
C ASN A 60 8.62 -10.97 -8.18
N ALA A 61 7.56 -10.32 -8.67
CA ALA A 61 6.21 -10.54 -8.15
C ALA A 61 5.18 -9.84 -9.03
N GLU A 62 3.98 -10.42 -9.11
CA GLU A 62 2.92 -9.85 -9.92
C GLU A 62 1.81 -9.28 -9.02
N ALA A 63 2.03 -8.05 -8.55
CA ALA A 63 1.06 -7.39 -7.68
C ALA A 63 -0.26 -7.16 -8.39
N PHE A 64 -1.30 -7.87 -7.94
CA PHE A 64 -2.63 -7.74 -8.53
C PHE A 64 -3.51 -6.86 -7.63
N ALA A 65 -3.26 -6.94 -6.32
CA ALA A 65 -4.02 -6.16 -5.35
C ALA A 65 -3.10 -5.72 -4.21
N TYR A 66 -2.86 -4.41 -4.12
CA TYR A 66 -1.99 -3.87 -3.08
C TYR A 66 -2.80 -3.11 -2.03
N ASP A 67 -3.12 -3.79 -0.94
CA ASP A 67 -3.87 -3.17 0.14
C ASP A 67 -2.94 -2.72 1.25
N PHE A 68 -2.80 -1.40 1.40
CA PHE A 68 -1.93 -0.84 2.42
C PHE A 68 -2.72 -0.35 3.64
N THR A 69 -2.03 -0.20 4.76
CA THR A 69 -2.66 0.26 6.00
C THR A 69 -2.17 1.65 6.36
N LEU A 70 -3.03 2.65 6.15
CA LEU A 70 -2.68 4.03 6.46
C LEU A 70 -2.77 4.31 7.96
N ASN A 71 -1.71 4.87 8.53
CA ASN A 71 -1.68 5.18 9.94
C ASN A 71 -1.69 6.69 10.16
N TYR A 72 -2.76 7.19 10.78
CA TYR A 72 -2.89 8.61 11.04
C TYR A 72 -3.49 8.87 12.42
N ASP A 73 -3.87 10.11 12.68
CA ASP A 73 -4.44 10.50 13.97
C ASP A 73 -5.93 10.79 13.82
N GLU A 74 -6.71 10.37 14.82
CA GLU A 74 -8.15 10.59 14.81
C GLU A 74 -8.52 11.87 15.55
N ASN A 75 -7.68 12.25 16.52
CA ASN A 75 -7.92 13.45 17.30
C ASN A 75 -7.97 14.69 16.42
N ALA A 76 -7.24 14.65 15.31
CA ALA A 76 -7.21 15.78 14.38
C ALA A 76 -7.75 15.38 13.01
N PHE A 77 -7.29 14.25 12.51
CA PHE A 77 -7.73 13.76 11.20
C PHE A 77 -8.90 12.80 11.35
N GLU A 78 -9.34 12.23 10.22
CA GLU A 78 -10.45 11.31 10.21
C GLU A 78 -10.52 10.57 8.87
N TYR A 79 -11.12 9.39 8.87
CA TYR A 79 -11.25 8.60 7.65
C TYR A 79 -12.59 8.86 6.97
N VAL A 80 -12.60 8.76 5.64
CA VAL A 80 -13.82 8.97 4.86
C VAL A 80 -14.02 7.84 3.84
N GLU A 81 -13.29 7.91 2.73
CA GLU A 81 -13.40 6.90 1.69
C GLU A 81 -12.18 6.95 0.77
N ALA A 82 -11.64 5.77 0.46
CA ALA A 82 -10.47 5.66 -0.41
C ALA A 82 -10.85 5.70 -1.84
N ILE A 83 -9.93 6.24 -2.61
CA ILE A 83 -10.12 6.42 -4.01
C ILE A 83 -8.99 5.84 -4.82
N SER A 84 -9.18 5.88 -6.12
CA SER A 84 -8.20 5.37 -7.08
C SER A 84 -8.21 6.19 -8.37
N ASP A 85 -7.58 5.66 -9.40
CA ASP A 85 -7.52 6.34 -10.69
C ASP A 85 -8.80 6.10 -11.49
N ASP A 86 -8.73 6.30 -12.81
CA ASP A 86 -9.88 6.11 -13.68
C ASP A 86 -9.89 4.71 -14.28
N GLY A 87 -9.46 3.74 -13.49
CA GLY A 87 -9.42 2.35 -13.95
C GLY A 87 -9.46 1.37 -12.82
N VAL A 88 -8.71 1.65 -11.76
CA VAL A 88 -8.65 0.79 -10.59
C VAL A 88 -9.76 1.12 -9.60
N PHE A 89 -10.28 0.12 -8.93
CA PHE A 89 -11.36 0.31 -7.96
C PHE A 89 -10.84 0.20 -6.53
N VAL A 90 -10.67 1.35 -5.88
CA VAL A 90 -10.18 1.38 -4.51
C VAL A 90 -11.34 1.38 -3.52
N ASN A 91 -11.08 0.88 -2.32
CA ASN A 91 -12.09 0.80 -1.27
C ASN A 91 -11.45 0.59 0.08
N ALA A 92 -11.55 1.59 0.96
CA ALA A 92 -10.97 1.50 2.29
C ALA A 92 -12.01 1.07 3.32
N LYS A 93 -11.53 0.68 4.50
CA LYS A 93 -12.43 0.24 5.56
C LYS A 93 -11.89 0.63 6.94
N LYS A 94 -12.54 1.62 7.54
CA LYS A 94 -12.16 2.10 8.86
C LYS A 94 -12.12 0.97 9.87
N ILE A 95 -10.93 0.43 10.06
CA ILE A 95 -10.73 -0.67 11.01
C ILE A 95 -10.62 -0.14 12.43
N GLU A 96 -10.23 1.13 12.55
CA GLU A 96 -10.08 1.77 13.86
C GLU A 96 -9.88 3.28 13.71
N ASP A 97 -9.46 3.93 14.79
CA ASP A 97 -9.23 5.36 14.78
C ASP A 97 -7.81 5.69 14.32
N GLY A 98 -7.69 6.65 13.41
CA GLY A 98 -6.39 7.04 12.90
C GLY A 98 -5.65 5.88 12.25
N LYS A 99 -6.41 4.93 11.69
CA LYS A 99 -5.81 3.78 11.04
C LYS A 99 -6.90 2.96 10.36
N VAL A 100 -6.78 2.82 9.06
CA VAL A 100 -7.78 2.09 8.30
C VAL A 100 -7.17 1.41 7.07
N ARG A 101 -7.82 0.34 6.62
CA ARG A 101 -7.33 -0.42 5.46
C ARG A 101 -7.85 0.13 4.14
N VAL A 102 -7.07 -0.08 3.08
CA VAL A 102 -7.45 0.39 1.74
C VAL A 102 -7.35 -0.76 0.73
N LEU A 103 -8.48 -1.43 0.51
CA LEU A 103 -8.52 -2.55 -0.44
C LEU A 103 -8.63 -2.03 -1.86
N VAL A 104 -7.56 -2.21 -2.64
CA VAL A 104 -7.55 -1.76 -4.02
C VAL A 104 -7.52 -2.93 -5.00
N SER A 105 -8.07 -2.72 -6.19
CA SER A 105 -8.11 -3.75 -7.21
C SER A 105 -8.35 -3.12 -8.59
N SER A 106 -7.61 -3.58 -9.58
CA SER A 106 -7.74 -3.05 -10.94
C SER A 106 -8.96 -3.63 -11.64
N LEU A 107 -9.96 -2.78 -11.86
CA LEU A 107 -11.17 -3.20 -12.54
C LEU A 107 -11.08 -2.90 -14.04
N THR A 108 -9.86 -2.94 -14.56
CA THR A 108 -9.60 -2.67 -15.96
C THR A 108 -9.38 -3.96 -16.73
N GLY A 109 -8.81 -4.96 -16.06
CA GLY A 109 -8.53 -6.23 -16.69
C GLY A 109 -7.08 -6.65 -16.55
N GLU A 110 -6.21 -5.66 -16.33
CA GLU A 110 -4.79 -5.93 -16.17
C GLU A 110 -4.35 -5.70 -14.72
N PRO A 111 -3.22 -6.29 -14.32
CA PRO A 111 -2.69 -6.15 -12.95
C PRO A 111 -2.43 -4.69 -12.59
N LEU A 112 -1.96 -4.46 -11.37
CA LEU A 112 -1.67 -3.11 -10.89
C LEU A 112 -0.67 -2.40 -11.81
N PRO A 113 -0.96 -1.15 -12.21
CA PRO A 113 -0.09 -0.38 -13.08
C PRO A 113 1.26 -0.10 -12.43
N ALA A 114 1.23 0.21 -11.14
CA ALA A 114 2.45 0.51 -10.40
C ALA A 114 3.16 1.73 -10.97
N LYS A 115 4.12 2.26 -10.21
CA LYS A 115 4.87 3.42 -10.64
C LYS A 115 3.97 4.66 -10.74
N GLU A 116 2.79 4.58 -10.14
CA GLU A 116 1.85 5.69 -10.15
C GLU A 116 0.89 5.60 -8.96
N VAL A 117 -0.18 6.36 -9.00
CA VAL A 117 -1.16 6.35 -7.91
C VAL A 117 -1.96 5.06 -7.94
N LEU A 118 -1.64 4.17 -6.99
CA LEU A 118 -2.32 2.87 -6.91
C LEU A 118 -3.60 2.99 -6.08
N ALA A 119 -3.58 3.86 -5.08
CA ALA A 119 -4.74 4.06 -4.23
C ALA A 119 -4.57 5.28 -3.33
N LYS A 120 -5.59 6.13 -3.29
CA LYS A 120 -5.55 7.34 -2.49
C LYS A 120 -6.55 7.28 -1.34
N VAL A 121 -6.04 7.31 -0.11
CA VAL A 121 -6.89 7.27 1.07
C VAL A 121 -7.08 8.68 1.63
N VAL A 122 -8.26 9.24 1.41
CA VAL A 122 -8.56 10.60 1.87
C VAL A 122 -8.82 10.63 3.37
N LEU A 123 -8.16 11.55 4.06
CA LEU A 123 -8.33 11.72 5.50
C LEU A 123 -8.98 13.07 5.79
N ARG A 124 -10.22 13.02 6.26
CA ARG A 124 -10.99 14.22 6.55
C ARG A 124 -10.27 15.17 7.52
N ALA A 125 -9.87 16.33 6.99
CA ALA A 125 -9.21 17.36 7.78
C ALA A 125 -10.27 18.16 8.52
N GLU A 126 -10.92 17.52 9.49
CA GLU A 126 -11.96 18.17 10.27
C GLU A 126 -11.34 18.90 11.44
N ALA A 127 -10.03 18.71 11.57
CA ALA A 127 -9.27 19.35 12.62
C ALA A 127 -7.79 19.31 12.28
N LYS A 128 -7.22 20.48 12.24
CA LYS A 128 -5.82 20.66 11.89
C LYS A 128 -4.92 19.60 12.54
N ALA A 129 -3.71 19.46 12.00
CA ALA A 129 -2.74 18.50 12.48
C ALA A 129 -1.41 18.69 11.75
N GLU A 130 -0.87 19.90 11.85
CA GLU A 130 0.38 20.23 11.19
C GLU A 130 1.49 19.27 11.61
N GLY A 131 2.01 18.53 10.63
CA GLY A 131 3.07 17.58 10.89
C GLY A 131 2.55 16.18 11.15
N SER A 132 1.22 16.02 11.12
CA SER A 132 0.62 14.71 11.35
C SER A 132 1.12 13.70 10.32
N ASN A 133 2.23 13.05 10.64
CA ASN A 133 2.83 12.07 9.74
C ASN A 133 1.87 10.92 9.45
N LEU A 134 2.18 10.18 8.40
CA LEU A 134 1.37 9.04 8.00
C LEU A 134 2.27 7.89 7.55
N SER A 135 2.26 6.82 8.31
CA SER A 135 3.10 5.66 7.99
C SER A 135 2.27 4.51 7.42
N VAL A 136 2.68 4.03 6.25
CA VAL A 136 2.00 2.93 5.60
C VAL A 136 2.85 1.68 5.62
N THR A 137 2.63 0.83 6.60
CA THR A 137 3.39 -0.41 6.74
C THR A 137 2.59 -1.59 6.23
N ASN A 138 3.06 -2.81 6.51
CA ASN A 138 2.39 -4.04 6.08
C ASN A 138 1.90 -3.95 4.63
N SER A 139 2.50 -3.05 3.87
CA SER A 139 2.13 -2.87 2.47
C SER A 139 2.39 -4.15 1.68
N SER A 140 1.33 -4.91 1.44
CA SER A 140 1.45 -6.17 0.72
C SER A 140 0.83 -6.06 -0.68
N VAL A 141 1.07 -7.08 -1.50
CA VAL A 141 0.54 -7.11 -2.86
C VAL A 141 -0.10 -8.46 -3.16
N GLY A 142 -0.61 -8.62 -4.37
CA GLY A 142 -1.25 -9.87 -4.75
C GLY A 142 -0.55 -10.54 -5.92
N ASP A 143 0.50 -11.31 -5.62
CA ASP A 143 1.26 -12.02 -6.65
C ASP A 143 0.34 -12.89 -7.49
N GLY A 144 0.76 -13.16 -8.72
CA GLY A 144 -0.03 -14.00 -9.61
C GLY A 144 -0.28 -15.37 -9.05
N GLU A 145 0.77 -16.01 -8.53
CA GLU A 145 0.65 -17.34 -7.96
C GLU A 145 -0.35 -17.35 -6.80
N GLY A 146 -0.47 -16.22 -6.12
CA GLY A 146 -1.39 -16.12 -4.99
C GLY A 146 -0.70 -15.67 -3.73
N LEU A 147 0.60 -15.93 -3.63
CA LEU A 147 1.38 -15.56 -2.45
C LEU A 147 1.51 -14.04 -2.35
N VAL A 148 2.01 -13.57 -1.21
CA VAL A 148 2.20 -12.14 -0.98
C VAL A 148 3.67 -11.81 -0.75
N HIS A 149 4.11 -10.70 -1.32
CA HIS A 149 5.49 -10.26 -1.15
C HIS A 149 5.55 -8.95 -0.37
N GLU A 150 5.66 -9.07 0.95
CA GLU A 150 5.72 -7.89 1.82
C GLU A 150 6.75 -6.89 1.30
N ILE A 151 6.28 -5.82 0.68
CA ILE A 151 7.18 -4.81 0.14
C ILE A 151 7.60 -3.79 1.19
N ALA A 152 8.36 -2.81 0.76
CA ALA A 152 8.85 -1.75 1.62
C ALA A 152 7.72 -0.85 2.10
N GLY A 153 8.07 0.36 2.54
CA GLY A 153 7.07 1.30 3.02
C GLY A 153 7.55 2.74 2.92
N THR A 154 6.65 3.68 3.16
CA THR A 154 6.98 5.10 3.10
C THR A 154 6.07 5.92 4.00
N GLU A 155 6.61 7.01 4.54
CA GLU A 155 5.84 7.88 5.43
C GLU A 155 5.62 9.25 4.81
N LYS A 156 4.49 9.87 5.14
CA LYS A 156 4.15 11.19 4.62
C LYS A 156 3.71 12.09 5.76
N THR A 157 3.69 13.38 5.48
CA THR A 157 3.27 14.37 6.46
C THR A 157 2.49 15.50 5.81
N VAL A 158 1.28 15.74 6.30
CA VAL A 158 0.43 16.79 5.76
C VAL A 158 0.20 17.89 6.78
N ASN A 159 0.24 19.14 6.33
CA ASN A 159 0.03 20.27 7.22
C ASN A 159 -1.36 20.85 7.04
N ILE A 160 -2.23 20.58 8.00
CA ILE A 160 -3.57 21.11 7.95
C ILE A 160 -3.58 22.53 8.46
N ILE A 161 -3.93 23.44 7.58
CA ILE A 161 -3.96 24.85 7.91
C ILE A 161 -5.38 25.29 8.23
N GLU A 162 -5.52 26.10 9.26
CA GLU A 162 -6.83 26.59 9.67
C GLU A 162 -7.46 27.44 8.58
N GLY A 163 -8.79 27.35 8.46
CA GLY A 163 -9.50 28.11 7.46
C GLY A 163 -10.29 29.25 8.06
N THR A 164 -10.61 30.24 7.22
CA THR A 164 -11.37 31.41 7.68
C THR A 164 -12.81 31.33 7.19
N SER A 165 -13.65 32.22 7.70
CA SER A 165 -15.06 32.26 7.33
C SER A 165 -15.28 33.21 6.15
N MET A 1 13.67 -3.77 20.44
CA MET A 1 14.78 -3.77 21.43
C MET A 1 14.32 -3.18 22.76
N GLY A 2 14.44 -3.98 23.82
CA GLY A 2 14.04 -3.52 25.14
C GLY A 2 12.72 -4.12 25.58
N SER A 3 11.63 -3.49 25.18
CA SER A 3 10.30 -3.96 25.54
C SER A 3 9.53 -4.43 24.31
N SER A 4 8.35 -5.00 24.53
CA SER A 4 7.52 -5.49 23.44
C SER A 4 6.07 -5.05 23.60
N HIS A 5 5.53 -4.40 22.57
CA HIS A 5 4.16 -3.92 22.61
C HIS A 5 3.18 -5.01 22.16
N HIS A 6 3.37 -5.47 20.92
CA HIS A 6 2.51 -6.51 20.36
C HIS A 6 3.23 -7.85 20.32
N HIS A 7 2.56 -8.87 19.79
CA HIS A 7 3.15 -10.19 19.69
C HIS A 7 4.00 -10.33 18.44
N HIS A 8 5.32 -10.32 18.62
CA HIS A 8 6.25 -10.43 17.51
C HIS A 8 7.29 -11.52 17.78
N HIS A 9 7.84 -11.52 18.98
CA HIS A 9 8.85 -12.50 19.36
C HIS A 9 8.28 -13.91 19.29
N HIS A 10 7.24 -14.16 20.07
CA HIS A 10 6.60 -15.48 20.09
C HIS A 10 5.26 -15.44 19.36
N SER A 11 5.09 -16.36 18.41
CA SER A 11 3.85 -16.44 17.64
C SER A 11 3.03 -17.66 18.05
N SER A 12 3.15 -18.05 19.32
CA SER A 12 2.42 -19.20 19.83
C SER A 12 2.79 -20.46 19.07
N GLY A 13 4.08 -20.57 18.71
CA GLY A 13 4.54 -21.74 17.99
C GLY A 13 5.80 -22.34 18.60
N LEU A 14 5.91 -23.65 18.53
CA LEU A 14 7.08 -24.35 19.09
C LEU A 14 8.09 -24.65 18.00
N VAL A 15 7.61 -24.86 16.78
CA VAL A 15 8.49 -25.15 15.65
C VAL A 15 8.64 -23.94 14.74
N PRO A 16 9.53 -23.00 15.08
CA PRO A 16 9.77 -21.78 14.31
C PRO A 16 9.58 -21.97 12.80
N ARG A 17 8.90 -21.02 12.18
CA ARG A 17 8.65 -21.08 10.74
C ARG A 17 9.65 -20.23 9.98
N GLY A 18 10.88 -20.19 10.47
CA GLY A 18 11.92 -19.41 9.82
C GLY A 18 12.23 -18.13 10.55
N SER A 19 13.51 -17.77 10.62
CA SER A 19 13.94 -16.56 11.30
C SER A 19 13.74 -15.33 10.41
N HIS A 20 13.87 -15.53 9.10
CA HIS A 20 13.72 -14.45 8.14
C HIS A 20 14.73 -13.34 8.39
N MET A 21 15.93 -13.48 7.82
CA MET A 21 16.99 -12.49 7.98
C MET A 21 17.65 -12.18 6.66
N ALA A 22 16.87 -12.24 5.57
CA ALA A 22 17.40 -11.97 4.24
C ALA A 22 16.91 -10.61 3.74
N SER A 23 17.84 -9.83 3.20
CA SER A 23 17.52 -8.51 2.68
C SER A 23 17.41 -8.54 1.15
N LYS A 24 18.55 -8.61 0.48
CA LYS A 24 18.59 -8.64 -0.98
C LYS A 24 19.29 -9.90 -1.46
N LEU A 25 20.40 -10.25 -0.83
CA LEU A 25 21.16 -11.43 -1.22
C LEU A 25 21.67 -11.32 -2.65
N LYS A 26 22.73 -12.04 -2.95
CA LYS A 26 23.31 -12.01 -4.30
C LYS A 26 22.86 -13.22 -5.11
N GLU A 27 21.63 -13.67 -4.84
CA GLU A 27 21.07 -14.82 -5.55
C GLU A 27 19.55 -14.80 -5.50
N ALA A 28 18.93 -15.69 -6.27
CA ALA A 28 17.47 -15.77 -6.31
C ALA A 28 16.86 -14.47 -6.79
N ALA A 29 15.53 -14.40 -6.80
CA ALA A 29 14.82 -13.20 -7.23
C ALA A 29 14.57 -12.26 -6.06
N GLU A 30 13.58 -12.60 -5.24
CA GLU A 30 13.24 -11.79 -4.07
C GLU A 30 12.99 -10.34 -4.47
N VAL A 31 11.72 -9.96 -4.56
CA VAL A 31 11.34 -8.59 -4.91
C VAL A 31 11.89 -7.59 -3.90
N THR A 32 12.06 -6.35 -4.34
CA THR A 32 12.57 -5.30 -3.47
C THR A 32 11.41 -4.76 -2.62
N GLY A 33 10.31 -4.50 -3.29
CA GLY A 33 9.13 -4.01 -2.63
C GLY A 33 9.30 -2.61 -2.09
N SER A 34 8.55 -1.67 -2.65
CA SER A 34 8.63 -0.30 -2.19
C SER A 34 7.31 0.44 -2.38
N VAL A 35 7.04 1.38 -1.49
CA VAL A 35 5.82 2.15 -1.53
C VAL A 35 6.04 3.52 -2.16
N SER A 36 5.22 3.86 -3.13
CA SER A 36 5.31 5.16 -3.81
C SER A 36 4.39 6.16 -3.11
N LEU A 37 5.00 7.09 -2.38
CA LEU A 37 4.23 8.10 -1.66
C LEU A 37 4.16 9.41 -2.44
N GLU A 38 2.94 9.86 -2.70
CA GLU A 38 2.70 11.10 -3.43
C GLU A 38 1.63 11.91 -2.73
N ALA A 39 2.05 12.93 -1.97
CA ALA A 39 1.10 13.77 -1.24
C ALA A 39 1.52 15.23 -1.26
N LEU A 40 0.56 16.13 -1.39
CA LEU A 40 0.83 17.55 -1.40
C LEU A 40 1.47 17.98 -0.08
N GLU A 41 1.19 17.21 0.98
CA GLU A 41 1.74 17.48 2.30
C GLU A 41 1.05 18.67 2.97
N GLU A 42 -0.17 18.98 2.53
CA GLU A 42 -0.91 20.10 3.11
C GLU A 42 -2.39 20.06 2.75
N VAL A 43 -3.24 20.16 3.78
CA VAL A 43 -4.68 20.17 3.60
C VAL A 43 -5.33 21.06 4.64
N GLN A 44 -5.83 22.23 4.21
CA GLN A 44 -6.45 23.19 5.11
C GLN A 44 -7.77 22.66 5.67
N VAL A 45 -7.89 22.60 7.01
CA VAL A 45 -9.10 22.13 7.68
C VAL A 45 -10.36 22.40 6.87
N GLY A 46 -11.16 21.36 6.74
CA GLY A 46 -12.39 21.47 6.00
C GLY A 46 -12.29 20.83 4.64
N GLU A 47 -11.06 20.73 4.13
CA GLU A 47 -10.81 20.13 2.82
C GLU A 47 -10.42 18.66 2.97
N ASN A 48 -10.31 17.96 1.86
CA ASN A 48 -9.93 16.55 1.87
C ASN A 48 -8.43 16.39 1.67
N LEU A 49 -7.93 15.19 1.91
CA LEU A 49 -6.51 14.90 1.76
C LEU A 49 -6.29 13.41 1.49
N GLU A 50 -5.92 13.08 0.26
CA GLU A 50 -5.67 11.71 -0.14
C GLU A 50 -4.20 11.46 -0.39
N VAL A 51 -3.74 10.25 -0.08
CA VAL A 51 -2.35 9.89 -0.28
C VAL A 51 -2.23 8.69 -1.23
N GLY A 52 -1.97 8.97 -2.50
CA GLY A 52 -1.84 7.92 -3.49
C GLY A 52 -0.62 7.06 -3.25
N VAL A 53 -0.62 6.33 -2.14
CA VAL A 53 0.50 5.46 -1.80
C VAL A 53 0.41 4.14 -2.55
N GLY A 54 1.22 4.01 -3.60
CA GLY A 54 1.23 2.79 -4.39
C GLY A 54 2.54 2.05 -4.31
N ILE A 55 3.15 1.82 -5.47
CA ILE A 55 4.43 1.11 -5.54
C ILE A 55 5.56 2.03 -5.98
N ASP A 56 6.70 1.90 -5.30
CA ASP A 56 7.89 2.68 -5.63
C ASP A 56 8.84 1.79 -6.41
N GLU A 57 8.86 0.52 -6.04
CA GLU A 57 9.70 -0.47 -6.69
C GLU A 57 9.29 -1.89 -6.29
N LEU A 58 9.13 -2.73 -7.29
CA LEU A 58 8.72 -4.12 -7.09
C LEU A 58 9.26 -4.99 -8.22
N VAL A 59 10.39 -5.63 -8.01
CA VAL A 59 10.99 -6.47 -9.06
C VAL A 59 11.21 -7.91 -8.63
N ASN A 60 10.40 -8.80 -9.20
CA ASN A 60 10.44 -10.25 -8.94
C ASN A 60 9.06 -10.80 -8.59
N ALA A 61 8.01 -10.06 -8.96
CA ALA A 61 6.64 -10.48 -8.68
C ALA A 61 5.64 -9.75 -9.58
N GLU A 62 4.38 -10.13 -9.46
CA GLU A 62 3.33 -9.50 -10.26
C GLU A 62 2.16 -9.07 -9.39
N ALA A 63 2.27 -7.88 -8.82
CA ALA A 63 1.23 -7.34 -7.96
C ALA A 63 -0.08 -7.13 -8.70
N PHE A 64 -1.16 -7.68 -8.16
CA PHE A 64 -2.48 -7.56 -8.77
C PHE A 64 -3.38 -6.68 -7.91
N ALA A 65 -3.35 -6.94 -6.61
CA ALA A 65 -4.15 -6.17 -5.65
C ALA A 65 -3.25 -5.57 -4.58
N TYR A 66 -3.14 -4.25 -4.58
CA TYR A 66 -2.30 -3.55 -3.62
C TYR A 66 -3.13 -3.03 -2.44
N ASP A 67 -3.18 -3.82 -1.37
CA ASP A 67 -3.93 -3.44 -0.18
C ASP A 67 -3.00 -3.01 0.94
N PHE A 68 -3.00 -1.72 1.25
CA PHE A 68 -2.13 -1.19 2.30
C PHE A 68 -2.96 -0.72 3.50
N THR A 69 -2.26 -0.39 4.59
CA THR A 69 -2.91 0.07 5.81
C THR A 69 -2.43 1.48 6.17
N LEU A 70 -3.29 2.47 5.99
CA LEU A 70 -2.92 3.86 6.29
C LEU A 70 -3.03 4.13 7.79
N ASN A 71 -2.01 4.79 8.34
CA ASN A 71 -1.98 5.12 9.75
C ASN A 71 -1.96 6.63 9.96
N TYR A 72 -3.08 7.17 10.43
CA TYR A 72 -3.19 8.61 10.67
C TYR A 72 -3.61 8.89 12.11
N ASP A 73 -4.01 10.14 12.38
CA ASP A 73 -4.41 10.53 13.73
C ASP A 73 -5.86 11.03 13.75
N GLU A 74 -6.78 10.18 14.21
CA GLU A 74 -8.18 10.54 14.28
C GLU A 74 -8.39 11.83 15.07
N ASN A 75 -7.48 12.09 16.01
CA ASN A 75 -7.56 13.28 16.84
C ASN A 75 -7.59 14.55 15.97
N ALA A 76 -6.69 14.62 15.00
CA ALA A 76 -6.61 15.76 14.11
C ALA A 76 -6.90 15.36 12.68
N PHE A 77 -7.77 14.37 12.51
CA PHE A 77 -8.14 13.88 11.19
C PHE A 77 -9.37 12.98 11.28
N GLU A 78 -9.77 12.41 10.15
CA GLU A 78 -10.93 11.53 10.11
C GLU A 78 -11.04 10.85 8.75
N TYR A 79 -10.77 9.54 8.73
CA TYR A 79 -10.84 8.77 7.50
C TYR A 79 -12.22 8.94 6.85
N VAL A 80 -12.26 8.85 5.53
CA VAL A 80 -13.50 9.00 4.78
C VAL A 80 -13.69 7.83 3.81
N GLU A 81 -13.02 7.89 2.66
CA GLU A 81 -13.12 6.85 1.66
C GLU A 81 -11.94 6.91 0.68
N ALA A 82 -11.50 5.75 0.23
CA ALA A 82 -10.38 5.66 -0.70
C ALA A 82 -10.81 5.88 -2.11
N ILE A 83 -9.88 6.42 -2.87
CA ILE A 83 -10.13 6.76 -4.23
C ILE A 83 -9.14 6.09 -5.16
N SER A 84 -9.63 5.86 -6.37
CA SER A 84 -8.83 5.24 -7.42
C SER A 84 -9.60 5.21 -8.74
N ASP A 85 -8.95 5.67 -9.81
CA ASP A 85 -9.59 5.70 -11.12
C ASP A 85 -8.70 5.03 -12.17
N ASP A 86 -9.05 5.20 -13.44
CA ASP A 86 -8.29 4.63 -14.54
C ASP A 86 -8.34 3.10 -14.48
N GLY A 87 -9.53 2.55 -14.64
CA GLY A 87 -9.69 1.10 -14.61
C GLY A 87 -9.22 0.50 -13.29
N VAL A 88 -9.25 1.30 -12.23
CA VAL A 88 -8.82 0.83 -10.92
C VAL A 88 -9.72 1.39 -9.83
N PHE A 89 -10.45 0.51 -9.16
CA PHE A 89 -11.36 0.91 -8.08
C PHE A 89 -10.87 0.39 -6.74
N VAL A 90 -10.62 1.29 -5.80
CA VAL A 90 -10.16 0.90 -4.47
C VAL A 90 -11.21 1.20 -3.41
N ASN A 91 -11.17 0.44 -2.31
CA ASN A 91 -12.12 0.63 -1.22
C ASN A 91 -11.44 0.56 0.14
N ALA A 92 -11.61 1.61 0.91
CA ALA A 92 -11.03 1.68 2.25
C ALA A 92 -12.05 1.27 3.30
N LYS A 93 -11.58 0.76 4.44
CA LYS A 93 -12.47 0.33 5.50
C LYS A 93 -11.92 0.67 6.87
N LYS A 94 -12.52 1.67 7.50
CA LYS A 94 -12.12 2.11 8.83
C LYS A 94 -12.14 0.96 9.82
N ILE A 95 -10.97 0.66 10.35
CA ILE A 95 -10.82 -0.42 11.32
C ILE A 95 -10.54 0.13 12.72
N GLU A 96 -9.96 1.33 12.77
CA GLU A 96 -9.65 1.97 14.04
C GLU A 96 -9.39 3.46 13.84
N ASP A 97 -9.42 4.21 14.94
CA ASP A 97 -9.19 5.64 14.90
C ASP A 97 -7.77 5.96 14.42
N GLY A 98 -7.67 6.75 13.37
CA GLY A 98 -6.36 7.11 12.84
C GLY A 98 -5.65 5.93 12.21
N LYS A 99 -6.42 4.99 11.67
CA LYS A 99 -5.86 3.81 11.03
C LYS A 99 -6.95 3.00 10.37
N VAL A 100 -6.80 2.77 9.08
CA VAL A 100 -7.81 2.03 8.34
C VAL A 100 -7.18 1.27 7.17
N ARG A 101 -7.84 0.18 6.76
CA ARG A 101 -7.32 -0.64 5.68
C ARG A 101 -7.96 -0.29 4.35
N VAL A 102 -7.22 -0.54 3.27
CA VAL A 102 -7.70 -0.26 1.93
C VAL A 102 -7.66 -1.50 1.04
N LEU A 103 -8.57 -1.55 0.07
CA LEU A 103 -8.65 -2.69 -0.86
C LEU A 103 -8.55 -2.22 -2.30
N VAL A 104 -7.41 -2.53 -2.94
CA VAL A 104 -7.19 -2.13 -4.33
C VAL A 104 -7.39 -3.31 -5.28
N SER A 105 -8.07 -3.05 -6.38
CA SER A 105 -8.33 -4.08 -7.38
C SER A 105 -8.78 -3.45 -8.70
N SER A 106 -8.21 -3.91 -9.80
CA SER A 106 -8.56 -3.39 -11.11
C SER A 106 -9.74 -4.13 -11.71
N LEU A 107 -10.73 -3.39 -12.19
CA LEU A 107 -11.91 -3.98 -12.81
C LEU A 107 -11.75 -4.03 -14.32
N THR A 108 -10.52 -4.15 -14.78
CA THR A 108 -10.22 -4.21 -16.20
C THR A 108 -9.72 -5.59 -16.61
N GLY A 109 -9.12 -6.30 -15.66
CA GLY A 109 -8.61 -7.63 -15.93
C GLY A 109 -7.10 -7.69 -15.76
N GLU A 110 -6.45 -6.55 -15.90
CA GLU A 110 -4.99 -6.47 -15.77
C GLU A 110 -4.60 -6.22 -14.32
N PRO A 111 -3.37 -6.59 -13.93
CA PRO A 111 -2.88 -6.41 -12.56
C PRO A 111 -2.55 -4.94 -12.26
N LEU A 112 -2.58 -4.59 -10.97
CA LEU A 112 -2.30 -3.22 -10.55
C LEU A 112 -0.97 -2.73 -11.13
N PRO A 113 -0.95 -1.51 -11.69
CA PRO A 113 0.27 -0.94 -12.26
C PRO A 113 1.13 -0.26 -11.20
N ALA A 114 2.44 -0.35 -11.36
CA ALA A 114 3.36 0.26 -10.41
C ALA A 114 3.85 1.61 -10.88
N LYS A 115 4.51 2.34 -9.99
CA LYS A 115 5.04 3.65 -10.33
C LYS A 115 3.89 4.61 -10.65
N GLU A 116 2.78 4.43 -9.97
CA GLU A 116 1.60 5.27 -10.17
C GLU A 116 0.66 5.16 -8.98
N VAL A 117 -0.19 6.16 -8.79
CA VAL A 117 -1.14 6.16 -7.69
C VAL A 117 -2.01 4.91 -7.70
N LEU A 118 -1.72 3.99 -6.78
CA LEU A 118 -2.48 2.74 -6.69
C LEU A 118 -3.67 2.91 -5.76
N ALA A 119 -3.53 3.75 -4.75
CA ALA A 119 -4.62 3.97 -3.79
C ALA A 119 -4.41 5.22 -2.96
N LYS A 120 -5.49 6.00 -2.80
CA LYS A 120 -5.44 7.23 -2.02
C LYS A 120 -6.60 7.29 -1.04
N VAL A 121 -6.29 7.55 0.22
CA VAL A 121 -7.32 7.63 1.26
C VAL A 121 -7.53 9.08 1.68
N VAL A 122 -8.71 9.63 1.37
CA VAL A 122 -9.02 11.01 1.71
C VAL A 122 -9.33 11.17 3.20
N LEU A 123 -8.31 11.58 3.96
CA LEU A 123 -8.48 11.78 5.40
C LEU A 123 -9.09 13.16 5.67
N ARG A 124 -10.33 13.17 6.12
CA ARG A 124 -11.04 14.41 6.39
C ARG A 124 -10.29 15.33 7.36
N ALA A 125 -9.82 16.45 6.84
CA ALA A 125 -9.13 17.46 7.65
C ALA A 125 -10.16 18.29 8.41
N GLU A 126 -10.81 17.67 9.38
CA GLU A 126 -11.81 18.34 10.19
C GLU A 126 -11.15 19.01 11.38
N ALA A 127 -9.84 18.81 11.48
CA ALA A 127 -9.06 19.38 12.54
C ALA A 127 -7.60 19.33 12.16
N LYS A 128 -7.01 20.50 12.18
CA LYS A 128 -5.61 20.66 11.81
C LYS A 128 -4.68 19.70 12.56
N ALA A 129 -3.68 19.22 11.85
CA ALA A 129 -2.69 18.30 12.40
C ALA A 129 -1.33 18.56 11.74
N GLU A 130 -0.79 19.75 11.98
CA GLU A 130 0.49 20.13 11.40
C GLU A 130 1.59 19.13 11.76
N GLY A 131 2.07 18.40 10.77
CA GLY A 131 3.11 17.41 10.99
C GLY A 131 2.55 16.05 11.40
N SER A 132 1.29 15.80 11.06
CA SER A 132 0.66 14.53 11.40
C SER A 132 1.25 13.40 10.56
N ASN A 133 2.53 13.10 10.80
CA ASN A 133 3.22 12.05 10.07
C ASN A 133 2.37 10.80 9.92
N LEU A 134 2.32 10.29 8.68
CA LEU A 134 1.56 9.08 8.38
C LEU A 134 2.51 7.94 8.02
N SER A 135 2.20 6.74 8.51
CA SER A 135 3.06 5.59 8.24
C SER A 135 2.26 4.45 7.61
N VAL A 136 2.54 4.19 6.34
CA VAL A 136 1.86 3.12 5.61
C VAL A 136 2.74 1.87 5.56
N THR A 137 2.51 0.96 6.51
CA THR A 137 3.28 -0.28 6.58
C THR A 137 2.46 -1.46 6.05
N ASN A 138 2.93 -2.68 6.32
CA ASN A 138 2.25 -3.90 5.90
C ASN A 138 1.77 -3.80 4.45
N SER A 139 2.37 -2.91 3.68
CA SER A 139 2.01 -2.74 2.28
C SER A 139 2.29 -4.00 1.48
N SER A 140 1.27 -4.83 1.31
CA SER A 140 1.41 -6.08 0.58
C SER A 140 0.88 -5.96 -0.85
N VAL A 141 1.19 -6.96 -1.67
CA VAL A 141 0.75 -6.98 -3.06
C VAL A 141 0.08 -8.31 -3.40
N GLY A 142 -0.36 -8.45 -4.64
CA GLY A 142 -1.01 -9.67 -5.06
C GLY A 142 -0.32 -10.33 -6.24
N ASP A 143 0.67 -11.16 -5.96
CA ASP A 143 1.43 -11.85 -7.01
C ASP A 143 0.48 -12.60 -7.95
N GLY A 144 0.99 -12.97 -9.12
CA GLY A 144 0.18 -13.68 -10.08
C GLY A 144 -0.35 -14.99 -9.54
N GLU A 145 0.54 -15.81 -9.00
CA GLU A 145 0.16 -17.11 -8.45
C GLU A 145 -0.83 -16.93 -7.30
N GLY A 146 -0.71 -15.81 -6.59
CA GLY A 146 -1.61 -15.55 -5.48
C GLY A 146 -0.86 -15.17 -4.22
N LEU A 147 0.37 -15.66 -4.08
CA LEU A 147 1.19 -15.37 -2.91
C LEU A 147 1.44 -13.87 -2.78
N VAL A 148 1.62 -13.40 -1.55
CA VAL A 148 1.87 -11.98 -1.30
C VAL A 148 3.36 -11.73 -1.08
N HIS A 149 3.80 -10.53 -1.45
CA HIS A 149 5.19 -10.14 -1.29
C HIS A 149 5.31 -8.88 -0.45
N GLU A 150 5.44 -9.04 0.86
CA GLU A 150 5.55 -7.90 1.77
C GLU A 150 6.58 -6.91 1.25
N ILE A 151 6.10 -5.76 0.77
CA ILE A 151 7.00 -4.74 0.24
C ILE A 151 7.54 -3.84 1.34
N ALA A 152 8.32 -2.84 0.95
CA ALA A 152 8.91 -1.91 1.89
C ALA A 152 7.86 -0.99 2.53
N GLY A 153 8.25 0.24 2.85
CA GLY A 153 7.33 1.17 3.45
C GLY A 153 7.82 2.61 3.37
N THR A 154 6.95 3.56 3.67
CA THR A 154 7.31 4.97 3.62
C THR A 154 6.28 5.81 4.38
N GLU A 155 6.74 6.90 4.99
CA GLU A 155 5.86 7.78 5.75
C GLU A 155 5.61 9.09 5.01
N LYS A 156 4.63 9.84 5.50
CA LYS A 156 4.27 11.13 4.91
C LYS A 156 3.96 12.14 6.00
N THR A 157 3.95 13.41 5.63
CA THR A 157 3.67 14.47 6.58
C THR A 157 2.84 15.58 5.93
N VAL A 158 1.65 15.81 6.47
CA VAL A 158 0.76 16.84 5.93
C VAL A 158 0.52 17.95 6.95
N ASN A 159 0.53 19.19 6.48
CA ASN A 159 0.31 20.34 7.35
C ASN A 159 -1.06 20.93 7.12
N ILE A 160 -1.96 20.69 8.04
CA ILE A 160 -3.29 21.24 7.94
C ILE A 160 -3.25 22.67 8.41
N ILE A 161 -3.79 23.55 7.60
CA ILE A 161 -3.78 24.95 7.91
C ILE A 161 -5.20 25.47 8.13
N GLU A 162 -5.39 26.16 9.24
CA GLU A 162 -6.71 26.69 9.58
C GLU A 162 -7.23 27.62 8.50
N GLY A 163 -8.54 27.59 8.30
CA GLY A 163 -9.15 28.43 7.29
C GLY A 163 -10.54 28.91 7.69
N THR A 164 -10.59 30.08 8.32
CA THR A 164 -11.86 30.64 8.76
C THR A 164 -12.69 31.13 7.57
N SER A 165 -13.85 31.71 7.85
CA SER A 165 -14.73 32.21 6.81
C SER A 165 -15.17 31.09 5.88
N MET A 1 23.84 -14.71 -43.42
CA MET A 1 23.14 -13.41 -43.42
C MET A 1 23.56 -12.56 -42.22
N GLY A 2 23.50 -13.16 -41.03
CA GLY A 2 23.87 -12.46 -39.82
C GLY A 2 23.95 -13.38 -38.61
N SER A 3 24.54 -14.56 -38.80
CA SER A 3 24.66 -15.52 -37.72
C SER A 3 26.02 -16.23 -37.78
N SER A 4 26.33 -16.99 -36.74
CA SER A 4 27.59 -17.72 -36.68
C SER A 4 28.78 -16.76 -36.68
N HIS A 5 29.86 -17.16 -36.01
CA HIS A 5 31.06 -16.33 -35.94
C HIS A 5 30.74 -14.98 -35.29
N HIS A 6 31.80 -14.29 -34.86
CA HIS A 6 31.64 -12.98 -34.22
C HIS A 6 30.80 -13.11 -32.95
N HIS A 7 31.46 -13.06 -31.80
CA HIS A 7 30.78 -13.15 -30.52
C HIS A 7 31.45 -12.26 -29.48
N HIS A 8 30.87 -11.10 -29.24
CA HIS A 8 31.40 -10.15 -28.27
C HIS A 8 30.55 -10.12 -27.00
N HIS A 9 29.32 -9.64 -27.14
CA HIS A 9 28.40 -9.57 -26.02
C HIS A 9 26.99 -9.21 -26.48
N HIS A 10 26.02 -10.03 -26.09
CA HIS A 10 24.63 -9.80 -26.46
C HIS A 10 23.71 -10.81 -25.80
N SER A 11 23.87 -12.08 -26.17
CA SER A 11 23.05 -13.15 -25.62
C SER A 11 21.57 -12.92 -25.92
N SER A 12 20.74 -13.87 -25.52
CA SER A 12 19.30 -13.77 -25.74
C SER A 12 18.61 -13.10 -24.56
N GLY A 13 18.69 -13.74 -23.40
CA GLY A 13 18.07 -13.18 -22.21
C GLY A 13 19.00 -13.17 -21.01
N LEU A 14 18.68 -12.36 -20.01
CA LEU A 14 19.49 -12.27 -18.81
C LEU A 14 19.60 -13.62 -18.11
N VAL A 15 18.49 -14.37 -18.11
CA VAL A 15 18.43 -15.69 -17.49
C VAL A 15 18.92 -15.67 -16.04
N PRO A 16 18.41 -16.60 -15.20
CA PRO A 16 18.78 -16.71 -13.80
C PRO A 16 20.22 -16.30 -13.52
N ARG A 17 21.12 -16.67 -14.44
CA ARG A 17 22.53 -16.33 -14.29
C ARG A 17 23.28 -16.57 -15.59
N GLY A 18 23.29 -17.82 -16.06
CA GLY A 18 23.97 -18.15 -17.28
C GLY A 18 23.60 -19.53 -17.80
N SER A 19 22.93 -19.56 -18.96
CA SER A 19 22.52 -20.83 -19.55
C SER A 19 21.57 -21.58 -18.63
N HIS A 20 21.29 -22.83 -18.98
CA HIS A 20 20.41 -23.67 -18.18
C HIS A 20 20.86 -25.12 -18.20
N MET A 21 20.87 -25.71 -19.39
CA MET A 21 21.29 -27.11 -19.56
C MET A 21 20.32 -28.05 -18.84
N ALA A 22 20.48 -28.16 -17.52
CA ALA A 22 19.63 -29.02 -16.72
C ALA A 22 19.28 -28.36 -15.39
N SER A 23 19.19 -27.04 -15.39
CA SER A 23 18.85 -26.28 -14.18
C SER A 23 19.89 -26.52 -13.09
N LYS A 24 20.87 -25.62 -13.01
CA LYS A 24 21.92 -25.74 -12.01
C LYS A 24 21.72 -24.74 -10.88
N LEU A 25 20.45 -24.44 -10.60
CA LEU A 25 20.12 -23.49 -9.54
C LEU A 25 18.72 -23.76 -8.98
N LYS A 26 18.43 -23.19 -7.82
CA LYS A 26 17.13 -23.37 -7.18
C LYS A 26 16.23 -22.17 -7.42
N GLU A 27 16.42 -21.51 -8.56
CA GLU A 27 15.62 -20.34 -8.91
C GLU A 27 15.79 -19.23 -7.85
N ALA A 28 15.07 -18.13 -8.05
CA ALA A 28 15.15 -17.01 -7.12
C ALA A 28 14.14 -15.92 -7.50
N ALA A 29 13.60 -15.24 -6.49
CA ALA A 29 12.64 -14.17 -6.71
C ALA A 29 12.43 -13.34 -5.46
N GLU A 30 13.42 -12.52 -5.13
CA GLU A 30 13.34 -11.66 -3.95
C GLU A 30 13.10 -10.21 -4.34
N VAL A 31 11.86 -9.77 -4.22
CA VAL A 31 11.49 -8.40 -4.56
C VAL A 31 11.89 -7.44 -3.45
N THR A 32 12.25 -6.22 -3.84
CA THR A 32 12.65 -5.21 -2.88
C THR A 32 11.42 -4.69 -2.16
N GLY A 33 10.31 -4.65 -2.89
CA GLY A 33 9.06 -4.18 -2.34
C GLY A 33 9.17 -2.77 -1.80
N SER A 34 8.46 -1.85 -2.41
CA SER A 34 8.51 -0.46 -1.97
C SER A 34 7.18 0.25 -2.18
N VAL A 35 6.97 1.29 -1.40
CA VAL A 35 5.75 2.08 -1.47
C VAL A 35 6.01 3.43 -2.14
N SER A 36 5.18 3.74 -3.12
CA SER A 36 5.30 5.01 -3.85
C SER A 36 4.44 6.07 -3.19
N LEU A 37 5.08 7.02 -2.51
CA LEU A 37 4.36 8.08 -1.82
C LEU A 37 4.29 9.34 -2.67
N GLU A 38 3.07 9.77 -2.97
CA GLU A 38 2.84 10.97 -3.77
C GLU A 38 1.66 11.75 -3.20
N ALA A 39 1.96 12.80 -2.46
CA ALA A 39 0.91 13.63 -1.86
C ALA A 39 1.34 15.08 -1.76
N LEU A 40 0.36 15.99 -1.83
CA LEU A 40 0.65 17.42 -1.74
C LEU A 40 1.31 17.74 -0.41
N GLU A 41 1.11 16.87 0.58
CA GLU A 41 1.68 17.04 1.90
C GLU A 41 1.08 18.23 2.63
N GLU A 42 -0.14 18.61 2.24
CA GLU A 42 -0.81 19.75 2.88
C GLU A 42 -2.30 19.79 2.56
N VAL A 43 -3.12 19.90 3.60
CA VAL A 43 -4.56 19.97 3.44
C VAL A 43 -5.16 20.89 4.51
N GLN A 44 -5.62 22.07 4.09
CA GLN A 44 -6.20 23.05 5.00
C GLN A 44 -7.55 22.57 5.55
N VAL A 45 -7.69 22.52 6.88
CA VAL A 45 -8.93 22.09 7.53
C VAL A 45 -10.16 22.37 6.69
N GLY A 46 -10.98 21.34 6.55
CA GLY A 46 -12.20 21.46 5.79
C GLY A 46 -12.09 20.78 4.44
N GLU A 47 -10.87 20.63 3.95
CA GLU A 47 -10.62 19.98 2.67
C GLU A 47 -10.22 18.54 2.86
N ASN A 48 -10.11 17.79 1.76
CA ASN A 48 -9.73 16.39 1.82
C ASN A 48 -8.31 16.19 1.32
N LEU A 49 -7.76 15.00 1.57
CA LEU A 49 -6.40 14.68 1.15
C LEU A 49 -6.41 13.54 0.13
N GLU A 50 -5.35 13.44 -0.66
CA GLU A 50 -5.24 12.38 -1.65
C GLU A 50 -3.84 11.80 -1.65
N VAL A 51 -3.64 10.74 -0.88
CA VAL A 51 -2.34 10.09 -0.80
C VAL A 51 -2.40 8.71 -1.43
N GLY A 52 -2.01 8.62 -2.69
CA GLY A 52 -2.03 7.36 -3.39
C GLY A 52 -0.72 6.61 -3.26
N VAL A 53 -0.56 5.91 -2.14
CA VAL A 53 0.66 5.14 -1.91
C VAL A 53 0.63 3.83 -2.68
N GLY A 54 1.31 3.82 -3.82
CA GLY A 54 1.34 2.62 -4.65
C GLY A 54 2.68 1.90 -4.57
N ILE A 55 3.37 1.81 -5.69
CA ILE A 55 4.67 1.13 -5.74
C ILE A 55 5.78 2.05 -6.23
N ASP A 56 6.84 2.12 -5.43
CA ASP A 56 8.02 2.90 -5.79
C ASP A 56 9.10 1.97 -6.33
N GLU A 57 9.03 0.71 -5.90
CA GLU A 57 9.97 -0.32 -6.33
C GLU A 57 9.43 -1.69 -5.96
N LEU A 58 9.54 -2.62 -6.89
CA LEU A 58 9.07 -3.99 -6.69
C LEU A 58 9.55 -4.89 -7.82
N VAL A 59 10.71 -5.51 -7.63
CA VAL A 59 11.28 -6.38 -8.65
C VAL A 59 11.09 -7.86 -8.31
N ASN A 60 10.32 -8.54 -9.17
CA ASN A 60 10.03 -9.98 -9.03
C ASN A 60 8.66 -10.24 -8.43
N ALA A 61 7.75 -9.27 -8.57
CA ALA A 61 6.40 -9.42 -8.05
C ALA A 61 5.40 -8.74 -8.97
N GLU A 62 4.29 -9.43 -9.26
CA GLU A 62 3.25 -8.89 -10.13
C GLU A 62 2.04 -8.47 -9.30
N ALA A 63 2.10 -7.26 -8.75
CA ALA A 63 1.01 -6.75 -7.93
C ALA A 63 -0.28 -6.62 -8.74
N PHE A 64 -1.25 -7.46 -8.39
CA PHE A 64 -2.55 -7.45 -9.06
C PHE A 64 -3.60 -6.79 -8.19
N ALA A 65 -3.45 -6.95 -6.88
CA ALA A 65 -4.38 -6.36 -5.92
C ALA A 65 -3.62 -5.74 -4.74
N TYR A 66 -3.67 -4.41 -4.65
CA TYR A 66 -2.98 -3.70 -3.58
C TYR A 66 -3.87 -3.58 -2.34
N ASP A 67 -3.26 -3.79 -1.18
CA ASP A 67 -3.98 -3.70 0.08
C ASP A 67 -3.04 -3.21 1.18
N PHE A 68 -3.25 -1.98 1.63
CA PHE A 68 -2.40 -1.41 2.68
C PHE A 68 -3.24 -0.79 3.79
N THR A 69 -2.57 -0.41 4.87
CA THR A 69 -3.24 0.19 6.02
C THR A 69 -2.53 1.47 6.45
N LEU A 70 -3.19 2.60 6.25
CA LEU A 70 -2.62 3.89 6.61
C LEU A 70 -2.72 4.12 8.12
N ASN A 71 -1.85 4.97 8.64
CA ASN A 71 -1.83 5.28 10.07
C ASN A 71 -1.82 6.78 10.31
N TYR A 72 -2.96 7.32 10.70
CA TYR A 72 -3.07 8.76 10.95
C TYR A 72 -3.56 9.02 12.39
N ASP A 73 -3.93 10.26 12.66
CA ASP A 73 -4.41 10.63 14.00
C ASP A 73 -5.93 10.72 14.03
N GLU A 74 -6.50 10.38 15.18
CA GLU A 74 -7.96 10.42 15.34
C GLU A 74 -8.38 11.63 16.18
N ASN A 75 -7.48 12.59 16.35
CA ASN A 75 -7.77 13.79 17.12
C ASN A 75 -7.85 15.01 16.22
N ALA A 76 -7.08 14.99 15.14
CA ALA A 76 -7.05 16.09 14.19
C ALA A 76 -7.64 15.66 12.85
N PHE A 77 -7.23 14.50 12.36
CA PHE A 77 -7.71 13.98 11.09
C PHE A 77 -8.91 13.06 11.30
N GLU A 78 -9.41 12.49 10.21
CA GLU A 78 -10.55 11.60 10.28
C GLU A 78 -10.77 10.90 8.93
N TYR A 79 -10.55 9.60 8.90
CA TYR A 79 -10.72 8.81 7.68
C TYR A 79 -12.11 9.04 7.08
N VAL A 80 -12.22 8.85 5.76
CA VAL A 80 -13.48 9.03 5.06
C VAL A 80 -13.75 7.88 4.10
N GLU A 81 -13.01 7.86 2.99
CA GLU A 81 -13.18 6.80 1.99
C GLU A 81 -11.97 6.77 1.05
N ALA A 82 -11.59 5.57 0.65
CA ALA A 82 -10.46 5.40 -0.25
C ALA A 82 -10.85 5.60 -1.68
N ILE A 83 -9.85 5.94 -2.46
CA ILE A 83 -10.06 6.24 -3.84
C ILE A 83 -9.08 5.53 -4.75
N SER A 84 -9.52 5.35 -5.97
CA SER A 84 -8.73 4.69 -7.00
C SER A 84 -8.57 5.59 -8.22
N ASP A 85 -8.14 5.01 -9.34
CA ASP A 85 -7.94 5.75 -10.57
C ASP A 85 -9.17 5.62 -11.49
N ASP A 86 -8.98 5.86 -12.79
CA ASP A 86 -10.06 5.76 -13.75
C ASP A 86 -10.12 4.37 -14.39
N GLY A 87 -9.83 3.34 -13.59
CA GLY A 87 -9.85 1.99 -14.07
C GLY A 87 -9.88 0.98 -12.94
N VAL A 88 -9.09 1.23 -11.91
CA VAL A 88 -9.01 0.36 -10.75
C VAL A 88 -10.09 0.74 -9.73
N PHE A 89 -10.51 -0.24 -8.93
CA PHE A 89 -11.52 0.00 -7.92
C PHE A 89 -10.92 -0.07 -6.52
N VAL A 90 -11.04 1.03 -5.76
CA VAL A 90 -10.52 1.09 -4.41
C VAL A 90 -11.66 1.11 -3.39
N ASN A 91 -11.43 0.48 -2.24
CA ASN A 91 -12.42 0.43 -1.19
C ASN A 91 -11.76 0.09 0.15
N ALA A 92 -11.63 1.09 1.01
CA ALA A 92 -11.01 0.88 2.32
C ALA A 92 -12.05 0.67 3.40
N LYS A 93 -11.59 0.53 4.64
CA LYS A 93 -12.50 0.29 5.76
C LYS A 93 -11.87 0.67 7.09
N LYS A 94 -12.38 1.73 7.70
CA LYS A 94 -11.89 2.22 8.98
C LYS A 94 -11.88 1.11 10.01
N ILE A 95 -10.73 0.48 10.16
CA ILE A 95 -10.56 -0.59 11.12
C ILE A 95 -10.45 -0.04 12.53
N GLU A 96 -10.01 1.21 12.64
CA GLU A 96 -9.86 1.86 13.94
C GLU A 96 -9.63 3.36 13.78
N ASP A 97 -9.34 4.03 14.89
CA ASP A 97 -9.10 5.47 14.85
C ASP A 97 -7.69 5.78 14.37
N GLY A 98 -7.59 6.73 13.43
CA GLY A 98 -6.28 7.10 12.90
C GLY A 98 -5.54 5.91 12.32
N LYS A 99 -6.28 4.96 11.75
CA LYS A 99 -5.69 3.78 11.15
C LYS A 99 -6.76 2.97 10.46
N VAL A 100 -6.60 2.78 9.16
CA VAL A 100 -7.59 2.05 8.38
C VAL A 100 -6.97 1.32 7.21
N ARG A 101 -7.64 0.27 6.74
CA ARG A 101 -7.12 -0.54 5.64
C ARG A 101 -7.82 -0.24 4.32
N VAL A 102 -7.10 -0.43 3.22
CA VAL A 102 -7.65 -0.20 1.89
C VAL A 102 -7.63 -1.49 1.06
N LEU A 103 -8.67 -1.67 0.25
CA LEU A 103 -8.78 -2.85 -0.60
C LEU A 103 -9.03 -2.44 -2.05
N VAL A 104 -7.98 -2.42 -2.85
CA VAL A 104 -8.10 -2.05 -4.25
C VAL A 104 -7.99 -3.26 -5.18
N SER A 105 -8.53 -3.11 -6.39
CA SER A 105 -8.50 -4.17 -7.39
C SER A 105 -8.80 -3.58 -8.76
N SER A 106 -8.05 -4.02 -9.77
CA SER A 106 -8.22 -3.53 -11.13
C SER A 106 -9.44 -4.18 -11.79
N LEU A 107 -10.52 -3.42 -11.89
CA LEU A 107 -11.74 -3.93 -12.52
C LEU A 107 -11.55 -4.03 -14.03
N THR A 108 -10.49 -3.38 -14.53
CA THR A 108 -10.18 -3.40 -15.95
C THR A 108 -9.79 -4.79 -16.41
N GLY A 109 -9.13 -5.54 -15.52
CA GLY A 109 -8.70 -6.88 -15.86
C GLY A 109 -7.20 -7.01 -15.94
N GLU A 110 -6.52 -5.86 -16.10
CA GLU A 110 -5.06 -5.85 -16.20
C GLU A 110 -4.42 -5.72 -14.83
N PRO A 111 -3.17 -6.16 -14.68
CA PRO A 111 -2.43 -6.09 -13.40
C PRO A 111 -2.21 -4.66 -12.94
N LEU A 112 -2.32 -4.44 -11.63
CA LEU A 112 -2.12 -3.11 -11.05
C LEU A 112 -0.76 -2.54 -11.46
N PRO A 113 -0.75 -1.55 -12.36
CA PRO A 113 0.49 -0.92 -12.83
C PRO A 113 1.26 -0.27 -11.67
N ALA A 114 2.58 -0.27 -11.78
CA ALA A 114 3.42 0.32 -10.74
C ALA A 114 3.93 1.70 -11.16
N LYS A 115 4.63 2.36 -10.26
CA LYS A 115 5.17 3.68 -10.53
C LYS A 115 4.05 4.69 -10.78
N GLU A 116 2.85 4.36 -10.35
CA GLU A 116 1.69 5.23 -10.52
C GLU A 116 0.81 5.18 -9.28
N VAL A 117 -0.41 5.69 -9.39
CA VAL A 117 -1.35 5.69 -8.28
C VAL A 117 -2.09 4.37 -8.20
N LEU A 118 -1.71 3.54 -7.23
CA LEU A 118 -2.35 2.23 -7.06
C LEU A 118 -3.54 2.33 -6.12
N ALA A 119 -3.45 3.23 -5.14
CA ALA A 119 -4.55 3.40 -4.18
C ALA A 119 -4.31 4.58 -3.25
N LYS A 120 -5.32 5.43 -3.12
CA LYS A 120 -5.23 6.61 -2.26
C LYS A 120 -6.38 6.67 -1.28
N VAL A 121 -6.19 7.43 -0.20
CA VAL A 121 -7.21 7.59 0.82
C VAL A 121 -7.41 9.07 1.16
N VAL A 122 -8.65 9.43 1.51
CA VAL A 122 -8.95 10.83 1.85
C VAL A 122 -9.25 10.99 3.33
N LEU A 123 -8.29 11.53 4.06
CA LEU A 123 -8.45 11.76 5.50
C LEU A 123 -9.03 13.15 5.74
N ARG A 124 -10.29 13.20 6.14
CA ARG A 124 -10.98 14.46 6.38
C ARG A 124 -10.25 15.36 7.37
N ALA A 125 -9.74 16.48 6.85
CA ALA A 125 -9.06 17.47 7.67
C ALA A 125 -10.10 18.33 8.39
N GLU A 126 -10.77 17.74 9.38
CA GLU A 126 -11.78 18.45 10.15
C GLU A 126 -11.12 19.17 11.31
N ALA A 127 -9.82 18.95 11.44
CA ALA A 127 -9.03 19.56 12.48
C ALA A 127 -7.57 19.48 12.12
N LYS A 128 -6.95 20.63 12.08
CA LYS A 128 -5.56 20.73 11.71
C LYS A 128 -4.67 19.75 12.48
N ALA A 129 -3.68 19.20 11.77
CA ALA A 129 -2.74 18.25 12.33
C ALA A 129 -1.37 18.48 11.71
N GLU A 130 -0.81 19.67 11.95
CA GLU A 130 0.49 20.01 11.39
C GLU A 130 1.56 19.00 11.77
N GLY A 131 2.19 18.41 10.76
CA GLY A 131 3.23 17.42 11.00
C GLY A 131 2.67 16.09 11.45
N SER A 132 1.38 15.86 11.20
CA SER A 132 0.75 14.61 11.58
C SER A 132 1.28 13.45 10.74
N ASN A 133 2.53 13.06 10.99
CA ASN A 133 3.17 11.98 10.26
C ASN A 133 2.24 10.78 10.10
N LEU A 134 2.17 10.26 8.88
CA LEU A 134 1.35 9.11 8.57
C LEU A 134 2.22 7.96 8.07
N SER A 135 2.05 6.79 8.66
CA SER A 135 2.84 5.62 8.27
C SER A 135 2.01 4.61 7.50
N VAL A 136 2.43 4.32 6.28
CA VAL A 136 1.74 3.36 5.44
C VAL A 136 2.51 2.04 5.37
N THR A 137 2.13 1.11 6.24
CA THR A 137 2.80 -0.19 6.29
C THR A 137 1.87 -1.29 5.77
N ASN A 138 2.23 -2.54 6.06
CA ASN A 138 1.44 -3.71 5.62
C ASN A 138 1.02 -3.60 4.16
N SER A 139 1.69 -2.73 3.41
CA SER A 139 1.39 -2.56 2.00
C SER A 139 1.71 -3.84 1.24
N SER A 140 0.69 -4.67 1.04
CA SER A 140 0.88 -5.94 0.34
C SER A 140 0.35 -5.87 -1.09
N VAL A 141 0.67 -6.91 -1.87
CA VAL A 141 0.24 -6.99 -3.25
C VAL A 141 -0.20 -8.40 -3.61
N GLY A 142 -0.60 -8.60 -4.86
CA GLY A 142 -1.04 -9.91 -5.30
C GLY A 142 -0.26 -10.41 -6.51
N ASP A 143 0.85 -11.10 -6.27
CA ASP A 143 1.68 -11.62 -7.35
C ASP A 143 0.90 -12.63 -8.19
N GLY A 144 1.46 -12.98 -9.35
CA GLY A 144 0.80 -13.93 -10.23
C GLY A 144 0.40 -15.21 -9.54
N GLU A 145 1.38 -15.88 -8.91
CA GLU A 145 1.12 -17.14 -8.21
C GLU A 145 0.02 -16.97 -7.17
N GLY A 146 -0.19 -15.74 -6.71
CA GLY A 146 -1.21 -15.47 -5.71
C GLY A 146 -0.62 -15.11 -4.37
N LEU A 147 0.64 -15.43 -4.17
CA LEU A 147 1.33 -15.12 -2.91
C LEU A 147 1.44 -13.62 -2.70
N VAL A 148 1.86 -13.22 -1.51
CA VAL A 148 2.01 -11.81 -1.18
C VAL A 148 3.46 -11.49 -0.80
N HIS A 149 4.07 -10.58 -1.55
CA HIS A 149 5.44 -10.17 -1.29
C HIS A 149 5.48 -8.96 -0.37
N GLU A 150 5.59 -9.21 0.94
CA GLU A 150 5.64 -8.12 1.92
C GLU A 150 6.61 -7.03 1.46
N ILE A 151 6.08 -5.94 0.94
CA ILE A 151 6.90 -4.85 0.45
C ILE A 151 7.33 -3.91 1.57
N ALA A 152 8.28 -3.05 1.26
CA ALA A 152 8.82 -2.08 2.20
C ALA A 152 7.72 -1.16 2.75
N GLY A 153 8.09 0.08 3.09
CA GLY A 153 7.12 1.02 3.62
C GLY A 153 7.62 2.45 3.60
N THR A 154 6.75 3.40 3.90
CA THR A 154 7.10 4.81 3.90
C THR A 154 6.04 5.64 4.61
N GLU A 155 6.45 6.80 5.12
CA GLU A 155 5.52 7.68 5.84
C GLU A 155 5.38 9.03 5.14
N LYS A 156 4.42 9.83 5.59
CA LYS A 156 4.16 11.14 5.04
C LYS A 156 3.76 12.12 6.13
N THR A 157 3.77 13.40 5.80
CA THR A 157 3.39 14.44 6.74
C THR A 157 2.63 15.57 6.03
N VAL A 158 1.40 15.80 6.46
CA VAL A 158 0.59 16.85 5.86
C VAL A 158 0.29 17.96 6.86
N ASN A 159 0.61 19.19 6.48
CA ASN A 159 0.36 20.34 7.36
C ASN A 159 -1.00 20.93 7.10
N ILE A 160 -1.92 20.67 8.00
CA ILE A 160 -3.26 21.21 7.88
C ILE A 160 -3.26 22.64 8.37
N ILE A 161 -3.62 23.53 7.49
CA ILE A 161 -3.64 24.94 7.80
C ILE A 161 -5.06 25.44 8.02
N GLU A 162 -5.26 26.16 9.10
CA GLU A 162 -6.59 26.69 9.42
C GLU A 162 -7.11 27.58 8.31
N GLY A 163 -8.42 27.54 8.10
CA GLY A 163 -9.03 28.35 7.05
C GLY A 163 -10.32 29.01 7.51
N THR A 164 -11.21 28.22 8.08
CA THR A 164 -12.49 28.73 8.57
C THR A 164 -12.40 29.12 10.04
N SER A 165 -13.49 28.87 10.77
CA SER A 165 -13.54 29.19 12.20
C SER A 165 -14.02 27.98 13.00
N MET A 1 -15.09 -47.84 6.82
CA MET A 1 -14.77 -47.45 8.21
C MET A 1 -14.00 -46.12 8.25
N GLY A 2 -12.79 -46.14 7.70
CA GLY A 2 -11.97 -44.94 7.69
C GLY A 2 -10.52 -45.22 8.00
N SER A 3 -9.82 -45.83 7.05
CA SER A 3 -8.41 -46.16 7.22
C SER A 3 -7.52 -45.22 6.41
N SER A 4 -7.10 -44.12 7.02
CA SER A 4 -6.25 -43.15 6.35
C SER A 4 -5.10 -42.72 7.25
N HIS A 5 -3.96 -43.40 7.11
CA HIS A 5 -2.78 -43.10 7.90
C HIS A 5 -1.54 -43.76 7.31
N HIS A 6 -0.75 -42.97 6.60
CA HIS A 6 0.47 -43.48 5.97
C HIS A 6 1.71 -42.97 6.71
N HIS A 7 2.88 -43.34 6.20
CA HIS A 7 4.14 -42.92 6.81
C HIS A 7 4.25 -43.44 8.24
N HIS A 8 5.34 -43.10 8.91
CA HIS A 8 5.57 -43.52 10.28
C HIS A 8 4.46 -43.00 11.20
N HIS A 9 4.41 -41.68 11.36
CA HIS A 9 3.41 -41.05 12.21
C HIS A 9 3.28 -39.56 11.90
N HIS A 10 2.06 -39.04 12.06
CA HIS A 10 1.81 -37.63 11.78
C HIS A 10 1.00 -36.99 12.92
N SER A 11 1.27 -37.44 14.15
CA SER A 11 0.57 -36.91 15.31
C SER A 11 1.47 -35.97 16.10
N SER A 12 2.30 -35.22 15.39
CA SER A 12 3.20 -34.27 16.03
C SER A 12 3.51 -33.09 15.10
N GLY A 13 3.64 -31.90 15.67
CA GLY A 13 3.94 -30.73 14.88
C GLY A 13 4.52 -29.60 15.70
N LEU A 14 3.70 -29.02 16.58
CA LEU A 14 4.13 -27.93 17.44
C LEU A 14 5.22 -28.39 18.40
N VAL A 15 5.16 -29.66 18.79
CA VAL A 15 6.15 -30.23 19.71
C VAL A 15 7.34 -30.81 18.94
N PRO A 16 8.53 -30.79 19.57
CA PRO A 16 9.77 -31.31 18.96
C PRO A 16 9.52 -32.49 18.02
N ARG A 17 10.26 -32.52 16.92
CA ARG A 17 10.14 -33.59 15.94
C ARG A 17 11.15 -33.43 14.82
N GLY A 18 11.34 -32.19 14.38
CA GLY A 18 12.29 -31.93 13.31
C GLY A 18 12.22 -30.50 12.83
N SER A 19 13.38 -29.84 12.77
CA SER A 19 13.45 -28.45 12.31
C SER A 19 13.21 -28.36 10.82
N HIS A 20 14.13 -28.91 10.04
CA HIS A 20 14.02 -28.89 8.58
C HIS A 20 13.87 -30.30 8.02
N MET A 21 12.86 -30.49 7.17
CA MET A 21 12.61 -31.80 6.57
C MET A 21 13.41 -31.96 5.28
N ALA A 22 13.53 -30.87 4.52
CA ALA A 22 14.26 -30.90 3.26
C ALA A 22 15.59 -30.16 3.39
N SER A 23 16.38 -30.18 2.32
CA SER A 23 17.67 -29.51 2.31
C SER A 23 18.11 -29.19 0.89
N LYS A 24 17.15 -28.85 0.04
CA LYS A 24 17.43 -28.52 -1.35
C LYS A 24 16.71 -27.25 -1.77
N LEU A 25 17.46 -26.29 -2.30
CA LEU A 25 16.89 -25.02 -2.74
C LEU A 25 16.92 -24.91 -4.26
N LYS A 26 15.90 -24.26 -4.81
CA LYS A 26 15.82 -24.08 -6.26
C LYS A 26 15.81 -22.59 -6.62
N GLU A 27 16.98 -21.98 -6.59
CA GLU A 27 17.11 -20.57 -6.92
C GLU A 27 16.28 -19.71 -5.97
N ALA A 28 16.53 -18.40 -6.00
CA ALA A 28 15.80 -17.47 -5.14
C ALA A 28 15.12 -16.39 -5.97
N ALA A 29 14.40 -15.50 -5.29
CA ALA A 29 13.70 -14.41 -5.96
C ALA A 29 13.05 -13.46 -4.96
N GLU A 30 13.88 -12.62 -4.35
CA GLU A 30 13.40 -11.66 -3.36
C GLU A 30 13.21 -10.28 -3.99
N VAL A 31 11.98 -9.79 -3.97
CA VAL A 31 11.67 -8.48 -4.53
C VAL A 31 12.17 -7.37 -3.62
N THR A 32 12.54 -6.23 -4.22
CA THR A 32 13.03 -5.10 -3.46
C THR A 32 11.92 -4.56 -2.58
N GLY A 33 10.70 -4.61 -3.12
CA GLY A 33 9.56 -4.15 -2.40
C GLY A 33 9.68 -2.70 -1.99
N SER A 34 8.89 -1.84 -2.62
CA SER A 34 8.91 -0.41 -2.31
C SER A 34 7.61 0.26 -2.66
N VAL A 35 7.23 1.22 -1.82
CA VAL A 35 6.01 1.95 -2.00
C VAL A 35 6.25 3.33 -2.58
N SER A 36 5.34 3.75 -3.42
CA SER A 36 5.40 5.07 -4.05
C SER A 36 4.48 6.03 -3.32
N LEU A 37 5.06 6.94 -2.55
CA LEU A 37 4.28 7.91 -1.80
C LEU A 37 4.30 9.28 -2.44
N GLU A 38 3.13 9.78 -2.82
CA GLU A 38 2.99 11.08 -3.45
C GLU A 38 1.78 11.83 -2.90
N ALA A 39 2.03 12.76 -2.00
CA ALA A 39 0.95 13.53 -1.40
C ALA A 39 1.28 15.02 -1.35
N LEU A 40 0.25 15.86 -1.39
CA LEU A 40 0.44 17.31 -1.35
C LEU A 40 1.16 17.71 -0.07
N GLU A 41 0.99 16.90 0.98
CA GLU A 41 1.62 17.15 2.27
C GLU A 41 1.05 18.40 2.93
N GLU A 42 -0.17 18.78 2.56
CA GLU A 42 -0.79 19.96 3.14
C GLU A 42 -2.30 20.01 2.85
N VAL A 43 -3.09 20.09 3.92
CA VAL A 43 -4.54 20.16 3.78
C VAL A 43 -5.13 21.06 4.87
N GLN A 44 -5.60 22.24 4.46
CA GLN A 44 -6.18 23.20 5.39
C GLN A 44 -7.54 22.72 5.90
N VAL A 45 -7.72 22.69 7.23
CA VAL A 45 -8.96 22.27 7.84
C VAL A 45 -10.18 22.54 6.96
N GLY A 46 -10.99 21.51 6.81
CA GLY A 46 -12.19 21.63 6.02
C GLY A 46 -12.02 21.03 4.64
N GLU A 47 -10.78 20.89 4.20
CA GLU A 47 -10.48 20.32 2.89
C GLU A 47 -10.12 18.84 3.02
N ASN A 48 -9.98 18.17 1.88
CA ASN A 48 -9.64 16.74 1.87
C ASN A 48 -8.24 16.53 1.29
N LEU A 49 -7.73 15.31 1.47
CA LEU A 49 -6.40 14.95 0.97
C LEU A 49 -6.46 13.65 0.18
N GLU A 50 -5.52 13.49 -0.76
CA GLU A 50 -5.47 12.29 -1.58
C GLU A 50 -4.04 11.78 -1.71
N VAL A 51 -3.67 10.85 -0.82
CA VAL A 51 -2.33 10.28 -0.84
C VAL A 51 -2.36 8.87 -1.42
N GLY A 52 -2.03 8.76 -2.70
CA GLY A 52 -2.04 7.47 -3.36
C GLY A 52 -0.71 6.75 -3.25
N VAL A 53 -0.53 5.99 -2.16
CA VAL A 53 0.69 5.25 -1.96
C VAL A 53 0.70 3.97 -2.79
N GLY A 54 1.29 4.03 -3.98
CA GLY A 54 1.34 2.88 -4.85
C GLY A 54 2.65 2.13 -4.74
N ILE A 55 3.27 1.87 -5.89
CA ILE A 55 4.54 1.15 -5.92
C ILE A 55 5.70 2.03 -6.40
N ASP A 56 6.77 2.04 -5.63
CA ASP A 56 7.96 2.80 -5.98
C ASP A 56 8.97 1.86 -6.63
N GLU A 57 8.91 0.60 -6.22
CA GLU A 57 9.77 -0.44 -6.75
C GLU A 57 9.28 -1.81 -6.32
N LEU A 58 9.23 -2.73 -7.26
CA LEU A 58 8.78 -4.09 -7.00
C LEU A 58 9.25 -5.04 -8.08
N VAL A 59 10.42 -5.64 -7.87
CA VAL A 59 11.00 -6.55 -8.85
C VAL A 59 11.09 -7.97 -8.31
N ASN A 60 10.53 -8.92 -9.06
CA ASN A 60 10.54 -10.35 -8.72
C ASN A 60 9.18 -10.82 -8.20
N ALA A 61 8.16 -10.01 -8.44
CA ALA A 61 6.79 -10.35 -8.02
C ALA A 61 5.79 -9.90 -9.08
N GLU A 62 4.52 -10.23 -8.86
CA GLU A 62 3.47 -9.85 -9.81
C GLU A 62 2.32 -9.18 -9.09
N ALA A 63 2.46 -7.88 -8.85
CA ALA A 63 1.42 -7.11 -8.17
C ALA A 63 0.12 -7.12 -8.96
N PHE A 64 -0.94 -7.62 -8.33
CA PHE A 64 -2.26 -7.68 -8.97
C PHE A 64 -3.29 -6.90 -8.17
N ALA A 65 -3.24 -7.06 -6.85
CA ALA A 65 -4.17 -6.37 -5.96
C ALA A 65 -3.42 -5.77 -4.77
N TYR A 66 -3.48 -4.45 -4.64
CA TYR A 66 -2.83 -3.75 -3.55
C TYR A 66 -3.72 -3.71 -2.32
N ASP A 67 -3.12 -3.93 -1.16
CA ASP A 67 -3.86 -3.91 0.09
C ASP A 67 -2.98 -3.42 1.23
N PHE A 68 -3.26 -2.21 1.72
CA PHE A 68 -2.47 -1.64 2.80
C PHE A 68 -3.36 -0.92 3.82
N THR A 69 -2.77 -0.52 4.94
CA THR A 69 -3.50 0.17 5.99
C THR A 69 -2.85 1.51 6.31
N LEU A 70 -3.58 2.59 6.06
CA LEU A 70 -3.06 3.94 6.33
C LEU A 70 -3.38 4.36 7.75
N ASN A 71 -2.34 4.47 8.59
CA ASN A 71 -2.52 4.86 9.98
C ASN A 71 -2.29 6.35 10.16
N TYR A 72 -3.38 7.09 10.32
CA TYR A 72 -3.32 8.53 10.51
C TYR A 72 -3.64 8.90 11.96
N ASP A 73 -3.86 10.19 12.21
CA ASP A 73 -4.18 10.67 13.55
C ASP A 73 -5.65 11.05 13.66
N GLU A 74 -6.43 10.20 14.31
CA GLU A 74 -7.86 10.46 14.47
C GLU A 74 -8.11 11.66 15.38
N ASN A 75 -7.15 11.93 16.27
CA ASN A 75 -7.27 13.04 17.20
C ASN A 75 -7.46 14.36 16.46
N ALA A 76 -6.92 14.44 15.25
CA ALA A 76 -7.04 15.65 14.44
C ALA A 76 -7.65 15.35 13.08
N PHE A 77 -7.26 14.24 12.48
CA PHE A 77 -7.77 13.84 11.17
C PHE A 77 -8.98 12.92 11.32
N GLU A 78 -9.49 12.44 10.20
CA GLU A 78 -10.65 11.54 10.20
C GLU A 78 -10.81 10.88 8.84
N TYR A 79 -10.78 9.54 8.84
CA TYR A 79 -10.92 8.77 7.61
C TYR A 79 -12.22 9.14 6.88
N VAL A 80 -12.19 9.01 5.56
CA VAL A 80 -13.37 9.32 4.75
C VAL A 80 -13.63 8.21 3.74
N GLU A 81 -12.78 8.11 2.73
CA GLU A 81 -12.92 7.09 1.70
C GLU A 81 -11.72 7.09 0.76
N ALA A 82 -11.29 5.90 0.37
CA ALA A 82 -10.16 5.76 -0.53
C ALA A 82 -10.56 5.94 -1.96
N ILE A 83 -9.60 6.45 -2.70
CA ILE A 83 -9.83 6.77 -4.09
C ILE A 83 -8.97 5.92 -5.02
N SER A 84 -9.49 5.76 -6.22
CA SER A 84 -8.82 4.97 -7.26
C SER A 84 -8.53 5.84 -8.49
N ASP A 85 -8.17 5.18 -9.58
CA ASP A 85 -7.88 5.87 -10.84
C ASP A 85 -9.08 5.80 -11.79
N ASP A 86 -8.82 5.98 -13.08
CA ASP A 86 -9.89 5.92 -14.08
C ASP A 86 -9.99 4.54 -14.71
N GLY A 87 -9.77 3.51 -13.90
CA GLY A 87 -9.84 2.14 -14.39
C GLY A 87 -9.97 1.13 -13.28
N VAL A 88 -9.17 1.28 -12.23
CA VAL A 88 -9.20 0.36 -11.10
C VAL A 88 -10.25 0.78 -10.08
N PHE A 89 -10.46 -0.04 -9.07
CA PHE A 89 -11.44 0.25 -8.02
C PHE A 89 -10.78 0.25 -6.65
N VAL A 90 -10.95 1.36 -5.94
CA VAL A 90 -10.38 1.51 -4.60
C VAL A 90 -11.48 1.65 -3.56
N ASN A 91 -11.34 0.95 -2.45
CA ASN A 91 -12.32 1.00 -1.38
C ASN A 91 -11.66 0.79 -0.02
N ALA A 92 -11.73 1.82 0.83
CA ALA A 92 -11.12 1.74 2.16
C ALA A 92 -12.17 1.37 3.21
N LYS A 93 -11.72 0.75 4.29
CA LYS A 93 -12.63 0.34 5.35
C LYS A 93 -12.11 0.72 6.72
N LYS A 94 -12.73 1.73 7.32
CA LYS A 94 -12.36 2.21 8.65
C LYS A 94 -12.37 1.07 9.66
N ILE A 95 -11.20 0.49 9.88
CA ILE A 95 -11.07 -0.61 10.82
C ILE A 95 -10.87 -0.08 12.24
N GLU A 96 -10.33 1.13 12.34
CA GLU A 96 -10.09 1.76 13.64
C GLU A 96 -9.79 3.25 13.47
N ASP A 97 -9.60 3.93 14.60
CA ASP A 97 -9.30 5.36 14.58
C ASP A 97 -7.88 5.62 14.08
N GLY A 98 -7.75 6.52 13.13
CA GLY A 98 -6.44 6.84 12.57
C GLY A 98 -5.76 5.62 11.99
N LYS A 99 -6.55 4.72 11.42
CA LYS A 99 -6.00 3.51 10.81
C LYS A 99 -7.12 2.75 10.12
N VAL A 100 -6.98 2.58 8.81
CA VAL A 100 -8.00 1.91 8.05
C VAL A 100 -7.41 1.18 6.84
N ARG A 101 -8.11 0.14 6.38
CA ARG A 101 -7.64 -0.66 5.26
C ARG A 101 -8.13 -0.11 3.92
N VAL A 102 -7.36 -0.36 2.87
CA VAL A 102 -7.70 0.09 1.53
C VAL A 102 -7.65 -1.07 0.53
N LEU A 103 -8.80 -1.67 0.27
CA LEU A 103 -8.89 -2.79 -0.66
C LEU A 103 -9.06 -2.30 -2.10
N VAL A 104 -7.97 -2.36 -2.86
CA VAL A 104 -8.00 -1.93 -4.26
C VAL A 104 -7.92 -3.11 -5.21
N SER A 105 -8.48 -2.94 -6.40
CA SER A 105 -8.46 -3.98 -7.42
C SER A 105 -8.80 -3.40 -8.79
N SER A 106 -8.09 -3.85 -9.81
CA SER A 106 -8.30 -3.36 -11.16
C SER A 106 -9.56 -3.98 -11.78
N LEU A 107 -10.63 -3.18 -11.85
CA LEU A 107 -11.88 -3.64 -12.43
C LEU A 107 -11.75 -3.80 -13.95
N THR A 108 -10.68 -3.24 -14.50
CA THR A 108 -10.44 -3.31 -15.94
C THR A 108 -10.18 -4.76 -16.38
N GLY A 109 -9.65 -5.56 -15.47
CA GLY A 109 -9.36 -6.94 -15.77
C GLY A 109 -7.87 -7.23 -15.73
N GLU A 110 -7.06 -6.18 -15.91
CA GLU A 110 -5.61 -6.32 -15.88
C GLU A 110 -5.08 -6.12 -14.47
N PRO A 111 -3.89 -6.69 -14.16
CA PRO A 111 -3.28 -6.57 -12.84
C PRO A 111 -2.89 -5.13 -12.51
N LEU A 112 -2.84 -4.81 -11.22
CA LEU A 112 -2.47 -3.48 -10.77
C LEU A 112 -1.14 -3.05 -11.39
N PRO A 113 -1.08 -1.81 -11.93
CA PRO A 113 0.13 -1.29 -12.55
C PRO A 113 1.03 -0.58 -11.55
N ALA A 114 2.33 -0.69 -11.73
CA ALA A 114 3.29 -0.05 -10.84
C ALA A 114 3.72 1.30 -11.38
N LYS A 115 4.44 2.05 -10.55
CA LYS A 115 4.92 3.37 -10.94
C LYS A 115 3.75 4.31 -11.19
N GLU A 116 2.68 4.12 -10.43
CA GLU A 116 1.48 4.96 -10.55
C GLU A 116 0.60 4.80 -9.33
N VAL A 117 -0.27 5.78 -9.08
CA VAL A 117 -1.17 5.75 -7.95
C VAL A 117 -1.99 4.46 -7.92
N LEU A 118 -1.61 3.57 -7.00
CA LEU A 118 -2.30 2.28 -6.87
C LEU A 118 -3.54 2.41 -5.99
N ALA A 119 -3.46 3.29 -5.01
CA ALA A 119 -4.59 3.50 -4.09
C ALA A 119 -4.33 4.67 -3.15
N LYS A 120 -5.34 5.52 -2.98
CA LYS A 120 -5.22 6.68 -2.11
C LYS A 120 -6.34 6.73 -1.07
N VAL A 121 -6.03 7.31 0.09
CA VAL A 121 -7.00 7.44 1.16
C VAL A 121 -7.32 8.93 1.38
N VAL A 122 -8.50 9.21 1.91
CA VAL A 122 -8.90 10.60 2.13
C VAL A 122 -9.17 10.89 3.60
N LEU A 123 -8.16 11.42 4.30
CA LEU A 123 -8.32 11.78 5.70
C LEU A 123 -8.84 13.20 5.81
N ARG A 124 -10.10 13.34 6.19
CA ARG A 124 -10.74 14.65 6.30
C ARG A 124 -10.10 15.53 7.37
N ALA A 125 -9.55 16.66 6.94
CA ALA A 125 -8.94 17.63 7.84
C ALA A 125 -10.02 18.43 8.54
N GLU A 126 -10.72 17.79 9.47
CA GLU A 126 -11.78 18.45 10.21
C GLU A 126 -11.20 19.12 11.44
N ALA A 127 -9.91 18.93 11.61
CA ALA A 127 -9.18 19.52 12.70
C ALA A 127 -7.70 19.49 12.41
N LYS A 128 -7.11 20.66 12.43
CA LYS A 128 -5.70 20.83 12.13
C LYS A 128 -4.82 19.82 12.89
N ALA A 129 -3.84 19.29 12.18
CA ALA A 129 -2.89 18.32 12.73
C ALA A 129 -1.51 18.56 12.12
N GLU A 130 -0.96 19.75 12.37
CA GLU A 130 0.35 20.11 11.83
C GLU A 130 1.42 19.09 12.23
N GLY A 131 1.97 18.42 11.22
CA GLY A 131 3.00 17.43 11.46
C GLY A 131 2.43 16.06 11.81
N SER A 132 1.17 15.84 11.45
CA SER A 132 0.51 14.56 11.71
C SER A 132 1.09 13.47 10.81
N ASN A 133 2.36 13.16 11.03
CA ASN A 133 3.05 12.15 10.24
C ASN A 133 2.19 10.92 9.99
N LEU A 134 2.13 10.52 8.72
CA LEU A 134 1.36 9.34 8.32
C LEU A 134 2.32 8.25 7.86
N SER A 135 1.93 7.00 8.04
CA SER A 135 2.77 5.89 7.65
C SER A 135 1.97 4.75 7.04
N VAL A 136 2.30 4.41 5.80
CA VAL A 136 1.62 3.32 5.09
C VAL A 136 2.44 2.04 5.15
N THR A 137 2.13 1.20 6.12
CA THR A 137 2.84 -0.07 6.28
C THR A 137 2.03 -1.23 5.69
N ASN A 138 2.43 -2.45 6.03
CA ASN A 138 1.76 -3.66 5.55
C ASN A 138 1.43 -3.58 4.06
N SER A 139 2.12 -2.69 3.35
CA SER A 139 1.91 -2.53 1.92
C SER A 139 2.28 -3.81 1.18
N SER A 140 1.30 -4.71 1.06
CA SER A 140 1.52 -5.99 0.39
C SER A 140 0.85 -6.02 -0.98
N VAL A 141 1.28 -6.96 -1.82
CA VAL A 141 0.74 -7.11 -3.16
C VAL A 141 0.35 -8.56 -3.43
N GLY A 142 -0.89 -8.76 -3.89
CA GLY A 142 -1.36 -10.11 -4.18
C GLY A 142 -0.74 -10.69 -5.43
N ASP A 143 0.45 -11.26 -5.29
CA ASP A 143 1.15 -11.86 -6.42
C ASP A 143 0.31 -12.95 -7.06
N GLY A 144 0.34 -13.01 -8.38
CA GLY A 144 -0.43 -14.02 -9.11
C GLY A 144 -0.07 -15.43 -8.71
N GLU A 145 1.20 -15.65 -8.39
CA GLU A 145 1.67 -16.97 -7.99
C GLU A 145 0.92 -17.48 -6.77
N GLY A 146 0.48 -16.55 -5.92
CA GLY A 146 -0.25 -16.92 -4.72
C GLY A 146 0.47 -16.51 -3.44
N LEU A 147 1.72 -16.08 -3.59
CA LEU A 147 2.51 -15.66 -2.44
C LEU A 147 2.79 -14.16 -2.49
N VAL A 148 2.25 -13.43 -1.51
CA VAL A 148 2.43 -11.99 -1.46
C VAL A 148 3.86 -11.63 -1.02
N HIS A 149 4.40 -10.58 -1.63
CA HIS A 149 5.75 -10.14 -1.31
C HIS A 149 5.73 -8.88 -0.45
N GLU A 150 5.89 -9.04 0.85
CA GLU A 150 5.90 -7.91 1.77
C GLU A 150 6.88 -6.84 1.28
N ILE A 151 6.34 -5.78 0.69
CA ILE A 151 7.17 -4.71 0.15
C ILE A 151 7.55 -3.70 1.23
N ALA A 152 8.25 -2.66 0.80
CA ALA A 152 8.71 -1.61 1.69
C ALA A 152 7.57 -0.67 2.09
N GLY A 153 7.93 0.51 2.58
CA GLY A 153 6.92 1.48 2.99
C GLY A 153 7.46 2.90 2.98
N THR A 154 6.58 3.87 3.19
CA THR A 154 6.98 5.27 3.21
C THR A 154 6.03 6.10 4.07
N GLU A 155 6.56 7.12 4.72
CA GLU A 155 5.75 7.98 5.59
C GLU A 155 5.60 9.38 4.98
N LYS A 156 4.60 10.12 5.47
CA LYS A 156 4.33 11.47 4.99
C LYS A 156 3.95 12.38 6.15
N THR A 157 3.91 13.67 5.86
CA THR A 157 3.56 14.67 6.86
C THR A 157 2.71 15.78 6.24
N VAL A 158 1.48 15.90 6.71
CA VAL A 158 0.57 16.92 6.20
C VAL A 158 0.30 18.00 7.24
N ASN A 159 0.53 19.25 6.87
CA ASN A 159 0.31 20.36 7.78
C ASN A 159 -1.04 21.00 7.53
N ILE A 160 -1.98 20.74 8.42
CA ILE A 160 -3.29 21.33 8.30
C ILE A 160 -3.26 22.74 8.82
N ILE A 161 -3.64 23.66 7.97
CA ILE A 161 -3.62 25.06 8.31
C ILE A 161 -5.03 25.58 8.53
N GLU A 162 -5.23 26.30 9.62
CA GLU A 162 -6.55 26.83 9.94
C GLU A 162 -7.07 27.73 8.83
N GLY A 163 -8.38 27.69 8.62
CA GLY A 163 -8.99 28.50 7.57
C GLY A 163 -9.58 29.79 8.13
N THR A 164 -10.77 30.16 7.63
CA THR A 164 -11.43 31.37 8.07
C THR A 164 -12.00 31.21 9.48
N SER A 165 -12.64 32.25 9.98
CA SER A 165 -13.22 32.21 11.32
C SER A 165 -14.60 31.55 11.30
N MET A 1 13.81 -56.64 9.92
CA MET A 1 12.68 -56.25 9.06
C MET A 1 13.15 -55.43 7.86
N GLY A 2 13.30 -56.10 6.72
CA GLY A 2 13.75 -55.42 5.52
C GLY A 2 13.18 -56.03 4.26
N SER A 3 14.06 -56.49 3.36
CA SER A 3 13.63 -57.09 2.11
C SER A 3 12.81 -56.10 1.27
N SER A 4 13.19 -54.84 1.33
CA SER A 4 12.50 -53.80 0.59
C SER A 4 13.49 -52.85 -0.08
N HIS A 5 12.96 -51.87 -0.81
CA HIS A 5 13.81 -50.90 -1.50
C HIS A 5 13.01 -49.64 -1.84
N HIS A 6 13.52 -48.49 -1.39
CA HIS A 6 12.86 -47.22 -1.66
C HIS A 6 13.76 -46.29 -2.47
N HIS A 7 14.59 -46.88 -3.32
CA HIS A 7 15.51 -46.12 -4.16
C HIS A 7 14.78 -45.52 -5.36
N HIS A 8 14.05 -46.38 -6.08
CA HIS A 8 13.31 -45.95 -7.25
C HIS A 8 12.20 -44.98 -6.88
N HIS A 9 11.65 -45.14 -5.67
CA HIS A 9 10.59 -44.28 -5.18
C HIS A 9 9.36 -44.38 -6.07
N HIS A 10 8.19 -44.12 -5.49
CA HIS A 10 6.93 -44.18 -6.23
C HIS A 10 6.08 -42.96 -5.97
N SER A 11 5.04 -42.77 -6.78
CA SER A 11 4.15 -41.63 -6.62
C SER A 11 2.82 -42.06 -6.00
N SER A 12 2.88 -43.07 -5.13
CA SER A 12 1.69 -43.56 -4.47
C SER A 12 1.35 -42.71 -3.25
N GLY A 13 0.08 -42.35 -3.12
CA GLY A 13 -0.36 -41.54 -2.01
C GLY A 13 -1.72 -40.92 -2.24
N LEU A 14 -1.75 -39.61 -2.46
CA LEU A 14 -3.00 -38.89 -2.70
C LEU A 14 -3.93 -39.02 -1.50
N VAL A 15 -3.92 -38.02 -0.64
CA VAL A 15 -4.76 -38.02 0.55
C VAL A 15 -5.53 -36.69 0.70
N PRO A 16 -6.70 -36.73 1.35
CA PRO A 16 -7.54 -35.56 1.55
C PRO A 16 -6.75 -34.26 1.71
N ARG A 17 -5.79 -34.26 2.62
CA ARG A 17 -4.95 -33.09 2.87
C ARG A 17 -3.78 -33.43 3.78
N GLY A 18 -2.57 -33.30 3.25
CA GLY A 18 -1.39 -33.60 4.03
C GLY A 18 -0.29 -32.58 3.84
N SER A 19 0.85 -32.80 4.49
CA SER A 19 1.98 -31.89 4.38
C SER A 19 2.63 -31.98 3.01
N HIS A 20 2.82 -30.82 2.37
CA HIS A 20 3.43 -30.78 1.04
C HIS A 20 4.84 -31.35 1.07
N MET A 21 5.32 -31.79 -0.09
CA MET A 21 6.65 -32.37 -0.19
C MET A 21 7.41 -31.77 -1.38
N ALA A 22 7.96 -30.57 -1.17
CA ALA A 22 8.71 -29.89 -2.21
C ALA A 22 10.20 -29.88 -1.90
N SER A 23 11.00 -30.43 -2.82
CA SER A 23 12.44 -30.48 -2.65
C SER A 23 13.12 -29.34 -3.37
N LYS A 24 13.18 -28.17 -2.71
CA LYS A 24 13.80 -26.99 -3.30
C LYS A 24 14.42 -26.11 -2.21
N LEU A 25 15.45 -25.37 -2.58
CA LEU A 25 16.13 -24.48 -1.64
C LEU A 25 16.85 -23.36 -2.38
N LYS A 26 16.91 -22.19 -1.75
CA LYS A 26 17.58 -21.04 -2.34
C LYS A 26 16.92 -20.65 -3.66
N GLU A 27 15.85 -19.87 -3.57
CA GLU A 27 15.12 -19.42 -4.77
C GLU A 27 15.87 -18.29 -5.47
N ALA A 28 15.44 -17.97 -6.67
CA ALA A 28 16.07 -16.91 -7.45
C ALA A 28 15.02 -15.93 -7.98
N ALA A 29 14.33 -15.25 -7.08
CA ALA A 29 13.31 -14.28 -7.46
C ALA A 29 12.75 -13.57 -6.23
N GLU A 30 13.51 -12.61 -5.71
CA GLU A 30 13.09 -11.85 -4.54
C GLU A 30 12.83 -10.39 -4.91
N VAL A 31 11.55 -10.00 -4.84
CA VAL A 31 11.17 -8.63 -5.16
C VAL A 31 11.85 -7.64 -4.23
N THR A 32 12.08 -6.43 -4.72
CA THR A 32 12.70 -5.39 -3.92
C THR A 32 11.70 -4.86 -2.92
N GLY A 33 10.50 -4.58 -3.40
CA GLY A 33 9.45 -4.10 -2.56
C GLY A 33 9.61 -2.64 -2.20
N SER A 34 8.72 -1.81 -2.70
CA SER A 34 8.76 -0.39 -2.41
C SER A 34 7.42 0.27 -2.67
N VAL A 35 7.05 1.18 -1.76
CA VAL A 35 5.80 1.89 -1.86
C VAL A 35 5.98 3.26 -2.47
N SER A 36 5.04 3.64 -3.28
CA SER A 36 5.05 4.95 -3.94
C SER A 36 4.17 5.92 -3.17
N LEU A 37 4.79 6.84 -2.44
CA LEU A 37 4.06 7.81 -1.65
C LEU A 37 4.12 9.20 -2.28
N GLU A 38 2.99 9.62 -2.86
CA GLU A 38 2.89 10.93 -3.50
C GLU A 38 1.77 11.74 -2.86
N ALA A 39 2.14 12.88 -2.27
CA ALA A 39 1.16 13.74 -1.62
C ALA A 39 1.63 15.19 -1.58
N LEU A 40 0.68 16.11 -1.52
CA LEU A 40 1.00 17.53 -1.47
C LEU A 40 1.73 17.87 -0.17
N GLU A 41 1.46 17.08 0.87
CA GLU A 41 2.09 17.27 2.17
C GLU A 41 1.52 18.48 2.89
N GLU A 42 0.31 18.88 2.52
CA GLU A 42 -0.32 20.04 3.15
C GLU A 42 -1.82 20.10 2.86
N VAL A 43 -2.61 20.23 3.93
CA VAL A 43 -4.06 20.31 3.81
C VAL A 43 -4.57 21.47 4.67
N GLN A 44 -5.84 21.84 4.50
CA GLN A 44 -6.43 22.93 5.25
C GLN A 44 -7.77 22.51 5.85
N VAL A 45 -7.89 22.52 7.19
CA VAL A 45 -9.11 22.12 7.87
C VAL A 45 -10.35 22.38 7.02
N GLY A 46 -11.18 21.36 6.92
CA GLY A 46 -12.38 21.44 6.15
C GLY A 46 -12.19 20.85 4.76
N GLU A 47 -10.94 20.59 4.39
CA GLU A 47 -10.61 20.01 3.10
C GLU A 47 -10.32 18.51 3.24
N ASN A 48 -10.14 17.85 2.11
CA ASN A 48 -9.86 16.41 2.12
C ASN A 48 -8.50 16.12 1.49
N LEU A 49 -7.70 15.31 2.18
CA LEU A 49 -6.36 14.95 1.69
C LEU A 49 -6.44 13.73 0.78
N GLU A 50 -5.46 13.59 -0.10
CA GLU A 50 -5.42 12.48 -1.04
C GLU A 50 -4.01 11.90 -1.13
N VAL A 51 -3.73 10.89 -0.32
CA VAL A 51 -2.42 10.26 -0.32
C VAL A 51 -2.46 8.90 -1.02
N GLY A 52 -2.07 8.89 -2.28
CA GLY A 52 -2.08 7.66 -3.05
C GLY A 52 -0.80 6.85 -2.91
N VAL A 53 -0.74 6.03 -1.86
CA VAL A 53 0.44 5.20 -1.63
C VAL A 53 0.39 3.95 -2.49
N GLY A 54 1.04 4.00 -3.65
CA GLY A 54 1.05 2.86 -4.55
C GLY A 54 2.33 2.05 -4.47
N ILE A 55 2.95 1.82 -5.63
CA ILE A 55 4.20 1.05 -5.68
C ILE A 55 5.37 1.91 -6.16
N ASP A 56 6.47 1.85 -5.42
CA ASP A 56 7.67 2.58 -5.78
C ASP A 56 8.57 1.67 -6.60
N GLU A 57 8.63 0.39 -6.21
CA GLU A 57 9.43 -0.58 -6.91
C GLU A 57 9.21 -1.99 -6.38
N LEU A 58 9.01 -2.91 -7.31
CA LEU A 58 8.81 -4.32 -7.01
C LEU A 58 9.18 -5.16 -8.23
N VAL A 59 10.24 -5.96 -8.12
CA VAL A 59 10.68 -6.79 -9.23
C VAL A 59 10.87 -8.24 -8.84
N ASN A 60 9.85 -9.05 -9.18
CA ASN A 60 9.82 -10.50 -8.92
C ASN A 60 8.43 -10.96 -8.47
N ALA A 61 7.39 -10.22 -8.84
CA ALA A 61 6.03 -10.58 -8.47
C ALA A 61 5.01 -9.77 -9.27
N GLU A 62 3.87 -10.40 -9.55
CA GLU A 62 2.81 -9.74 -10.30
C GLU A 62 1.65 -9.32 -9.39
N ALA A 63 1.78 -8.15 -8.79
CA ALA A 63 0.76 -7.64 -7.89
C ALA A 63 -0.57 -7.43 -8.60
N PHE A 64 -1.56 -8.23 -8.24
CA PHE A 64 -2.89 -8.13 -8.83
C PHE A 64 -3.81 -7.34 -7.91
N ALA A 65 -3.59 -7.49 -6.61
CA ALA A 65 -4.39 -6.79 -5.60
C ALA A 65 -3.49 -6.19 -4.54
N TYR A 66 -3.45 -4.87 -4.49
CA TYR A 66 -2.61 -4.17 -3.52
C TYR A 66 -3.46 -3.63 -2.37
N ASP A 67 -3.03 -3.89 -1.15
CA ASP A 67 -3.75 -3.43 0.04
C ASP A 67 -2.79 -2.85 1.07
N PHE A 68 -2.97 -1.57 1.38
CA PHE A 68 -2.11 -0.90 2.35
C PHE A 68 -2.92 -0.37 3.54
N THR A 69 -2.25 -0.20 4.67
CA THR A 69 -2.89 0.31 5.87
C THR A 69 -2.17 1.56 6.38
N LEU A 70 -2.77 2.72 6.13
CA LEU A 70 -2.19 3.99 6.54
C LEU A 70 -2.39 4.24 8.04
N ASN A 71 -1.52 5.05 8.61
CA ASN A 71 -1.60 5.38 10.04
C ASN A 71 -1.69 6.89 10.24
N TYR A 72 -2.89 7.36 10.57
CA TYR A 72 -3.12 8.78 10.79
C TYR A 72 -3.59 9.04 12.22
N ASP A 73 -4.09 10.24 12.47
CA ASP A 73 -4.57 10.61 13.80
C ASP A 73 -6.08 10.86 13.78
N GLU A 74 -6.76 10.46 14.86
CA GLU A 74 -8.20 10.64 14.95
C GLU A 74 -8.53 11.89 15.76
N ASN A 75 -7.62 12.29 16.64
CA ASN A 75 -7.82 13.46 17.48
C ASN A 75 -7.95 14.73 16.62
N ALA A 76 -7.31 14.72 15.46
CA ALA A 76 -7.35 15.87 14.56
C ALA A 76 -7.85 15.46 13.17
N PHE A 77 -7.33 14.34 12.67
CA PHE A 77 -7.71 13.84 11.36
C PHE A 77 -8.86 12.83 11.47
N GLU A 78 -9.44 12.48 10.34
CA GLU A 78 -10.55 11.53 10.32
C GLU A 78 -10.71 10.90 8.94
N TYR A 79 -10.58 9.58 8.88
CA TYR A 79 -10.70 8.84 7.63
C TYR A 79 -12.06 9.12 6.98
N VAL A 80 -12.12 8.99 5.66
CA VAL A 80 -13.34 9.21 4.92
C VAL A 80 -13.61 8.08 3.94
N GLU A 81 -12.83 8.02 2.87
CA GLU A 81 -12.98 6.97 1.86
C GLU A 81 -11.83 6.99 0.87
N ALA A 82 -11.42 5.82 0.42
CA ALA A 82 -10.32 5.70 -0.53
C ALA A 82 -10.79 5.87 -1.93
N ILE A 83 -9.88 6.37 -2.73
CA ILE A 83 -10.16 6.66 -4.10
C ILE A 83 -9.28 5.86 -5.05
N SER A 84 -9.82 5.65 -6.23
CA SER A 84 -9.13 4.91 -7.28
C SER A 84 -8.91 5.78 -8.52
N ASP A 85 -8.39 5.17 -9.57
CA ASP A 85 -8.13 5.89 -10.82
C ASP A 85 -9.28 5.69 -11.81
N ASP A 86 -8.99 5.91 -13.10
CA ASP A 86 -10.01 5.74 -14.14
C ASP A 86 -9.93 4.34 -14.75
N GLY A 87 -9.65 3.35 -13.91
CA GLY A 87 -9.56 1.99 -14.38
C GLY A 87 -9.52 0.99 -13.23
N VAL A 88 -8.80 1.35 -12.17
CA VAL A 88 -8.68 0.49 -11.00
C VAL A 88 -9.82 0.75 -10.02
N PHE A 89 -10.06 -0.22 -9.14
CA PHE A 89 -11.12 -0.10 -8.14
C PHE A 89 -10.56 -0.09 -6.73
N VAL A 90 -10.69 1.06 -6.06
CA VAL A 90 -10.18 1.21 -4.69
C VAL A 90 -11.34 1.16 -3.69
N ASN A 91 -11.03 0.79 -2.46
CA ASN A 91 -12.04 0.70 -1.41
C ASN A 91 -11.41 0.60 -0.03
N ALA A 92 -11.53 1.66 0.77
CA ALA A 92 -10.97 1.68 2.11
C ALA A 92 -12.04 1.32 3.14
N LYS A 93 -11.62 0.86 4.31
CA LYS A 93 -12.55 0.47 5.36
C LYS A 93 -12.00 0.79 6.74
N LYS A 94 -12.55 1.82 7.37
CA LYS A 94 -12.14 2.25 8.69
C LYS A 94 -12.23 1.09 9.69
N ILE A 95 -11.08 0.72 10.23
CA ILE A 95 -11.00 -0.35 11.20
C ILE A 95 -10.64 0.19 12.59
N GLU A 96 -10.01 1.36 12.62
CA GLU A 96 -9.62 1.99 13.88
C GLU A 96 -9.75 3.50 13.80
N ASP A 97 -9.19 4.19 14.79
CA ASP A 97 -9.23 5.65 14.83
C ASP A 97 -8.37 6.25 13.72
N GLY A 98 -7.06 6.21 13.89
CA GLY A 98 -6.16 6.76 12.90
C GLY A 98 -5.45 5.68 12.11
N LYS A 99 -6.22 4.76 11.53
CA LYS A 99 -5.68 3.68 10.73
C LYS A 99 -6.80 2.89 10.10
N VAL A 100 -6.72 2.67 8.80
CA VAL A 100 -7.76 1.97 8.10
C VAL A 100 -7.23 1.18 6.90
N ARG A 101 -7.95 0.14 6.52
CA ARG A 101 -7.53 -0.73 5.41
C ARG A 101 -8.07 -0.27 4.07
N VAL A 102 -7.35 -0.59 3.00
CA VAL A 102 -7.76 -0.24 1.65
C VAL A 102 -7.48 -1.38 0.68
N LEU A 103 -8.51 -1.86 0.01
CA LEU A 103 -8.39 -2.95 -0.93
C LEU A 103 -8.59 -2.46 -2.37
N VAL A 104 -7.49 -2.43 -3.14
CA VAL A 104 -7.56 -1.98 -4.53
C VAL A 104 -7.43 -3.15 -5.49
N SER A 105 -8.08 -3.04 -6.64
CA SER A 105 -8.03 -4.08 -7.66
C SER A 105 -8.33 -3.48 -9.04
N SER A 106 -7.55 -3.90 -10.04
CA SER A 106 -7.73 -3.40 -11.40
C SER A 106 -8.92 -4.07 -12.07
N LEU A 107 -10.02 -3.34 -12.18
CA LEU A 107 -11.22 -3.86 -12.82
C LEU A 107 -11.02 -3.95 -14.34
N THR A 108 -9.96 -3.32 -14.82
CA THR A 108 -9.66 -3.33 -16.25
C THR A 108 -9.30 -4.73 -16.73
N GLY A 109 -8.73 -5.53 -15.83
CA GLY A 109 -8.36 -6.88 -16.18
C GLY A 109 -6.86 -7.10 -16.14
N GLU A 110 -6.10 -6.00 -16.21
CA GLU A 110 -4.66 -6.07 -16.19
C GLU A 110 -4.13 -5.93 -14.76
N PRO A 111 -2.99 -6.59 -14.45
CA PRO A 111 -2.39 -6.54 -13.12
C PRO A 111 -2.14 -5.11 -12.64
N LEU A 112 -1.57 -4.99 -11.46
CA LEU A 112 -1.28 -3.67 -10.88
C LEU A 112 -0.35 -2.87 -11.80
N PRO A 113 -0.77 -1.67 -12.22
CA PRO A 113 0.04 -0.81 -13.11
C PRO A 113 1.36 -0.41 -12.46
N ALA A 114 1.30 -0.04 -11.20
CA ALA A 114 2.49 0.37 -10.46
C ALA A 114 3.11 1.61 -11.08
N LYS A 115 4.04 2.22 -10.35
CA LYS A 115 4.74 3.41 -10.83
C LYS A 115 3.78 4.61 -10.92
N GLU A 116 2.67 4.53 -10.19
CA GLU A 116 1.68 5.60 -10.18
C GLU A 116 0.78 5.48 -8.95
N VAL A 117 -0.30 6.25 -8.94
CA VAL A 117 -1.24 6.22 -7.83
C VAL A 117 -2.09 4.96 -7.86
N LEU A 118 -1.78 4.01 -6.98
CA LEU A 118 -2.52 2.76 -6.93
C LEU A 118 -3.79 2.91 -6.10
N ALA A 119 -3.72 3.73 -5.06
CA ALA A 119 -4.89 3.94 -4.19
C ALA A 119 -4.60 5.03 -3.17
N LYS A 120 -5.54 5.96 -3.03
CA LYS A 120 -5.39 7.06 -2.08
C LYS A 120 -6.54 7.09 -1.07
N VAL A 121 -6.21 7.32 0.19
CA VAL A 121 -7.22 7.39 1.24
C VAL A 121 -7.54 8.85 1.55
N VAL A 122 -8.83 9.15 1.70
CA VAL A 122 -9.26 10.52 1.96
C VAL A 122 -9.42 10.78 3.45
N LEU A 123 -8.39 11.38 4.05
CA LEU A 123 -8.43 11.73 5.47
C LEU A 123 -8.96 13.15 5.63
N ARG A 124 -10.18 13.26 6.13
CA ARG A 124 -10.82 14.56 6.30
C ARG A 124 -10.18 15.42 7.40
N ALA A 125 -9.62 16.55 6.99
CA ALA A 125 -9.01 17.49 7.92
C ALA A 125 -10.11 18.30 8.59
N GLU A 126 -10.82 17.67 9.52
CA GLU A 126 -11.90 18.33 10.25
C GLU A 126 -11.32 19.04 11.45
N ALA A 127 -10.02 18.86 11.64
CA ALA A 127 -9.30 19.49 12.72
C ALA A 127 -7.82 19.45 12.41
N LYS A 128 -7.25 20.62 12.40
CA LYS A 128 -5.84 20.79 12.07
C LYS A 128 -4.96 19.76 12.78
N ALA A 129 -3.81 19.50 12.18
CA ALA A 129 -2.85 18.54 12.70
C ALA A 129 -1.49 18.76 12.04
N GLU A 130 -0.95 19.97 12.21
CA GLU A 130 0.34 20.33 11.63
C GLU A 130 1.42 19.33 12.04
N GLY A 131 1.98 18.64 11.06
CA GLY A 131 3.02 17.66 11.33
C GLY A 131 2.46 16.27 11.57
N SER A 132 1.17 16.09 11.28
CA SER A 132 0.51 14.80 11.46
C SER A 132 1.02 13.79 10.44
N ASN A 133 2.11 13.12 10.77
CA ASN A 133 2.71 12.14 9.88
C ASN A 133 1.71 11.05 9.51
N LEU A 134 2.02 10.32 8.45
CA LEU A 134 1.19 9.23 7.97
C LEU A 134 2.06 8.10 7.44
N SER A 135 2.17 7.03 8.21
CA SER A 135 3.00 5.90 7.81
C SER A 135 2.17 4.77 7.24
N VAL A 136 2.59 4.27 6.09
CA VAL A 136 1.90 3.17 5.42
C VAL A 136 2.74 1.90 5.47
N THR A 137 2.49 1.06 6.46
CA THR A 137 3.22 -0.19 6.63
C THR A 137 2.41 -1.36 6.08
N ASN A 138 2.82 -2.58 6.46
CA ASN A 138 2.14 -3.81 6.02
C ASN A 138 1.75 -3.74 4.54
N SER A 139 2.44 -2.90 3.78
CA SER A 139 2.17 -2.76 2.35
C SER A 139 2.41 -4.09 1.63
N SER A 140 1.33 -4.81 1.36
CA SER A 140 1.42 -6.10 0.68
C SER A 140 0.85 -6.04 -0.74
N VAL A 141 1.02 -7.12 -1.47
CA VAL A 141 0.52 -7.21 -2.84
C VAL A 141 -0.01 -8.61 -3.14
N GLY A 142 -0.48 -8.81 -4.38
CA GLY A 142 -1.01 -10.10 -4.76
C GLY A 142 -0.36 -10.64 -6.02
N ASP A 143 0.78 -11.30 -5.85
CA ASP A 143 1.50 -11.88 -6.98
C ASP A 143 0.61 -12.81 -7.79
N GLY A 144 1.19 -13.48 -8.79
CA GLY A 144 0.42 -14.38 -9.63
C GLY A 144 0.29 -15.77 -9.02
N GLU A 145 1.36 -16.23 -8.38
CA GLU A 145 1.36 -17.56 -7.76
C GLU A 145 0.25 -17.67 -6.71
N GLY A 146 -0.10 -16.54 -6.09
CA GLY A 146 -1.14 -16.53 -5.08
C GLY A 146 -0.60 -16.22 -3.70
N LEU A 147 0.63 -15.72 -3.64
CA LEU A 147 1.26 -15.38 -2.36
C LEU A 147 1.40 -13.87 -2.21
N VAL A 148 1.77 -13.43 -1.03
CA VAL A 148 1.94 -12.00 -0.75
C VAL A 148 3.41 -11.65 -0.53
N HIS A 149 3.89 -10.64 -1.23
CA HIS A 149 5.27 -10.20 -1.12
C HIS A 149 5.35 -8.89 -0.34
N GLU A 150 5.52 -8.99 0.98
CA GLU A 150 5.62 -7.81 1.83
C GLU A 150 6.65 -6.83 1.28
N ILE A 151 6.17 -5.71 0.76
CA ILE A 151 7.07 -4.70 0.19
C ILE A 151 7.51 -3.69 1.23
N ALA A 152 8.27 -2.70 0.78
CA ALA A 152 8.79 -1.65 1.64
C ALA A 152 7.66 -0.75 2.15
N GLY A 153 8.03 0.45 2.61
CA GLY A 153 7.05 1.39 3.11
C GLY A 153 7.54 2.83 3.06
N THR A 154 6.62 3.77 3.28
CA THR A 154 6.97 5.19 3.26
C THR A 154 5.98 6.01 4.10
N GLU A 155 6.47 7.09 4.70
CA GLU A 155 5.63 7.95 5.53
C GLU A 155 5.54 9.36 4.95
N LYS A 156 4.44 10.04 5.26
CA LYS A 156 4.22 11.40 4.78
C LYS A 156 3.70 12.28 5.92
N THR A 157 3.70 13.58 5.69
CA THR A 157 3.22 14.52 6.69
C THR A 157 2.49 15.69 6.02
N VAL A 158 1.33 16.05 6.56
CA VAL A 158 0.54 17.14 6.00
C VAL A 158 0.23 18.19 7.05
N ASN A 159 0.49 19.44 6.73
CA ASN A 159 0.22 20.54 7.66
C ASN A 159 -1.16 21.11 7.41
N ILE A 160 -2.07 20.82 8.32
CA ILE A 160 -3.41 21.34 8.21
C ILE A 160 -3.43 22.79 8.62
N ILE A 161 -3.85 23.62 7.70
CA ILE A 161 -3.89 25.05 7.91
C ILE A 161 -5.31 25.53 8.13
N GLU A 162 -5.52 26.26 9.22
CA GLU A 162 -6.84 26.77 9.55
C GLU A 162 -7.39 27.65 8.43
N GLY A 163 -8.70 27.61 8.23
CA GLY A 163 -9.33 28.40 7.20
C GLY A 163 -10.83 28.48 7.36
N THR A 164 -11.49 29.26 6.49
CA THR A 164 -12.93 29.41 6.54
C THR A 164 -13.62 28.21 5.90
N SER A 165 -14.95 28.16 6.02
CA SER A 165 -15.73 27.06 5.47
C SER A 165 -15.72 27.11 3.94
N MET A 1 21.01 -20.52 -30.72
CA MET A 1 20.23 -19.33 -30.30
C MET A 1 21.06 -18.41 -29.40
N GLY A 2 21.63 -18.98 -28.34
CA GLY A 2 22.44 -18.21 -27.42
C GLY A 2 21.64 -17.15 -26.70
N SER A 3 22.33 -16.32 -25.93
CA SER A 3 21.68 -15.25 -25.17
C SER A 3 20.98 -14.27 -26.11
N SER A 4 19.68 -14.45 -26.28
CA SER A 4 18.90 -13.57 -27.15
C SER A 4 18.00 -12.65 -26.33
N HIS A 5 17.48 -13.16 -25.23
CA HIS A 5 16.61 -12.38 -24.36
C HIS A 5 17.33 -11.97 -23.08
N HIS A 6 16.77 -11.00 -22.38
CA HIS A 6 17.36 -10.51 -21.13
C HIS A 6 16.36 -9.68 -20.35
N HIS A 7 16.05 -8.50 -20.85
CA HIS A 7 15.10 -7.60 -20.19
C HIS A 7 14.27 -6.83 -21.21
N HIS A 8 13.97 -7.48 -22.33
CA HIS A 8 13.18 -6.87 -23.39
C HIS A 8 11.69 -6.94 -23.07
N HIS A 9 11.20 -8.15 -22.85
CA HIS A 9 9.79 -8.36 -22.54
C HIS A 9 9.64 -9.29 -21.34
N HIS A 10 10.59 -9.23 -20.42
CA HIS A 10 10.56 -10.07 -19.23
C HIS A 10 10.66 -11.55 -19.59
N SER A 11 9.54 -12.12 -20.02
CA SER A 11 9.51 -13.53 -20.40
C SER A 11 8.23 -13.86 -21.16
N SER A 12 8.35 -14.63 -22.23
CA SER A 12 7.20 -15.02 -23.03
C SER A 12 7.21 -16.52 -23.33
N GLY A 13 6.38 -17.26 -22.60
CA GLY A 13 6.31 -18.69 -22.79
C GLY A 13 5.07 -19.13 -23.55
N LEU A 14 3.97 -19.30 -22.84
CA LEU A 14 2.71 -19.71 -23.46
C LEU A 14 2.86 -21.06 -24.14
N VAL A 15 3.71 -21.92 -23.59
CA VAL A 15 3.95 -23.24 -24.15
C VAL A 15 4.02 -24.29 -23.04
N PRO A 16 2.86 -24.78 -22.56
CA PRO A 16 2.77 -25.78 -21.51
C PRO A 16 3.94 -26.77 -21.52
N ARG A 17 4.31 -27.26 -20.35
CA ARG A 17 5.40 -28.21 -20.22
C ARG A 17 6.70 -27.62 -20.75
N GLY A 18 7.64 -27.36 -19.82
CA GLY A 18 8.91 -26.78 -20.21
C GLY A 18 8.82 -25.31 -20.54
N SER A 19 9.91 -24.59 -20.35
CA SER A 19 9.95 -23.16 -20.63
C SER A 19 11.36 -22.70 -20.99
N HIS A 20 12.32 -23.05 -20.14
CA HIS A 20 13.72 -22.67 -20.38
C HIS A 20 14.66 -23.65 -19.69
N MET A 21 14.45 -23.85 -18.38
CA MET A 21 15.29 -24.75 -17.60
C MET A 21 14.45 -25.48 -16.55
N ALA A 22 14.78 -26.76 -16.33
CA ALA A 22 14.06 -27.56 -15.35
C ALA A 22 14.92 -27.81 -14.11
N SER A 23 14.55 -27.17 -13.01
CA SER A 23 15.29 -27.32 -11.75
C SER A 23 14.34 -27.30 -10.56
N LYS A 24 14.59 -28.20 -9.60
CA LYS A 24 13.76 -28.29 -8.41
C LYS A 24 14.62 -28.32 -7.15
N LEU A 25 15.77 -27.65 -7.20
CA LEU A 25 16.67 -27.60 -6.07
C LEU A 25 17.08 -26.17 -5.76
N LYS A 26 17.59 -25.47 -6.76
CA LYS A 26 18.02 -24.08 -6.60
C LYS A 26 17.03 -23.12 -7.26
N GLU A 27 17.00 -21.89 -6.77
CA GLU A 27 16.09 -20.88 -7.31
C GLU A 27 16.44 -19.50 -6.77
N ALA A 28 15.90 -18.47 -7.41
CA ALA A 28 16.15 -17.09 -6.99
C ALA A 28 15.02 -16.17 -7.43
N ALA A 29 14.39 -15.52 -6.47
CA ALA A 29 13.28 -14.60 -6.75
C ALA A 29 12.81 -13.89 -5.48
N GLU A 30 13.56 -12.90 -5.04
CA GLU A 30 13.22 -12.15 -3.84
C GLU A 30 13.01 -10.67 -4.17
N VAL A 31 11.76 -10.22 -4.04
CA VAL A 31 11.43 -8.82 -4.32
C VAL A 31 11.73 -7.94 -3.12
N THR A 32 12.04 -6.68 -3.40
CA THR A 32 12.34 -5.74 -2.34
C THR A 32 11.06 -5.04 -1.92
N GLY A 33 10.16 -4.90 -2.89
CA GLY A 33 8.89 -4.27 -2.66
C GLY A 33 9.03 -2.89 -2.07
N SER A 34 8.30 -1.95 -2.64
CA SER A 34 8.35 -0.57 -2.17
C SER A 34 7.00 0.11 -2.31
N VAL A 35 6.82 1.17 -1.53
CA VAL A 35 5.57 1.92 -1.54
C VAL A 35 5.78 3.32 -2.12
N SER A 36 5.01 3.63 -3.15
CA SER A 36 5.10 4.94 -3.80
C SER A 36 4.10 5.90 -3.18
N LEU A 37 4.60 6.88 -2.44
CA LEU A 37 3.74 7.87 -1.79
C LEU A 37 3.63 9.14 -2.62
N GLU A 38 2.40 9.48 -3.01
CA GLU A 38 2.15 10.68 -3.80
C GLU A 38 0.97 11.46 -3.22
N ALA A 39 1.27 12.52 -2.49
CA ALA A 39 0.24 13.35 -1.87
C ALA A 39 0.65 14.81 -1.82
N LEU A 40 -0.34 15.69 -1.81
CA LEU A 40 -0.07 17.13 -1.74
C LEU A 40 0.70 17.47 -0.47
N GLU A 41 0.53 16.63 0.55
CA GLU A 41 1.21 16.83 1.82
C GLU A 41 0.73 18.09 2.53
N GLU A 42 -0.50 18.52 2.21
CA GLU A 42 -1.06 19.71 2.83
C GLU A 42 -2.57 19.80 2.60
N VAL A 43 -3.33 19.77 3.70
CA VAL A 43 -4.79 19.85 3.62
C VAL A 43 -5.31 20.78 4.71
N GLN A 44 -5.76 21.97 4.31
CA GLN A 44 -6.28 22.96 5.25
C GLN A 44 -7.62 22.50 5.86
N VAL A 45 -7.71 22.53 7.19
CA VAL A 45 -8.93 22.12 7.90
C VAL A 45 -10.18 22.39 7.11
N GLY A 46 -11.03 21.37 7.04
CA GLY A 46 -12.27 21.48 6.32
C GLY A 46 -12.21 20.82 4.97
N GLU A 47 -11.00 20.69 4.42
CA GLU A 47 -10.80 20.06 3.12
C GLU A 47 -10.42 18.59 3.29
N ASN A 48 -10.36 17.86 2.17
CA ASN A 48 -10.01 16.46 2.21
C ASN A 48 -8.62 16.22 1.60
N LEU A 49 -7.95 15.17 2.06
CA LEU A 49 -6.62 14.83 1.57
C LEU A 49 -6.68 13.63 0.63
N GLU A 50 -5.72 13.55 -0.29
CA GLU A 50 -5.68 12.45 -1.23
C GLU A 50 -4.25 11.93 -1.39
N VAL A 51 -3.91 10.91 -0.60
CA VAL A 51 -2.57 10.33 -0.65
C VAL A 51 -2.60 8.97 -1.33
N GLY A 52 -2.28 8.95 -2.62
CA GLY A 52 -2.28 7.71 -3.37
C GLY A 52 -1.01 6.91 -3.18
N VAL A 53 -0.94 6.16 -2.09
CA VAL A 53 0.24 5.36 -1.80
C VAL A 53 0.23 4.08 -2.64
N GLY A 54 0.93 4.11 -3.77
CA GLY A 54 0.98 2.96 -4.64
C GLY A 54 2.27 2.17 -4.49
N ILE A 55 2.87 1.80 -5.61
CA ILE A 55 4.11 1.04 -5.60
C ILE A 55 5.30 1.91 -6.00
N ASP A 56 6.41 1.76 -5.27
CA ASP A 56 7.62 2.50 -5.57
C ASP A 56 8.55 1.63 -6.40
N GLU A 57 8.56 0.34 -6.09
CA GLU A 57 9.39 -0.62 -6.80
C GLU A 57 9.27 -2.02 -6.21
N LEU A 58 9.05 -3.00 -7.08
CA LEU A 58 8.92 -4.39 -6.68
C LEU A 58 9.61 -5.28 -7.71
N VAL A 59 10.79 -5.77 -7.35
CA VAL A 59 11.56 -6.62 -8.27
C VAL A 59 11.32 -8.11 -8.02
N ASN A 60 10.64 -8.75 -8.97
CA ASN A 60 10.34 -10.20 -8.93
C ASN A 60 8.93 -10.48 -8.41
N ALA A 61 8.02 -9.53 -8.61
CA ALA A 61 6.64 -9.68 -8.18
C ALA A 61 5.66 -9.21 -9.25
N GLU A 62 4.48 -9.82 -9.27
CA GLU A 62 3.45 -9.46 -10.23
C GLU A 62 2.13 -9.20 -9.52
N ALA A 63 2.11 -8.14 -8.71
CA ALA A 63 0.92 -7.79 -7.94
C ALA A 63 -0.26 -7.45 -8.84
N PHE A 64 -1.45 -7.82 -8.39
CA PHE A 64 -2.68 -7.55 -9.13
C PHE A 64 -3.63 -6.70 -8.29
N ALA A 65 -3.62 -6.94 -6.99
CA ALA A 65 -4.47 -6.20 -6.06
C ALA A 65 -3.66 -5.69 -4.88
N TYR A 66 -3.50 -4.37 -4.79
CA TYR A 66 -2.74 -3.76 -3.72
C TYR A 66 -3.60 -3.53 -2.48
N ASP A 67 -2.97 -3.61 -1.32
CA ASP A 67 -3.65 -3.40 -0.05
C ASP A 67 -2.72 -2.77 0.97
N PHE A 68 -2.98 -1.52 1.33
CA PHE A 68 -2.14 -0.82 2.29
C PHE A 68 -2.96 -0.32 3.49
N THR A 69 -2.27 -0.13 4.61
CA THR A 69 -2.91 0.35 5.83
C THR A 69 -2.20 1.59 6.35
N LEU A 70 -2.80 2.75 6.13
CA LEU A 70 -2.21 4.02 6.58
C LEU A 70 -2.41 4.21 8.08
N ASN A 71 -1.54 5.02 8.68
CA ASN A 71 -1.62 5.30 10.10
C ASN A 71 -1.64 6.80 10.36
N TYR A 72 -2.82 7.32 10.69
CA TYR A 72 -2.99 8.75 10.97
C TYR A 72 -3.46 8.98 12.40
N ASP A 73 -3.89 10.20 12.69
CA ASP A 73 -4.36 10.54 14.03
C ASP A 73 -5.82 10.98 14.00
N GLU A 74 -6.69 10.18 14.61
CA GLU A 74 -8.12 10.50 14.65
C GLU A 74 -8.35 11.85 15.34
N ASN A 75 -7.46 12.23 16.24
CA ASN A 75 -7.57 13.49 16.97
C ASN A 75 -7.49 14.67 16.01
N ALA A 76 -6.51 14.65 15.10
CA ALA A 76 -6.34 15.73 14.14
C ALA A 76 -6.70 15.28 12.73
N PHE A 77 -7.50 14.21 12.62
CA PHE A 77 -7.91 13.70 11.33
C PHE A 77 -9.08 12.74 11.48
N GLU A 78 -9.55 12.20 10.35
CA GLU A 78 -10.66 11.27 10.35
C GLU A 78 -10.86 10.66 8.97
N TYR A 79 -10.63 9.35 8.88
CA TYR A 79 -10.78 8.63 7.62
C TYR A 79 -12.13 8.93 6.98
N VAL A 80 -12.16 8.91 5.65
CA VAL A 80 -13.39 9.18 4.90
C VAL A 80 -13.66 8.08 3.88
N GLU A 81 -13.01 8.17 2.73
CA GLU A 81 -13.19 7.18 1.67
C GLU A 81 -11.99 7.13 0.74
N ALA A 82 -11.53 5.92 0.42
CA ALA A 82 -10.39 5.74 -0.47
C ALA A 82 -10.80 5.82 -1.90
N ILE A 83 -9.84 6.26 -2.69
CA ILE A 83 -10.06 6.46 -4.08
C ILE A 83 -9.03 5.74 -4.94
N SER A 84 -9.43 5.51 -6.18
CA SER A 84 -8.59 4.83 -7.16
C SER A 84 -8.36 5.73 -8.37
N ASP A 85 -7.87 5.12 -9.45
CA ASP A 85 -7.61 5.87 -10.69
C ASP A 85 -8.82 5.81 -11.62
N ASP A 86 -8.59 6.02 -12.91
CA ASP A 86 -9.66 5.99 -13.90
C ASP A 86 -9.78 4.62 -14.54
N GLY A 87 -9.58 3.57 -13.73
CA GLY A 87 -9.67 2.22 -14.22
C GLY A 87 -9.70 1.21 -13.09
N VAL A 88 -8.90 1.47 -12.06
CA VAL A 88 -8.84 0.58 -10.91
C VAL A 88 -9.91 0.94 -9.89
N PHE A 89 -10.30 -0.04 -9.08
CA PHE A 89 -11.32 0.19 -8.06
C PHE A 89 -10.72 0.12 -6.65
N VAL A 90 -10.87 1.20 -5.90
CA VAL A 90 -10.35 1.28 -4.55
C VAL A 90 -11.48 1.26 -3.52
N ASN A 91 -11.16 0.81 -2.31
CA ASN A 91 -12.16 0.74 -1.24
C ASN A 91 -11.49 0.61 0.12
N ALA A 92 -11.59 1.67 0.93
CA ALA A 92 -11.00 1.67 2.25
C ALA A 92 -12.03 1.30 3.32
N LYS A 93 -11.57 0.79 4.45
CA LYS A 93 -12.46 0.40 5.53
C LYS A 93 -11.87 0.74 6.89
N LYS A 94 -12.45 1.77 7.51
CA LYS A 94 -12.02 2.23 8.82
C LYS A 94 -12.03 1.11 9.85
N ILE A 95 -10.87 0.52 10.05
CA ILE A 95 -10.72 -0.57 11.00
C ILE A 95 -10.48 -0.02 12.41
N GLU A 96 -10.00 1.22 12.48
CA GLU A 96 -9.72 1.86 13.76
C GLU A 96 -9.81 3.37 13.63
N ASP A 97 -9.31 4.08 14.66
CA ASP A 97 -9.34 5.53 14.66
C ASP A 97 -8.42 6.10 13.58
N GLY A 98 -7.12 6.16 13.88
CA GLY A 98 -6.16 6.68 12.92
C GLY A 98 -5.44 5.58 12.16
N LYS A 99 -6.21 4.67 11.58
CA LYS A 99 -5.65 3.57 10.82
C LYS A 99 -6.76 2.78 10.16
N VAL A 100 -6.66 2.61 8.87
CA VAL A 100 -7.70 1.90 8.13
C VAL A 100 -7.13 1.15 6.93
N ARG A 101 -7.83 0.10 6.50
CA ARG A 101 -7.37 -0.72 5.39
C ARG A 101 -8.02 -0.33 4.07
N VAL A 102 -7.31 -0.58 2.98
CA VAL A 102 -7.81 -0.27 1.65
C VAL A 102 -7.61 -1.45 0.69
N LEU A 103 -8.70 -1.93 0.11
CA LEU A 103 -8.65 -3.05 -0.82
C LEU A 103 -8.90 -2.58 -2.25
N VAL A 104 -7.82 -2.39 -3.01
CA VAL A 104 -7.93 -1.93 -4.39
C VAL A 104 -7.84 -3.11 -5.37
N SER A 105 -8.52 -2.97 -6.50
CA SER A 105 -8.52 -4.01 -7.53
C SER A 105 -8.73 -3.38 -8.90
N SER A 106 -7.96 -3.83 -9.87
CA SER A 106 -8.05 -3.31 -11.24
C SER A 106 -9.25 -3.89 -11.97
N LEU A 107 -10.24 -3.04 -12.24
CA LEU A 107 -11.43 -3.46 -12.95
C LEU A 107 -11.28 -3.17 -14.44
N THR A 108 -10.03 -3.22 -14.91
CA THR A 108 -9.71 -2.95 -16.30
C THR A 108 -9.34 -4.25 -17.03
N GLY A 109 -8.78 -5.19 -16.28
CA GLY A 109 -8.38 -6.46 -16.86
C GLY A 109 -6.88 -6.66 -16.82
N GLU A 110 -6.14 -5.56 -16.69
CA GLU A 110 -4.68 -5.62 -16.64
C GLU A 110 -4.20 -5.59 -15.18
N PRO A 111 -2.99 -6.11 -14.94
CA PRO A 111 -2.41 -6.15 -13.59
C PRO A 111 -2.01 -4.76 -13.09
N LEU A 112 -1.59 -4.69 -11.83
CA LEU A 112 -1.18 -3.43 -11.23
C LEU A 112 -0.05 -2.79 -12.03
N PRO A 113 -0.33 -1.68 -12.74
CA PRO A 113 0.68 -0.98 -13.55
C PRO A 113 1.83 -0.45 -12.70
N ALA A 114 1.58 -0.27 -11.42
CA ALA A 114 2.60 0.24 -10.50
C ALA A 114 3.16 1.57 -10.99
N LYS A 115 4.05 2.15 -10.21
CA LYS A 115 4.65 3.44 -10.58
C LYS A 115 3.57 4.48 -10.85
N GLU A 116 2.41 4.28 -10.23
CA GLU A 116 1.29 5.19 -10.39
C GLU A 116 0.30 5.02 -9.23
N VAL A 117 -0.48 6.07 -8.97
CA VAL A 117 -1.45 6.04 -7.88
C VAL A 117 -2.24 4.74 -7.87
N LEU A 118 -1.91 3.85 -6.95
CA LEU A 118 -2.59 2.56 -6.83
C LEU A 118 -3.81 2.67 -5.94
N ALA A 119 -3.76 3.55 -4.95
CA ALA A 119 -4.88 3.73 -4.04
C ALA A 119 -4.63 4.89 -3.09
N LYS A 120 -5.64 5.75 -2.92
CA LYS A 120 -5.51 6.92 -2.05
C LYS A 120 -6.64 6.96 -1.01
N VAL A 121 -6.27 6.86 0.26
CA VAL A 121 -7.26 6.91 1.34
C VAL A 121 -7.51 8.36 1.73
N VAL A 122 -8.71 8.86 1.42
CA VAL A 122 -9.06 10.23 1.73
C VAL A 122 -9.35 10.43 3.21
N LEU A 123 -8.47 11.16 3.89
CA LEU A 123 -8.65 11.46 5.30
C LEU A 123 -9.37 12.79 5.46
N ARG A 124 -9.81 13.11 6.67
CA ARG A 124 -10.54 14.35 6.90
C ARG A 124 -9.81 15.32 7.83
N ALA A 125 -9.57 16.53 7.33
CA ALA A 125 -8.91 17.58 8.09
C ALA A 125 -9.97 18.38 8.85
N GLU A 126 -10.52 17.77 9.89
CA GLU A 126 -11.54 18.42 10.71
C GLU A 126 -10.87 19.20 11.83
N ALA A 127 -9.56 19.04 11.92
CA ALA A 127 -8.78 19.73 12.90
C ALA A 127 -7.32 19.71 12.51
N LYS A 128 -6.75 20.89 12.41
CA LYS A 128 -5.37 21.07 12.00
C LYS A 128 -4.44 20.08 12.70
N ALA A 129 -3.25 19.93 12.12
CA ALA A 129 -2.23 19.03 12.63
C ALA A 129 -0.97 19.13 11.78
N GLU A 130 -0.38 20.33 11.75
CA GLU A 130 0.81 20.57 10.95
C GLU A 130 1.92 19.58 11.32
N GLY A 131 2.22 18.69 10.38
CA GLY A 131 3.25 17.69 10.62
C GLY A 131 2.66 16.36 11.06
N SER A 132 1.39 16.14 10.73
CA SER A 132 0.71 14.89 11.10
C SER A 132 1.27 13.73 10.29
N ASN A 133 2.52 13.40 10.53
CA ASN A 133 3.19 12.31 9.83
C ASN A 133 2.31 11.06 9.75
N LEU A 134 2.25 10.49 8.55
CA LEU A 134 1.46 9.29 8.31
C LEU A 134 2.37 8.15 7.85
N SER A 135 2.18 6.98 8.41
CA SER A 135 3.00 5.82 8.06
C SER A 135 2.15 4.67 7.53
N VAL A 136 2.44 4.24 6.32
CA VAL A 136 1.71 3.13 5.71
C VAL A 136 2.57 1.87 5.66
N THR A 137 2.41 1.03 6.67
CA THR A 137 3.18 -0.22 6.74
C THR A 137 2.34 -1.40 6.25
N ASN A 138 2.79 -2.61 6.58
CA ASN A 138 2.08 -3.85 6.19
C ASN A 138 1.54 -3.76 4.76
N SER A 139 2.17 -2.92 3.93
CA SER A 139 1.75 -2.76 2.55
C SER A 139 2.03 -4.02 1.75
N SER A 140 1.04 -4.89 1.65
CA SER A 140 1.18 -6.14 0.92
C SER A 140 0.66 -6.02 -0.51
N VAL A 141 0.94 -7.03 -1.32
CA VAL A 141 0.50 -7.04 -2.71
C VAL A 141 -0.21 -8.34 -3.05
N GLY A 142 -0.66 -8.46 -4.30
CA GLY A 142 -1.36 -9.66 -4.73
C GLY A 142 -0.71 -10.30 -5.94
N ASP A 143 0.52 -10.76 -5.78
CA ASP A 143 1.25 -11.40 -6.86
C ASP A 143 0.46 -12.57 -7.45
N GLY A 144 0.48 -12.68 -8.77
CA GLY A 144 -0.25 -13.76 -9.43
C GLY A 144 0.20 -15.13 -8.98
N GLU A 145 1.43 -15.22 -8.51
CA GLU A 145 1.99 -16.49 -8.04
C GLU A 145 1.12 -17.09 -6.93
N GLY A 146 0.43 -16.22 -6.19
CA GLY A 146 -0.42 -16.68 -5.12
C GLY A 146 0.16 -16.41 -3.74
N LEU A 147 1.36 -15.82 -3.71
CA LEU A 147 2.01 -15.51 -2.44
C LEU A 147 2.21 -14.01 -2.29
N VAL A 148 1.83 -13.48 -1.13
CA VAL A 148 1.97 -12.05 -0.86
C VAL A 148 3.42 -11.69 -0.53
N HIS A 149 3.98 -10.75 -1.29
CA HIS A 149 5.36 -10.32 -1.08
C HIS A 149 5.39 -9.02 -0.27
N GLU A 150 5.49 -9.16 1.04
CA GLU A 150 5.53 -7.99 1.92
C GLU A 150 6.52 -6.95 1.40
N ILE A 151 5.98 -5.85 0.87
CA ILE A 151 6.81 -4.80 0.31
C ILE A 151 7.30 -3.84 1.40
N ALA A 152 8.24 -2.98 1.03
CA ALA A 152 8.81 -2.01 1.95
C ALA A 152 7.74 -1.10 2.55
N GLY A 153 8.14 0.12 2.94
CA GLY A 153 7.20 1.05 3.53
C GLY A 153 7.63 2.49 3.34
N THR A 154 6.72 3.43 3.57
CA THR A 154 7.01 4.84 3.41
C THR A 154 6.00 5.70 4.17
N GLU A 155 6.44 6.84 4.68
CA GLU A 155 5.57 7.73 5.42
C GLU A 155 5.33 9.04 4.69
N LYS A 156 4.44 9.87 5.24
CA LYS A 156 4.10 11.16 4.65
C LYS A 156 3.84 12.18 5.74
N THR A 157 3.75 13.43 5.36
CA THR A 157 3.49 14.51 6.30
C THR A 157 2.58 15.57 5.68
N VAL A 158 1.39 15.72 6.25
CA VAL A 158 0.43 16.70 5.75
C VAL A 158 0.25 17.84 6.74
N ASN A 159 0.41 19.07 6.26
CA ASN A 159 0.25 20.23 7.12
C ASN A 159 -1.13 20.83 6.98
N ILE A 160 -1.95 20.62 7.99
CA ILE A 160 -3.29 21.17 7.98
C ILE A 160 -3.27 22.60 8.47
N ILE A 161 -3.63 23.50 7.58
CA ILE A 161 -3.63 24.90 7.89
C ILE A 161 -5.04 25.38 8.23
N GLU A 162 -5.14 26.31 9.18
CA GLU A 162 -6.43 26.83 9.59
C GLU A 162 -7.10 27.59 8.45
N GLY A 163 -8.42 27.50 8.40
CA GLY A 163 -9.17 28.19 7.36
C GLY A 163 -10.54 28.64 7.82
N THR A 164 -11.52 28.56 6.92
CA THR A 164 -12.89 28.96 7.25
C THR A 164 -13.80 27.74 7.38
N SER A 165 -15.05 27.98 7.75
CA SER A 165 -16.01 26.90 7.91
C SER A 165 -16.90 26.78 6.67
N MET A 1 -0.42 -28.33 2.32
CA MET A 1 -1.67 -28.40 1.53
C MET A 1 -2.65 -27.30 1.94
N GLY A 2 -3.14 -27.39 3.17
CA GLY A 2 -4.08 -26.39 3.67
C GLY A 2 -5.09 -26.98 4.62
N SER A 3 -5.90 -27.91 4.14
CA SER A 3 -6.93 -28.55 4.96
C SER A 3 -7.92 -27.52 5.49
N SER A 4 -8.95 -27.24 4.70
CA SER A 4 -9.97 -26.28 5.10
C SER A 4 -9.37 -24.89 5.30
N HIS A 5 -8.36 -24.57 4.50
CA HIS A 5 -7.70 -23.28 4.59
C HIS A 5 -6.98 -22.94 3.29
N HIS A 6 -6.79 -21.65 3.05
CA HIS A 6 -6.11 -21.19 1.84
C HIS A 6 -6.86 -21.64 0.59
N HIS A 7 -6.44 -21.13 -0.56
CA HIS A 7 -7.07 -21.48 -1.83
C HIS A 7 -8.52 -21.00 -1.87
N HIS A 8 -9.41 -21.75 -1.22
CA HIS A 8 -10.82 -21.40 -1.19
C HIS A 8 -11.18 -20.68 0.11
N HIS A 9 -11.18 -19.35 0.07
CA HIS A 9 -11.51 -18.55 1.24
C HIS A 9 -10.51 -18.82 2.37
N HIS A 10 -9.66 -17.84 2.63
CA HIS A 10 -8.65 -17.97 3.68
C HIS A 10 -8.93 -17.00 4.83
N SER A 11 -8.23 -17.17 5.94
CA SER A 11 -8.41 -16.32 7.10
C SER A 11 -7.32 -15.24 7.16
N SER A 12 -7.61 -14.09 6.56
CA SER A 12 -6.66 -12.97 6.54
C SER A 12 -5.41 -13.34 5.76
N GLY A 13 -4.51 -14.10 6.39
CA GLY A 13 -3.29 -14.51 5.73
C GLY A 13 -2.06 -14.04 6.47
N LEU A 14 -2.04 -14.24 7.79
CA LEU A 14 -0.91 -13.83 8.61
C LEU A 14 0.24 -14.81 8.48
N VAL A 15 -0.10 -16.08 8.26
CA VAL A 15 0.91 -17.12 8.11
C VAL A 15 0.60 -18.03 6.92
N PRO A 16 0.98 -17.58 5.70
CA PRO A 16 0.75 -18.33 4.46
C PRO A 16 0.80 -19.84 4.65
N ARG A 17 1.79 -20.31 5.39
CA ARG A 17 1.94 -21.74 5.65
C ARG A 17 1.33 -22.12 7.00
N GLY A 18 1.76 -21.43 8.05
CA GLY A 18 1.25 -21.71 9.38
C GLY A 18 2.03 -22.79 10.09
N SER A 19 2.18 -23.94 9.44
CA SER A 19 2.92 -25.05 10.02
C SER A 19 4.39 -24.71 10.17
N HIS A 20 5.01 -24.22 9.10
CA HIS A 20 6.41 -23.86 9.12
C HIS A 20 6.64 -22.56 8.36
N MET A 21 7.78 -21.91 8.64
CA MET A 21 8.11 -20.66 7.98
C MET A 21 9.13 -20.89 6.86
N ALA A 22 9.16 -19.98 5.89
CA ALA A 22 10.07 -20.09 4.76
C ALA A 22 9.84 -21.38 3.99
N SER A 23 9.29 -21.25 2.78
CA SER A 23 9.02 -22.40 1.94
C SER A 23 9.88 -22.38 0.69
N LYS A 24 11.09 -21.83 0.82
CA LYS A 24 12.02 -21.74 -0.30
C LYS A 24 12.41 -23.13 -0.79
N LEU A 25 12.53 -23.27 -2.11
CA LEU A 25 12.90 -24.56 -2.71
C LEU A 25 14.31 -24.50 -3.29
N LYS A 26 14.48 -23.71 -4.35
CA LYS A 26 15.77 -23.58 -5.00
C LYS A 26 15.70 -22.57 -6.15
N GLU A 27 14.93 -21.51 -5.95
CA GLU A 27 14.78 -20.48 -6.98
C GLU A 27 15.48 -19.19 -6.57
N ALA A 28 15.70 -18.31 -7.53
CA ALA A 28 16.38 -17.04 -7.27
C ALA A 28 15.63 -15.88 -7.92
N ALA A 29 14.82 -15.19 -7.13
CA ALA A 29 14.05 -14.06 -7.63
C ALA A 29 13.27 -13.39 -6.50
N GLU A 30 13.98 -12.59 -5.70
CA GLU A 30 13.35 -11.88 -4.59
C GLU A 30 13.10 -10.42 -4.93
N VAL A 31 11.82 -10.04 -4.97
CA VAL A 31 11.45 -8.67 -5.29
C VAL A 31 12.02 -7.70 -4.27
N THR A 32 12.19 -6.44 -4.69
CA THR A 32 12.72 -5.42 -3.81
C THR A 32 11.60 -4.94 -2.88
N GLY A 33 10.46 -4.66 -3.48
CA GLY A 33 9.31 -4.21 -2.74
C GLY A 33 9.45 -2.81 -2.23
N SER A 34 8.63 -1.91 -2.76
CA SER A 34 8.67 -0.51 -2.34
C SER A 34 7.35 0.18 -2.60
N VAL A 35 6.94 0.98 -1.63
CA VAL A 35 5.70 1.72 -1.73
C VAL A 35 5.93 3.09 -2.34
N SER A 36 4.95 3.53 -3.10
CA SER A 36 5.02 4.84 -3.75
C SER A 36 4.41 5.90 -2.86
N LEU A 37 5.10 7.03 -2.73
CA LEU A 37 4.61 8.12 -1.88
C LEU A 37 4.19 9.32 -2.72
N GLU A 38 2.91 9.68 -2.62
CA GLU A 38 2.36 10.81 -3.35
C GLU A 38 1.38 11.58 -2.48
N ALA A 39 1.70 12.85 -2.19
CA ALA A 39 0.84 13.67 -1.36
C ALA A 39 1.27 15.13 -1.38
N LEU A 40 0.29 16.04 -1.33
CA LEU A 40 0.57 17.46 -1.32
C LEU A 40 1.24 17.86 -0.01
N GLU A 41 0.96 17.08 1.04
CA GLU A 41 1.54 17.31 2.36
C GLU A 41 0.91 18.53 3.04
N GLU A 42 -0.28 18.92 2.60
CA GLU A 42 -0.96 20.06 3.19
C GLU A 42 -2.44 20.10 2.82
N VAL A 43 -3.30 20.22 3.83
CA VAL A 43 -4.74 20.29 3.61
C VAL A 43 -5.39 21.20 4.66
N GLN A 44 -5.81 22.38 4.23
CA GLN A 44 -6.45 23.35 5.13
C GLN A 44 -7.79 22.82 5.65
N VAL A 45 -7.95 22.76 6.98
CA VAL A 45 -9.18 22.27 7.59
C VAL A 45 -10.40 22.52 6.74
N GLY A 46 -11.18 21.46 6.55
CA GLY A 46 -12.37 21.54 5.76
C GLY A 46 -12.23 20.80 4.43
N GLU A 47 -10.99 20.62 3.99
CA GLU A 47 -10.71 19.92 2.74
C GLU A 47 -10.10 18.56 3.02
N ASN A 48 -9.89 17.77 1.97
CA ASN A 48 -9.32 16.43 2.11
C ASN A 48 -8.13 16.23 1.18
N LEU A 49 -7.17 15.42 1.62
CA LEU A 49 -5.98 15.13 0.83
C LEU A 49 -5.85 13.64 0.57
N GLU A 50 -5.69 13.27 -0.69
CA GLU A 50 -5.56 11.86 -1.06
C GLU A 50 -4.10 11.50 -1.32
N VAL A 51 -3.66 10.39 -0.72
CA VAL A 51 -2.30 9.92 -0.89
C VAL A 51 -2.26 8.67 -1.75
N GLY A 52 -1.98 8.85 -3.05
CA GLY A 52 -1.93 7.74 -3.97
C GLY A 52 -0.72 6.85 -3.75
N VAL A 53 -0.64 6.24 -2.56
CA VAL A 53 0.47 5.35 -2.25
C VAL A 53 0.23 3.98 -2.85
N GLY A 54 1.03 3.61 -3.84
CA GLY A 54 0.89 2.32 -4.48
C GLY A 54 2.18 1.53 -4.49
N ILE A 55 2.96 1.69 -5.55
CA ILE A 55 4.23 0.97 -5.68
C ILE A 55 5.35 1.88 -6.16
N ASP A 56 6.50 1.75 -5.51
CA ASP A 56 7.69 2.52 -5.89
C ASP A 56 8.64 1.61 -6.65
N GLU A 57 8.72 0.37 -6.19
CA GLU A 57 9.57 -0.63 -6.82
C GLU A 57 9.12 -2.04 -6.45
N LEU A 58 8.95 -2.86 -7.48
CA LEU A 58 8.53 -4.25 -7.32
C LEU A 58 9.05 -5.08 -8.49
N VAL A 59 10.24 -5.64 -8.35
CA VAL A 59 10.82 -6.44 -9.43
C VAL A 59 11.12 -7.86 -9.00
N ASN A 60 10.34 -8.80 -9.58
CA ASN A 60 10.46 -10.24 -9.33
C ASN A 60 9.12 -10.85 -8.93
N ALA A 61 8.03 -10.15 -9.21
CA ALA A 61 6.69 -10.63 -8.87
C ALA A 61 5.64 -9.97 -9.74
N GLU A 62 4.37 -10.30 -9.49
CA GLU A 62 3.26 -9.74 -10.24
C GLU A 62 2.11 -9.37 -9.32
N ALA A 63 2.27 -8.26 -8.60
CA ALA A 63 1.25 -7.80 -7.67
C ALA A 63 -0.05 -7.45 -8.39
N PHE A 64 -1.09 -8.24 -8.15
CA PHE A 64 -2.39 -8.01 -8.75
C PHE A 64 -3.23 -7.09 -7.87
N ALA A 65 -3.05 -7.23 -6.56
CA ALA A 65 -3.76 -6.42 -5.59
C ALA A 65 -2.83 -5.98 -4.47
N TYR A 66 -2.55 -4.69 -4.40
CA TYR A 66 -1.66 -4.14 -3.38
C TYR A 66 -2.46 -3.56 -2.22
N ASP A 67 -2.67 -4.36 -1.20
CA ASP A 67 -3.42 -3.93 -0.02
C ASP A 67 -2.47 -3.56 1.12
N PHE A 68 -2.75 -2.45 1.78
CA PHE A 68 -1.93 -1.99 2.89
C PHE A 68 -2.79 -1.40 4.01
N THR A 69 -2.15 -1.12 5.14
CA THR A 69 -2.85 -0.55 6.29
C THR A 69 -2.26 0.81 6.65
N LEU A 70 -2.83 1.87 6.08
CA LEU A 70 -2.37 3.22 6.33
C LEU A 70 -2.85 3.73 7.69
N ASN A 71 -2.09 4.65 8.27
CA ASN A 71 -2.45 5.21 9.58
C ASN A 71 -2.37 6.73 9.55
N TYR A 72 -3.11 7.36 10.45
CA TYR A 72 -3.13 8.82 10.54
C TYR A 72 -3.53 9.27 11.95
N ASP A 73 -3.81 10.56 12.10
CA ASP A 73 -4.20 11.10 13.40
C ASP A 73 -5.71 11.03 13.58
N GLU A 74 -6.14 10.71 14.80
CA GLU A 74 -7.56 10.59 15.11
C GLU A 74 -8.04 11.79 15.95
N ASN A 75 -7.08 12.55 16.49
CA ASN A 75 -7.41 13.72 17.29
C ASN A 75 -7.38 15.00 16.46
N ALA A 76 -7.60 14.85 15.16
CA ALA A 76 -7.60 16.00 14.25
C ALA A 76 -8.09 15.60 12.87
N PHE A 77 -7.63 14.45 12.39
CA PHE A 77 -8.03 13.95 11.08
C PHE A 77 -9.23 13.02 11.21
N GLU A 78 -9.64 12.43 10.09
CA GLU A 78 -10.77 11.52 10.08
C GLU A 78 -10.90 10.84 8.72
N TYR A 79 -10.64 9.53 8.69
CA TYR A 79 -10.73 8.76 7.45
C TYR A 79 -12.04 9.02 6.73
N VAL A 80 -12.03 8.86 5.41
CA VAL A 80 -13.23 9.08 4.61
C VAL A 80 -13.45 7.91 3.65
N GLU A 81 -12.68 7.88 2.56
CA GLU A 81 -12.80 6.82 1.57
C GLU A 81 -11.58 6.79 0.65
N ALA A 82 -11.16 5.59 0.27
CA ALA A 82 -10.00 5.44 -0.60
C ALA A 82 -10.38 5.61 -2.04
N ILE A 83 -9.42 6.08 -2.78
CA ILE A 83 -9.62 6.35 -4.17
C ILE A 83 -8.43 5.97 -5.02
N SER A 84 -8.73 5.64 -6.26
CA SER A 84 -7.71 5.24 -7.23
C SER A 84 -7.86 6.02 -8.53
N ASP A 85 -7.04 5.68 -9.51
CA ASP A 85 -7.06 6.35 -10.80
C ASP A 85 -8.40 6.13 -11.50
N ASP A 86 -8.43 6.34 -12.82
CA ASP A 86 -9.65 6.16 -13.60
C ASP A 86 -9.75 4.75 -14.18
N GLY A 87 -9.06 3.81 -13.54
CA GLY A 87 -9.08 2.43 -14.00
C GLY A 87 -9.22 1.45 -12.84
N VAL A 88 -8.47 1.70 -11.78
CA VAL A 88 -8.51 0.85 -10.60
C VAL A 88 -9.43 1.44 -9.54
N PHE A 89 -10.15 0.58 -8.84
CA PHE A 89 -11.08 1.03 -7.79
C PHE A 89 -10.65 0.51 -6.42
N VAL A 90 -10.18 1.41 -5.58
CA VAL A 90 -9.74 1.04 -4.23
C VAL A 90 -10.80 1.41 -3.19
N ASN A 91 -10.94 0.57 -2.18
CA ASN A 91 -11.91 0.80 -1.11
C ASN A 91 -11.28 0.62 0.26
N ALA A 92 -11.39 1.66 1.10
CA ALA A 92 -10.83 1.61 2.44
C ALA A 92 -11.90 1.24 3.46
N LYS A 93 -11.47 0.79 4.63
CA LYS A 93 -12.42 0.42 5.69
C LYS A 93 -11.95 0.89 7.06
N LYS A 94 -12.62 1.91 7.58
CA LYS A 94 -12.30 2.46 8.89
C LYS A 94 -12.34 1.38 9.97
N ILE A 95 -11.18 0.82 10.27
CA ILE A 95 -11.08 -0.21 11.28
C ILE A 95 -10.97 0.40 12.68
N GLU A 96 -10.36 1.58 12.75
CA GLU A 96 -10.20 2.27 14.03
C GLU A 96 -9.94 3.76 13.82
N ASP A 97 -9.53 4.44 14.89
CA ASP A 97 -9.25 5.87 14.83
C ASP A 97 -7.84 6.13 14.34
N GLY A 98 -7.71 7.01 13.34
CA GLY A 98 -6.40 7.33 12.80
C GLY A 98 -5.70 6.12 12.23
N LYS A 99 -6.47 5.17 11.71
CA LYS A 99 -5.93 3.96 11.13
C LYS A 99 -7.03 3.15 10.49
N VAL A 100 -6.88 2.89 9.20
CA VAL A 100 -7.90 2.15 8.47
C VAL A 100 -7.29 1.34 7.33
N ARG A 101 -7.99 0.27 6.95
CA ARG A 101 -7.50 -0.61 5.88
C ARG A 101 -7.90 -0.12 4.49
N VAL A 102 -7.10 -0.47 3.51
CA VAL A 102 -7.35 -0.09 2.12
C VAL A 102 -7.37 -1.32 1.22
N LEU A 103 -8.33 -1.37 0.31
CA LEU A 103 -8.46 -2.51 -0.60
C LEU A 103 -8.43 -2.06 -2.05
N VAL A 104 -7.34 -2.38 -2.75
CA VAL A 104 -7.19 -1.99 -4.15
C VAL A 104 -7.28 -3.19 -5.09
N SER A 105 -7.82 -2.95 -6.28
CA SER A 105 -7.96 -3.99 -7.29
C SER A 105 -8.25 -3.36 -8.65
N SER A 106 -7.57 -3.83 -9.68
CA SER A 106 -7.76 -3.30 -11.03
C SER A 106 -9.09 -3.76 -11.62
N LEU A 107 -10.06 -2.84 -11.65
CA LEU A 107 -11.37 -3.15 -12.21
C LEU A 107 -11.27 -3.31 -13.72
N THR A 108 -10.17 -2.81 -14.29
CA THR A 108 -9.93 -2.89 -15.72
C THR A 108 -9.76 -4.34 -16.16
N GLY A 109 -9.19 -5.15 -15.28
CA GLY A 109 -8.97 -6.55 -15.59
C GLY A 109 -7.49 -6.89 -15.68
N GLU A 110 -6.65 -5.87 -15.82
CA GLU A 110 -5.21 -6.07 -15.92
C GLU A 110 -4.54 -5.85 -14.57
N PRO A 111 -3.36 -6.46 -14.36
CA PRO A 111 -2.61 -6.33 -13.10
C PRO A 111 -2.24 -4.89 -12.80
N LEU A 112 -1.84 -4.63 -11.56
CA LEU A 112 -1.44 -3.29 -11.14
C LEU A 112 -0.25 -2.79 -11.97
N PRO A 113 -0.46 -1.75 -12.80
CA PRO A 113 0.62 -1.20 -13.63
C PRO A 113 1.79 -0.67 -12.80
N ALA A 114 1.52 -0.39 -11.53
CA ALA A 114 2.55 0.13 -10.64
C ALA A 114 3.05 1.48 -11.13
N LYS A 115 3.90 2.12 -10.33
CA LYS A 115 4.44 3.42 -10.69
C LYS A 115 3.31 4.41 -10.94
N GLU A 116 2.16 4.15 -10.34
CA GLU A 116 0.99 5.00 -10.49
C GLU A 116 0.22 5.09 -9.17
N VAL A 117 -1.01 5.56 -9.23
CA VAL A 117 -1.84 5.68 -8.04
C VAL A 117 -2.66 4.41 -7.84
N LEU A 118 -2.25 3.61 -6.87
CA LEU A 118 -2.94 2.35 -6.58
C LEU A 118 -4.00 2.55 -5.50
N ALA A 119 -3.74 3.46 -4.56
CA ALA A 119 -4.69 3.71 -3.48
C ALA A 119 -4.47 5.08 -2.86
N LYS A 120 -5.58 5.79 -2.62
CA LYS A 120 -5.50 7.11 -2.02
C LYS A 120 -6.53 7.28 -0.91
N VAL A 121 -6.10 7.16 0.34
CA VAL A 121 -6.99 7.32 1.47
C VAL A 121 -7.04 8.79 1.89
N VAL A 122 -8.20 9.41 1.74
CA VAL A 122 -8.37 10.82 2.08
C VAL A 122 -8.74 11.01 3.55
N LEU A 123 -7.79 11.51 4.33
CA LEU A 123 -8.03 11.77 5.75
C LEU A 123 -8.66 13.15 5.91
N ARG A 124 -9.94 13.16 6.26
CA ARG A 124 -10.69 14.41 6.41
C ARG A 124 -10.04 15.38 7.40
N ALA A 125 -9.64 16.54 6.90
CA ALA A 125 -9.05 17.59 7.71
C ALA A 125 -10.16 18.43 8.33
N GLU A 126 -10.89 17.83 9.26
CA GLU A 126 -11.98 18.52 9.93
C GLU A 126 -11.43 19.27 11.15
N ALA A 127 -10.14 19.08 11.38
CA ALA A 127 -9.45 19.72 12.47
C ALA A 127 -7.96 19.67 12.22
N LYS A 128 -7.37 20.84 12.23
CA LYS A 128 -5.94 20.99 11.98
C LYS A 128 -5.11 19.93 12.71
N ALA A 129 -3.93 19.67 12.16
CA ALA A 129 -3.01 18.69 12.73
C ALA A 129 -1.65 18.83 12.05
N GLU A 130 -1.07 20.02 12.14
CA GLU A 130 0.23 20.30 11.52
C GLU A 130 1.28 19.31 12.00
N GLY A 131 1.72 18.45 11.07
CA GLY A 131 2.72 17.46 11.40
C GLY A 131 2.15 16.05 11.48
N SER A 132 0.82 15.95 11.50
CA SER A 132 0.15 14.65 11.55
C SER A 132 0.64 13.77 10.41
N ASN A 133 1.69 12.99 10.67
CA ASN A 133 2.26 12.13 9.65
C ASN A 133 1.51 10.81 9.52
N LEU A 134 1.32 10.38 8.28
CA LEU A 134 0.64 9.13 7.98
C LEU A 134 1.64 8.12 7.42
N SER A 135 1.62 6.91 7.95
CA SER A 135 2.55 5.88 7.51
C SER A 135 1.81 4.63 7.06
N VAL A 136 2.12 4.18 5.84
CA VAL A 136 1.49 2.99 5.28
C VAL A 136 2.44 1.80 5.37
N THR A 137 2.29 1.02 6.43
CA THR A 137 3.14 -0.15 6.64
C THR A 137 2.41 -1.42 6.24
N ASN A 138 2.98 -2.58 6.57
CA ASN A 138 2.39 -3.88 6.24
C ASN A 138 1.82 -3.91 4.84
N SER A 139 2.31 -3.02 3.97
CA SER A 139 1.85 -2.95 2.59
C SER A 139 2.20 -4.24 1.84
N SER A 140 1.19 -5.08 1.62
CA SER A 140 1.40 -6.34 0.91
C SER A 140 0.95 -6.24 -0.55
N VAL A 141 1.07 -7.36 -1.25
CA VAL A 141 0.67 -7.41 -2.66
C VAL A 141 0.01 -8.75 -2.98
N GLY A 142 -0.38 -8.94 -4.24
CA GLY A 142 -1.02 -10.18 -4.64
C GLY A 142 -0.44 -10.76 -5.91
N ASP A 143 0.68 -11.47 -5.78
CA ASP A 143 1.34 -12.08 -6.93
C ASP A 143 0.33 -12.81 -7.83
N GLY A 144 0.72 -13.06 -9.07
CA GLY A 144 -0.16 -13.74 -10.00
C GLY A 144 -0.58 -15.11 -9.52
N GLU A 145 0.38 -15.85 -8.98
CA GLU A 145 0.11 -17.20 -8.48
C GLU A 145 -0.81 -17.14 -7.25
N GLY A 146 -0.70 -16.06 -6.48
CA GLY A 146 -1.52 -15.92 -5.30
C GLY A 146 -0.72 -15.51 -4.08
N LEU A 147 0.55 -15.90 -4.06
CA LEU A 147 1.43 -15.58 -2.93
C LEU A 147 1.58 -14.07 -2.78
N VAL A 148 2.17 -13.65 -1.66
CA VAL A 148 2.38 -12.24 -1.40
C VAL A 148 3.85 -11.94 -1.14
N HIS A 149 4.31 -10.80 -1.64
CA HIS A 149 5.69 -10.38 -1.45
C HIS A 149 5.76 -9.12 -0.59
N GLU A 150 5.94 -9.31 0.72
CA GLU A 150 6.02 -8.19 1.64
C GLU A 150 6.96 -7.11 1.11
N ILE A 151 6.39 -6.02 0.62
CA ILE A 151 7.18 -4.93 0.06
C ILE A 151 7.63 -3.96 1.15
N ALA A 152 8.30 -2.89 0.73
CA ALA A 152 8.80 -1.87 1.63
C ALA A 152 7.67 -1.01 2.18
N GLY A 153 8.00 0.19 2.65
CA GLY A 153 6.99 1.08 3.19
C GLY A 153 7.46 2.52 3.22
N THR A 154 6.54 3.45 3.48
CA THR A 154 6.87 4.87 3.54
C THR A 154 5.74 5.65 4.22
N GLU A 155 6.04 6.88 4.63
CA GLU A 155 5.05 7.70 5.30
C GLU A 155 5.03 9.14 4.75
N LYS A 156 4.12 9.95 5.27
CA LYS A 156 3.98 11.34 4.84
C LYS A 156 3.54 12.21 6.02
N THR A 157 3.58 13.52 5.82
CA THR A 157 3.17 14.47 6.85
C THR A 157 2.43 15.65 6.22
N VAL A 158 1.16 15.78 6.56
CA VAL A 158 0.34 16.87 6.03
C VAL A 158 0.10 17.95 7.07
N ASN A 159 0.20 19.21 6.64
CA ASN A 159 -0.01 20.34 7.53
C ASN A 159 -1.37 20.95 7.31
N ILE A 160 -2.28 20.69 8.23
CA ILE A 160 -3.61 21.26 8.13
C ILE A 160 -3.61 22.65 8.69
N ILE A 161 -3.98 23.60 7.86
CA ILE A 161 -4.01 24.98 8.26
C ILE A 161 -5.44 25.43 8.50
N GLU A 162 -5.61 26.37 9.42
CA GLU A 162 -6.94 26.87 9.75
C GLU A 162 -7.50 27.73 8.62
N GLY A 163 -8.80 27.66 8.43
CA GLY A 163 -9.45 28.44 7.38
C GLY A 163 -10.95 28.54 7.57
N THR A 164 -11.63 29.13 6.60
CA THR A 164 -13.08 29.29 6.65
C THR A 164 -13.77 28.29 5.73
N SER A 165 -15.09 28.39 5.65
CA SER A 165 -15.87 27.49 4.80
C SER A 165 -16.78 28.29 3.86
N MET A 1 -41.37 -24.97 7.50
CA MET A 1 -41.64 -25.26 6.07
C MET A 1 -40.35 -25.38 5.27
N GLY A 2 -39.55 -24.33 5.29
CA GLY A 2 -38.29 -24.33 4.57
C GLY A 2 -38.04 -23.04 3.81
N SER A 3 -39.11 -22.45 3.29
CA SER A 3 -39.01 -21.20 2.53
C SER A 3 -38.28 -21.42 1.21
N SER A 4 -36.98 -21.67 1.30
CA SER A 4 -36.16 -21.90 0.11
C SER A 4 -36.30 -23.33 -0.39
N HIS A 5 -36.91 -23.49 -1.56
CA HIS A 5 -37.12 -24.81 -2.14
C HIS A 5 -36.50 -24.89 -3.54
N HIS A 6 -35.41 -24.16 -3.73
CA HIS A 6 -34.72 -24.14 -5.02
C HIS A 6 -33.46 -23.29 -4.95
N HIS A 7 -32.33 -23.93 -4.64
CA HIS A 7 -31.06 -23.23 -4.53
C HIS A 7 -30.33 -23.25 -5.87
N HIS A 8 -29.66 -22.13 -6.20
CA HIS A 8 -28.92 -22.03 -7.44
C HIS A 8 -27.42 -22.03 -7.19
N HIS A 9 -27.00 -22.81 -6.20
CA HIS A 9 -25.59 -22.90 -5.85
C HIS A 9 -25.05 -21.56 -5.39
N HIS A 10 -24.59 -21.51 -4.13
CA HIS A 10 -24.04 -20.27 -3.56
C HIS A 10 -25.11 -19.18 -3.54
N SER A 11 -24.90 -18.18 -2.68
CA SER A 11 -25.83 -17.07 -2.55
C SER A 11 -25.11 -15.73 -2.62
N SER A 12 -24.41 -15.40 -1.54
CA SER A 12 -23.66 -14.15 -1.46
C SER A 12 -22.21 -14.40 -1.05
N GLY A 13 -22.01 -14.69 0.23
CA GLY A 13 -20.67 -14.94 0.72
C GLY A 13 -20.58 -14.79 2.24
N LEU A 14 -20.25 -15.88 2.91
CA LEU A 14 -20.12 -15.87 4.37
C LEU A 14 -18.67 -16.06 4.79
N VAL A 15 -17.94 -16.88 4.04
CA VAL A 15 -16.54 -17.15 4.34
C VAL A 15 -15.67 -16.94 3.11
N PRO A 16 -15.27 -15.68 2.83
CA PRO A 16 -14.44 -15.32 1.68
C PRO A 16 -13.45 -16.42 1.29
N ARG A 17 -12.57 -16.78 2.23
CA ARG A 17 -11.58 -17.82 1.98
C ARG A 17 -12.05 -19.16 2.52
N GLY A 18 -11.28 -20.21 2.23
CA GLY A 18 -11.63 -21.53 2.69
C GLY A 18 -10.99 -22.63 1.86
N SER A 19 -9.67 -22.76 1.97
CA SER A 19 -8.94 -23.77 1.23
C SER A 19 -7.97 -24.53 2.14
N HIS A 20 -7.37 -25.58 1.60
CA HIS A 20 -6.42 -26.39 2.37
C HIS A 20 -5.04 -25.76 2.37
N MET A 21 -4.46 -25.60 1.17
CA MET A 21 -3.15 -25.00 1.04
C MET A 21 -3.05 -24.18 -0.24
N ALA A 22 -2.35 -23.05 -0.16
CA ALA A 22 -2.18 -22.18 -1.32
C ALA A 22 -0.73 -21.71 -1.45
N SER A 23 0.20 -22.59 -1.12
CA SER A 23 1.61 -22.27 -1.19
C SER A 23 2.46 -23.53 -1.37
N LYS A 24 3.57 -23.39 -2.08
CA LYS A 24 4.46 -24.53 -2.33
C LYS A 24 5.92 -24.13 -2.12
N LEU A 25 6.43 -23.27 -3.00
CA LEU A 25 7.80 -22.80 -2.92
C LEU A 25 7.95 -21.42 -3.53
N LYS A 26 8.97 -20.68 -3.10
CA LYS A 26 9.22 -19.35 -3.61
C LYS A 26 10.69 -18.98 -3.47
N GLU A 27 11.40 -18.97 -4.60
CA GLU A 27 12.82 -18.63 -4.60
C GLU A 27 13.27 -18.17 -5.99
N ALA A 28 14.55 -17.81 -6.10
CA ALA A 28 15.10 -17.35 -7.36
C ALA A 28 14.37 -16.09 -7.85
N ALA A 29 13.89 -15.29 -6.92
CA ALA A 29 13.17 -14.07 -7.26
C ALA A 29 12.82 -13.27 -6.01
N GLU A 30 13.81 -12.58 -5.46
CA GLU A 30 13.61 -11.77 -4.26
C GLU A 30 13.32 -10.32 -4.63
N VAL A 31 12.04 -9.95 -4.56
CA VAL A 31 11.62 -8.58 -4.89
C VAL A 31 12.28 -7.58 -3.95
N THR A 32 12.41 -6.34 -4.41
CA THR A 32 13.01 -5.29 -3.61
C THR A 32 11.97 -4.73 -2.66
N GLY A 33 10.79 -4.48 -3.20
CA GLY A 33 9.70 -3.98 -2.41
C GLY A 33 9.84 -2.53 -2.03
N SER A 34 8.91 -1.72 -2.51
CA SER A 34 8.92 -0.29 -2.20
C SER A 34 7.58 0.36 -2.50
N VAL A 35 7.13 1.21 -1.58
CA VAL A 35 5.86 1.89 -1.71
C VAL A 35 6.02 3.23 -2.40
N SER A 36 5.11 3.50 -3.32
CA SER A 36 5.11 4.77 -4.04
C SER A 36 4.23 5.76 -3.30
N LEU A 37 4.86 6.72 -2.64
CA LEU A 37 4.12 7.72 -1.87
C LEU A 37 4.23 9.11 -2.49
N GLU A 38 3.09 9.64 -2.92
CA GLU A 38 3.04 10.97 -3.52
C GLU A 38 1.79 11.71 -3.05
N ALA A 39 1.99 12.72 -2.21
CA ALA A 39 0.87 13.50 -1.68
C ALA A 39 1.20 14.99 -1.64
N LEU A 40 0.15 15.81 -1.54
CA LEU A 40 0.32 17.26 -1.49
C LEU A 40 1.00 17.66 -0.18
N GLU A 41 0.76 16.88 0.87
CA GLU A 41 1.35 17.13 2.17
C GLU A 41 0.77 18.39 2.82
N GLU A 42 -0.45 18.77 2.42
CA GLU A 42 -1.08 19.95 2.99
C GLU A 42 -2.59 19.99 2.70
N VAL A 43 -3.38 20.12 3.76
CA VAL A 43 -4.84 20.20 3.63
C VAL A 43 -5.42 21.10 4.72
N GLN A 44 -5.87 22.29 4.32
CA GLN A 44 -6.44 23.24 5.27
C GLN A 44 -7.78 22.73 5.82
N VAL A 45 -7.92 22.69 7.14
CA VAL A 45 -9.14 22.23 7.80
C VAL A 45 -10.38 22.50 6.97
N GLY A 46 -11.16 21.44 6.77
CA GLY A 46 -12.37 21.55 6.02
C GLY A 46 -12.32 20.76 4.72
N GLU A 47 -11.11 20.52 4.22
CA GLU A 47 -10.94 19.78 2.97
C GLU A 47 -10.34 18.41 3.26
N ASN A 48 -10.05 17.67 2.19
CA ASN A 48 -9.47 16.34 2.32
C ASN A 48 -8.25 16.18 1.42
N LEU A 49 -7.30 15.36 1.86
CA LEU A 49 -6.08 15.12 1.09
C LEU A 49 -6.20 13.84 0.28
N GLU A 50 -5.37 13.71 -0.75
CA GLU A 50 -5.39 12.53 -1.60
C GLU A 50 -4.00 11.94 -1.73
N VAL A 51 -3.68 10.98 -0.88
CA VAL A 51 -2.38 10.34 -0.90
C VAL A 51 -2.45 8.96 -1.56
N GLY A 52 -2.08 8.91 -2.84
CA GLY A 52 -2.11 7.66 -3.57
C GLY A 52 -0.86 6.84 -3.37
N VAL A 53 -0.78 6.14 -2.25
CA VAL A 53 0.37 5.31 -1.95
C VAL A 53 0.31 4.00 -2.72
N GLY A 54 1.10 3.91 -3.78
CA GLY A 54 1.11 2.71 -4.60
C GLY A 54 2.41 1.94 -4.52
N ILE A 55 2.96 1.59 -5.68
CA ILE A 55 4.21 0.83 -5.73
C ILE A 55 5.37 1.70 -6.23
N ASP A 56 6.45 1.72 -5.46
CA ASP A 56 7.65 2.47 -5.84
C ASP A 56 8.64 1.54 -6.52
N GLU A 57 8.69 0.31 -6.02
CA GLU A 57 9.58 -0.71 -6.57
C GLU A 57 9.16 -2.11 -6.13
N LEU A 58 9.06 -3.00 -7.09
CA LEU A 58 8.69 -4.39 -6.86
C LEU A 58 9.16 -5.25 -8.02
N VAL A 59 10.37 -5.80 -7.91
CA VAL A 59 10.93 -6.62 -8.98
C VAL A 59 11.20 -8.05 -8.55
N ASN A 60 10.32 -8.95 -8.99
CA ASN A 60 10.40 -10.40 -8.70
C ASN A 60 9.05 -10.96 -8.27
N ALA A 61 7.97 -10.29 -8.65
CA ALA A 61 6.63 -10.74 -8.29
C ALA A 61 5.61 -10.27 -9.33
N GLU A 62 4.32 -10.45 -9.03
CA GLU A 62 3.26 -10.04 -9.94
C GLU A 62 2.10 -9.42 -9.17
N ALA A 63 2.24 -8.14 -8.83
CA ALA A 63 1.21 -7.43 -8.09
C ALA A 63 -0.10 -7.37 -8.87
N PHE A 64 -1.15 -7.92 -8.29
CA PHE A 64 -2.46 -7.93 -8.91
C PHE A 64 -3.47 -7.14 -8.09
N ALA A 65 -3.40 -7.30 -6.77
CA ALA A 65 -4.30 -6.61 -5.86
C ALA A 65 -3.54 -5.97 -4.71
N TYR A 66 -3.51 -4.65 -4.68
CA TYR A 66 -2.82 -3.91 -3.65
C TYR A 66 -3.70 -3.70 -2.43
N ASP A 67 -3.13 -3.92 -1.25
CA ASP A 67 -3.86 -3.74 0.00
C ASP A 67 -2.91 -3.27 1.10
N PHE A 68 -3.06 -2.01 1.51
CA PHE A 68 -2.20 -1.46 2.56
C PHE A 68 -3.03 -0.90 3.71
N THR A 69 -2.34 -0.53 4.78
CA THR A 69 -2.99 0.03 5.96
C THR A 69 -2.28 1.30 6.41
N LEU A 70 -2.90 2.45 6.13
CA LEU A 70 -2.32 3.74 6.50
C LEU A 70 -2.51 4.02 7.99
N ASN A 71 -1.62 4.83 8.55
CA ASN A 71 -1.68 5.18 9.96
C ASN A 71 -1.63 6.70 10.14
N TYR A 72 -2.78 7.27 10.50
CA TYR A 72 -2.87 8.72 10.71
C TYR A 72 -3.35 9.03 12.13
N ASP A 73 -3.71 10.29 12.36
CA ASP A 73 -4.19 10.71 13.67
C ASP A 73 -5.71 10.88 13.67
N GLU A 74 -6.34 10.46 14.76
CA GLU A 74 -7.79 10.56 14.89
C GLU A 74 -8.18 11.81 15.68
N ASN A 75 -7.27 12.28 16.52
CA ASN A 75 -7.52 13.47 17.34
C ASN A 75 -7.72 14.70 16.47
N ALA A 76 -7.10 14.71 15.30
CA ALA A 76 -7.20 15.84 14.38
C ALA A 76 -7.79 15.42 13.04
N PHE A 77 -7.31 14.30 12.52
CA PHE A 77 -7.79 13.78 11.23
C PHE A 77 -8.92 12.78 11.42
N GLU A 78 -9.40 12.24 10.32
CA GLU A 78 -10.48 11.25 10.36
C GLU A 78 -10.70 10.66 8.97
N TYR A 79 -10.44 9.35 8.86
CA TYR A 79 -10.59 8.65 7.59
C TYR A 79 -11.91 9.00 6.90
N VAL A 80 -11.82 9.28 5.60
CA VAL A 80 -12.99 9.63 4.82
C VAL A 80 -13.41 8.48 3.90
N GLU A 81 -12.75 8.36 2.75
CA GLU A 81 -13.04 7.30 1.80
C GLU A 81 -11.89 7.12 0.82
N ALA A 82 -11.55 5.86 0.53
CA ALA A 82 -10.47 5.56 -0.40
C ALA A 82 -10.93 5.62 -1.81
N ILE A 83 -10.01 6.05 -2.65
CA ILE A 83 -10.30 6.23 -4.04
C ILE A 83 -9.30 5.52 -4.93
N SER A 84 -9.77 5.21 -6.12
CA SER A 84 -8.97 4.52 -7.12
C SER A 84 -8.74 5.40 -8.34
N ASP A 85 -7.77 5.04 -9.16
CA ASP A 85 -7.46 5.80 -10.37
C ASP A 85 -8.64 5.81 -11.33
N ASP A 86 -8.37 6.11 -12.60
CA ASP A 86 -9.43 6.15 -13.61
C ASP A 86 -9.52 4.82 -14.35
N GLY A 87 -9.34 3.73 -13.61
CA GLY A 87 -9.40 2.41 -14.20
C GLY A 87 -9.48 1.32 -13.16
N VAL A 88 -8.71 1.48 -12.08
CA VAL A 88 -8.68 0.51 -11.00
C VAL A 88 -9.77 0.81 -9.98
N PHE A 89 -9.99 -0.12 -9.06
CA PHE A 89 -11.01 0.04 -8.02
C PHE A 89 -10.39 0.06 -6.64
N VAL A 90 -10.95 0.87 -5.74
CA VAL A 90 -10.45 0.98 -4.38
C VAL A 90 -11.60 1.12 -3.38
N ASN A 91 -11.46 0.45 -2.25
CA ASN A 91 -12.47 0.50 -1.21
C ASN A 91 -11.85 0.16 0.15
N ALA A 92 -11.71 1.17 1.00
CA ALA A 92 -11.12 0.98 2.32
C ALA A 92 -12.19 0.79 3.38
N LYS A 93 -11.75 0.56 4.61
CA LYS A 93 -12.68 0.35 5.72
C LYS A 93 -12.05 0.73 7.06
N LYS A 94 -12.57 1.80 7.64
CA LYS A 94 -12.09 2.30 8.92
C LYS A 94 -12.12 1.21 9.98
N ILE A 95 -10.98 0.56 10.15
CA ILE A 95 -10.85 -0.51 11.13
C ILE A 95 -10.67 0.08 12.53
N GLU A 96 -10.18 1.31 12.60
CA GLU A 96 -9.98 1.97 13.88
C GLU A 96 -9.72 3.46 13.68
N ASP A 97 -9.25 4.13 14.72
CA ASP A 97 -8.96 5.56 14.65
C ASP A 97 -7.54 5.80 14.16
N GLY A 98 -7.40 6.73 13.20
CA GLY A 98 -6.08 7.04 12.65
C GLY A 98 -5.40 5.82 12.05
N LYS A 99 -6.21 4.89 11.54
CA LYS A 99 -5.69 3.68 10.93
C LYS A 99 -6.83 2.89 10.31
N VAL A 100 -6.73 2.64 9.02
CA VAL A 100 -7.78 1.94 8.32
C VAL A 100 -7.24 1.13 7.15
N ARG A 101 -7.96 0.08 6.77
CA ARG A 101 -7.53 -0.81 5.69
C ARG A 101 -8.10 -0.37 4.34
N VAL A 102 -7.36 -0.69 3.28
CA VAL A 102 -7.77 -0.36 1.93
C VAL A 102 -7.75 -1.59 1.03
N LEU A 103 -8.78 -1.73 0.20
CA LEU A 103 -8.88 -2.86 -0.71
C LEU A 103 -8.94 -2.38 -2.16
N VAL A 104 -7.82 -2.50 -2.86
CA VAL A 104 -7.75 -2.07 -4.24
C VAL A 104 -7.68 -3.25 -5.20
N SER A 105 -8.11 -3.02 -6.43
CA SER A 105 -8.10 -4.07 -7.46
C SER A 105 -8.28 -3.44 -8.85
N SER A 106 -7.50 -3.93 -9.81
CA SER A 106 -7.57 -3.40 -11.17
C SER A 106 -8.80 -3.93 -11.89
N LEU A 107 -9.80 -3.07 -12.04
CA LEU A 107 -11.03 -3.43 -12.74
C LEU A 107 -10.94 -3.04 -14.21
N THR A 108 -9.71 -2.99 -14.72
CA THR A 108 -9.45 -2.63 -16.11
C THR A 108 -9.24 -3.87 -16.96
N GLY A 109 -8.67 -4.91 -16.36
CA GLY A 109 -8.41 -6.15 -17.07
C GLY A 109 -6.97 -6.59 -16.93
N GLU A 110 -6.08 -5.63 -16.68
CA GLU A 110 -4.66 -5.92 -16.52
C GLU A 110 -4.26 -5.87 -15.05
N PRO A 111 -3.15 -6.53 -14.69
CA PRO A 111 -2.66 -6.56 -13.31
C PRO A 111 -2.22 -5.18 -12.82
N LEU A 112 -1.68 -5.14 -11.60
CA LEU A 112 -1.22 -3.89 -11.01
C LEU A 112 -0.21 -3.19 -11.92
N PRO A 113 -0.56 -2.00 -12.45
CA PRO A 113 0.32 -1.24 -13.35
C PRO A 113 1.58 -0.79 -12.63
N ALA A 114 1.43 -0.38 -11.37
CA ALA A 114 2.56 0.09 -10.58
C ALA A 114 3.13 1.38 -11.15
N LYS A 115 4.01 2.02 -10.38
CA LYS A 115 4.64 3.27 -10.81
C LYS A 115 3.60 4.39 -10.94
N GLU A 116 2.43 4.17 -10.35
CA GLU A 116 1.36 5.16 -10.40
C GLU A 116 0.53 5.12 -9.12
N VAL A 117 -0.62 5.77 -9.14
CA VAL A 117 -1.50 5.78 -7.99
C VAL A 117 -2.28 4.48 -7.87
N LEU A 118 -1.88 3.63 -6.93
CA LEU A 118 -2.53 2.34 -6.73
C LEU A 118 -3.74 2.48 -5.80
N ALA A 119 -3.66 3.42 -4.86
CA ALA A 119 -4.75 3.63 -3.91
C ALA A 119 -4.56 4.91 -3.11
N LYS A 120 -5.64 5.68 -2.97
CA LYS A 120 -5.59 6.93 -2.23
C LYS A 120 -6.64 6.97 -1.12
N VAL A 121 -6.17 6.96 0.12
CA VAL A 121 -7.07 7.04 1.27
C VAL A 121 -7.10 8.46 1.80
N VAL A 122 -8.11 9.21 1.39
CA VAL A 122 -8.25 10.61 1.79
C VAL A 122 -8.75 10.74 3.23
N LEU A 123 -7.95 11.38 4.08
CA LEU A 123 -8.33 11.58 5.46
C LEU A 123 -9.13 12.87 5.58
N ARG A 124 -9.74 13.11 6.74
CA ARG A 124 -10.56 14.29 6.94
C ARG A 124 -9.89 15.35 7.82
N ALA A 125 -9.67 16.52 7.25
CA ALA A 125 -9.07 17.64 7.98
C ALA A 125 -10.17 18.45 8.66
N GLU A 126 -10.79 17.85 9.65
CA GLU A 126 -11.86 18.51 10.40
C GLU A 126 -11.25 19.30 11.55
N ALA A 127 -9.95 19.12 11.73
CA ALA A 127 -9.21 19.81 12.76
C ALA A 127 -7.73 19.75 12.44
N LYS A 128 -7.14 20.91 12.38
CA LYS A 128 -5.72 21.05 12.06
C LYS A 128 -4.86 19.99 12.74
N ALA A 129 -3.69 19.76 12.16
CA ALA A 129 -2.73 18.79 12.67
C ALA A 129 -1.42 18.93 11.92
N GLU A 130 -0.82 20.12 12.00
CA GLU A 130 0.43 20.39 11.31
C GLU A 130 1.51 19.39 11.71
N GLY A 131 1.98 18.62 10.73
CA GLY A 131 3.00 17.62 10.98
C GLY A 131 2.43 16.29 11.42
N SER A 132 1.15 16.07 11.12
CA SER A 132 0.48 14.82 11.48
C SER A 132 1.02 13.67 10.63
N ASN A 133 2.30 13.35 10.82
CA ASN A 133 2.96 12.30 10.07
C ASN A 133 2.09 11.04 9.94
N LEU A 134 2.00 10.53 8.72
CA LEU A 134 1.23 9.33 8.44
C LEU A 134 2.18 8.21 8.04
N SER A 135 1.79 6.97 8.34
CA SER A 135 2.63 5.82 8.01
C SER A 135 1.83 4.70 7.37
N VAL A 136 2.29 4.27 6.19
CA VAL A 136 1.63 3.20 5.46
C VAL A 136 2.52 1.95 5.40
N THR A 137 2.32 1.05 6.34
CA THR A 137 3.09 -0.18 6.39
C THR A 137 2.29 -1.35 5.82
N ASN A 138 2.68 -2.58 6.18
CA ASN A 138 2.00 -3.79 5.71
C ASN A 138 1.65 -3.70 4.22
N SER A 139 2.38 -2.86 3.49
CA SER A 139 2.15 -2.69 2.06
C SER A 139 2.41 -4.00 1.32
N SER A 140 1.41 -4.88 1.31
CA SER A 140 1.53 -6.18 0.66
C SER A 140 0.62 -6.26 -0.56
N VAL A 141 1.12 -6.88 -1.62
CA VAL A 141 0.34 -7.04 -2.85
C VAL A 141 0.10 -8.50 -3.17
N GLY A 142 -1.01 -8.79 -3.84
CA GLY A 142 -1.33 -10.16 -4.19
C GLY A 142 -0.67 -10.62 -5.48
N ASP A 143 0.43 -11.34 -5.35
CA ASP A 143 1.16 -11.85 -6.50
C ASP A 143 0.23 -12.56 -7.48
N GLY A 144 0.68 -12.73 -8.71
CA GLY A 144 -0.13 -13.39 -9.72
C GLY A 144 -0.50 -14.81 -9.32
N GLU A 145 0.47 -15.56 -8.81
CA GLU A 145 0.23 -16.93 -8.40
C GLU A 145 -0.74 -16.99 -7.22
N GLY A 146 -0.69 -15.96 -6.38
CA GLY A 146 -1.56 -15.90 -5.22
C GLY A 146 -0.84 -15.45 -3.97
N LEU A 147 0.46 -15.74 -3.91
CA LEU A 147 1.27 -15.36 -2.76
C LEU A 147 1.36 -13.84 -2.62
N VAL A 148 1.87 -13.39 -1.48
CA VAL A 148 2.00 -11.96 -1.23
C VAL A 148 3.45 -11.59 -0.93
N HIS A 149 3.84 -10.37 -1.30
CA HIS A 149 5.20 -9.91 -1.07
C HIS A 149 5.22 -8.59 -0.31
N GLU A 150 5.27 -8.68 1.02
CA GLU A 150 5.30 -7.47 1.86
C GLU A 150 6.46 -6.57 1.43
N ILE A 151 6.13 -5.49 0.74
CA ILE A 151 7.14 -4.57 0.25
C ILE A 151 7.54 -3.55 1.33
N ALA A 152 8.41 -2.63 0.92
CA ALA A 152 8.91 -1.58 1.80
C ALA A 152 7.77 -0.69 2.30
N GLY A 153 8.11 0.52 2.71
CA GLY A 153 7.11 1.46 3.20
C GLY A 153 7.56 2.90 3.10
N THR A 154 6.69 3.82 3.46
CA THR A 154 7.01 5.24 3.39
C THR A 154 6.00 6.06 4.20
N GLU A 155 6.47 7.14 4.82
CA GLU A 155 5.60 7.99 5.63
C GLU A 155 5.31 9.33 4.94
N LYS A 156 4.27 10.00 5.42
CA LYS A 156 3.86 11.30 4.87
C LYS A 156 3.62 12.30 5.98
N THR A 157 3.56 13.56 5.61
CA THR A 157 3.32 14.63 6.57
C THR A 157 2.45 15.71 5.94
N VAL A 158 1.25 15.89 6.48
CA VAL A 158 0.32 16.89 5.96
C VAL A 158 0.10 18.01 6.98
N ASN A 159 0.26 19.24 6.52
CA ASN A 159 0.06 20.41 7.39
C ASN A 159 -1.31 21.00 7.19
N ILE A 160 -2.18 20.77 8.15
CA ILE A 160 -3.52 21.31 8.08
C ILE A 160 -3.52 22.73 8.58
N ILE A 161 -3.84 23.64 7.68
CA ILE A 161 -3.85 25.05 7.99
C ILE A 161 -5.27 25.51 8.30
N GLU A 162 -5.40 26.41 9.28
CA GLU A 162 -6.71 26.91 9.67
C GLU A 162 -7.35 27.71 8.54
N GLY A 163 -8.66 27.63 8.44
CA GLY A 163 -9.39 28.35 7.40
C GLY A 163 -10.46 29.26 7.97
N THR A 164 -11.55 29.41 7.22
CA THR A 164 -12.66 30.27 7.65
C THR A 164 -13.10 29.94 9.07
N SER A 165 -14.07 30.70 9.56
CA SER A 165 -14.60 30.50 10.90
C SER A 165 -13.50 30.66 11.95
N MET A 1 -11.66 -25.56 18.90
CA MET A 1 -11.93 -27.00 18.64
C MET A 1 -12.66 -27.20 17.32
N GLY A 2 -12.45 -28.34 16.69
CA GLY A 2 -13.10 -28.63 15.42
C GLY A 2 -13.63 -30.04 15.36
N SER A 3 -14.26 -30.49 16.43
CA SER A 3 -14.82 -31.84 16.49
C SER A 3 -15.84 -31.96 17.61
N SER A 4 -16.62 -33.03 17.60
CA SER A 4 -17.64 -33.26 18.61
C SER A 4 -17.57 -34.68 19.15
N HIS A 5 -18.43 -34.99 20.11
CA HIS A 5 -18.46 -36.32 20.71
C HIS A 5 -19.56 -37.18 20.09
N HIS A 6 -19.80 -36.98 18.79
CA HIS A 6 -20.83 -37.72 18.08
C HIS A 6 -20.20 -38.75 17.15
N HIS A 7 -19.11 -38.37 16.51
CA HIS A 7 -18.41 -39.27 15.58
C HIS A 7 -19.32 -39.69 14.44
N HIS A 8 -19.33 -38.91 13.37
CA HIS A 8 -20.16 -39.20 12.21
C HIS A 8 -19.34 -39.08 10.91
N HIS A 9 -20.01 -39.29 9.79
CA HIS A 9 -19.35 -39.21 8.48
C HIS A 9 -20.09 -38.25 7.56
N HIS A 10 -19.60 -37.02 7.47
CA HIS A 10 -20.21 -36.01 6.62
C HIS A 10 -19.17 -35.33 5.74
N SER A 11 -18.06 -34.93 6.37
CA SER A 11 -16.98 -34.26 5.65
C SER A 11 -15.73 -34.17 6.51
N SER A 12 -15.92 -33.82 7.79
CA SER A 12 -14.79 -33.72 8.72
C SER A 12 -13.90 -32.53 8.36
N GLY A 13 -13.16 -32.67 7.25
CA GLY A 13 -12.29 -31.60 6.81
C GLY A 13 -12.22 -31.49 5.30
N LEU A 14 -11.07 -31.86 4.74
CA LEU A 14 -10.88 -31.80 3.29
C LEU A 14 -11.05 -30.36 2.78
N VAL A 15 -9.98 -29.57 2.90
CA VAL A 15 -10.01 -28.19 2.46
C VAL A 15 -9.18 -28.00 1.19
N PRO A 16 -9.79 -28.19 0.01
CA PRO A 16 -9.13 -28.06 -1.28
C PRO A 16 -8.03 -27.00 -1.29
N ARG A 17 -6.97 -27.25 -2.05
CA ARG A 17 -5.85 -26.33 -2.14
C ARG A 17 -5.20 -26.12 -0.77
N GLY A 18 -5.25 -27.15 0.07
CA GLY A 18 -4.67 -27.05 1.39
C GLY A 18 -3.36 -27.80 1.51
N SER A 19 -2.25 -27.10 1.29
CA SER A 19 -0.93 -27.71 1.37
C SER A 19 0.05 -26.78 2.07
N HIS A 20 1.00 -27.36 2.80
CA HIS A 20 2.00 -26.59 3.50
C HIS A 20 3.20 -26.30 2.62
N MET A 21 3.60 -27.29 1.83
CA MET A 21 4.75 -27.14 0.92
C MET A 21 6.01 -26.83 1.70
N ALA A 22 7.14 -26.85 1.00
CA ALA A 22 8.44 -26.57 1.63
C ALA A 22 8.81 -25.10 1.50
N SER A 23 10.05 -24.77 1.84
CA SER A 23 10.53 -23.40 1.76
C SER A 23 11.38 -23.20 0.51
N LYS A 24 12.56 -23.82 0.49
CA LYS A 24 13.47 -23.72 -0.63
C LYS A 24 13.09 -24.71 -1.74
N LEU A 25 13.33 -24.31 -2.99
CA LEU A 25 13.01 -25.17 -4.13
C LEU A 25 14.22 -25.32 -5.05
N LYS A 26 14.58 -24.25 -5.74
CA LYS A 26 15.72 -24.27 -6.64
C LYS A 26 15.91 -22.91 -7.32
N GLU A 27 14.85 -22.41 -7.94
CA GLU A 27 14.90 -21.12 -8.61
C GLU A 27 15.01 -19.98 -7.60
N ALA A 28 15.09 -18.75 -8.12
CA ALA A 28 15.19 -17.57 -7.26
C ALA A 28 14.52 -16.36 -7.91
N ALA A 29 13.90 -15.53 -7.07
CA ALA A 29 13.22 -14.34 -7.56
C ALA A 29 12.68 -13.50 -6.40
N GLU A 30 13.57 -12.77 -5.75
CA GLU A 30 13.19 -11.93 -4.62
C GLU A 30 12.94 -10.49 -5.07
N VAL A 31 11.76 -9.97 -4.74
CA VAL A 31 11.40 -8.60 -5.10
C VAL A 31 12.11 -7.60 -4.19
N THR A 32 12.36 -6.40 -4.72
CA THR A 32 13.01 -5.36 -3.94
C THR A 32 12.08 -4.87 -2.85
N GLY A 33 10.84 -4.59 -3.23
CA GLY A 33 9.85 -4.15 -2.29
C GLY A 33 9.99 -2.70 -1.92
N SER A 34 9.09 -1.87 -2.42
CA SER A 34 9.12 -0.44 -2.11
C SER A 34 7.81 0.23 -2.51
N VAL A 35 7.33 1.08 -1.61
CA VAL A 35 6.11 1.81 -1.83
C VAL A 35 6.37 3.19 -2.39
N SER A 36 5.46 3.63 -3.25
CA SER A 36 5.55 4.93 -3.88
C SER A 36 4.53 5.89 -3.27
N LEU A 37 5.02 6.89 -2.55
CA LEU A 37 4.15 7.87 -1.91
C LEU A 37 4.02 9.13 -2.75
N GLU A 38 2.78 9.50 -3.05
CA GLU A 38 2.49 10.70 -3.84
C GLU A 38 1.28 11.42 -3.28
N ALA A 39 1.52 12.49 -2.53
CA ALA A 39 0.45 13.27 -1.93
C ALA A 39 0.79 14.75 -1.87
N LEU A 40 -0.23 15.60 -1.90
CA LEU A 40 -0.04 17.04 -1.84
C LEU A 40 0.67 17.41 -0.54
N GLU A 41 0.47 16.61 0.49
CA GLU A 41 1.09 16.84 1.79
C GLU A 41 0.54 18.08 2.47
N GLU A 42 -0.69 18.47 2.12
CA GLU A 42 -1.31 19.64 2.70
C GLU A 42 -2.81 19.68 2.46
N VAL A 43 -3.58 19.86 3.53
CA VAL A 43 -5.03 19.94 3.43
C VAL A 43 -5.59 20.86 4.51
N GLN A 44 -6.04 22.04 4.12
CA GLN A 44 -6.60 23.02 5.06
C GLN A 44 -7.92 22.54 5.64
N VAL A 45 -8.03 22.53 6.98
CA VAL A 45 -9.24 22.10 7.67
C VAL A 45 -10.50 22.33 6.86
N GLY A 46 -11.31 21.30 6.78
CA GLY A 46 -12.54 21.37 6.06
C GLY A 46 -12.46 20.67 4.72
N GLU A 47 -11.24 20.49 4.21
CA GLU A 47 -11.01 19.83 2.94
C GLU A 47 -10.47 18.42 3.16
N ASN A 48 -10.34 17.66 2.07
CA ASN A 48 -9.84 16.29 2.16
C ASN A 48 -8.48 16.16 1.47
N LEU A 49 -7.81 15.04 1.70
CA LEU A 49 -6.50 14.80 1.10
C LEU A 49 -6.49 13.48 0.35
N GLU A 50 -5.52 13.32 -0.56
CA GLU A 50 -5.40 12.11 -1.34
C GLU A 50 -3.95 11.65 -1.43
N VAL A 51 -3.63 10.54 -0.77
CA VAL A 51 -2.27 10.02 -0.78
C VAL A 51 -2.19 8.73 -1.58
N GLY A 52 -1.76 8.85 -2.84
CA GLY A 52 -1.65 7.69 -3.70
C GLY A 52 -0.42 6.85 -3.40
N VAL A 53 -0.42 6.21 -2.23
CA VAL A 53 0.71 5.38 -1.84
C VAL A 53 0.65 4.03 -2.55
N GLY A 54 1.36 3.93 -3.67
CA GLY A 54 1.35 2.70 -4.43
C GLY A 54 2.67 1.95 -4.36
N ILE A 55 3.27 1.71 -5.52
CA ILE A 55 4.54 0.98 -5.58
C ILE A 55 5.68 1.87 -6.07
N ASP A 56 6.78 1.83 -5.33
CA ASP A 56 7.98 2.59 -5.70
C ASP A 56 8.98 1.63 -6.33
N GLU A 57 8.96 0.38 -5.84
CA GLU A 57 9.83 -0.66 -6.35
C GLU A 57 9.24 -2.04 -6.05
N LEU A 58 9.15 -2.84 -7.10
CA LEU A 58 8.61 -4.20 -7.00
C LEU A 58 9.06 -5.02 -8.20
N VAL A 59 10.19 -5.71 -8.07
CA VAL A 59 10.71 -6.51 -9.16
C VAL A 59 10.96 -7.95 -8.75
N ASN A 60 10.07 -8.84 -9.21
CA ASN A 60 10.12 -10.28 -8.94
C ASN A 60 8.77 -10.81 -8.48
N ALA A 61 7.71 -10.05 -8.74
CA ALA A 61 6.36 -10.45 -8.34
C ALA A 61 5.33 -9.93 -9.33
N GLU A 62 4.06 -10.22 -9.06
CA GLU A 62 2.97 -9.78 -9.93
C GLU A 62 1.92 -9.02 -9.13
N ALA A 63 2.23 -7.78 -8.79
CA ALA A 63 1.30 -6.96 -8.01
C ALA A 63 0.00 -6.72 -8.77
N PHE A 64 -1.09 -7.30 -8.25
CA PHE A 64 -2.40 -7.16 -8.86
C PHE A 64 -3.36 -6.40 -7.94
N ALA A 65 -3.58 -6.97 -6.76
CA ALA A 65 -4.47 -6.35 -5.77
C ALA A 65 -3.69 -5.82 -4.58
N TYR A 66 -3.66 -4.50 -4.44
CA TYR A 66 -2.94 -3.86 -3.34
C TYR A 66 -3.81 -3.77 -2.09
N ASP A 67 -3.19 -4.04 -0.94
CA ASP A 67 -3.89 -3.98 0.34
C ASP A 67 -2.93 -3.54 1.44
N PHE A 68 -3.14 -2.33 1.94
CA PHE A 68 -2.28 -1.79 3.00
C PHE A 68 -3.10 -1.08 4.08
N THR A 69 -2.44 -0.71 5.16
CA THR A 69 -3.08 -0.01 6.28
C THR A 69 -2.27 1.21 6.69
N LEU A 70 -2.77 2.39 6.35
CA LEU A 70 -2.08 3.63 6.69
C LEU A 70 -2.31 3.99 8.15
N ASN A 71 -1.41 4.79 8.71
CA ASN A 71 -1.51 5.21 10.10
C ASN A 71 -1.58 6.72 10.22
N TYR A 72 -2.76 7.24 10.49
CA TYR A 72 -2.97 8.68 10.63
C TYR A 72 -3.38 9.02 12.06
N ASP A 73 -3.85 10.25 12.25
CA ASP A 73 -4.28 10.70 13.58
C ASP A 73 -5.78 10.92 13.62
N GLU A 74 -6.43 10.39 14.65
CA GLU A 74 -7.88 10.53 14.79
C GLU A 74 -8.23 11.81 15.56
N ASN A 75 -7.31 12.24 16.43
CA ASN A 75 -7.52 13.45 17.21
C ASN A 75 -7.71 14.67 16.31
N ALA A 76 -7.08 14.64 15.15
CA ALA A 76 -7.18 15.75 14.20
C ALA A 76 -7.73 15.27 12.86
N PHE A 77 -7.20 14.16 12.36
CA PHE A 77 -7.65 13.60 11.08
C PHE A 77 -8.74 12.56 11.30
N GLU A 78 -9.34 12.10 10.21
CA GLU A 78 -10.40 11.10 10.27
C GLU A 78 -10.65 10.50 8.90
N TYR A 79 -10.34 9.21 8.76
CA TYR A 79 -10.53 8.49 7.51
C TYR A 79 -11.91 8.78 6.91
N VAL A 80 -12.02 8.62 5.59
CA VAL A 80 -13.27 8.86 4.90
C VAL A 80 -13.54 7.78 3.84
N GLU A 81 -12.91 7.92 2.68
CA GLU A 81 -13.09 6.94 1.60
C GLU A 81 -11.86 6.90 0.70
N ALA A 82 -11.38 5.69 0.43
CA ALA A 82 -10.20 5.50 -0.42
C ALA A 82 -10.56 5.53 -1.87
N ILE A 83 -9.60 5.99 -2.63
CA ILE A 83 -9.76 6.14 -4.04
C ILE A 83 -8.59 5.60 -4.82
N SER A 84 -8.76 5.62 -6.12
CA SER A 84 -7.73 5.14 -7.04
C SER A 84 -7.72 5.97 -8.32
N ASP A 85 -7.01 5.48 -9.34
CA ASP A 85 -6.92 6.19 -10.61
C ASP A 85 -8.26 6.15 -11.35
N ASP A 86 -8.22 6.40 -12.65
CA ASP A 86 -9.43 6.40 -13.47
C ASP A 86 -9.65 5.03 -14.11
N GLY A 87 -9.33 3.97 -13.38
CA GLY A 87 -9.49 2.63 -13.87
C GLY A 87 -9.54 1.60 -12.76
N VAL A 88 -8.75 1.82 -11.72
CA VAL A 88 -8.70 0.92 -10.58
C VAL A 88 -9.77 1.28 -9.56
N PHE A 89 -10.35 0.26 -8.92
CA PHE A 89 -11.39 0.48 -7.93
C PHE A 89 -10.85 0.24 -6.52
N VAL A 90 -10.66 1.31 -5.77
CA VAL A 90 -10.16 1.21 -4.40
C VAL A 90 -11.28 1.46 -3.39
N ASN A 91 -11.26 0.68 -2.31
CA ASN A 91 -12.27 0.81 -1.26
C ASN A 91 -11.64 0.56 0.10
N ALA A 92 -11.67 1.58 0.96
CA ALA A 92 -11.10 1.46 2.29
C ALA A 92 -12.17 1.12 3.32
N LYS A 93 -11.74 0.85 4.54
CA LYS A 93 -12.67 0.50 5.61
C LYS A 93 -12.10 0.82 6.99
N LYS A 94 -12.64 1.87 7.61
CA LYS A 94 -12.22 2.29 8.92
C LYS A 94 -12.30 1.15 9.93
N ILE A 95 -11.15 0.73 10.43
CA ILE A 95 -11.08 -0.34 11.41
C ILE A 95 -10.66 0.18 12.78
N GLU A 96 -10.00 1.34 12.79
CA GLU A 96 -9.54 1.94 14.03
C GLU A 96 -9.63 3.47 13.97
N ASP A 97 -8.99 4.13 14.93
CA ASP A 97 -9.00 5.59 14.98
C ASP A 97 -8.15 6.18 13.86
N GLY A 98 -6.84 6.18 14.04
CA GLY A 98 -5.95 6.72 13.03
C GLY A 98 -5.29 5.64 12.20
N LYS A 99 -6.10 4.74 11.67
CA LYS A 99 -5.61 3.65 10.83
C LYS A 99 -6.77 2.88 10.26
N VAL A 100 -6.74 2.67 8.95
CA VAL A 100 -7.82 1.97 8.29
C VAL A 100 -7.34 1.20 7.06
N ARG A 101 -8.08 0.17 6.69
CA ARG A 101 -7.72 -0.68 5.56
C ARG A 101 -8.12 -0.06 4.22
N VAL A 102 -7.37 -0.41 3.18
CA VAL A 102 -7.63 0.07 1.83
C VAL A 102 -7.56 -1.08 0.83
N LEU A 103 -8.71 -1.45 0.26
CA LEU A 103 -8.77 -2.53 -0.70
C LEU A 103 -8.54 -2.02 -2.12
N VAL A 104 -7.44 -2.44 -2.72
CA VAL A 104 -7.10 -2.01 -4.07
C VAL A 104 -7.29 -3.14 -5.08
N SER A 105 -7.86 -2.80 -6.23
CA SER A 105 -8.10 -3.77 -7.29
C SER A 105 -8.40 -3.06 -8.61
N SER A 106 -7.80 -3.55 -9.68
CA SER A 106 -8.00 -2.96 -10.99
C SER A 106 -9.23 -3.52 -11.69
N LEU A 107 -10.30 -2.73 -11.71
CA LEU A 107 -11.54 -3.15 -12.35
C LEU A 107 -11.34 -3.30 -13.86
N THR A 108 -10.28 -2.68 -14.37
CA THR A 108 -9.97 -2.73 -15.79
C THR A 108 -9.60 -4.15 -16.21
N GLY A 109 -8.95 -4.88 -15.31
CA GLY A 109 -8.54 -6.24 -15.61
C GLY A 109 -7.04 -6.37 -15.80
N GLU A 110 -6.39 -5.25 -16.07
CA GLU A 110 -4.94 -5.24 -16.27
C GLU A 110 -4.20 -5.22 -14.93
N PRO A 111 -2.96 -5.73 -14.90
CA PRO A 111 -2.15 -5.77 -13.68
C PRO A 111 -1.69 -4.38 -13.24
N LEU A 112 -1.36 -4.25 -11.96
CA LEU A 112 -0.91 -2.98 -11.41
C LEU A 112 0.36 -2.51 -12.12
N PRO A 113 0.28 -1.43 -12.91
CA PRO A 113 1.43 -0.89 -13.64
C PRO A 113 2.54 -0.40 -12.70
N ALA A 114 2.17 -0.12 -11.46
CA ALA A 114 3.12 0.35 -10.46
C ALA A 114 3.67 1.72 -10.86
N LYS A 115 4.48 2.30 -9.98
CA LYS A 115 5.06 3.61 -10.26
C LYS A 115 3.95 4.64 -10.52
N GLU A 116 2.76 4.35 -10.00
CA GLU A 116 1.62 5.23 -10.17
C GLU A 116 0.76 5.24 -8.90
N VAL A 117 -0.45 5.77 -9.01
CA VAL A 117 -1.35 5.81 -7.87
C VAL A 117 -2.14 4.52 -7.76
N LEU A 118 -1.76 3.68 -6.80
CA LEU A 118 -2.42 2.40 -6.59
C LEU A 118 -3.57 2.53 -5.61
N ALA A 119 -3.42 3.42 -4.63
CA ALA A 119 -4.47 3.62 -3.62
C ALA A 119 -4.33 4.96 -2.92
N LYS A 120 -5.46 5.65 -2.78
CA LYS A 120 -5.48 6.95 -2.12
C LYS A 120 -6.52 6.99 -1.01
N VAL A 121 -6.09 6.83 0.24
CA VAL A 121 -7.01 6.88 1.37
C VAL A 121 -7.32 8.31 1.74
N VAL A 122 -8.54 8.73 1.42
CA VAL A 122 -8.98 10.10 1.70
C VAL A 122 -9.29 10.30 3.18
N LEU A 123 -8.40 11.02 3.88
CA LEU A 123 -8.61 11.31 5.29
C LEU A 123 -9.37 12.63 5.43
N ARG A 124 -9.83 12.94 6.63
CA ARG A 124 -10.61 14.16 6.83
C ARG A 124 -9.90 15.18 7.73
N ALA A 125 -9.72 16.37 7.18
CA ALA A 125 -9.10 17.48 7.90
C ALA A 125 -10.18 18.30 8.60
N GLU A 126 -10.80 17.71 9.60
CA GLU A 126 -11.86 18.38 10.35
C GLU A 126 -11.24 19.19 11.48
N ALA A 127 -9.93 19.02 11.63
CA ALA A 127 -9.19 19.73 12.64
C ALA A 127 -7.72 19.68 12.30
N LYS A 128 -7.15 20.86 12.21
CA LYS A 128 -5.75 21.03 11.86
C LYS A 128 -4.85 20.00 12.54
N ALA A 129 -3.66 19.81 11.97
CA ALA A 129 -2.68 18.87 12.49
C ALA A 129 -1.39 18.97 11.69
N GLU A 130 -0.82 20.18 11.68
CA GLU A 130 0.41 20.42 10.94
C GLU A 130 1.53 19.48 11.39
N GLY A 131 1.94 18.59 10.49
CA GLY A 131 2.98 17.64 10.80
C GLY A 131 2.43 16.24 11.07
N SER A 132 1.11 16.11 11.03
CA SER A 132 0.47 14.81 11.27
C SER A 132 0.93 13.80 10.22
N ASN A 133 2.05 13.15 10.49
CA ASN A 133 2.61 12.17 9.56
C ASN A 133 1.63 11.04 9.29
N LEU A 134 1.98 10.20 8.32
CA LEU A 134 1.15 9.07 7.93
C LEU A 134 2.04 7.90 7.49
N SER A 135 2.11 6.86 8.30
CA SER A 135 2.92 5.70 8.00
C SER A 135 2.10 4.59 7.37
N VAL A 136 2.50 4.17 6.17
CA VAL A 136 1.82 3.11 5.45
C VAL A 136 2.65 1.83 5.45
N THR A 137 2.37 0.94 6.41
CA THR A 137 3.09 -0.31 6.51
C THR A 137 2.25 -1.46 5.96
N ASN A 138 2.68 -2.69 6.24
CA ASN A 138 1.97 -3.89 5.78
C ASN A 138 1.53 -3.77 4.31
N SER A 139 2.18 -2.87 3.58
CA SER A 139 1.86 -2.67 2.17
C SER A 139 2.12 -3.95 1.38
N SER A 140 1.12 -4.81 1.31
CA SER A 140 1.25 -6.08 0.61
C SER A 140 0.40 -6.10 -0.66
N VAL A 141 0.65 -7.08 -1.51
CA VAL A 141 -0.09 -7.22 -2.76
C VAL A 141 -0.38 -8.69 -3.06
N GLY A 142 -1.37 -8.93 -3.91
CA GLY A 142 -1.73 -10.30 -4.26
C GLY A 142 -1.11 -10.75 -5.56
N ASP A 143 0.08 -11.36 -5.47
CA ASP A 143 0.78 -11.84 -6.65
C ASP A 143 -0.15 -12.66 -7.54
N GLY A 144 0.24 -12.84 -8.80
CA GLY A 144 -0.57 -13.59 -9.74
C GLY A 144 -0.84 -15.01 -9.26
N GLU A 145 0.15 -15.61 -8.61
CA GLU A 145 0.02 -16.96 -8.10
C GLU A 145 -0.91 -17.01 -6.90
N GLY A 146 -0.94 -15.92 -6.13
CA GLY A 146 -1.78 -15.85 -4.96
C GLY A 146 -1.03 -15.44 -3.72
N LEU A 147 0.27 -15.74 -3.69
CA LEU A 147 1.11 -15.40 -2.55
C LEU A 147 1.29 -13.89 -2.42
N VAL A 148 1.86 -13.46 -1.31
CA VAL A 148 2.08 -12.03 -1.07
C VAL A 148 3.56 -11.74 -0.89
N HIS A 149 3.99 -10.55 -1.31
CA HIS A 149 5.37 -10.14 -1.19
C HIS A 149 5.51 -8.90 -0.31
N GLU A 150 5.69 -9.11 0.99
CA GLU A 150 5.84 -8.00 1.93
C GLU A 150 6.88 -7.01 1.43
N ILE A 151 6.40 -5.90 0.88
CA ILE A 151 7.30 -4.87 0.35
C ILE A 151 7.67 -3.85 1.42
N ALA A 152 8.43 -2.85 0.99
CA ALA A 152 8.89 -1.78 1.87
C ALA A 152 7.73 -0.87 2.30
N GLY A 153 8.06 0.35 2.72
CA GLY A 153 7.06 1.30 3.15
C GLY A 153 7.58 2.73 3.13
N THR A 154 6.69 3.69 3.35
CA THR A 154 7.07 5.09 3.36
C THR A 154 6.04 5.92 4.12
N GLU A 155 6.50 6.97 4.79
CA GLU A 155 5.62 7.83 5.57
C GLU A 155 5.44 9.20 4.89
N LYS A 156 4.29 9.82 5.14
CA LYS A 156 3.99 11.13 4.58
C LYS A 156 3.53 12.08 5.67
N THR A 157 3.46 13.35 5.35
CA THR A 157 3.03 14.36 6.32
C THR A 157 2.20 15.43 5.65
N VAL A 158 1.00 15.67 6.19
CA VAL A 158 0.10 16.69 5.64
C VAL A 158 -0.08 17.83 6.63
N ASN A 159 0.06 19.06 6.15
CA ASN A 159 -0.10 20.23 7.00
C ASN A 159 -1.47 20.82 6.86
N ILE A 160 -2.30 20.62 7.87
CA ILE A 160 -3.64 21.17 7.84
C ILE A 160 -3.63 22.58 8.36
N ILE A 161 -3.98 23.50 7.48
CA ILE A 161 -3.99 24.90 7.80
C ILE A 161 -5.41 25.36 8.14
N GLU A 162 -5.52 26.30 9.06
CA GLU A 162 -6.82 26.81 9.46
C GLU A 162 -7.48 27.60 8.35
N GLY A 163 -8.80 27.51 8.27
CA GLY A 163 -9.54 28.21 7.23
C GLY A 163 -9.93 29.61 7.65
N THR A 164 -10.75 30.26 6.83
CA THR A 164 -11.20 31.62 7.12
C THR A 164 -12.26 31.62 8.22
N SER A 165 -12.79 32.80 8.52
CA SER A 165 -13.82 32.94 9.55
C SER A 165 -14.32 34.37 9.63
N MET A 1 23.04 -0.39 24.49
CA MET A 1 23.88 -1.58 24.15
C MET A 1 25.32 -1.38 24.58
N GLY A 2 25.70 -2.00 25.69
CA GLY A 2 27.06 -1.89 26.18
C GLY A 2 27.13 -1.92 27.69
N SER A 3 27.53 -3.07 28.23
CA SER A 3 27.64 -3.24 29.68
C SER A 3 26.29 -3.02 30.35
N SER A 4 25.73 -4.09 30.89
CA SER A 4 24.43 -4.03 31.57
C SER A 4 24.61 -4.11 33.08
N HIS A 5 23.49 -4.10 33.80
CA HIS A 5 23.51 -4.18 35.26
C HIS A 5 23.22 -5.60 35.72
N HIS A 6 22.27 -6.26 35.05
CA HIS A 6 21.89 -7.63 35.40
C HIS A 6 21.42 -8.39 34.16
N HIS A 7 22.21 -9.38 33.75
CA HIS A 7 21.87 -10.18 32.59
C HIS A 7 21.18 -11.48 33.00
N HIS A 8 20.76 -12.26 32.02
CA HIS A 8 20.09 -13.53 32.27
C HIS A 8 18.80 -13.31 33.08
N HIS A 9 17.74 -12.94 32.38
CA HIS A 9 16.46 -12.69 33.03
C HIS A 9 15.30 -13.09 32.11
N HIS A 10 14.08 -12.97 32.62
CA HIS A 10 12.89 -13.32 31.85
C HIS A 10 12.23 -12.07 31.28
N SER A 11 11.81 -12.15 30.03
CA SER A 11 11.15 -11.01 29.37
C SER A 11 10.39 -11.47 28.13
N SER A 12 11.10 -12.10 27.20
CA SER A 12 10.50 -12.58 25.97
C SER A 12 9.68 -13.84 26.22
N GLY A 13 10.35 -14.91 26.66
CA GLY A 13 9.67 -16.16 26.93
C GLY A 13 9.57 -17.05 25.71
N LEU A 14 10.72 -17.41 25.15
CA LEU A 14 10.75 -18.26 23.97
C LEU A 14 10.03 -17.61 22.79
N VAL A 15 10.79 -17.20 21.79
CA VAL A 15 10.22 -16.56 20.60
C VAL A 15 9.58 -17.59 19.67
N PRO A 16 8.38 -17.30 19.14
CA PRO A 16 7.65 -18.18 18.23
C PRO A 16 8.58 -19.01 17.35
N ARG A 17 8.63 -20.32 17.61
CA ARG A 17 9.47 -21.23 16.84
C ARG A 17 10.95 -20.94 17.07
N GLY A 18 11.42 -19.82 16.53
CA GLY A 18 12.81 -19.45 16.70
C GLY A 18 13.69 -20.02 15.60
N SER A 19 13.40 -19.66 14.36
CA SER A 19 14.19 -20.15 13.23
C SER A 19 14.36 -19.06 12.18
N HIS A 20 15.35 -18.20 12.39
CA HIS A 20 15.64 -17.11 11.46
C HIS A 20 17.12 -16.80 11.42
N MET A 21 17.59 -16.31 10.27
CA MET A 21 18.99 -15.96 10.11
C MET A 21 19.16 -14.80 9.14
N ALA A 22 18.87 -15.04 7.87
CA ALA A 22 18.98 -14.01 6.84
C ALA A 22 18.02 -14.27 5.69
N SER A 23 18.34 -15.27 4.87
CA SER A 23 17.51 -15.63 3.74
C SER A 23 17.66 -17.10 3.38
N LYS A 24 16.77 -17.59 2.52
CA LYS A 24 16.81 -18.99 2.11
C LYS A 24 17.75 -19.19 0.93
N LEU A 25 18.34 -20.36 0.83
CA LEU A 25 19.27 -20.67 -0.25
C LEU A 25 18.65 -21.68 -1.23
N LYS A 26 18.43 -21.23 -2.46
CA LYS A 26 17.84 -22.09 -3.49
C LYS A 26 17.78 -21.36 -4.83
N GLU A 27 17.44 -20.08 -4.79
CA GLU A 27 17.35 -19.28 -6.00
C GLU A 27 17.51 -17.79 -5.69
N ALA A 28 17.38 -16.95 -6.71
CA ALA A 28 17.52 -15.51 -6.55
C ALA A 28 16.31 -14.78 -7.13
N ALA A 29 15.22 -14.74 -6.37
CA ALA A 29 14.01 -14.07 -6.81
C ALA A 29 13.31 -13.39 -5.64
N GLU A 30 13.99 -12.42 -5.03
CA GLU A 30 13.44 -11.68 -3.90
C GLU A 30 13.15 -10.24 -4.28
N VAL A 31 11.87 -9.88 -4.32
CA VAL A 31 11.45 -8.53 -4.67
C VAL A 31 12.03 -7.52 -3.68
N THR A 32 12.32 -6.31 -4.18
CA THR A 32 12.86 -5.26 -3.34
C THR A 32 11.77 -4.76 -2.40
N GLY A 33 10.59 -4.55 -2.96
CA GLY A 33 9.47 -4.11 -2.19
C GLY A 33 9.58 -2.66 -1.78
N SER A 34 8.75 -1.81 -2.38
CA SER A 34 8.78 -0.40 -2.04
C SER A 34 7.48 0.28 -2.43
N VAL A 35 7.03 1.16 -1.54
CA VAL A 35 5.80 1.90 -1.75
C VAL A 35 6.08 3.28 -2.27
N SER A 36 5.23 3.72 -3.18
CA SER A 36 5.36 5.05 -3.78
C SER A 36 4.39 6.03 -3.15
N LEU A 37 4.94 6.99 -2.41
CA LEU A 37 4.12 8.00 -1.73
C LEU A 37 4.05 9.29 -2.56
N GLU A 38 2.83 9.73 -2.83
CA GLU A 38 2.62 10.95 -3.60
C GLU A 38 1.47 11.76 -3.02
N ALA A 39 1.80 12.81 -2.26
CA ALA A 39 0.79 13.65 -1.64
C ALA A 39 1.26 15.10 -1.53
N LEU A 40 0.30 16.02 -1.55
CA LEU A 40 0.61 17.44 -1.44
C LEU A 40 1.29 17.73 -0.10
N GLU A 41 0.97 16.91 0.90
CA GLU A 41 1.54 17.04 2.23
C GLU A 41 0.97 18.26 2.97
N GLU A 42 -0.24 18.67 2.59
CA GLU A 42 -0.88 19.81 3.22
C GLU A 42 -2.37 19.88 2.90
N VAL A 43 -3.20 19.99 3.94
CA VAL A 43 -4.64 20.08 3.76
C VAL A 43 -5.25 21.01 4.83
N GLN A 44 -5.67 22.20 4.39
CA GLN A 44 -6.26 23.18 5.31
C GLN A 44 -7.62 22.71 5.82
N VAL A 45 -7.79 22.65 7.15
CA VAL A 45 -9.04 22.23 7.77
C VAL A 45 -10.26 22.52 6.91
N GLY A 46 -11.08 21.50 6.75
CA GLY A 46 -12.27 21.63 5.96
C GLY A 46 -12.14 20.98 4.59
N GLU A 47 -10.91 20.68 4.19
CA GLU A 47 -10.66 20.06 2.89
C GLU A 47 -10.29 18.59 3.07
N ASN A 48 -10.20 17.87 1.95
CA ASN A 48 -9.86 16.45 1.98
C ASN A 48 -8.43 16.23 1.46
N LEU A 49 -7.91 15.02 1.68
CA LEU A 49 -6.57 14.66 1.25
C LEU A 49 -6.59 13.50 0.28
N GLU A 50 -5.61 13.46 -0.62
CA GLU A 50 -5.51 12.40 -1.61
C GLU A 50 -4.07 11.91 -1.73
N VAL A 51 -3.72 10.88 -0.97
CA VAL A 51 -2.38 10.33 -1.01
C VAL A 51 -2.35 8.99 -1.74
N GLY A 52 -1.99 9.03 -3.02
CA GLY A 52 -1.93 7.81 -3.81
C GLY A 52 -0.69 6.99 -3.52
N VAL A 53 -0.70 6.29 -2.40
CA VAL A 53 0.44 5.46 -2.01
C VAL A 53 0.43 4.14 -2.79
N GLY A 54 1.17 4.11 -3.88
CA GLY A 54 1.22 2.91 -4.70
C GLY A 54 2.53 2.16 -4.55
N ILE A 55 3.15 1.82 -5.68
CA ILE A 55 4.41 1.10 -5.67
C ILE A 55 5.59 1.99 -6.04
N ASP A 56 6.64 1.92 -5.25
CA ASP A 56 7.85 2.69 -5.50
C ASP A 56 8.87 1.79 -6.21
N GLU A 57 8.81 0.50 -5.89
CA GLU A 57 9.72 -0.47 -6.51
C GLU A 57 9.45 -1.89 -6.03
N LEU A 58 9.39 -2.79 -6.98
CA LEU A 58 9.16 -4.21 -6.71
C LEU A 58 9.65 -5.04 -7.90
N VAL A 59 10.67 -5.86 -7.69
CA VAL A 59 11.20 -6.67 -8.78
C VAL A 59 11.41 -8.12 -8.36
N ASN A 60 10.48 -8.98 -8.79
CA ASN A 60 10.49 -10.43 -8.52
C ASN A 60 9.10 -10.95 -8.17
N ALA A 61 8.06 -10.24 -8.59
CA ALA A 61 6.68 -10.66 -8.30
C ALA A 61 5.71 -9.99 -9.25
N GLU A 62 4.43 -10.39 -9.15
CA GLU A 62 3.39 -9.82 -10.00
C GLU A 62 2.23 -9.32 -9.15
N ALA A 63 2.33 -8.08 -8.71
CA ALA A 63 1.29 -7.47 -7.89
C ALA A 63 -0.03 -7.36 -8.64
N PHE A 64 -1.02 -8.13 -8.19
CA PHE A 64 -2.33 -8.12 -8.81
C PHE A 64 -3.32 -7.33 -7.95
N ALA A 65 -3.15 -7.43 -6.64
CA ALA A 65 -3.99 -6.72 -5.69
C ALA A 65 -3.15 -6.16 -4.55
N TYR A 66 -3.05 -4.84 -4.48
CA TYR A 66 -2.27 -4.18 -3.45
C TYR A 66 -3.17 -3.69 -2.31
N ASP A 67 -2.62 -3.61 -1.11
CA ASP A 67 -3.36 -3.15 0.05
C ASP A 67 -2.47 -2.42 1.04
N PHE A 68 -2.75 -1.13 1.25
CA PHE A 68 -1.95 -0.33 2.18
C PHE A 68 -2.78 0.17 3.35
N THR A 69 -2.18 0.16 4.53
CA THR A 69 -2.87 0.62 5.74
C THR A 69 -2.20 1.87 6.30
N LEU A 70 -2.72 3.03 5.92
CA LEU A 70 -2.17 4.29 6.38
C LEU A 70 -2.66 4.62 7.79
N ASN A 71 -1.77 5.15 8.61
CA ASN A 71 -2.10 5.51 9.99
C ASN A 71 -2.08 7.02 10.17
N TYR A 72 -3.26 7.62 10.23
CA TYR A 72 -3.38 9.07 10.42
C TYR A 72 -3.68 9.41 11.86
N ASP A 73 -4.00 10.67 12.13
CA ASP A 73 -4.30 11.13 13.47
C ASP A 73 -5.81 11.18 13.72
N GLU A 74 -6.26 10.52 14.78
CA GLU A 74 -7.68 10.49 15.11
C GLU A 74 -8.07 11.71 15.95
N ASN A 75 -7.08 12.37 16.53
CA ASN A 75 -7.31 13.55 17.36
C ASN A 75 -7.13 14.84 16.54
N ALA A 76 -7.39 14.75 15.25
CA ALA A 76 -7.26 15.89 14.36
C ALA A 76 -7.80 15.57 12.96
N PHE A 77 -7.37 14.43 12.42
CA PHE A 77 -7.83 14.00 11.11
C PHE A 77 -9.03 13.07 11.24
N GLU A 78 -9.67 12.77 10.11
CA GLU A 78 -10.83 11.90 10.11
C GLU A 78 -10.98 11.17 8.77
N TYR A 79 -10.71 9.87 8.78
CA TYR A 79 -10.82 9.06 7.57
C TYR A 79 -12.19 9.25 6.92
N VAL A 80 -12.21 9.25 5.59
CA VAL A 80 -13.46 9.41 4.85
C VAL A 80 -13.71 8.25 3.91
N GLU A 81 -12.93 8.19 2.82
CA GLU A 81 -13.06 7.11 1.84
C GLU A 81 -11.92 7.14 0.84
N ALA A 82 -11.47 5.96 0.44
CA ALA A 82 -10.37 5.86 -0.52
C ALA A 82 -10.86 5.99 -1.93
N ILE A 83 -9.94 6.44 -2.76
CA ILE A 83 -10.24 6.69 -4.13
C ILE A 83 -9.33 5.93 -5.06
N SER A 84 -9.87 5.66 -6.24
CA SER A 84 -9.14 4.94 -7.28
C SER A 84 -9.12 5.74 -8.58
N ASP A 85 -8.62 5.13 -9.64
CA ASP A 85 -8.55 5.78 -10.94
C ASP A 85 -9.81 5.53 -11.75
N ASP A 86 -9.71 5.66 -13.08
CA ASP A 86 -10.86 5.43 -13.96
C ASP A 86 -10.88 4.00 -14.46
N GLY A 87 -10.49 3.07 -13.60
CA GLY A 87 -10.47 1.67 -13.96
C GLY A 87 -10.22 0.77 -12.77
N VAL A 88 -9.44 1.26 -11.80
CA VAL A 88 -9.13 0.49 -10.60
C VAL A 88 -10.20 0.70 -9.53
N PHE A 89 -10.28 -0.25 -8.60
CA PHE A 89 -11.26 -0.18 -7.53
C PHE A 89 -10.58 -0.04 -6.17
N VAL A 90 -10.59 1.17 -5.64
CA VAL A 90 -9.98 1.45 -4.35
C VAL A 90 -11.04 1.63 -3.27
N ASN A 91 -10.98 0.78 -2.24
CA ASN A 91 -11.94 0.84 -1.15
C ASN A 91 -11.26 0.75 0.20
N ALA A 92 -11.43 1.81 1.00
CA ALA A 92 -10.84 1.86 2.33
C ALA A 92 -11.85 1.45 3.39
N LYS A 93 -11.36 0.82 4.45
CA LYS A 93 -12.23 0.38 5.53
C LYS A 93 -11.67 0.76 6.89
N LYS A 94 -12.30 1.76 7.51
CA LYS A 94 -11.90 2.25 8.81
C LYS A 94 -11.86 1.12 9.83
N ILE A 95 -10.67 0.55 10.03
CA ILE A 95 -10.49 -0.52 10.99
C ILE A 95 -10.35 0.01 12.41
N GLU A 96 -9.80 1.22 12.52
CA GLU A 96 -9.62 1.86 13.82
C GLU A 96 -9.44 3.36 13.68
N ASP A 97 -9.02 4.01 14.77
CA ASP A 97 -8.81 5.45 14.77
C ASP A 97 -7.43 5.81 14.21
N GLY A 98 -7.41 6.72 13.24
CA GLY A 98 -6.16 7.14 12.65
C GLY A 98 -5.41 5.98 12.01
N LYS A 99 -6.15 5.02 11.47
CA LYS A 99 -5.56 3.87 10.82
C LYS A 99 -6.65 3.04 10.17
N VAL A 100 -6.53 2.84 8.87
CA VAL A 100 -7.54 2.10 8.13
C VAL A 100 -6.94 1.37 6.94
N ARG A 101 -7.61 0.30 6.50
CA ARG A 101 -7.12 -0.50 5.38
C ARG A 101 -7.78 -0.11 4.07
N VAL A 102 -7.07 -0.32 2.97
CA VAL A 102 -7.59 -0.01 1.64
C VAL A 102 -7.46 -1.21 0.71
N LEU A 103 -8.44 -1.36 -0.18
CA LEU A 103 -8.45 -2.47 -1.12
C LEU A 103 -8.41 -1.96 -2.57
N VAL A 104 -7.27 -2.14 -3.22
CA VAL A 104 -7.12 -1.71 -4.61
C VAL A 104 -7.07 -2.91 -5.55
N SER A 105 -7.76 -2.80 -6.68
CA SER A 105 -7.80 -3.86 -7.67
C SER A 105 -8.27 -3.32 -9.02
N SER A 106 -7.61 -3.73 -10.08
CA SER A 106 -7.95 -3.28 -11.42
C SER A 106 -9.16 -4.04 -11.97
N LEU A 107 -10.31 -3.38 -11.97
CA LEU A 107 -11.53 -3.98 -12.47
C LEU A 107 -11.48 -4.12 -13.99
N THR A 108 -10.51 -3.45 -14.60
CA THR A 108 -10.34 -3.49 -16.06
C THR A 108 -9.97 -4.90 -16.52
N GLY A 109 -9.33 -5.65 -15.63
CA GLY A 109 -8.93 -7.00 -15.97
C GLY A 109 -7.42 -7.18 -15.96
N GLU A 110 -6.70 -6.06 -16.08
CA GLU A 110 -5.23 -6.09 -16.08
C GLU A 110 -4.70 -5.89 -14.67
N PRO A 111 -3.61 -6.60 -14.31
CA PRO A 111 -3.00 -6.49 -12.97
C PRO A 111 -2.67 -5.05 -12.60
N LEU A 112 -2.69 -4.75 -11.31
CA LEU A 112 -2.39 -3.41 -10.82
C LEU A 112 -1.00 -2.96 -11.29
N PRO A 113 -0.89 -1.76 -11.90
CA PRO A 113 0.38 -1.24 -12.41
C PRO A 113 1.33 -0.86 -11.27
N ALA A 114 2.30 -0.02 -11.60
CA ALA A 114 3.27 0.43 -10.61
C ALA A 114 3.87 1.77 -11.01
N LYS A 115 4.57 2.41 -10.08
CA LYS A 115 5.20 3.70 -10.35
C LYS A 115 4.15 4.79 -10.59
N GLU A 116 2.89 4.48 -10.24
CA GLU A 116 1.80 5.43 -10.41
C GLU A 116 0.91 5.43 -9.17
N VAL A 117 -0.27 6.01 -9.30
CA VAL A 117 -1.22 6.06 -8.18
C VAL A 117 -2.03 4.78 -8.13
N LEU A 118 -1.71 3.90 -7.19
CA LEU A 118 -2.41 2.63 -7.04
C LEU A 118 -3.64 2.79 -6.17
N ALA A 119 -3.54 3.66 -5.16
CA ALA A 119 -4.66 3.88 -4.25
C ALA A 119 -4.44 5.13 -3.39
N LYS A 120 -5.45 5.99 -3.32
CA LYS A 120 -5.37 7.21 -2.55
C LYS A 120 -6.39 7.22 -1.41
N VAL A 121 -5.89 7.35 -0.18
CA VAL A 121 -6.75 7.39 0.99
C VAL A 121 -7.16 8.83 1.28
N VAL A 122 -8.39 9.03 1.71
CA VAL A 122 -8.88 10.37 2.00
C VAL A 122 -9.18 10.57 3.49
N LEU A 123 -8.44 11.50 4.10
CA LEU A 123 -8.62 11.81 5.51
C LEU A 123 -9.10 13.26 5.65
N ARG A 124 -10.36 13.42 6.02
CA ARG A 124 -10.96 14.74 6.15
C ARG A 124 -10.31 15.58 7.25
N ALA A 125 -9.67 16.67 6.84
CA ALA A 125 -9.05 17.60 7.78
C ALA A 125 -10.12 18.42 8.48
N GLU A 126 -10.83 17.79 9.41
CA GLU A 126 -11.88 18.45 10.16
C GLU A 126 -11.28 19.14 11.37
N ALA A 127 -9.99 18.92 11.55
CA ALA A 127 -9.26 19.50 12.64
C ALA A 127 -7.78 19.43 12.34
N LYS A 128 -7.16 20.58 12.36
CA LYS A 128 -5.74 20.71 12.06
C LYS A 128 -4.90 19.68 12.81
N ALA A 129 -3.90 19.14 12.11
CA ALA A 129 -2.99 18.16 12.66
C ALA A 129 -1.60 18.35 12.05
N GLU A 130 -1.00 19.51 12.30
CA GLU A 130 0.31 19.83 11.76
C GLU A 130 1.34 18.78 12.17
N GLY A 131 1.83 18.03 11.18
CA GLY A 131 2.81 17.00 11.46
C GLY A 131 2.19 15.65 11.73
N SER A 132 0.92 15.49 11.35
CA SER A 132 0.22 14.23 11.56
C SER A 132 0.77 13.15 10.64
N ASN A 133 2.02 12.77 10.87
CA ASN A 133 2.69 11.77 10.06
C ASN A 133 1.79 10.57 9.77
N LEU A 134 1.77 10.16 8.51
CA LEU A 134 0.99 9.02 8.07
C LEU A 134 1.90 7.92 7.53
N SER A 135 1.91 6.78 8.20
CA SER A 135 2.77 5.67 7.79
C SER A 135 1.95 4.52 7.22
N VAL A 136 2.34 4.06 6.03
CA VAL A 136 1.65 2.95 5.38
C VAL A 136 2.50 1.68 5.45
N THR A 137 2.23 0.86 6.46
CA THR A 137 2.96 -0.39 6.63
C THR A 137 2.20 -1.57 6.04
N ASN A 138 2.59 -2.78 6.42
CA ASN A 138 1.93 -4.01 5.94
C ASN A 138 1.66 -3.96 4.44
N SER A 139 2.40 -3.10 3.73
CA SER A 139 2.24 -2.97 2.29
C SER A 139 2.51 -4.30 1.60
N SER A 140 1.43 -4.98 1.21
CA SER A 140 1.55 -6.27 0.55
C SER A 140 1.06 -6.21 -0.90
N VAL A 141 1.39 -7.23 -1.67
CA VAL A 141 0.99 -7.28 -3.07
C VAL A 141 0.66 -8.72 -3.49
N GLY A 142 -0.53 -8.92 -4.03
CA GLY A 142 -0.94 -10.25 -4.46
C GLY A 142 -0.24 -10.69 -5.73
N ASP A 143 0.78 -11.53 -5.57
CA ASP A 143 1.54 -12.03 -6.72
C ASP A 143 0.60 -12.68 -7.75
N GLY A 144 1.09 -12.82 -8.97
CA GLY A 144 0.30 -13.42 -10.03
C GLY A 144 -0.03 -14.87 -9.75
N GLU A 145 0.84 -15.54 -9.00
CA GLU A 145 0.64 -16.95 -8.67
C GLU A 145 -0.40 -17.09 -7.57
N GLY A 146 -0.43 -16.14 -6.65
CA GLY A 146 -1.38 -16.19 -5.56
C GLY A 146 -0.77 -15.74 -4.24
N LEU A 147 0.53 -15.94 -4.09
CA LEU A 147 1.23 -15.55 -2.86
C LEU A 147 1.37 -14.03 -2.78
N VAL A 148 1.63 -13.54 -1.57
CA VAL A 148 1.79 -12.11 -1.36
C VAL A 148 3.22 -11.78 -0.95
N HIS A 149 3.76 -10.72 -1.53
CA HIS A 149 5.12 -10.29 -1.23
C HIS A 149 5.12 -8.98 -0.44
N GLU A 150 5.10 -9.09 0.88
CA GLU A 150 5.10 -7.92 1.75
C GLU A 150 6.23 -6.97 1.36
N ILE A 151 5.87 -5.85 0.75
CA ILE A 151 6.85 -4.87 0.31
C ILE A 151 7.24 -3.92 1.44
N ALA A 152 8.17 -3.03 1.13
CA ALA A 152 8.64 -2.05 2.10
C ALA A 152 7.51 -1.11 2.53
N GLY A 153 7.84 0.16 2.77
CA GLY A 153 6.83 1.11 3.20
C GLY A 153 7.37 2.54 3.20
N THR A 154 6.46 3.50 3.35
CA THR A 154 6.83 4.90 3.38
C THR A 154 5.78 5.73 4.11
N GLU A 155 6.23 6.78 4.80
CA GLU A 155 5.32 7.64 5.55
C GLU A 155 5.22 9.03 4.92
N LYS A 156 4.24 9.79 5.38
CA LYS A 156 4.02 11.15 4.88
C LYS A 156 3.64 12.08 6.03
N THR A 157 3.65 13.36 5.75
CA THR A 157 3.32 14.37 6.75
C THR A 157 2.51 15.51 6.13
N VAL A 158 1.27 15.66 6.57
CA VAL A 158 0.40 16.71 6.06
C VAL A 158 0.16 17.79 7.11
N ASN A 159 0.42 19.04 6.77
CA ASN A 159 0.22 20.15 7.69
C ASN A 159 -1.12 20.81 7.44
N ILE A 160 -2.05 20.56 8.33
CA ILE A 160 -3.36 21.17 8.21
C ILE A 160 -3.29 22.60 8.70
N ILE A 161 -3.66 23.50 7.83
CA ILE A 161 -3.61 24.91 8.14
C ILE A 161 -5.01 25.46 8.37
N GLU A 162 -5.18 26.19 9.47
CA GLU A 162 -6.48 26.74 9.80
C GLU A 162 -6.98 27.66 8.70
N GLY A 163 -8.29 27.66 8.50
CA GLY A 163 -8.89 28.50 7.47
C GLY A 163 -9.95 29.44 8.03
N THR A 164 -11.03 29.62 7.29
CA THR A 164 -12.11 30.50 7.71
C THR A 164 -12.71 30.03 9.04
N SER A 165 -13.68 30.78 9.53
CA SER A 165 -14.35 30.43 10.79
C SER A 165 -15.60 29.61 10.54
N MET A 1 8.80 -46.02 -6.04
CA MET A 1 8.82 -44.85 -6.95
C MET A 1 7.82 -45.01 -8.08
N GLY A 2 6.56 -44.67 -7.81
CA GLY A 2 5.53 -44.79 -8.81
C GLY A 2 4.88 -46.15 -8.81
N SER A 3 3.73 -46.25 -8.16
CA SER A 3 2.99 -47.51 -8.09
C SER A 3 1.60 -47.30 -7.51
N SER A 4 0.58 -47.47 -8.35
CA SER A 4 -0.80 -47.29 -7.92
C SER A 4 -1.34 -48.57 -7.30
N HIS A 5 -1.88 -48.45 -6.08
CA HIS A 5 -2.43 -49.60 -5.39
C HIS A 5 -3.94 -49.68 -5.57
N HIS A 6 -4.58 -48.52 -5.70
CA HIS A 6 -6.02 -48.45 -5.88
C HIS A 6 -6.46 -47.02 -6.22
N HIS A 7 -7.31 -46.90 -7.23
CA HIS A 7 -7.81 -45.60 -7.65
C HIS A 7 -9.19 -45.33 -7.07
N HIS A 8 -9.43 -45.83 -5.87
CA HIS A 8 -10.72 -45.65 -5.21
C HIS A 8 -10.72 -44.38 -4.36
N HIS A 9 -9.57 -44.08 -3.77
CA HIS A 9 -9.44 -42.89 -2.93
C HIS A 9 -8.13 -42.16 -3.22
N HIS A 10 -8.25 -40.95 -3.78
CA HIS A 10 -7.08 -40.15 -4.11
C HIS A 10 -6.32 -39.74 -2.86
N SER A 11 -5.01 -39.60 -2.97
CA SER A 11 -4.17 -39.22 -1.85
C SER A 11 -3.72 -37.77 -1.98
N SER A 12 -3.11 -37.25 -0.92
CA SER A 12 -2.61 -35.87 -0.92
C SER A 12 -1.39 -35.73 -1.81
N GLY A 13 -0.60 -36.80 -1.90
CA GLY A 13 0.59 -36.76 -2.72
C GLY A 13 1.77 -36.14 -2.01
N LEU A 14 1.85 -34.81 -2.06
CA LEU A 14 2.94 -34.08 -1.41
C LEU A 14 2.46 -32.73 -0.91
N VAL A 15 2.19 -32.64 0.39
CA VAL A 15 1.72 -31.40 0.99
C VAL A 15 2.74 -30.27 0.80
N PRO A 16 4.01 -30.49 1.17
CA PRO A 16 5.07 -29.49 1.03
C PRO A 16 4.89 -28.57 -0.17
N ARG A 17 5.28 -27.31 -0.01
CA ARG A 17 5.15 -26.33 -1.08
C ARG A 17 6.35 -26.39 -2.01
N GLY A 18 7.51 -26.74 -1.45
CA GLY A 18 8.72 -26.83 -2.25
C GLY A 18 9.48 -28.11 -2.00
N SER A 19 10.44 -28.40 -2.88
CA SER A 19 11.24 -29.61 -2.75
C SER A 19 12.04 -29.60 -1.45
N HIS A 20 12.50 -28.42 -1.05
CA HIS A 20 13.27 -28.27 0.17
C HIS A 20 12.43 -27.61 1.27
N MET A 21 12.61 -28.08 2.51
CA MET A 21 11.87 -27.52 3.63
C MET A 21 12.50 -26.21 4.11
N ALA A 22 13.78 -26.26 4.46
CA ALA A 22 14.49 -25.08 4.93
C ALA A 22 14.52 -24.00 3.85
N SER A 23 14.55 -24.43 2.60
CA SER A 23 14.59 -23.50 1.46
C SER A 23 15.84 -22.63 1.53
N LYS A 24 16.86 -23.03 0.77
CA LYS A 24 18.12 -22.28 0.73
C LYS A 24 18.62 -22.14 -0.70
N LEU A 25 17.70 -22.09 -1.65
CA LEU A 25 18.06 -21.96 -3.05
C LEU A 25 18.86 -20.68 -3.30
N LYS A 26 19.34 -20.52 -4.53
CA LYS A 26 20.12 -19.35 -4.90
C LYS A 26 19.23 -18.13 -5.04
N GLU A 27 18.04 -18.33 -5.61
CA GLU A 27 17.09 -17.24 -5.80
C GLU A 27 15.67 -17.70 -5.50
N ALA A 28 14.76 -16.75 -5.34
CA ALA A 28 13.36 -17.06 -5.04
C ALA A 28 12.45 -15.90 -5.43
N ALA A 29 12.84 -15.16 -6.46
CA ALA A 29 12.06 -14.03 -6.93
C ALA A 29 11.90 -12.98 -5.83
N GLU A 30 12.95 -12.79 -5.04
CA GLU A 30 12.92 -11.82 -3.95
C GLU A 30 12.72 -10.41 -4.48
N VAL A 31 11.51 -9.87 -4.29
CA VAL A 31 11.19 -8.53 -4.75
C VAL A 31 11.68 -7.49 -3.76
N THR A 32 12.08 -6.32 -4.27
CA THR A 32 12.57 -5.24 -3.43
C THR A 32 11.43 -4.73 -2.57
N GLY A 33 10.24 -4.72 -3.15
CA GLY A 33 9.07 -4.26 -2.45
C GLY A 33 9.23 -2.85 -1.94
N SER A 34 8.55 -1.91 -2.56
CA SER A 34 8.65 -0.52 -2.13
C SER A 34 7.40 0.27 -2.46
N VAL A 35 7.00 1.09 -1.52
CA VAL A 35 5.82 1.92 -1.66
C VAL A 35 6.17 3.27 -2.27
N SER A 36 5.26 3.76 -3.06
CA SER A 36 5.42 5.06 -3.71
C SER A 36 4.56 6.12 -3.04
N LEU A 37 5.20 7.02 -2.30
CA LEU A 37 4.47 8.07 -1.59
C LEU A 37 4.48 9.37 -2.39
N GLU A 38 3.29 9.75 -2.88
CA GLU A 38 3.15 10.97 -3.66
C GLU A 38 1.86 11.70 -3.29
N ALA A 39 1.98 12.74 -2.47
CA ALA A 39 0.82 13.51 -2.04
C ALA A 39 1.16 15.00 -1.93
N LEU A 40 0.14 15.84 -1.98
CA LEU A 40 0.32 17.29 -1.88
C LEU A 40 1.04 17.64 -0.58
N GLU A 41 0.94 16.75 0.41
CA GLU A 41 1.57 16.96 1.70
C GLU A 41 0.97 18.15 2.44
N GLU A 42 -0.27 18.50 2.09
CA GLU A 42 -0.94 19.62 2.74
C GLU A 42 -2.44 19.62 2.46
N VAL A 43 -3.23 19.70 3.53
CA VAL A 43 -4.69 19.73 3.41
C VAL A 43 -5.28 20.67 4.46
N GLN A 44 -5.79 21.80 4.00
CA GLN A 44 -6.37 22.81 4.89
C GLN A 44 -7.72 22.35 5.45
N VAL A 45 -7.86 22.38 6.79
CA VAL A 45 -9.08 21.96 7.46
C VAL A 45 -10.33 22.19 6.61
N GLY A 46 -11.16 21.17 6.57
CA GLY A 46 -12.37 21.24 5.81
C GLY A 46 -12.25 20.56 4.45
N GLU A 47 -11.02 20.52 3.94
CA GLU A 47 -10.75 19.89 2.65
C GLU A 47 -10.41 18.41 2.84
N ASN A 48 -10.30 17.69 1.74
CA ASN A 48 -9.99 16.26 1.79
C ASN A 48 -8.57 15.99 1.27
N LEU A 49 -7.85 15.12 1.96
CA LEU A 49 -6.49 14.77 1.58
C LEU A 49 -6.48 13.55 0.66
N GLU A 50 -5.50 13.48 -0.22
CA GLU A 50 -5.38 12.36 -1.15
C GLU A 50 -3.94 11.88 -1.25
N VAL A 51 -3.63 10.79 -0.57
CA VAL A 51 -2.29 10.23 -0.59
C VAL A 51 -2.23 8.96 -1.44
N GLY A 52 -1.79 9.12 -2.69
CA GLY A 52 -1.69 7.98 -3.58
C GLY A 52 -0.48 7.12 -3.30
N VAL A 53 -0.48 6.45 -2.14
CA VAL A 53 0.64 5.59 -1.78
C VAL A 53 0.55 4.26 -2.51
N GLY A 54 1.25 4.16 -3.64
CA GLY A 54 1.23 2.94 -4.42
C GLY A 54 2.53 2.17 -4.36
N ILE A 55 3.16 1.98 -5.52
CA ILE A 55 4.41 1.24 -5.59
C ILE A 55 5.56 2.11 -6.09
N ASP A 56 6.69 2.02 -5.40
CA ASP A 56 7.88 2.76 -5.78
C ASP A 56 8.83 1.80 -6.50
N GLU A 57 8.87 0.58 -5.99
CA GLU A 57 9.70 -0.48 -6.57
C GLU A 57 9.14 -1.84 -6.23
N LEU A 58 9.00 -2.68 -7.24
CA LEU A 58 8.48 -4.03 -7.05
C LEU A 58 8.95 -4.94 -8.17
N VAL A 59 10.08 -5.61 -7.95
CA VAL A 59 10.64 -6.50 -8.96
C VAL A 59 10.56 -7.96 -8.53
N ASN A 60 9.84 -8.75 -9.32
CA ASN A 60 9.65 -10.19 -9.10
C ASN A 60 8.31 -10.50 -8.44
N ALA A 61 7.37 -9.56 -8.57
CA ALA A 61 6.02 -9.73 -8.01
C ALA A 61 4.97 -9.18 -8.97
N GLU A 62 3.86 -9.90 -9.09
CA GLU A 62 2.78 -9.49 -9.97
C GLU A 62 1.65 -8.84 -9.17
N ALA A 63 1.83 -7.57 -8.84
CA ALA A 63 0.84 -6.84 -8.05
C ALA A 63 -0.49 -6.74 -8.81
N PHE A 64 -1.50 -7.42 -8.30
CA PHE A 64 -2.82 -7.41 -8.92
C PHE A 64 -3.83 -6.72 -8.01
N ALA A 65 -3.62 -6.83 -6.70
CA ALA A 65 -4.52 -6.22 -5.72
C ALA A 65 -3.73 -5.63 -4.56
N TYR A 66 -3.79 -4.30 -4.43
CA TYR A 66 -3.08 -3.61 -3.36
C TYR A 66 -3.92 -3.58 -2.09
N ASP A 67 -3.32 -4.02 -0.99
CA ASP A 67 -4.00 -4.05 0.30
C ASP A 67 -3.04 -3.67 1.41
N PHE A 68 -3.23 -2.49 1.99
CA PHE A 68 -2.37 -2.01 3.06
C PHE A 68 -3.17 -1.29 4.14
N THR A 69 -2.50 -0.99 5.25
CA THR A 69 -3.15 -0.31 6.37
C THR A 69 -2.50 1.06 6.61
N LEU A 70 -3.26 2.12 6.38
CA LEU A 70 -2.75 3.48 6.58
C LEU A 70 -2.71 3.84 8.06
N ASN A 71 -1.78 4.71 8.42
CA ASN A 71 -1.63 5.14 9.81
C ASN A 71 -1.71 6.66 9.92
N TYR A 72 -2.85 7.14 10.41
CA TYR A 72 -3.07 8.57 10.57
C TYR A 72 -3.56 8.89 11.98
N ASP A 73 -4.04 10.12 12.17
CA ASP A 73 -4.54 10.55 13.48
C ASP A 73 -6.04 10.79 13.44
N GLU A 74 -6.73 10.38 14.49
CA GLU A 74 -8.18 10.56 14.58
C GLU A 74 -8.53 11.85 15.30
N ASN A 75 -7.65 12.27 16.21
CA ASN A 75 -7.88 13.49 16.98
C ASN A 75 -7.96 14.70 16.07
N ALA A 76 -7.00 14.81 15.15
CA ALA A 76 -6.96 15.92 14.21
C ALA A 76 -7.54 15.52 12.85
N PHE A 77 -7.11 14.36 12.35
CA PHE A 77 -7.58 13.87 11.07
C PHE A 77 -8.78 12.94 11.25
N GLU A 78 -9.46 12.65 10.15
CA GLU A 78 -10.63 11.77 10.19
C GLU A 78 -10.82 11.06 8.85
N TYR A 79 -10.63 9.74 8.85
CA TYR A 79 -10.77 8.95 7.64
C TYR A 79 -12.14 9.18 6.99
N VAL A 80 -12.19 9.02 5.67
CA VAL A 80 -13.42 9.19 4.92
C VAL A 80 -13.68 8.00 4.00
N GLU A 81 -12.87 7.89 2.95
CA GLU A 81 -13.01 6.80 2.00
C GLU A 81 -11.84 6.80 1.02
N ALA A 82 -11.37 5.61 0.65
CA ALA A 82 -10.26 5.48 -0.29
C ALA A 82 -10.72 5.57 -1.70
N ILE A 83 -9.83 6.11 -2.51
CA ILE A 83 -10.11 6.33 -3.89
C ILE A 83 -9.05 5.72 -4.79
N SER A 84 -9.48 5.37 -5.98
CA SER A 84 -8.61 4.78 -6.97
C SER A 84 -8.43 5.71 -8.18
N ASP A 85 -7.83 5.18 -9.24
CA ASP A 85 -7.59 5.97 -10.45
C ASP A 85 -8.81 5.91 -11.38
N ASP A 86 -8.60 6.21 -12.66
CA ASP A 86 -9.68 6.20 -13.63
C ASP A 86 -9.76 4.85 -14.35
N GLY A 87 -9.48 3.78 -13.61
CA GLY A 87 -9.53 2.45 -14.19
C GLY A 87 -9.65 1.38 -13.12
N VAL A 88 -8.84 1.50 -12.08
CA VAL A 88 -8.86 0.52 -10.98
C VAL A 88 -9.84 0.96 -9.89
N PHE A 89 -10.04 0.09 -8.91
CA PHE A 89 -10.95 0.38 -7.80
C PHE A 89 -10.22 0.34 -6.47
N VAL A 90 -10.55 1.28 -5.59
CA VAL A 90 -9.94 1.34 -4.28
C VAL A 90 -10.99 1.61 -3.20
N ASN A 91 -11.27 0.61 -2.39
CA ASN A 91 -12.26 0.73 -1.32
C ASN A 91 -11.62 0.45 0.04
N ALA A 92 -11.65 1.45 0.92
CA ALA A 92 -11.07 1.31 2.25
C ALA A 92 -12.14 0.95 3.27
N LYS A 93 -11.70 0.64 4.49
CA LYS A 93 -12.64 0.27 5.55
C LYS A 93 -12.11 0.69 6.92
N LYS A 94 -12.72 1.72 7.49
CA LYS A 94 -12.34 2.22 8.79
C LYS A 94 -12.39 1.11 9.84
N ILE A 95 -11.24 0.50 10.08
CA ILE A 95 -11.14 -0.58 11.05
C ILE A 95 -10.90 -0.03 12.46
N GLU A 96 -10.25 1.13 12.52
CA GLU A 96 -9.95 1.77 13.81
C GLU A 96 -9.70 3.26 13.63
N ASP A 97 -9.33 3.92 14.71
CA ASP A 97 -9.06 5.36 14.68
C ASP A 97 -7.64 5.64 14.18
N GLY A 98 -7.51 6.63 13.31
CA GLY A 98 -6.21 6.97 12.75
C GLY A 98 -5.53 5.80 12.08
N LYS A 99 -6.34 4.87 11.57
CA LYS A 99 -5.81 3.70 10.89
C LYS A 99 -6.95 2.90 10.28
N VAL A 100 -6.88 2.68 8.99
CA VAL A 100 -7.92 1.97 8.29
C VAL A 100 -7.39 1.20 7.08
N ARG A 101 -8.11 0.14 6.69
CA ARG A 101 -7.69 -0.68 5.56
C ARG A 101 -8.10 -0.07 4.23
N VAL A 102 -7.33 -0.38 3.19
CA VAL A 102 -7.60 0.12 1.85
C VAL A 102 -7.55 -1.01 0.82
N LEU A 103 -8.71 -1.58 0.54
CA LEU A 103 -8.80 -2.67 -0.44
C LEU A 103 -8.69 -2.15 -1.86
N VAL A 104 -7.63 -2.53 -2.55
CA VAL A 104 -7.42 -2.08 -3.93
C VAL A 104 -7.53 -3.25 -4.91
N SER A 105 -8.06 -2.95 -6.10
CA SER A 105 -8.22 -3.95 -7.14
C SER A 105 -8.46 -3.29 -8.49
N SER A 106 -7.80 -3.79 -9.52
CA SER A 106 -7.95 -3.23 -10.87
C SER A 106 -9.16 -3.82 -11.58
N LEU A 107 -10.23 -3.04 -11.67
CA LEU A 107 -11.45 -3.49 -12.33
C LEU A 107 -11.22 -3.62 -13.83
N THR A 108 -10.12 -3.04 -14.32
CA THR A 108 -9.79 -3.10 -15.73
C THR A 108 -9.49 -4.53 -16.17
N GLY A 109 -8.88 -5.29 -15.26
CA GLY A 109 -8.54 -6.67 -15.56
C GLY A 109 -7.04 -6.90 -15.66
N GLU A 110 -6.29 -5.81 -15.81
CA GLU A 110 -4.84 -5.89 -15.91
C GLU A 110 -4.18 -5.65 -14.56
N PRO A 111 -2.92 -6.08 -14.40
CA PRO A 111 -2.17 -5.91 -13.15
C PRO A 111 -2.09 -4.45 -12.73
N LEU A 112 -1.54 -4.21 -11.53
CA LEU A 112 -1.40 -2.85 -11.01
C LEU A 112 -0.39 -2.06 -11.84
N PRO A 113 -0.73 -0.81 -12.21
CA PRO A 113 0.16 0.05 -13.00
C PRO A 113 1.49 0.32 -12.29
N ALA A 114 1.42 0.51 -10.98
CA ALA A 114 2.61 0.78 -10.18
C ALA A 114 3.32 2.04 -10.67
N LYS A 115 4.20 2.59 -9.83
CA LYS A 115 4.93 3.79 -10.18
C LYS A 115 4.00 4.99 -10.28
N GLU A 116 2.79 4.85 -9.75
CA GLU A 116 1.80 5.92 -9.77
C GLU A 116 0.85 5.78 -8.60
N VAL A 117 -0.30 6.45 -8.67
CA VAL A 117 -1.29 6.40 -7.61
C VAL A 117 -2.08 5.10 -7.66
N LEU A 118 -1.78 4.19 -6.75
CA LEU A 118 -2.47 2.90 -6.69
C LEU A 118 -3.62 2.94 -5.70
N ALA A 119 -3.48 3.76 -4.66
CA ALA A 119 -4.53 3.87 -3.64
C ALA A 119 -4.41 5.18 -2.87
N LYS A 120 -5.54 5.84 -2.65
CA LYS A 120 -5.57 7.10 -1.93
C LYS A 120 -6.66 7.12 -0.87
N VAL A 121 -6.27 7.10 0.40
CA VAL A 121 -7.22 7.13 1.49
C VAL A 121 -7.59 8.57 1.82
N VAL A 122 -8.86 8.92 1.60
CA VAL A 122 -9.33 10.28 1.85
C VAL A 122 -9.52 10.54 3.34
N LEU A 123 -8.60 11.31 3.91
CA LEU A 123 -8.67 11.67 5.32
C LEU A 123 -9.16 13.10 5.46
N ARG A 124 -10.40 13.26 5.93
CA ARG A 124 -11.01 14.57 6.09
C ARG A 124 -10.34 15.40 7.19
N ALA A 125 -9.77 16.52 6.80
CA ALA A 125 -9.12 17.44 7.74
C ALA A 125 -10.19 18.23 8.50
N GLU A 126 -10.75 17.61 9.52
CA GLU A 126 -11.78 18.25 10.33
C GLU A 126 -11.12 19.04 11.45
N ALA A 127 -9.81 18.89 11.54
CA ALA A 127 -9.01 19.57 12.52
C ALA A 127 -7.57 19.55 12.10
N LYS A 128 -7.00 20.73 12.00
CA LYS A 128 -5.64 20.89 11.55
C LYS A 128 -4.63 20.21 12.49
N ALA A 129 -3.74 19.44 11.87
CA ALA A 129 -2.68 18.73 12.58
C ALA A 129 -1.35 18.95 11.87
N GLU A 130 -0.77 20.13 12.05
CA GLU A 130 0.49 20.46 11.41
C GLU A 130 1.57 19.44 11.76
N GLY A 131 1.96 18.63 10.77
CA GLY A 131 2.97 17.61 10.99
C GLY A 131 2.37 16.25 11.25
N SER A 132 1.08 16.09 10.95
CA SER A 132 0.41 14.82 11.15
C SER A 132 1.06 13.73 10.30
N ASN A 133 2.10 13.11 10.85
CA ASN A 133 2.81 12.07 10.12
C ASN A 133 1.91 10.90 9.78
N LEU A 134 2.24 10.23 8.69
CA LEU A 134 1.47 9.07 8.22
C LEU A 134 2.41 8.05 7.58
N SER A 135 2.17 6.78 7.84
CA SER A 135 3.02 5.73 7.28
C SER A 135 2.19 4.58 6.72
N VAL A 136 2.55 4.14 5.52
CA VAL A 136 1.87 3.03 4.87
C VAL A 136 2.70 1.76 4.94
N THR A 137 2.43 0.93 5.95
CA THR A 137 3.17 -0.31 6.14
C THR A 137 2.35 -1.50 5.67
N ASN A 138 2.84 -2.70 5.97
CA ASN A 138 2.15 -3.95 5.59
C ASN A 138 1.64 -3.91 4.15
N SER A 139 2.21 -3.03 3.34
CA SER A 139 1.81 -2.89 1.95
C SER A 139 2.12 -4.16 1.18
N SER A 140 1.12 -5.02 1.03
CA SER A 140 1.29 -6.28 0.32
C SER A 140 0.70 -6.23 -1.08
N VAL A 141 0.96 -7.27 -1.87
CA VAL A 141 0.45 -7.34 -3.24
C VAL A 141 0.09 -8.78 -3.61
N GLY A 142 -1.15 -8.97 -4.05
CA GLY A 142 -1.61 -10.29 -4.42
C GLY A 142 -0.94 -10.81 -5.68
N ASP A 143 0.30 -11.27 -5.54
CA ASP A 143 1.04 -11.79 -6.67
C ASP A 143 0.31 -12.98 -7.32
N GLY A 144 0.30 -13.00 -8.65
CA GLY A 144 -0.36 -14.07 -9.36
C GLY A 144 0.17 -15.44 -9.01
N GLU A 145 1.44 -15.49 -8.62
CA GLU A 145 2.07 -16.76 -8.25
C GLU A 145 1.31 -17.43 -7.10
N GLY A 146 0.66 -16.62 -6.27
CA GLY A 146 -0.09 -17.16 -5.15
C GLY A 146 0.49 -16.77 -3.81
N LEU A 147 1.70 -16.19 -3.83
CA LEU A 147 2.37 -15.77 -2.60
C LEU A 147 2.52 -14.25 -2.57
N VAL A 148 1.94 -13.63 -1.55
CA VAL A 148 2.02 -12.18 -1.40
C VAL A 148 3.42 -11.74 -0.95
N HIS A 149 4.02 -10.83 -1.71
CA HIS A 149 5.35 -10.33 -1.40
C HIS A 149 5.28 -9.05 -0.58
N GLU A 150 5.32 -9.18 0.75
CA GLU A 150 5.27 -8.02 1.62
C GLU A 150 6.31 -6.99 1.20
N ILE A 151 5.85 -5.86 0.68
CA ILE A 151 6.76 -4.83 0.22
C ILE A 151 7.21 -3.91 1.34
N ALA A 152 8.21 -3.10 1.04
CA ALA A 152 8.77 -2.15 1.99
C ALA A 152 7.71 -1.13 2.44
N GLY A 153 8.12 0.13 2.61
CA GLY A 153 7.19 1.14 3.05
C GLY A 153 7.80 2.53 3.02
N THR A 154 6.98 3.54 3.32
CA THR A 154 7.44 4.92 3.33
C THR A 154 6.53 5.80 4.17
N GLU A 155 7.09 6.84 4.77
CA GLU A 155 6.31 7.74 5.62
C GLU A 155 6.04 9.07 4.91
N LYS A 156 4.95 9.73 5.33
CA LYS A 156 4.55 11.01 4.75
C LYS A 156 3.88 11.87 5.80
N THR A 157 3.94 13.18 5.59
CA THR A 157 3.32 14.12 6.53
C THR A 157 2.61 15.25 5.81
N VAL A 158 1.41 15.57 6.29
CA VAL A 158 0.60 16.63 5.71
C VAL A 158 0.31 17.71 6.75
N ASN A 159 0.64 18.95 6.42
CA ASN A 159 0.42 20.06 7.34
C ASN A 159 -0.92 20.71 7.08
N ILE A 160 -1.88 20.45 7.95
CA ILE A 160 -3.17 21.07 7.81
C ILE A 160 -3.07 22.50 8.26
N ILE A 161 -3.79 23.36 7.59
CA ILE A 161 -3.74 24.76 7.89
C ILE A 161 -5.14 25.33 8.03
N GLU A 162 -5.35 26.11 9.08
CA GLU A 162 -6.67 26.69 9.33
C GLU A 162 -7.18 27.47 8.13
N GLY A 163 -8.49 27.41 7.91
CA GLY A 163 -9.09 28.11 6.79
C GLY A 163 -10.06 29.18 7.25
N THR A 164 -11.20 29.27 6.56
CA THR A 164 -12.21 30.26 6.89
C THR A 164 -12.96 29.88 8.17
N SER A 165 -13.84 30.76 8.62
CA SER A 165 -14.62 30.51 9.83
C SER A 165 -15.76 29.53 9.56
N MET A 1 30.46 -4.83 20.85
CA MET A 1 29.72 -4.63 22.12
C MET A 1 30.27 -5.51 23.24
N GLY A 2 29.95 -5.14 24.48
CA GLY A 2 30.43 -5.91 25.62
C GLY A 2 31.58 -5.22 26.34
N SER A 3 32.74 -5.86 26.32
CA SER A 3 33.92 -5.30 26.98
C SER A 3 34.57 -4.23 26.12
N SER A 4 35.48 -3.47 26.71
CA SER A 4 36.18 -2.40 25.99
C SER A 4 37.09 -2.98 24.91
N HIS A 5 37.63 -4.17 25.18
CA HIS A 5 38.51 -4.82 24.23
C HIS A 5 37.81 -6.00 23.56
N HIS A 6 38.32 -6.40 22.39
CA HIS A 6 37.73 -7.51 21.64
C HIS A 6 36.29 -7.22 21.28
N HIS A 7 35.63 -8.19 20.64
CA HIS A 7 34.24 -8.04 20.23
C HIS A 7 33.42 -9.25 20.63
N HIS A 8 32.17 -9.29 20.20
CA HIS A 8 31.28 -10.40 20.51
C HIS A 8 31.09 -10.54 22.02
N HIS A 9 30.02 -11.22 22.41
CA HIS A 9 29.73 -11.42 23.83
C HIS A 9 30.45 -12.65 24.36
N HIS A 10 30.78 -12.63 25.65
CA HIS A 10 31.48 -13.75 26.28
C HIS A 10 30.56 -14.96 26.42
N SER A 11 29.45 -14.77 27.13
CA SER A 11 28.49 -15.85 27.33
C SER A 11 27.07 -15.37 27.05
N SER A 12 26.31 -16.19 26.33
CA SER A 12 24.93 -15.86 25.98
C SER A 12 24.14 -17.10 25.62
N GLY A 13 22.88 -16.91 25.24
CA GLY A 13 22.04 -18.03 24.87
C GLY A 13 20.91 -17.63 23.93
N LEU A 14 21.25 -17.43 22.67
CA LEU A 14 20.26 -17.04 21.67
C LEU A 14 20.38 -17.90 20.42
N VAL A 15 21.54 -17.82 19.76
CA VAL A 15 21.78 -18.60 18.55
C VAL A 15 20.83 -18.17 17.43
N PRO A 16 21.18 -17.07 16.72
CA PRO A 16 20.37 -16.54 15.63
C PRO A 16 19.63 -17.62 14.85
N ARG A 17 18.30 -17.48 14.76
CA ARG A 17 17.47 -18.43 14.05
C ARG A 17 17.51 -18.17 12.54
N GLY A 18 18.10 -19.09 11.79
CA GLY A 18 18.18 -18.93 10.35
C GLY A 18 18.08 -20.25 9.61
N SER A 19 18.77 -20.35 8.48
CA SER A 19 18.75 -21.57 7.68
C SER A 19 20.12 -21.83 7.06
N HIS A 20 20.93 -22.63 7.76
CA HIS A 20 22.26 -22.95 7.27
C HIS A 20 22.27 -24.30 6.56
N MET A 21 21.54 -25.26 7.11
CA MET A 21 21.45 -26.60 6.53
C MET A 21 20.12 -26.80 5.83
N ALA A 22 19.03 -26.53 6.55
CA ALA A 22 17.69 -26.69 6.01
C ALA A 22 17.33 -25.52 5.08
N SER A 23 17.38 -25.77 3.78
CA SER A 23 17.07 -24.74 2.79
C SER A 23 16.09 -25.28 1.74
N LYS A 24 15.44 -24.37 1.03
CA LYS A 24 14.49 -24.74 -0.01
C LYS A 24 15.08 -24.54 -1.40
N LEU A 25 15.53 -25.63 -2.01
CA LEU A 25 16.12 -25.57 -3.34
C LEU A 25 15.08 -25.84 -4.42
N LYS A 26 14.27 -24.83 -4.72
CA LYS A 26 13.23 -24.96 -5.74
C LYS A 26 13.23 -23.76 -6.69
N GLU A 27 12.97 -22.58 -6.13
CA GLU A 27 12.94 -21.36 -6.92
C GLU A 27 13.38 -20.16 -6.09
N ALA A 28 13.43 -18.99 -6.72
CA ALA A 28 13.84 -17.77 -6.04
C ALA A 28 13.35 -16.54 -6.79
N ALA A 29 12.95 -15.51 -6.03
CA ALA A 29 12.47 -14.28 -6.62
C ALA A 29 12.19 -13.22 -5.54
N GLU A 30 13.26 -12.61 -5.05
CA GLU A 30 13.13 -11.58 -4.02
C GLU A 30 12.88 -10.21 -4.63
N VAL A 31 11.66 -9.72 -4.52
CA VAL A 31 11.29 -8.42 -5.06
C VAL A 31 11.92 -7.29 -4.25
N THR A 32 12.16 -6.16 -4.90
CA THR A 32 12.74 -5.01 -4.25
C THR A 32 11.83 -4.55 -3.13
N GLY A 33 10.54 -4.53 -3.43
CA GLY A 33 9.55 -4.12 -2.47
C GLY A 33 9.67 -2.67 -2.08
N SER A 34 8.77 -1.85 -2.64
CA SER A 34 8.78 -0.42 -2.31
C SER A 34 7.45 0.23 -2.65
N VAL A 35 7.02 1.12 -1.74
CA VAL A 35 5.77 1.84 -1.89
C VAL A 35 6.00 3.23 -2.47
N SER A 36 5.18 3.61 -3.45
CA SER A 36 5.29 4.91 -4.08
C SER A 36 4.38 5.93 -3.38
N LEU A 37 5.00 6.85 -2.65
CA LEU A 37 4.24 7.87 -1.93
C LEU A 37 4.17 9.18 -2.72
N GLU A 38 2.95 9.66 -2.96
CA GLU A 38 2.74 10.90 -3.69
C GLU A 38 1.60 11.71 -3.06
N ALA A 39 1.95 12.79 -2.38
CA ALA A 39 0.95 13.64 -1.73
C ALA A 39 1.38 15.10 -1.72
N LEU A 40 0.43 15.98 -1.43
CA LEU A 40 0.71 17.42 -1.38
C LEU A 40 1.38 17.79 -0.07
N GLU A 41 1.11 17.00 0.98
CA GLU A 41 1.69 17.24 2.30
C GLU A 41 1.09 18.46 2.98
N GLU A 42 -0.12 18.84 2.56
CA GLU A 42 -0.77 19.99 3.15
C GLU A 42 -2.26 20.04 2.82
N VAL A 43 -3.09 20.20 3.86
CA VAL A 43 -4.52 20.27 3.69
C VAL A 43 -5.14 21.21 4.72
N GLN A 44 -5.58 22.38 4.28
CA GLN A 44 -6.18 23.38 5.17
C GLN A 44 -7.54 22.91 5.69
N VAL A 45 -7.72 22.89 7.02
CA VAL A 45 -8.96 22.47 7.64
C VAL A 45 -10.18 22.74 6.77
N GLY A 46 -11.01 21.72 6.64
CA GLY A 46 -12.21 21.84 5.85
C GLY A 46 -12.06 21.19 4.49
N GLU A 47 -10.83 20.99 4.06
CA GLU A 47 -10.56 20.37 2.77
C GLU A 47 -10.21 18.88 2.94
N ASN A 48 -10.10 18.17 1.82
CA ASN A 48 -9.78 16.75 1.86
C ASN A 48 -8.49 16.47 1.07
N LEU A 49 -7.58 15.74 1.70
CA LEU A 49 -6.31 15.40 1.06
C LEU A 49 -6.16 13.88 0.93
N GLU A 50 -5.75 13.44 -0.26
CA GLU A 50 -5.57 12.01 -0.52
C GLU A 50 -4.10 11.70 -0.75
N VAL A 51 -3.72 10.46 -0.47
CA VAL A 51 -2.33 10.03 -0.66
C VAL A 51 -2.25 8.79 -1.54
N GLY A 52 -1.97 9.00 -2.82
CA GLY A 52 -1.87 7.90 -3.75
C GLY A 52 -0.64 7.03 -3.50
N VAL A 53 -0.60 6.40 -2.33
CA VAL A 53 0.53 5.54 -1.99
C VAL A 53 0.42 4.19 -2.69
N GLY A 54 1.09 4.07 -3.83
CA GLY A 54 1.05 2.84 -4.59
C GLY A 54 2.35 2.06 -4.53
N ILE A 55 2.93 1.80 -5.70
CA ILE A 55 4.17 1.05 -5.79
C ILE A 55 5.33 1.93 -6.25
N ASP A 56 6.43 1.87 -5.50
CA ASP A 56 7.63 2.63 -5.85
C ASP A 56 8.61 1.70 -6.56
N GLU A 57 8.66 0.46 -6.09
CA GLU A 57 9.52 -0.55 -6.66
C GLU A 57 9.02 -1.95 -6.30
N LEU A 58 8.91 -2.78 -7.32
CA LEU A 58 8.46 -4.16 -7.15
C LEU A 58 8.90 -5.02 -8.33
N VAL A 59 10.06 -5.64 -8.21
CA VAL A 59 10.58 -6.47 -9.29
C VAL A 59 10.83 -7.91 -8.83
N ASN A 60 9.96 -8.82 -9.30
CA ASN A 60 10.02 -10.26 -9.01
C ASN A 60 8.68 -10.80 -8.52
N ALA A 61 7.60 -10.09 -8.83
CA ALA A 61 6.27 -10.51 -8.44
C ALA A 61 5.20 -9.88 -9.33
N GLU A 62 3.99 -10.44 -9.31
CA GLU A 62 2.90 -9.92 -10.12
C GLU A 62 1.79 -9.36 -9.23
N ALA A 63 1.96 -8.11 -8.81
CA ALA A 63 0.98 -7.47 -7.95
C ALA A 63 -0.37 -7.32 -8.64
N PHE A 64 -1.36 -8.06 -8.14
CA PHE A 64 -2.71 -8.02 -8.70
C PHE A 64 -3.60 -7.17 -7.80
N ALA A 65 -3.41 -7.31 -6.49
CA ALA A 65 -4.17 -6.56 -5.51
C ALA A 65 -3.24 -5.99 -4.44
N TYR A 66 -3.10 -4.68 -4.41
CA TYR A 66 -2.23 -4.02 -3.46
C TYR A 66 -3.05 -3.35 -2.34
N ASP A 67 -3.24 -4.06 -1.25
CA ASP A 67 -3.99 -3.54 -0.11
C ASP A 67 -3.06 -3.25 1.05
N PHE A 68 -3.22 -2.08 1.66
CA PHE A 68 -2.38 -1.69 2.79
C PHE A 68 -3.21 -1.06 3.90
N THR A 69 -2.57 -0.83 5.04
CA THR A 69 -3.22 -0.23 6.20
C THR A 69 -2.53 1.08 6.56
N LEU A 70 -3.15 2.20 6.19
CA LEU A 70 -2.59 3.51 6.47
C LEU A 70 -2.80 3.91 7.93
N ASN A 71 -1.96 4.82 8.40
CA ASN A 71 -2.04 5.27 9.79
C ASN A 71 -2.12 6.79 9.86
N TYR A 72 -3.09 7.30 10.61
CA TYR A 72 -3.28 8.74 10.78
C TYR A 72 -3.66 9.06 12.22
N ASP A 73 -4.11 10.30 12.44
CA ASP A 73 -4.50 10.73 13.79
C ASP A 73 -5.99 11.01 13.85
N GLU A 74 -6.63 10.55 14.93
CA GLU A 74 -8.07 10.75 15.11
C GLU A 74 -8.35 11.99 15.95
N ASN A 75 -7.29 12.61 16.49
CA ASN A 75 -7.44 13.81 17.30
C ASN A 75 -7.22 15.06 16.48
N ALA A 76 -7.57 14.99 15.20
CA ALA A 76 -7.42 16.11 14.29
C ALA A 76 -7.96 15.77 12.90
N PHE A 77 -7.63 14.56 12.44
CA PHE A 77 -8.10 14.10 11.13
C PHE A 77 -9.29 13.17 11.29
N GLU A 78 -9.77 12.63 10.17
CA GLU A 78 -10.91 11.71 10.19
C GLU A 78 -11.04 11.00 8.85
N TYR A 79 -10.73 9.70 8.85
CA TYR A 79 -10.82 8.89 7.63
C TYR A 79 -12.15 9.11 6.92
N VAL A 80 -12.13 9.02 5.60
CA VAL A 80 -13.34 9.21 4.80
C VAL A 80 -13.54 8.04 3.84
N GLU A 81 -12.84 8.07 2.72
CA GLU A 81 -12.96 7.00 1.73
C GLU A 81 -11.76 7.00 0.77
N ALA A 82 -11.27 5.81 0.46
CA ALA A 82 -10.14 5.67 -0.44
C ALA A 82 -10.56 5.72 -1.87
N ILE A 83 -9.65 6.20 -2.68
CA ILE A 83 -9.90 6.38 -4.08
C ILE A 83 -8.85 5.74 -4.94
N SER A 84 -9.28 5.35 -6.12
CA SER A 84 -8.42 4.72 -7.11
C SER A 84 -8.27 5.60 -8.35
N ASP A 85 -7.54 5.09 -9.35
CA ASP A 85 -7.32 5.82 -10.59
C ASP A 85 -8.52 5.65 -11.53
N ASP A 86 -8.28 5.85 -12.83
CA ASP A 86 -9.35 5.71 -13.83
C ASP A 86 -9.36 4.30 -14.42
N GLY A 87 -9.08 3.31 -13.56
CA GLY A 87 -9.07 1.93 -14.01
C GLY A 87 -9.05 0.96 -12.85
N VAL A 88 -8.31 1.29 -11.80
CA VAL A 88 -8.21 0.45 -10.62
C VAL A 88 -9.33 0.75 -9.63
N PHE A 89 -9.61 -0.21 -8.76
CA PHE A 89 -10.67 -0.05 -7.75
C PHE A 89 -10.08 -0.03 -6.35
N VAL A 90 -10.25 1.09 -5.66
CA VAL A 90 -9.74 1.25 -4.30
C VAL A 90 -10.88 1.42 -3.30
N ASN A 91 -10.83 0.65 -2.21
CA ASN A 91 -11.86 0.73 -1.18
C ASN A 91 -11.24 0.62 0.21
N ALA A 92 -11.37 1.69 0.99
CA ALA A 92 -10.82 1.70 2.34
C ALA A 92 -11.89 1.33 3.36
N LYS A 93 -11.45 0.72 4.45
CA LYS A 93 -12.36 0.31 5.51
C LYS A 93 -11.81 0.64 6.89
N LYS A 94 -12.41 1.65 7.50
CA LYS A 94 -12.02 2.09 8.83
C LYS A 94 -12.07 0.95 9.84
N ILE A 95 -10.92 0.66 10.44
CA ILE A 95 -10.83 -0.40 11.42
C ILE A 95 -10.55 0.17 12.82
N GLU A 96 -9.99 1.37 12.86
CA GLU A 96 -9.68 2.02 14.13
C GLU A 96 -9.63 3.53 13.98
N ASP A 97 -9.35 4.23 15.08
CA ASP A 97 -9.27 5.68 15.08
C ASP A 97 -8.44 6.20 13.90
N GLY A 98 -7.12 6.23 14.06
CA GLY A 98 -6.26 6.70 13.00
C GLY A 98 -5.52 5.56 12.31
N LYS A 99 -6.28 4.64 11.72
CA LYS A 99 -5.70 3.51 11.02
C LYS A 99 -6.80 2.72 10.34
N VAL A 100 -6.66 2.55 9.04
CA VAL A 100 -7.66 1.84 8.27
C VAL A 100 -7.04 1.10 7.09
N ARG A 101 -7.72 0.05 6.64
CA ARG A 101 -7.22 -0.78 5.53
C ARG A 101 -7.87 -0.40 4.21
N VAL A 102 -7.14 -0.64 3.11
CA VAL A 102 -7.65 -0.32 1.78
C VAL A 102 -7.59 -1.55 0.88
N LEU A 103 -8.55 -1.63 -0.04
CA LEU A 103 -8.62 -2.75 -0.99
C LEU A 103 -8.41 -2.26 -2.42
N VAL A 104 -7.27 -2.62 -2.99
CA VAL A 104 -6.95 -2.22 -4.35
C VAL A 104 -7.01 -3.40 -5.32
N SER A 105 -7.59 -3.17 -6.49
CA SER A 105 -7.71 -4.20 -7.51
C SER A 105 -8.05 -3.57 -8.86
N SER A 106 -7.37 -4.03 -9.91
CA SER A 106 -7.61 -3.50 -11.25
C SER A 106 -8.87 -4.10 -11.87
N LEU A 107 -9.94 -3.31 -11.90
CA LEU A 107 -11.20 -3.76 -12.47
C LEU A 107 -11.08 -3.89 -13.99
N THR A 108 -10.02 -3.29 -14.55
CA THR A 108 -9.78 -3.33 -15.98
C THR A 108 -9.50 -4.75 -16.45
N GLY A 109 -8.95 -5.56 -15.56
CA GLY A 109 -8.63 -6.94 -15.90
C GLY A 109 -7.14 -7.20 -15.92
N GLU A 110 -6.35 -6.13 -16.00
CA GLU A 110 -4.90 -6.25 -16.04
C GLU A 110 -4.30 -5.99 -14.65
N PRO A 111 -3.19 -6.66 -14.33
CA PRO A 111 -2.52 -6.49 -13.03
C PRO A 111 -2.19 -5.04 -12.73
N LEU A 112 -1.78 -4.77 -11.50
CA LEU A 112 -1.43 -3.41 -11.07
C LEU A 112 -0.32 -2.85 -11.95
N PRO A 113 -0.62 -1.80 -12.74
CA PRO A 113 0.36 -1.17 -13.63
C PRO A 113 1.58 -0.65 -12.86
N ALA A 114 1.41 -0.42 -11.56
CA ALA A 114 2.49 0.08 -10.72
C ALA A 114 2.98 1.42 -11.22
N LYS A 115 3.82 2.08 -10.42
CA LYS A 115 4.36 3.38 -10.80
C LYS A 115 3.23 4.38 -11.04
N GLU A 116 2.10 4.15 -10.39
CA GLU A 116 0.94 5.02 -10.53
C GLU A 116 0.05 4.91 -9.29
N VAL A 117 -0.72 5.97 -9.02
CA VAL A 117 -1.61 5.99 -7.87
C VAL A 117 -2.42 4.70 -7.77
N LEU A 118 -2.05 3.84 -6.83
CA LEU A 118 -2.74 2.57 -6.63
C LEU A 118 -3.85 2.70 -5.60
N ALA A 119 -3.68 3.63 -4.65
CA ALA A 119 -4.68 3.82 -3.61
C ALA A 119 -4.48 5.16 -2.90
N LYS A 120 -5.59 5.87 -2.67
CA LYS A 120 -5.53 7.17 -2.00
C LYS A 120 -6.56 7.27 -0.88
N VAL A 121 -6.12 7.09 0.35
CA VAL A 121 -7.01 7.19 1.50
C VAL A 121 -7.01 8.61 2.04
N VAL A 122 -8.09 9.33 1.80
CA VAL A 122 -8.19 10.72 2.23
C VAL A 122 -8.65 10.85 3.68
N LEU A 123 -7.84 11.55 4.48
CA LEU A 123 -8.16 11.78 5.88
C LEU A 123 -8.77 13.17 6.04
N ARG A 124 -10.03 13.23 6.42
CA ARG A 124 -10.75 14.48 6.58
C ARG A 124 -10.06 15.46 7.52
N ALA A 125 -9.64 16.60 6.96
CA ALA A 125 -9.00 17.65 7.75
C ALA A 125 -10.07 18.57 8.31
N GLU A 126 -10.86 18.05 9.25
CA GLU A 126 -11.92 18.82 9.88
C GLU A 126 -11.36 19.51 11.12
N ALA A 127 -10.08 19.26 11.36
CA ALA A 127 -9.38 19.85 12.47
C ALA A 127 -7.89 19.75 12.24
N LYS A 128 -7.26 20.89 12.26
CA LYS A 128 -5.83 20.99 12.02
C LYS A 128 -5.04 19.92 12.77
N ALA A 129 -4.00 19.42 12.10
CA ALA A 129 -3.11 18.41 12.65
C ALA A 129 -1.71 18.58 12.07
N GLU A 130 -1.13 19.75 12.31
CA GLU A 130 0.21 20.06 11.79
C GLU A 130 1.22 19.01 12.25
N GLY A 131 1.81 18.32 11.28
CA GLY A 131 2.80 17.30 11.58
C GLY A 131 2.16 15.96 11.87
N SER A 132 0.88 15.82 11.53
CA SER A 132 0.17 14.56 11.76
C SER A 132 0.68 13.50 10.80
N ASN A 133 1.94 13.11 10.98
CA ASN A 133 2.57 12.11 10.13
C ASN A 133 1.66 10.91 9.85
N LEU A 134 1.69 10.46 8.60
CA LEU A 134 0.89 9.32 8.17
C LEU A 134 1.82 8.22 7.66
N SER A 135 1.66 7.02 8.20
CA SER A 135 2.51 5.91 7.80
C SER A 135 1.71 4.76 7.19
N VAL A 136 2.10 4.35 5.99
CA VAL A 136 1.44 3.26 5.30
C VAL A 136 2.39 2.07 5.17
N THR A 137 2.29 1.14 6.11
CA THR A 137 3.15 -0.05 6.10
C THR A 137 2.36 -1.29 5.68
N ASN A 138 2.87 -2.47 6.01
CA ASN A 138 2.21 -3.74 5.67
C ASN A 138 1.71 -3.75 4.23
N SER A 139 2.27 -2.88 3.39
CA SER A 139 1.88 -2.80 2.00
C SER A 139 2.19 -4.10 1.27
N SER A 140 1.16 -4.90 1.02
CA SER A 140 1.33 -6.18 0.35
C SER A 140 0.90 -6.12 -1.12
N VAL A 141 1.25 -7.15 -1.89
CA VAL A 141 0.90 -7.22 -3.29
C VAL A 141 0.54 -8.65 -3.69
N GLY A 142 -0.68 -8.83 -4.18
CA GLY A 142 -1.13 -10.15 -4.58
C GLY A 142 -0.43 -10.64 -5.84
N ASP A 143 0.60 -11.47 -5.66
CA ASP A 143 1.35 -12.02 -6.78
C ASP A 143 0.42 -12.74 -7.76
N GLY A 144 0.91 -12.95 -8.97
CA GLY A 144 0.11 -13.63 -9.98
C GLY A 144 -0.15 -15.08 -9.63
N GLU A 145 0.79 -15.70 -8.93
CA GLU A 145 0.65 -17.10 -8.53
C GLU A 145 -0.30 -17.24 -7.35
N GLY A 146 -0.11 -16.38 -6.35
CA GLY A 146 -0.95 -16.43 -5.17
C GLY A 146 -0.22 -15.98 -3.91
N LEU A 147 1.09 -16.18 -3.89
CA LEU A 147 1.91 -15.80 -2.74
C LEU A 147 2.17 -14.30 -2.74
N VAL A 148 1.72 -13.63 -1.69
CA VAL A 148 1.92 -12.19 -1.56
C VAL A 148 3.37 -11.85 -1.23
N HIS A 149 3.79 -10.66 -1.62
CA HIS A 149 5.16 -10.22 -1.36
C HIS A 149 5.18 -8.93 -0.54
N GLU A 150 5.22 -9.06 0.78
CA GLU A 150 5.24 -7.90 1.66
C GLU A 150 6.33 -6.94 1.24
N ILE A 151 5.93 -5.85 0.59
CA ILE A 151 6.90 -4.86 0.11
C ILE A 151 7.27 -3.86 1.20
N ALA A 152 8.08 -2.89 0.81
CA ALA A 152 8.55 -1.85 1.72
C ALA A 152 7.39 -0.98 2.21
N GLY A 153 7.72 0.21 2.70
CA GLY A 153 6.71 1.14 3.19
C GLY A 153 7.15 2.58 3.09
N THR A 154 6.35 3.49 3.62
CA THR A 154 6.68 4.91 3.57
C THR A 154 5.90 5.71 4.61
N GLU A 155 5.99 7.03 4.53
CA GLU A 155 5.30 7.91 5.46
C GLU A 155 5.19 9.33 4.91
N LYS A 156 4.24 10.09 5.42
CA LYS A 156 4.01 11.47 4.96
C LYS A 156 3.60 12.36 6.11
N THR A 157 3.61 13.67 5.85
CA THR A 157 3.24 14.65 6.86
C THR A 157 2.44 15.79 6.21
N VAL A 158 1.18 15.92 6.61
CA VAL A 158 0.33 16.97 6.07
C VAL A 158 0.04 18.04 7.11
N ASN A 159 0.44 19.27 6.82
CA ASN A 159 0.21 20.38 7.73
C ASN A 159 -1.12 21.04 7.46
N ILE A 160 -2.08 20.79 8.33
CA ILE A 160 -3.38 21.39 8.18
C ILE A 160 -3.33 22.81 8.65
N ILE A 161 -3.64 23.71 7.74
CA ILE A 161 -3.61 25.13 8.03
C ILE A 161 -5.02 25.67 8.23
N GLU A 162 -5.20 26.43 9.29
CA GLU A 162 -6.51 27.00 9.59
C GLU A 162 -7.00 27.89 8.46
N GLY A 163 -8.30 27.89 8.24
CA GLY A 163 -8.88 28.71 7.18
C GLY A 163 -10.33 28.36 6.91
N THR A 164 -11.22 29.33 7.08
CA THR A 164 -12.65 29.13 6.85
C THR A 164 -13.15 30.03 5.73
N SER A 165 -14.38 29.79 5.29
CA SER A 165 -14.99 30.58 4.24
C SER A 165 -15.84 31.71 4.81
N MET A 1 21.29 -50.45 -39.10
CA MET A 1 20.38 -50.87 -38.00
C MET A 1 21.09 -50.82 -36.65
N GLY A 2 21.96 -49.83 -36.49
CA GLY A 2 22.69 -49.68 -35.23
C GLY A 2 22.18 -48.52 -34.41
N SER A 3 20.90 -48.54 -34.07
CA SER A 3 20.30 -47.47 -33.28
C SER A 3 20.77 -47.54 -31.83
N SER A 4 20.62 -46.44 -31.10
CA SER A 4 21.03 -46.37 -29.71
C SER A 4 20.19 -47.31 -28.85
N HIS A 5 20.55 -48.60 -28.87
CA HIS A 5 19.83 -49.61 -28.10
C HIS A 5 20.73 -50.22 -27.03
N HIS A 6 20.20 -51.17 -26.29
CA HIS A 6 20.95 -51.83 -25.22
C HIS A 6 21.39 -50.82 -24.16
N HIS A 7 20.58 -49.80 -23.96
CA HIS A 7 20.89 -48.77 -22.97
C HIS A 7 20.56 -49.25 -21.57
N HIS A 8 19.28 -49.50 -21.31
CA HIS A 8 18.83 -49.96 -20.00
C HIS A 8 18.92 -51.48 -19.91
N HIS A 9 18.97 -51.99 -18.69
CA HIS A 9 19.06 -53.43 -18.47
C HIS A 9 17.74 -53.98 -17.94
N HIS A 10 16.64 -53.33 -18.32
CA HIS A 10 15.31 -53.75 -17.90
C HIS A 10 15.20 -53.76 -16.38
N SER A 11 15.94 -52.87 -15.73
CA SER A 11 15.93 -52.77 -14.28
C SER A 11 14.99 -51.66 -13.81
N SER A 12 14.54 -51.76 -12.56
CA SER A 12 13.64 -50.77 -11.99
C SER A 12 13.96 -50.52 -10.52
N GLY A 13 13.08 -49.79 -9.85
CA GLY A 13 13.28 -49.50 -8.44
C GLY A 13 12.00 -49.13 -7.73
N LEU A 14 11.98 -47.96 -7.09
CA LEU A 14 10.81 -47.49 -6.38
C LEU A 14 10.32 -46.16 -6.93
N VAL A 15 9.04 -46.08 -7.25
CA VAL A 15 8.45 -44.86 -7.79
C VAL A 15 7.61 -44.15 -6.74
N PRO A 16 8.26 -43.37 -5.85
CA PRO A 16 7.59 -42.63 -4.78
C PRO A 16 6.18 -42.16 -5.16
N ARG A 17 6.09 -41.41 -6.26
CA ARG A 17 4.82 -40.90 -6.73
C ARG A 17 4.92 -40.42 -8.18
N GLY A 18 5.84 -39.50 -8.43
CA GLY A 18 6.02 -38.97 -9.76
C GLY A 18 6.69 -37.62 -9.77
N SER A 19 8.01 -37.61 -9.53
CA SER A 19 8.76 -36.36 -9.51
C SER A 19 10.26 -36.64 -9.53
N HIS A 20 10.87 -36.57 -10.71
CA HIS A 20 12.29 -36.82 -10.86
C HIS A 20 12.88 -35.93 -11.96
N MET A 21 14.20 -35.76 -11.92
CA MET A 21 14.89 -34.94 -12.91
C MET A 21 14.39 -33.51 -12.88
N ALA A 22 14.01 -33.05 -11.69
CA ALA A 22 13.50 -31.70 -11.52
C ALA A 22 14.65 -30.69 -11.48
N SER A 23 14.33 -29.44 -11.13
CA SER A 23 15.33 -28.39 -11.06
C SER A 23 15.15 -27.54 -9.80
N LYS A 24 13.96 -26.98 -9.65
CA LYS A 24 13.66 -26.15 -8.49
C LYS A 24 12.16 -26.13 -8.20
N LEU A 25 11.78 -26.63 -7.03
CA LEU A 25 10.38 -26.68 -6.64
C LEU A 25 10.00 -25.45 -5.82
N LYS A 26 10.96 -24.93 -5.07
CA LYS A 26 10.73 -23.75 -4.23
C LYS A 26 10.88 -22.47 -5.04
N GLU A 27 11.75 -22.52 -6.05
CA GLU A 27 11.98 -21.36 -6.91
C GLU A 27 12.53 -20.18 -6.10
N ALA A 28 13.18 -19.25 -6.78
CA ALA A 28 13.75 -18.08 -6.13
C ALA A 28 13.15 -16.79 -6.68
N ALA A 29 12.84 -15.86 -5.78
CA ALA A 29 12.25 -14.58 -6.18
C ALA A 29 12.10 -13.65 -4.98
N GLU A 30 13.20 -13.05 -4.56
CA GLU A 30 13.20 -12.14 -3.42
C GLU A 30 12.99 -10.70 -3.88
N VAL A 31 11.73 -10.26 -3.89
CA VAL A 31 11.40 -8.91 -4.30
C VAL A 31 11.75 -7.91 -3.21
N THR A 32 12.06 -6.68 -3.62
CA THR A 32 12.40 -5.64 -2.68
C THR A 32 11.14 -4.98 -2.17
N GLY A 33 10.14 -4.92 -3.04
CA GLY A 33 8.87 -4.33 -2.70
C GLY A 33 9.01 -2.95 -2.12
N SER A 34 8.39 -1.98 -2.77
CA SER A 34 8.46 -0.61 -2.28
C SER A 34 7.17 0.15 -2.53
N VAL A 35 6.86 1.05 -1.59
CA VAL A 35 5.67 1.86 -1.67
C VAL A 35 5.98 3.22 -2.28
N SER A 36 5.12 3.66 -3.18
CA SER A 36 5.30 4.95 -3.85
C SER A 36 4.58 6.04 -3.06
N LEU A 37 5.36 6.88 -2.39
CA LEU A 37 4.82 7.97 -1.59
C LEU A 37 4.81 9.29 -2.35
N GLU A 38 3.62 9.72 -2.78
CA GLU A 38 3.48 10.98 -3.50
C GLU A 38 2.21 11.71 -3.07
N ALA A 39 2.36 12.71 -2.22
CA ALA A 39 1.22 13.48 -1.75
C ALA A 39 1.52 14.98 -1.73
N LEU A 40 0.48 15.78 -1.59
CA LEU A 40 0.63 17.23 -1.55
C LEU A 40 1.33 17.67 -0.26
N GLU A 41 1.01 16.97 0.83
CA GLU A 41 1.61 17.27 2.13
C GLU A 41 1.11 18.61 2.67
N GLU A 42 -0.12 18.98 2.33
CA GLU A 42 -0.70 20.23 2.77
C GLU A 42 -2.21 20.25 2.60
N VAL A 43 -2.93 20.35 3.71
CA VAL A 43 -4.39 20.39 3.69
C VAL A 43 -4.89 21.52 4.59
N GLN A 44 -6.16 21.87 4.47
CA GLN A 44 -6.73 22.94 5.28
C GLN A 44 -8.03 22.47 5.93
N VAL A 45 -8.05 22.34 7.27
CA VAL A 45 -9.23 21.88 7.98
C VAL A 45 -10.52 22.22 7.27
N GLY A 46 -11.26 21.19 6.93
CA GLY A 46 -12.52 21.36 6.26
C GLY A 46 -12.56 20.66 4.92
N GLU A 47 -11.40 20.49 4.29
CA GLU A 47 -11.31 19.83 3.00
C GLU A 47 -10.79 18.40 3.17
N ASN A 48 -10.58 17.72 2.05
CA ASN A 48 -10.09 16.35 2.08
C ASN A 48 -8.68 16.25 1.50
N LEU A 49 -8.02 15.12 1.75
CA LEU A 49 -6.67 14.89 1.24
C LEU A 49 -6.65 13.70 0.30
N GLU A 50 -5.65 13.66 -0.58
CA GLU A 50 -5.52 12.57 -1.54
C GLU A 50 -4.08 12.09 -1.65
N VAL A 51 -3.74 11.07 -0.88
CA VAL A 51 -2.40 10.51 -0.89
C VAL A 51 -2.36 9.19 -1.67
N GLY A 52 -1.95 9.28 -2.94
CA GLY A 52 -1.88 8.10 -3.77
C GLY A 52 -0.65 7.26 -3.51
N VAL A 53 -0.58 6.64 -2.34
CA VAL A 53 0.55 5.80 -1.99
C VAL A 53 0.42 4.43 -2.66
N GLY A 54 1.07 4.30 -3.82
CA GLY A 54 1.00 3.04 -4.55
C GLY A 54 2.28 2.24 -4.45
N ILE A 55 2.80 1.81 -5.59
CA ILE A 55 4.03 1.01 -5.64
C ILE A 55 5.21 1.83 -6.13
N ASP A 56 6.36 1.65 -5.48
CA ASP A 56 7.58 2.34 -5.87
C ASP A 56 8.43 1.41 -6.72
N GLU A 57 8.42 0.13 -6.36
CA GLU A 57 9.17 -0.88 -7.09
C GLU A 57 9.05 -2.26 -6.42
N LEU A 58 8.75 -3.26 -7.23
CA LEU A 58 8.62 -4.63 -6.77
C LEU A 58 9.35 -5.57 -7.74
N VAL A 59 10.59 -5.90 -7.42
CA VAL A 59 11.39 -6.76 -8.28
C VAL A 59 11.16 -8.24 -8.02
N ASN A 60 10.46 -8.89 -8.96
CA ASN A 60 10.16 -10.33 -8.91
C ASN A 60 8.77 -10.61 -8.34
N ALA A 61 7.84 -9.69 -8.57
CA ALA A 61 6.48 -9.85 -8.09
C ALA A 61 5.47 -9.34 -9.11
N GLU A 62 4.28 -9.95 -9.11
CA GLU A 62 3.21 -9.57 -10.02
C GLU A 62 2.00 -9.12 -9.23
N ALA A 63 2.12 -7.95 -8.61
CA ALA A 63 1.04 -7.41 -7.78
C ALA A 63 -0.22 -7.14 -8.59
N PHE A 64 -1.32 -7.76 -8.16
CA PHE A 64 -2.61 -7.58 -8.81
C PHE A 64 -3.50 -6.71 -7.95
N ALA A 65 -3.32 -6.83 -6.63
CA ALA A 65 -4.09 -6.06 -5.66
C ALA A 65 -3.18 -5.61 -4.53
N TYR A 66 -2.95 -4.30 -4.43
CA TYR A 66 -2.09 -3.75 -3.40
C TYR A 66 -2.90 -3.08 -2.30
N ASP A 67 -3.19 -3.83 -1.24
CA ASP A 67 -3.94 -3.31 -0.12
C ASP A 67 -3.03 -2.96 1.05
N PHE A 68 -3.17 -1.77 1.59
CA PHE A 68 -2.33 -1.33 2.71
C PHE A 68 -3.16 -0.70 3.82
N THR A 69 -2.50 -0.44 4.95
CA THR A 69 -3.15 0.16 6.10
C THR A 69 -2.30 1.31 6.65
N LEU A 70 -2.64 2.53 6.25
CA LEU A 70 -1.90 3.71 6.69
C LEU A 70 -2.27 4.11 8.11
N ASN A 71 -1.38 4.84 8.77
CA ASN A 71 -1.60 5.28 10.14
C ASN A 71 -1.68 6.80 10.22
N TYR A 72 -2.89 7.32 10.37
CA TYR A 72 -3.10 8.76 10.46
C TYR A 72 -3.55 9.14 11.87
N ASP A 73 -4.02 10.38 12.02
CA ASP A 73 -4.49 10.87 13.32
C ASP A 73 -6.00 10.96 13.35
N GLU A 74 -6.61 10.32 14.35
CA GLU A 74 -8.07 10.34 14.49
C GLU A 74 -8.52 11.63 15.14
N ASN A 75 -7.78 12.09 16.15
CA ASN A 75 -8.12 13.32 16.85
C ASN A 75 -7.96 14.52 15.93
N ALA A 76 -6.97 14.47 15.05
CA ALA A 76 -6.72 15.56 14.11
C ALA A 76 -7.37 15.28 12.76
N PHE A 77 -6.98 14.16 12.15
CA PHE A 77 -7.53 13.77 10.86
C PHE A 77 -8.73 12.85 11.04
N GLU A 78 -9.50 12.66 9.97
CA GLU A 78 -10.68 11.81 10.01
C GLU A 78 -10.88 11.07 8.69
N TYR A 79 -10.65 9.76 8.70
CA TYR A 79 -10.81 8.95 7.50
C TYR A 79 -12.19 9.14 6.90
N VAL A 80 -12.25 9.20 5.57
CA VAL A 80 -13.51 9.38 4.86
C VAL A 80 -13.80 8.21 3.94
N GLU A 81 -13.06 8.12 2.84
CA GLU A 81 -13.24 7.04 1.88
C GLU A 81 -12.09 7.03 0.87
N ALA A 82 -11.69 5.83 0.47
CA ALA A 82 -10.60 5.68 -0.49
C ALA A 82 -11.08 5.84 -1.90
N ILE A 83 -10.18 6.37 -2.70
CA ILE A 83 -10.48 6.65 -4.07
C ILE A 83 -9.54 5.93 -5.02
N SER A 84 -10.07 5.68 -6.21
CA SER A 84 -9.32 5.00 -7.25
C SER A 84 -9.13 5.91 -8.47
N ASP A 85 -8.71 5.32 -9.58
CA ASP A 85 -8.49 6.08 -10.82
C ASP A 85 -9.66 5.90 -11.78
N ASP A 86 -9.41 6.13 -13.07
CA ASP A 86 -10.45 6.00 -14.08
C ASP A 86 -10.43 4.60 -14.70
N GLY A 87 -10.14 3.60 -13.87
CA GLY A 87 -10.09 2.23 -14.35
C GLY A 87 -9.93 1.24 -13.22
N VAL A 88 -9.09 1.60 -12.25
CA VAL A 88 -8.85 0.74 -11.09
C VAL A 88 -9.87 1.00 -10.00
N PHE A 89 -10.02 0.04 -9.09
CA PHE A 89 -10.97 0.18 -7.99
C PHE A 89 -10.25 0.30 -6.65
N VAL A 90 -10.72 1.22 -5.82
CA VAL A 90 -10.13 1.44 -4.51
C VAL A 90 -11.20 1.55 -3.44
N ASN A 91 -11.35 0.50 -2.63
CA ASN A 91 -12.34 0.47 -1.57
C ASN A 91 -11.68 0.23 -0.22
N ALA A 92 -11.75 1.23 0.66
CA ALA A 92 -11.15 1.13 1.98
C ALA A 92 -12.17 0.72 3.03
N LYS A 93 -11.75 0.65 4.27
CA LYS A 93 -12.64 0.26 5.35
C LYS A 93 -12.03 0.58 6.72
N LYS A 94 -12.59 1.60 7.37
CA LYS A 94 -12.12 2.02 8.68
C LYS A 94 -12.13 0.86 9.66
N ILE A 95 -10.94 0.43 10.06
CA ILE A 95 -10.80 -0.68 11.01
C ILE A 95 -10.47 -0.16 12.40
N GLU A 96 -9.81 1.00 12.45
CA GLU A 96 -9.43 1.60 13.72
C GLU A 96 -9.26 3.11 13.58
N ASP A 97 -9.10 3.79 14.72
CA ASP A 97 -8.92 5.24 14.72
C ASP A 97 -7.54 5.61 14.21
N GLY A 98 -7.48 6.60 13.32
CA GLY A 98 -6.21 7.04 12.76
C GLY A 98 -5.48 5.91 12.05
N LYS A 99 -6.25 4.97 11.52
CA LYS A 99 -5.68 3.83 10.80
C LYS A 99 -6.78 3.00 10.18
N VAL A 100 -6.72 2.84 8.87
CA VAL A 100 -7.74 2.10 8.16
C VAL A 100 -7.18 1.40 6.92
N ARG A 101 -7.86 0.35 6.50
CA ARG A 101 -7.40 -0.44 5.34
C ARG A 101 -7.95 0.11 4.03
N VAL A 102 -7.21 -0.11 2.95
CA VAL A 102 -7.61 0.33 1.62
C VAL A 102 -7.48 -0.81 0.61
N LEU A 103 -8.58 -1.51 0.37
CA LEU A 103 -8.58 -2.63 -0.57
C LEU A 103 -8.69 -2.14 -2.01
N VAL A 104 -7.64 -2.37 -2.79
CA VAL A 104 -7.62 -1.95 -4.18
C VAL A 104 -7.65 -3.14 -5.14
N SER A 105 -8.18 -2.91 -6.34
CA SER A 105 -8.28 -3.94 -7.35
C SER A 105 -8.55 -3.32 -8.72
N SER A 106 -7.86 -3.81 -9.74
CA SER A 106 -8.03 -3.29 -11.09
C SER A 106 -9.19 -3.98 -11.80
N LEU A 107 -10.32 -3.27 -11.91
CA LEU A 107 -11.50 -3.81 -12.58
C LEU A 107 -11.28 -3.87 -14.09
N THR A 108 -10.21 -3.21 -14.56
CA THR A 108 -9.90 -3.19 -15.98
C THR A 108 -9.54 -4.59 -16.48
N GLY A 109 -8.96 -5.39 -15.59
CA GLY A 109 -8.57 -6.73 -15.96
C GLY A 109 -7.06 -6.90 -15.97
N GLU A 110 -6.33 -5.79 -16.04
CA GLU A 110 -4.87 -5.83 -16.06
C GLU A 110 -4.32 -5.73 -14.64
N PRO A 111 -3.17 -6.38 -14.37
CA PRO A 111 -2.54 -6.35 -13.05
C PRO A 111 -2.25 -4.93 -12.57
N LEU A 112 -1.74 -4.82 -11.35
CA LEU A 112 -1.40 -3.52 -10.77
C LEU A 112 -0.40 -2.78 -11.65
N PRO A 113 -0.76 -1.56 -12.12
CA PRO A 113 0.12 -0.76 -12.97
C PRO A 113 1.42 -0.37 -12.27
N ALA A 114 1.31 -0.10 -10.97
CA ALA A 114 2.48 0.29 -10.18
C ALA A 114 3.12 1.55 -10.73
N LYS A 115 3.95 2.19 -9.92
CA LYS A 115 4.61 3.41 -10.34
C LYS A 115 3.59 4.49 -10.69
N GLU A 116 2.43 4.39 -10.05
CA GLU A 116 1.34 5.34 -10.27
C GLU A 116 0.31 5.23 -9.15
N VAL A 117 -0.46 6.30 -8.95
CA VAL A 117 -1.47 6.33 -7.90
C VAL A 117 -2.28 5.03 -7.89
N LEU A 118 -2.01 4.18 -6.90
CA LEU A 118 -2.70 2.91 -6.78
C LEU A 118 -3.87 3.02 -5.81
N ALA A 119 -3.74 3.91 -4.82
CA ALA A 119 -4.80 4.10 -3.84
C ALA A 119 -4.63 5.39 -3.07
N LYS A 120 -5.73 6.12 -2.89
CA LYS A 120 -5.71 7.38 -2.17
C LYS A 120 -6.72 7.38 -1.02
N VAL A 121 -6.22 7.41 0.21
CA VAL A 121 -7.08 7.42 1.38
C VAL A 121 -7.49 8.85 1.73
N VAL A 122 -8.77 9.14 1.53
CA VAL A 122 -9.30 10.48 1.80
C VAL A 122 -9.51 10.71 3.30
N LEU A 123 -8.63 11.51 3.89
CA LEU A 123 -8.72 11.84 5.31
C LEU A 123 -9.22 13.27 5.47
N ARG A 124 -10.46 13.42 5.92
CA ARG A 124 -11.06 14.73 6.09
C ARG A 124 -10.42 15.53 7.23
N ALA A 125 -9.83 16.67 6.87
CA ALA A 125 -9.21 17.55 7.84
C ALA A 125 -10.27 18.20 8.72
N GLU A 126 -10.72 17.46 9.73
CA GLU A 126 -11.73 17.97 10.65
C GLU A 126 -11.05 18.73 11.77
N ALA A 127 -9.74 18.58 11.84
CA ALA A 127 -8.94 19.25 12.83
C ALA A 127 -7.49 19.23 12.41
N LYS A 128 -6.93 20.42 12.34
CA LYS A 128 -5.56 20.59 11.91
C LYS A 128 -4.61 19.59 12.58
N ALA A 129 -3.49 19.34 11.93
CA ALA A 129 -2.48 18.40 12.43
C ALA A 129 -1.15 18.64 11.73
N GLU A 130 -0.65 19.86 11.83
CA GLU A 130 0.63 20.22 11.20
C GLU A 130 1.74 19.30 11.68
N GLY A 131 2.05 18.29 10.87
CA GLY A 131 3.08 17.33 11.22
C GLY A 131 2.50 15.96 11.52
N SER A 132 1.34 15.67 10.93
CA SER A 132 0.68 14.39 11.14
C SER A 132 1.45 13.26 10.48
N ASN A 133 2.65 12.99 10.98
CA ASN A 133 3.49 11.92 10.45
C ASN A 133 2.70 10.65 10.20
N LEU A 134 2.53 10.32 8.92
CA LEU A 134 1.81 9.12 8.52
C LEU A 134 2.80 8.08 8.01
N SER A 135 2.35 6.84 7.90
CA SER A 135 3.21 5.77 7.43
C SER A 135 2.41 4.60 6.88
N VAL A 136 2.62 4.30 5.61
CA VAL A 136 1.92 3.19 4.97
C VAL A 136 2.69 1.88 5.17
N THR A 137 2.31 1.14 6.20
CA THR A 137 2.96 -0.13 6.51
C THR A 137 2.13 -1.29 5.99
N ASN A 138 2.52 -2.51 6.37
CA ASN A 138 1.81 -3.73 5.95
C ASN A 138 1.45 -3.68 4.47
N SER A 139 2.18 -2.88 3.70
CA SER A 139 1.93 -2.76 2.27
C SER A 139 2.18 -4.08 1.56
N SER A 140 1.13 -4.87 1.39
CA SER A 140 1.25 -6.17 0.73
C SER A 140 0.86 -6.07 -0.74
N VAL A 141 1.16 -7.12 -1.49
CA VAL A 141 0.86 -7.16 -2.91
C VAL A 141 0.37 -8.55 -3.33
N GLY A 142 -0.76 -8.60 -4.01
CA GLY A 142 -1.32 -9.87 -4.46
C GLY A 142 -0.61 -10.40 -5.70
N ASP A 143 0.58 -10.96 -5.50
CA ASP A 143 1.36 -11.51 -6.62
C ASP A 143 0.55 -12.58 -7.36
N GLY A 144 0.77 -12.65 -8.67
CA GLY A 144 0.06 -13.63 -9.47
C GLY A 144 0.46 -15.06 -9.16
N GLU A 145 1.69 -15.23 -8.65
CA GLU A 145 2.19 -16.55 -8.31
C GLU A 145 1.27 -17.24 -7.30
N GLY A 146 0.84 -16.49 -6.29
CA GLY A 146 -0.03 -17.05 -5.27
C GLY A 146 0.36 -16.65 -3.87
N LEU A 147 1.54 -16.05 -3.72
CA LEU A 147 2.02 -15.62 -2.42
C LEU A 147 2.20 -14.10 -2.38
N VAL A 148 1.68 -13.48 -1.32
CA VAL A 148 1.77 -12.03 -1.15
C VAL A 148 3.16 -11.61 -0.69
N HIS A 149 3.87 -10.87 -1.53
CA HIS A 149 5.22 -10.42 -1.21
C HIS A 149 5.17 -9.11 -0.43
N GLU A 150 5.22 -9.20 0.90
CA GLU A 150 5.19 -8.01 1.74
C GLU A 150 6.22 -6.99 1.26
N ILE A 151 5.74 -5.91 0.67
CA ILE A 151 6.64 -4.88 0.15
C ILE A 151 7.05 -3.90 1.24
N ALA A 152 8.08 -3.11 0.94
CA ALA A 152 8.61 -2.12 1.87
C ALA A 152 7.53 -1.14 2.35
N GLY A 153 7.94 0.06 2.73
CA GLY A 153 7.00 1.06 3.21
C GLY A 153 7.58 2.46 3.10
N THR A 154 6.91 3.43 3.74
CA THR A 154 7.36 4.81 3.68
C THR A 154 6.68 5.67 4.73
N GLU A 155 7.04 6.96 4.77
CA GLU A 155 6.46 7.89 5.73
C GLU A 155 6.27 9.27 5.11
N LYS A 156 5.18 9.94 5.48
CA LYS A 156 4.87 11.27 4.96
C LYS A 156 4.12 12.10 5.99
N THR A 157 4.24 13.42 5.85
CA THR A 157 3.56 14.34 6.76
C THR A 157 2.77 15.39 5.99
N VAL A 158 1.58 15.71 6.51
CA VAL A 158 0.71 16.69 5.89
C VAL A 158 0.46 17.86 6.83
N ASN A 159 0.46 19.08 6.29
CA ASN A 159 0.22 20.26 7.11
C ASN A 159 -1.18 20.77 6.93
N ILE A 160 -1.98 20.64 7.98
CA ILE A 160 -3.33 21.13 7.95
C ILE A 160 -3.34 22.57 8.38
N ILE A 161 -3.94 23.40 7.57
CA ILE A 161 -3.98 24.82 7.83
C ILE A 161 -5.41 25.27 8.14
N GLU A 162 -5.54 26.04 9.20
CA GLU A 162 -6.85 26.53 9.62
C GLU A 162 -7.47 27.41 8.54
N GLY A 163 -8.79 27.33 8.44
CA GLY A 163 -9.50 28.12 7.45
C GLY A 163 -10.77 28.75 8.01
N THR A 164 -11.25 29.80 7.34
CA THR A 164 -12.46 30.49 7.78
C THR A 164 -13.65 30.10 6.91
N SER A 165 -14.81 30.67 7.22
CA SER A 165 -16.02 30.37 6.47
C SER A 165 -15.87 30.76 5.01
N MET A 1 4.98 11.71 17.82
CA MET A 1 5.22 10.74 18.92
C MET A 1 3.94 10.01 19.31
N GLY A 2 3.12 9.70 18.30
CA GLY A 2 1.86 9.01 18.56
C GLY A 2 2.05 7.52 18.71
N SER A 3 0.96 6.80 18.98
CA SER A 3 1.00 5.36 19.14
C SER A 3 0.88 4.65 17.80
N SER A 4 2.02 4.23 17.25
CA SER A 4 2.04 3.55 15.95
C SER A 4 3.22 2.58 15.87
N HIS A 5 4.43 3.12 15.99
CA HIS A 5 5.63 2.31 15.92
C HIS A 5 5.69 1.33 17.09
N HIS A 6 6.64 0.40 17.03
CA HIS A 6 6.81 -0.59 18.09
C HIS A 6 8.29 -0.83 18.39
N HIS A 7 8.84 -0.01 19.27
CA HIS A 7 10.24 -0.13 19.64
C HIS A 7 10.45 0.17 21.13
N HIS A 8 9.46 -0.23 21.94
CA HIS A 8 9.54 0.01 23.37
C HIS A 8 9.51 -1.32 24.14
N HIS A 9 9.37 -1.24 25.46
CA HIS A 9 9.33 -2.42 26.30
C HIS A 9 10.63 -3.21 26.19
N HIS A 10 11.41 -3.22 27.26
CA HIS A 10 12.68 -3.94 27.28
C HIS A 10 12.52 -5.32 27.90
N SER A 11 13.23 -6.29 27.36
CA SER A 11 13.16 -7.67 27.86
C SER A 11 14.50 -8.09 28.46
N SER A 12 14.49 -8.41 29.75
CA SER A 12 15.70 -8.82 30.45
C SER A 12 15.71 -10.33 30.66
N GLY A 13 16.90 -10.93 30.63
CA GLY A 13 17.03 -12.35 30.81
C GLY A 13 16.58 -13.14 29.60
N LEU A 14 15.69 -14.11 29.81
CA LEU A 14 15.19 -14.94 28.73
C LEU A 14 13.68 -15.17 28.87
N VAL A 15 13.05 -15.59 27.78
CA VAL A 15 11.62 -15.84 27.79
C VAL A 15 11.18 -16.55 26.51
N PRO A 16 11.23 -17.90 26.51
CA PRO A 16 10.86 -18.72 25.37
C PRO A 16 9.74 -18.11 24.52
N ARG A 17 10.03 -17.86 23.25
CA ARG A 17 9.06 -17.28 22.34
C ARG A 17 8.27 -18.36 21.61
N GLY A 18 8.98 -19.18 20.84
CA GLY A 18 8.33 -20.25 20.11
C GLY A 18 8.51 -20.11 18.60
N SER A 19 7.45 -19.71 17.91
CA SER A 19 7.49 -19.53 16.47
C SER A 19 8.49 -18.45 16.08
N HIS A 20 8.66 -18.24 14.78
CA HIS A 20 9.59 -17.23 14.28
C HIS A 20 9.28 -16.89 12.82
N MET A 21 8.01 -17.00 12.44
CA MET A 21 7.60 -16.71 11.08
C MET A 21 8.30 -17.63 10.08
N ALA A 22 7.87 -17.58 8.83
CA ALA A 22 8.46 -18.42 7.79
C ALA A 22 8.32 -19.91 8.12
N SER A 23 8.45 -20.75 7.11
CA SER A 23 8.34 -22.19 7.30
C SER A 23 9.71 -22.86 7.22
N LYS A 24 10.74 -22.12 7.59
CA LYS A 24 12.11 -22.64 7.56
C LYS A 24 12.49 -23.08 6.15
N LEU A 25 11.97 -22.39 5.15
CA LEU A 25 12.25 -22.71 3.75
C LEU A 25 12.08 -21.49 2.86
N LYS A 26 10.86 -20.96 2.81
CA LYS A 26 10.56 -19.79 2.00
C LYS A 26 10.83 -20.07 0.53
N GLU A 27 10.26 -19.25 -0.35
CA GLU A 27 10.44 -19.40 -1.78
C GLU A 27 11.49 -18.42 -2.32
N ALA A 28 12.12 -18.79 -3.43
CA ALA A 28 13.14 -17.94 -4.04
C ALA A 28 12.51 -16.77 -4.77
N ALA A 29 13.33 -16.00 -5.47
CA ALA A 29 12.86 -14.84 -6.22
C ALA A 29 12.28 -13.78 -5.28
N GLU A 30 13.17 -13.12 -4.54
CA GLU A 30 12.75 -12.07 -3.61
C GLU A 30 12.58 -10.74 -4.32
N VAL A 31 11.58 -9.98 -3.91
CA VAL A 31 11.32 -8.68 -4.51
C VAL A 31 11.86 -7.55 -3.64
N THR A 32 12.18 -6.42 -4.27
CA THR A 32 12.69 -5.27 -3.56
C THR A 32 11.62 -4.75 -2.62
N GLY A 33 10.39 -4.71 -3.12
CA GLY A 33 9.27 -4.24 -2.35
C GLY A 33 9.44 -2.80 -1.94
N SER A 34 8.70 -1.92 -2.59
CA SER A 34 8.78 -0.49 -2.26
C SER A 34 7.52 0.26 -2.66
N VAL A 35 7.08 1.11 -1.74
CA VAL A 35 5.89 1.90 -1.96
C VAL A 35 6.24 3.27 -2.53
N SER A 36 5.35 3.75 -3.38
CA SER A 36 5.51 5.06 -4.01
C SER A 36 4.59 6.08 -3.36
N LEU A 37 5.18 7.06 -2.69
CA LEU A 37 4.41 8.10 -2.01
C LEU A 37 4.29 9.35 -2.87
N GLU A 38 3.06 9.73 -3.17
CA GLU A 38 2.79 10.91 -3.97
C GLU A 38 1.59 11.68 -3.43
N ALA A 39 1.87 12.75 -2.70
CA ALA A 39 0.80 13.56 -2.10
C ALA A 39 1.23 15.02 -1.95
N LEU A 40 0.25 15.91 -1.99
CA LEU A 40 0.52 17.34 -1.83
C LEU A 40 1.21 17.62 -0.50
N GLU A 41 1.03 16.70 0.45
CA GLU A 41 1.62 16.83 1.77
C GLU A 41 1.04 18.01 2.54
N GLU A 42 -0.17 18.41 2.18
CA GLU A 42 -0.82 19.53 2.85
C GLU A 42 -2.31 19.60 2.53
N VAL A 43 -3.13 19.67 3.58
CA VAL A 43 -4.58 19.76 3.42
C VAL A 43 -5.17 20.64 4.51
N GLN A 44 -5.59 21.86 4.14
CA GLN A 44 -6.17 22.80 5.10
C GLN A 44 -7.53 22.33 5.59
N VAL A 45 -7.75 22.38 6.92
CA VAL A 45 -9.00 21.98 7.53
C VAL A 45 -10.20 22.28 6.64
N GLY A 46 -11.06 21.28 6.52
CA GLY A 46 -12.26 21.43 5.73
C GLY A 46 -12.15 20.73 4.39
N GLU A 47 -10.92 20.51 3.94
CA GLU A 47 -10.67 19.84 2.67
C GLU A 47 -10.26 18.38 2.89
N ASN A 48 -10.16 17.63 1.81
CA ASN A 48 -9.76 16.22 1.90
C ASN A 48 -8.32 16.03 1.43
N LEU A 49 -7.67 15.00 1.95
CA LEU A 49 -6.29 14.70 1.59
C LEU A 49 -6.22 13.71 0.43
N GLU A 50 -5.08 13.66 -0.24
CA GLU A 50 -4.89 12.75 -1.37
C GLU A 50 -3.53 12.07 -1.29
N VAL A 51 -3.49 10.88 -0.69
CA VAL A 51 -2.24 10.14 -0.55
C VAL A 51 -2.21 8.97 -1.52
N GLY A 52 -1.54 9.17 -2.65
CA GLY A 52 -1.43 8.12 -3.65
C GLY A 52 -0.26 7.19 -3.37
N VAL A 53 -0.27 6.56 -2.20
CA VAL A 53 0.81 5.66 -1.82
C VAL A 53 0.64 4.31 -2.52
N GLY A 54 1.32 4.15 -3.65
CA GLY A 54 1.22 2.91 -4.40
C GLY A 54 2.51 2.11 -4.40
N ILE A 55 3.09 1.92 -5.58
CA ILE A 55 4.33 1.16 -5.71
C ILE A 55 5.47 2.02 -6.24
N ASP A 56 6.61 1.93 -5.57
CA ASP A 56 7.80 2.66 -5.98
C ASP A 56 8.76 1.68 -6.65
N GLU A 57 8.78 0.45 -6.12
CA GLU A 57 9.62 -0.61 -6.66
C GLU A 57 9.04 -1.98 -6.32
N LEU A 58 8.88 -2.80 -7.35
CA LEU A 58 8.36 -4.14 -7.18
C LEU A 58 8.93 -5.06 -8.26
N VAL A 59 10.05 -5.70 -7.94
CA VAL A 59 10.70 -6.60 -8.89
C VAL A 59 10.71 -8.04 -8.40
N ASN A 60 10.03 -8.90 -9.16
CA ASN A 60 9.92 -10.34 -8.87
C ASN A 60 8.57 -10.71 -8.26
N ALA A 61 7.53 -10.00 -8.68
CA ALA A 61 6.17 -10.26 -8.19
C ALA A 61 5.14 -9.50 -9.01
N GLU A 62 4.08 -10.19 -9.41
CA GLU A 62 3.01 -9.58 -10.19
C GLU A 62 1.92 -9.03 -9.28
N ALA A 63 2.15 -7.84 -8.75
CA ALA A 63 1.19 -7.21 -7.84
C ALA A 63 -0.14 -6.95 -8.53
N PHE A 64 -1.17 -7.68 -8.10
CA PHE A 64 -2.51 -7.51 -8.66
C PHE A 64 -3.39 -6.76 -7.67
N ALA A 65 -3.14 -6.99 -6.38
CA ALA A 65 -3.88 -6.33 -5.32
C ALA A 65 -2.93 -5.76 -4.28
N TYR A 66 -2.88 -4.44 -4.20
CA TYR A 66 -1.98 -3.77 -3.26
C TYR A 66 -2.78 -3.10 -2.14
N ASP A 67 -2.92 -3.81 -1.02
CA ASP A 67 -3.65 -3.29 0.13
C ASP A 67 -2.70 -2.97 1.27
N PHE A 68 -2.99 -1.90 2.00
CA PHE A 68 -2.15 -1.48 3.13
C PHE A 68 -2.98 -0.87 4.24
N THR A 69 -2.35 -0.62 5.38
CA THR A 69 -3.01 -0.04 6.53
C THR A 69 -2.26 1.20 7.00
N LEU A 70 -2.75 2.37 6.61
CA LEU A 70 -2.13 3.64 7.00
C LEU A 70 -2.44 4.00 8.44
N ASN A 71 -1.59 4.81 9.04
CA ASN A 71 -1.77 5.23 10.42
C ASN A 71 -1.82 6.76 10.52
N TYR A 72 -2.99 7.28 10.87
CA TYR A 72 -3.17 8.73 11.00
C TYR A 72 -3.72 9.09 12.38
N ASP A 73 -4.16 10.33 12.53
CA ASP A 73 -4.71 10.80 13.79
C ASP A 73 -6.22 10.96 13.70
N GLU A 74 -6.92 10.48 14.72
CA GLU A 74 -8.38 10.56 14.76
C GLU A 74 -8.82 11.85 15.44
N ASN A 75 -8.02 12.34 16.37
CA ASN A 75 -8.33 13.57 17.09
C ASN A 75 -8.39 14.76 16.15
N ALA A 76 -7.44 14.82 15.21
CA ALA A 76 -7.38 15.90 14.24
C ALA A 76 -7.92 15.46 12.89
N PHE A 77 -7.45 14.32 12.41
CA PHE A 77 -7.88 13.78 11.12
C PHE A 77 -9.05 12.83 11.30
N GLU A 78 -9.63 12.40 10.19
CA GLU A 78 -10.77 11.48 10.21
C GLU A 78 -10.93 10.79 8.86
N TYR A 79 -10.72 9.47 8.84
CA TYR A 79 -10.85 8.70 7.62
C TYR A 79 -12.21 8.91 6.97
N VAL A 80 -12.27 8.74 5.65
CA VAL A 80 -13.51 8.91 4.91
C VAL A 80 -13.73 7.74 3.95
N GLU A 81 -13.03 7.76 2.83
CA GLU A 81 -13.15 6.69 1.83
C GLU A 81 -12.00 6.76 0.83
N ALA A 82 -11.49 5.58 0.45
CA ALA A 82 -10.40 5.52 -0.51
C ALA A 82 -10.88 5.61 -1.91
N ILE A 83 -10.02 6.18 -2.73
CA ILE A 83 -10.33 6.40 -4.10
C ILE A 83 -9.26 5.86 -5.03
N SER A 84 -9.71 5.52 -6.23
CA SER A 84 -8.83 4.99 -7.26
C SER A 84 -8.90 5.85 -8.53
N ASP A 85 -8.39 5.30 -9.63
CA ASP A 85 -8.40 6.01 -10.91
C ASP A 85 -9.67 5.69 -11.70
N ASP A 86 -9.60 5.87 -13.02
CA ASP A 86 -10.75 5.60 -13.88
C ASP A 86 -10.69 4.18 -14.44
N GLY A 87 -10.21 3.26 -13.62
CA GLY A 87 -10.11 1.87 -14.04
C GLY A 87 -9.99 0.92 -12.87
N VAL A 88 -9.24 1.34 -11.85
CA VAL A 88 -9.05 0.53 -10.65
C VAL A 88 -10.17 0.77 -9.64
N PHE A 89 -10.49 -0.27 -8.87
CA PHE A 89 -11.55 -0.16 -7.87
C PHE A 89 -10.96 -0.21 -6.46
N VAL A 90 -10.87 0.95 -5.81
CA VAL A 90 -10.33 1.03 -4.46
C VAL A 90 -11.45 1.24 -3.44
N ASN A 91 -11.30 0.59 -2.28
CA ASN A 91 -12.28 0.72 -1.21
C ASN A 91 -11.63 0.39 0.13
N ALA A 92 -11.62 1.36 1.04
CA ALA A 92 -11.03 1.18 2.36
C ALA A 92 -12.08 0.80 3.40
N LYS A 93 -11.63 0.63 4.64
CA LYS A 93 -12.54 0.27 5.71
C LYS A 93 -11.98 0.65 7.08
N LYS A 94 -12.57 1.68 7.67
CA LYS A 94 -12.16 2.17 8.97
C LYS A 94 -12.15 1.05 10.00
N ILE A 95 -10.98 0.46 10.20
CA ILE A 95 -10.82 -0.62 11.16
C ILE A 95 -10.73 -0.08 12.58
N GLU A 96 -10.26 1.16 12.70
CA GLU A 96 -10.13 1.80 14.01
C GLU A 96 -9.92 3.30 13.85
N ASP A 97 -9.51 3.95 14.94
CA ASP A 97 -9.27 5.39 14.93
C ASP A 97 -7.85 5.71 14.48
N GLY A 98 -7.72 6.68 13.58
CA GLY A 98 -6.41 7.07 13.09
C GLY A 98 -5.68 5.91 12.45
N LYS A 99 -6.42 4.97 11.89
CA LYS A 99 -5.84 3.81 11.24
C LYS A 99 -6.93 3.00 10.56
N VAL A 100 -6.79 2.82 9.25
CA VAL A 100 -7.78 2.10 8.49
C VAL A 100 -7.17 1.39 7.29
N ARG A 101 -7.83 0.33 6.83
CA ARG A 101 -7.33 -0.46 5.70
C ARG A 101 -7.90 0.02 4.38
N VAL A 102 -7.13 -0.20 3.31
CA VAL A 102 -7.54 0.18 1.96
C VAL A 102 -7.50 -1.03 1.03
N LEU A 103 -8.60 -1.25 0.31
CA LEU A 103 -8.68 -2.39 -0.61
C LEU A 103 -8.47 -1.93 -2.05
N VAL A 104 -7.29 -2.21 -2.58
CA VAL A 104 -6.96 -1.82 -3.95
C VAL A 104 -7.02 -3.01 -4.90
N SER A 105 -7.63 -2.79 -6.06
CA SER A 105 -7.77 -3.85 -7.07
C SER A 105 -8.14 -3.23 -8.42
N SER A 106 -7.50 -3.72 -9.48
CA SER A 106 -7.77 -3.21 -10.82
C SER A 106 -8.92 -3.98 -11.47
N LEU A 107 -10.00 -3.27 -11.77
CA LEU A 107 -11.16 -3.87 -12.41
C LEU A 107 -11.08 -3.70 -13.93
N THR A 108 -9.86 -3.59 -14.43
CA THR A 108 -9.62 -3.40 -15.86
C THR A 108 -9.18 -4.71 -16.51
N GLY A 109 -8.55 -5.58 -15.72
CA GLY A 109 -8.07 -6.84 -16.24
C GLY A 109 -6.56 -6.94 -16.27
N GLU A 110 -5.90 -5.79 -16.16
CA GLU A 110 -4.44 -5.74 -16.18
C GLU A 110 -3.90 -5.50 -14.77
N PRO A 111 -2.71 -6.06 -14.46
CA PRO A 111 -2.09 -5.90 -13.14
C PRO A 111 -1.94 -4.45 -12.75
N LEU A 112 -1.51 -4.21 -11.51
CA LEU A 112 -1.33 -2.85 -11.00
C LEU A 112 -0.31 -2.10 -11.85
N PRO A 113 -0.67 -0.89 -12.33
CA PRO A 113 0.23 -0.07 -13.15
C PRO A 113 1.53 0.24 -12.45
N ALA A 114 1.45 0.42 -11.14
CA ALA A 114 2.62 0.73 -10.32
C ALA A 114 3.29 2.02 -10.80
N LYS A 115 4.14 2.59 -9.96
CA LYS A 115 4.84 3.83 -10.29
C LYS A 115 3.85 4.99 -10.41
N GLU A 116 2.65 4.79 -9.91
CA GLU A 116 1.61 5.83 -9.95
C GLU A 116 0.72 5.76 -8.72
N VAL A 117 -0.41 6.43 -8.77
CA VAL A 117 -1.35 6.43 -7.65
C VAL A 117 -2.16 5.14 -7.63
N LEU A 118 -1.84 4.24 -6.71
CA LEU A 118 -2.54 2.97 -6.60
C LEU A 118 -3.66 3.05 -5.57
N ALA A 119 -3.48 3.90 -4.56
CA ALA A 119 -4.49 4.06 -3.51
C ALA A 119 -4.48 5.46 -2.95
N LYS A 120 -5.67 6.04 -2.81
CA LYS A 120 -5.82 7.40 -2.27
C LYS A 120 -6.77 7.42 -1.08
N VAL A 121 -6.22 7.47 0.12
CA VAL A 121 -7.02 7.53 1.33
C VAL A 121 -7.28 8.97 1.74
N VAL A 122 -8.48 9.46 1.44
CA VAL A 122 -8.84 10.83 1.76
C VAL A 122 -9.13 11.01 3.24
N LEU A 123 -8.14 11.48 4.00
CA LEU A 123 -8.30 11.71 5.43
C LEU A 123 -8.94 13.08 5.66
N ARG A 124 -10.16 13.07 6.19
CA ARG A 124 -10.91 14.30 6.43
C ARG A 124 -10.18 15.25 7.38
N ALA A 125 -9.77 16.40 6.85
CA ALA A 125 -9.11 17.44 7.64
C ALA A 125 -10.18 18.27 8.36
N GLU A 126 -10.85 17.64 9.31
CA GLU A 126 -11.89 18.30 10.08
C GLU A 126 -11.26 19.05 11.24
N ALA A 127 -9.96 18.84 11.40
CA ALA A 127 -9.21 19.48 12.45
C ALA A 127 -7.73 19.40 12.12
N LYS A 128 -7.13 20.57 12.08
CA LYS A 128 -5.72 20.70 11.75
C LYS A 128 -4.86 19.63 12.44
N ALA A 129 -3.66 19.47 11.91
CA ALA A 129 -2.70 18.49 12.43
C ALA A 129 -1.36 18.65 11.74
N GLU A 130 -0.79 19.84 11.85
CA GLU A 130 0.50 20.14 11.22
C GLU A 130 1.57 19.15 11.66
N GLY A 131 2.08 18.38 10.71
CA GLY A 131 3.10 17.39 11.02
C GLY A 131 2.52 16.05 11.43
N SER A 132 1.23 15.84 11.14
CA SER A 132 0.59 14.59 11.47
C SER A 132 1.09 13.46 10.58
N ASN A 133 2.37 13.13 10.74
CA ASN A 133 3.01 12.09 9.96
C ASN A 133 2.13 10.84 9.82
N LEU A 134 2.16 10.26 8.63
CA LEU A 134 1.39 9.07 8.33
C LEU A 134 2.29 7.99 7.76
N SER A 135 2.23 6.79 8.34
CA SER A 135 3.07 5.69 7.87
C SER A 135 2.24 4.55 7.30
N VAL A 136 2.61 4.11 6.11
CA VAL A 136 1.92 3.01 5.44
C VAL A 136 2.75 1.74 5.48
N THR A 137 2.49 0.89 6.48
CA THR A 137 3.22 -0.36 6.63
C THR A 137 2.41 -1.53 6.09
N ASN A 138 2.81 -2.75 6.44
CA ASN A 138 2.13 -3.97 6.00
C ASN A 138 1.77 -3.92 4.52
N SER A 139 2.46 -3.06 3.77
CA SER A 139 2.21 -2.93 2.34
C SER A 139 2.49 -4.25 1.63
N SER A 140 1.43 -4.94 1.24
CA SER A 140 1.55 -6.22 0.55
C SER A 140 1.21 -6.09 -0.93
N VAL A 141 1.39 -7.18 -1.66
CA VAL A 141 1.11 -7.22 -3.09
C VAL A 141 0.77 -8.64 -3.55
N GLY A 142 -0.37 -8.80 -4.21
CA GLY A 142 -0.78 -10.09 -4.68
C GLY A 142 -0.14 -10.47 -6.01
N ASP A 143 0.85 -11.35 -5.96
CA ASP A 143 1.53 -11.78 -7.18
C ASP A 143 0.56 -12.42 -8.16
N GLY A 144 1.08 -12.96 -9.26
CA GLY A 144 0.23 -13.58 -10.26
C GLY A 144 0.08 -15.07 -10.05
N GLU A 145 0.42 -15.56 -8.86
CA GLU A 145 0.31 -16.98 -8.54
C GLU A 145 -0.68 -17.22 -7.41
N GLY A 146 -0.76 -16.27 -6.48
CA GLY A 146 -1.68 -16.41 -5.37
C GLY A 146 -1.08 -15.98 -4.04
N LEU A 147 0.25 -15.88 -4.00
CA LEU A 147 0.95 -15.48 -2.78
C LEU A 147 1.07 -13.96 -2.69
N VAL A 148 1.50 -13.46 -1.53
CA VAL A 148 1.66 -12.03 -1.33
C VAL A 148 3.11 -11.69 -0.96
N HIS A 149 3.69 -10.77 -1.72
CA HIS A 149 5.07 -10.35 -1.48
C HIS A 149 5.10 -9.08 -0.63
N GLU A 150 5.16 -9.25 0.69
CA GLU A 150 5.21 -8.12 1.60
C GLU A 150 6.28 -7.12 1.17
N ILE A 151 5.86 -6.00 0.62
CA ILE A 151 6.79 -4.97 0.15
C ILE A 151 7.21 -4.05 1.28
N ALA A 152 8.02 -3.06 0.93
CA ALA A 152 8.52 -2.09 1.88
C ALA A 152 7.43 -1.07 2.26
N GLY A 153 7.83 0.16 2.52
CA GLY A 153 6.86 1.18 2.89
C GLY A 153 7.45 2.57 2.92
N THR A 154 6.61 3.57 3.26
CA THR A 154 7.06 4.95 3.32
C THR A 154 6.09 5.79 4.15
N GLU A 155 6.61 6.87 4.74
CA GLU A 155 5.79 7.74 5.57
C GLU A 155 5.56 9.10 4.90
N LYS A 156 4.55 9.82 5.37
CA LYS A 156 4.21 11.13 4.82
C LYS A 156 3.86 12.11 5.93
N THR A 157 3.79 13.38 5.57
CA THR A 157 3.46 14.43 6.52
C THR A 157 2.59 15.50 5.86
N VAL A 158 1.37 15.64 6.33
CA VAL A 158 0.44 16.63 5.78
C VAL A 158 0.17 17.75 6.77
N ASN A 159 0.46 18.98 6.36
CA ASN A 159 0.24 20.14 7.23
C ASN A 159 -1.13 20.73 6.98
N ILE A 160 -2.04 20.50 7.92
CA ILE A 160 -3.38 21.04 7.80
C ILE A 160 -3.38 22.49 8.23
N ILE A 161 -3.61 23.35 7.26
CA ILE A 161 -3.62 24.78 7.48
C ILE A 161 -5.03 25.28 7.74
N GLU A 162 -5.20 26.07 8.79
CA GLU A 162 -6.49 26.61 9.15
C GLU A 162 -7.06 27.48 8.02
N GLY A 163 -8.37 27.44 7.86
CA GLY A 163 -9.01 28.23 6.82
C GLY A 163 -10.47 28.53 7.14
N THR A 164 -10.75 29.80 7.41
CA THR A 164 -12.12 30.21 7.73
C THR A 164 -12.80 30.81 6.51
N SER A 165 -14.08 31.13 6.66
CA SER A 165 -14.86 31.71 5.56
C SER A 165 -14.86 33.23 5.64
N MET A 1 54.66 -10.58 -42.20
CA MET A 1 56.02 -10.06 -41.90
C MET A 1 55.98 -8.56 -41.63
N GLY A 2 54.95 -8.12 -40.92
CA GLY A 2 54.82 -6.70 -40.61
C GLY A 2 53.40 -6.22 -40.73
N SER A 3 53.06 -5.18 -39.97
CA SER A 3 51.72 -4.61 -39.99
C SER A 3 51.71 -3.27 -40.72
N SER A 4 50.85 -3.16 -41.73
CA SER A 4 50.75 -1.93 -42.51
C SER A 4 49.29 -1.53 -42.69
N HIS A 5 48.54 -2.32 -43.45
CA HIS A 5 47.13 -2.05 -43.69
C HIS A 5 46.24 -2.87 -42.77
N HIS A 6 46.72 -3.09 -41.54
CA HIS A 6 45.97 -3.86 -40.56
C HIS A 6 45.29 -2.95 -39.55
N HIS A 7 44.64 -3.55 -38.56
CA HIS A 7 43.95 -2.79 -37.52
C HIS A 7 42.85 -1.91 -38.13
N HIS A 8 41.63 -2.42 -38.13
CA HIS A 8 40.49 -1.69 -38.68
C HIS A 8 39.20 -2.47 -38.48
N HIS A 9 38.57 -2.25 -37.33
CA HIS A 9 37.31 -2.93 -37.02
C HIS A 9 36.14 -2.30 -37.78
N HIS A 10 35.60 -3.04 -38.73
CA HIS A 10 34.48 -2.56 -39.53
C HIS A 10 33.18 -3.23 -39.12
N SER A 11 33.28 -4.49 -38.69
CA SER A 11 32.11 -5.24 -38.26
C SER A 11 32.47 -6.20 -37.12
N SER A 12 31.82 -6.02 -35.98
CA SER A 12 32.07 -6.86 -34.81
C SER A 12 30.76 -7.35 -34.21
N GLY A 13 30.86 -8.37 -33.34
CA GLY A 13 29.67 -8.92 -32.72
C GLY A 13 29.86 -9.16 -31.23
N LEU A 14 29.13 -10.13 -30.70
CA LEU A 14 29.22 -10.47 -29.28
C LEU A 14 28.99 -11.96 -29.06
N VAL A 15 29.81 -12.55 -28.19
CA VAL A 15 29.69 -13.97 -27.88
C VAL A 15 29.06 -14.20 -26.52
N PRO A 16 27.71 -14.15 -26.46
CA PRO A 16 26.95 -14.35 -25.22
C PRO A 16 27.63 -15.31 -24.24
N ARG A 17 28.17 -14.77 -23.16
CA ARG A 17 28.84 -15.58 -22.15
C ARG A 17 27.87 -16.58 -21.53
N GLY A 18 26.67 -16.11 -21.20
CA GLY A 18 25.68 -16.98 -20.60
C GLY A 18 24.67 -16.22 -19.77
N SER A 19 23.53 -16.86 -19.48
CA SER A 19 22.48 -16.23 -18.69
C SER A 19 21.34 -17.21 -18.43
N HIS A 20 21.38 -17.86 -17.28
CA HIS A 20 20.35 -18.83 -16.91
C HIS A 20 19.81 -18.55 -15.52
N MET A 21 18.49 -18.55 -15.39
CA MET A 21 17.85 -18.30 -14.09
C MET A 21 17.81 -19.56 -13.25
N ALA A 22 17.71 -20.72 -13.92
CA ALA A 22 17.67 -21.99 -13.22
C ALA A 22 18.64 -22.99 -13.85
N SER A 23 19.56 -23.50 -13.04
CA SER A 23 20.56 -24.47 -13.52
C SER A 23 21.19 -25.21 -12.36
N LYS A 24 22.08 -24.53 -11.65
CA LYS A 24 22.76 -25.13 -10.50
C LYS A 24 22.41 -24.40 -9.21
N LEU A 25 22.59 -25.07 -8.09
CA LEU A 25 22.29 -24.48 -6.78
C LEU A 25 20.82 -24.11 -6.69
N LYS A 26 20.44 -23.49 -5.56
CA LYS A 26 19.06 -23.08 -5.35
C LYS A 26 18.90 -21.59 -5.63
N GLU A 27 18.76 -21.24 -6.91
CA GLU A 27 18.59 -19.86 -7.31
C GLU A 27 17.33 -19.26 -6.69
N ALA A 28 17.04 -18.01 -7.02
CA ALA A 28 15.85 -17.33 -6.49
C ALA A 28 15.67 -15.97 -7.13
N ALA A 29 14.75 -15.18 -6.58
CA ALA A 29 14.47 -13.84 -7.09
C ALA A 29 13.43 -13.14 -6.23
N GLU A 30 13.86 -12.63 -5.09
CA GLU A 30 12.96 -11.94 -4.16
C GLU A 30 12.75 -10.48 -4.58
N VAL A 31 11.50 -10.06 -4.59
CA VAL A 31 11.15 -8.68 -4.96
C VAL A 31 11.82 -7.69 -4.02
N THR A 32 12.01 -6.46 -4.49
CA THR A 32 12.63 -5.42 -3.69
C THR A 32 11.61 -4.88 -2.71
N GLY A 33 10.42 -4.60 -3.22
CA GLY A 33 9.35 -4.11 -2.41
C GLY A 33 9.56 -2.70 -1.94
N SER A 34 8.71 -1.80 -2.41
CA SER A 34 8.79 -0.39 -2.01
C SER A 34 7.49 0.34 -2.31
N VAL A 35 7.06 1.16 -1.35
CA VAL A 35 5.82 1.92 -1.48
C VAL A 35 6.08 3.29 -2.09
N SER A 36 5.25 3.66 -3.05
CA SER A 36 5.36 4.95 -3.71
C SER A 36 4.41 5.96 -3.07
N LEU A 37 4.96 6.91 -2.32
CA LEU A 37 4.15 7.92 -1.65
C LEU A 37 4.10 9.22 -2.46
N GLU A 38 2.90 9.58 -2.89
CA GLU A 38 2.71 10.80 -3.67
C GLU A 38 1.43 11.52 -3.26
N ALA A 39 1.57 12.56 -2.45
CA ALA A 39 0.41 13.33 -1.98
C ALA A 39 0.74 14.82 -1.89
N LEU A 40 -0.30 15.65 -1.88
CA LEU A 40 -0.13 17.09 -1.78
C LEU A 40 0.63 17.46 -0.50
N GLU A 41 0.43 16.66 0.54
CA GLU A 41 1.09 16.88 1.82
C GLU A 41 0.55 18.13 2.52
N GLU A 42 -0.67 18.53 2.19
CA GLU A 42 -1.28 19.70 2.79
C GLU A 42 -2.79 19.76 2.54
N VAL A 43 -3.56 19.81 3.62
CA VAL A 43 -5.01 19.88 3.52
C VAL A 43 -5.57 20.79 4.62
N GLN A 44 -6.03 21.98 4.23
CA GLN A 44 -6.59 22.93 5.18
C GLN A 44 -7.90 22.44 5.78
N VAL A 45 -8.04 22.51 7.11
CA VAL A 45 -9.25 22.07 7.80
C VAL A 45 -10.50 22.28 6.98
N GLY A 46 -11.32 21.24 6.94
CA GLY A 46 -12.56 21.29 6.21
C GLY A 46 -12.47 20.61 4.87
N GLU A 47 -11.26 20.53 4.32
CA GLU A 47 -11.03 19.89 3.03
C GLU A 47 -10.56 18.45 3.22
N ASN A 48 -10.48 17.71 2.12
CA ASN A 48 -10.05 16.32 2.16
C ASN A 48 -8.75 16.13 1.38
N LEU A 49 -7.95 15.15 1.80
CA LEU A 49 -6.68 14.87 1.14
C LEU A 49 -6.56 13.38 0.83
N GLU A 50 -5.98 13.07 -0.32
CA GLU A 50 -5.81 11.68 -0.75
C GLU A 50 -4.35 11.37 -1.02
N VAL A 51 -3.77 10.45 -0.25
CA VAL A 51 -2.38 10.08 -0.42
C VAL A 51 -2.25 8.86 -1.33
N GLY A 52 -1.94 9.11 -2.59
CA GLY A 52 -1.80 8.03 -3.55
C GLY A 52 -0.58 7.17 -3.29
N VAL A 53 -0.62 6.40 -2.21
CA VAL A 53 0.50 5.52 -1.87
C VAL A 53 0.47 4.26 -2.72
N GLY A 54 1.22 4.28 -3.83
CA GLY A 54 1.26 3.14 -4.71
C GLY A 54 2.52 2.32 -4.57
N ILE A 55 3.12 1.95 -5.69
CA ILE A 55 4.34 1.15 -5.69
C ILE A 55 5.55 1.98 -6.09
N ASP A 56 6.59 1.95 -5.27
CA ASP A 56 7.81 2.66 -5.56
C ASP A 56 8.79 1.72 -6.25
N GLU A 57 8.79 0.47 -5.80
CA GLU A 57 9.65 -0.56 -6.37
C GLU A 57 9.12 -1.95 -6.02
N LEU A 58 9.05 -2.80 -7.03
CA LEU A 58 8.56 -4.17 -6.87
C LEU A 58 8.98 -5.02 -8.05
N VAL A 59 10.14 -5.67 -7.95
CA VAL A 59 10.64 -6.49 -9.05
C VAL A 59 10.86 -7.94 -8.65
N ASN A 60 9.98 -8.80 -9.18
CA ASN A 60 10.01 -10.27 -8.94
C ASN A 60 8.64 -10.79 -8.53
N ALA A 61 7.59 -10.03 -8.81
CA ALA A 61 6.24 -10.43 -8.47
C ALA A 61 5.23 -9.84 -9.44
N GLU A 62 3.95 -10.12 -9.22
CA GLU A 62 2.89 -9.61 -10.08
C GLU A 62 1.82 -8.90 -9.26
N ALA A 63 2.05 -7.62 -8.98
CA ALA A 63 1.11 -6.84 -8.21
C ALA A 63 -0.23 -6.72 -8.91
N PHE A 64 -1.25 -7.36 -8.34
CA PHE A 64 -2.59 -7.33 -8.91
C PHE A 64 -3.57 -6.61 -7.98
N ALA A 65 -3.56 -6.99 -6.71
CA ALA A 65 -4.43 -6.38 -5.72
C ALA A 65 -3.63 -5.78 -4.56
N TYR A 66 -3.64 -4.47 -4.47
CA TYR A 66 -2.91 -3.76 -3.43
C TYR A 66 -3.73 -3.66 -2.15
N ASP A 67 -3.08 -3.91 -1.02
CA ASP A 67 -3.72 -3.84 0.28
C ASP A 67 -2.74 -3.38 1.34
N PHE A 68 -2.92 -2.16 1.83
CA PHE A 68 -2.04 -1.60 2.85
C PHE A 68 -2.82 -1.03 4.02
N THR A 69 -2.11 -0.66 5.07
CA THR A 69 -2.73 -0.09 6.26
C THR A 69 -2.11 1.26 6.60
N LEU A 70 -2.85 2.33 6.31
CA LEU A 70 -2.36 3.68 6.57
C LEU A 70 -2.48 4.03 8.05
N ASN A 71 -1.57 4.88 8.52
CA ASN A 71 -1.57 5.30 9.92
C ASN A 71 -1.60 6.82 10.03
N TYR A 72 -2.77 7.35 10.38
CA TYR A 72 -2.94 8.79 10.52
C TYR A 72 -3.40 9.14 11.94
N ASP A 73 -3.78 10.41 12.13
CA ASP A 73 -4.23 10.88 13.43
C ASP A 73 -5.75 10.86 13.52
N GLU A 74 -6.27 10.39 14.65
CA GLU A 74 -7.72 10.33 14.85
C GLU A 74 -8.23 11.58 15.57
N ASN A 75 -7.36 12.21 16.35
CA ASN A 75 -7.72 13.41 17.09
C ASN A 75 -7.77 14.63 16.17
N ALA A 76 -6.95 14.61 15.12
CA ALA A 76 -6.91 15.71 14.18
C ALA A 76 -7.52 15.33 12.84
N PHE A 77 -7.10 14.19 12.30
CA PHE A 77 -7.62 13.71 11.03
C PHE A 77 -8.81 12.76 11.23
N GLU A 78 -9.32 12.22 10.14
CA GLU A 78 -10.45 11.31 10.19
C GLU A 78 -10.69 10.65 8.83
N TYR A 79 -10.38 9.36 8.75
CA TYR A 79 -10.56 8.61 7.50
C TYR A 79 -11.93 8.88 6.88
N VAL A 80 -12.01 8.76 5.56
CA VAL A 80 -13.25 8.98 4.85
C VAL A 80 -13.51 7.87 3.83
N GLU A 81 -12.82 7.96 2.68
CA GLU A 81 -12.98 6.96 1.63
C GLU A 81 -11.72 6.87 0.78
N ALA A 82 -11.44 5.69 0.26
CA ALA A 82 -10.26 5.47 -0.58
C ALA A 82 -10.63 5.41 -2.03
N ILE A 83 -9.68 5.88 -2.81
CA ILE A 83 -9.85 5.97 -4.23
C ILE A 83 -8.66 5.44 -4.98
N SER A 84 -8.82 5.40 -6.29
CA SER A 84 -7.78 4.92 -7.19
C SER A 84 -7.83 5.67 -8.51
N ASP A 85 -6.95 5.29 -9.44
CA ASP A 85 -6.90 5.92 -10.76
C ASP A 85 -8.22 5.73 -11.50
N ASP A 86 -8.19 5.91 -12.83
CA ASP A 86 -9.38 5.76 -13.65
C ASP A 86 -9.47 4.35 -14.22
N GLY A 87 -9.06 3.37 -13.42
CA GLY A 87 -9.10 1.98 -13.86
C GLY A 87 -9.18 1.02 -12.70
N VAL A 88 -8.42 1.31 -11.64
CA VAL A 88 -8.40 0.46 -10.46
C VAL A 88 -9.50 0.86 -9.49
N PHE A 89 -10.04 -0.13 -8.78
CA PHE A 89 -11.12 0.12 -7.82
C PHE A 89 -10.61 -0.03 -6.38
N VAL A 90 -10.39 1.11 -5.73
CA VAL A 90 -9.90 1.11 -4.35
C VAL A 90 -11.05 1.40 -3.39
N ASN A 91 -11.15 0.59 -2.34
CA ASN A 91 -12.19 0.76 -1.34
C ASN A 91 -11.68 0.38 0.05
N ALA A 92 -11.51 1.38 0.91
CA ALA A 92 -11.02 1.16 2.26
C ALA A 92 -12.15 1.06 3.25
N LYS A 93 -11.81 0.87 4.52
CA LYS A 93 -12.81 0.75 5.58
C LYS A 93 -12.21 1.00 6.96
N LYS A 94 -12.70 2.04 7.62
CA LYS A 94 -12.22 2.41 8.94
C LYS A 94 -12.32 1.24 9.91
N ILE A 95 -11.15 0.76 10.34
CA ILE A 95 -11.08 -0.36 11.27
C ILE A 95 -10.61 0.11 12.65
N GLU A 96 -9.94 1.26 12.68
CA GLU A 96 -9.44 1.82 13.94
C GLU A 96 -9.20 3.32 13.81
N ASP A 97 -8.89 3.96 14.92
CA ASP A 97 -8.64 5.40 14.94
C ASP A 97 -7.26 5.71 14.33
N GLY A 98 -7.23 6.68 13.42
CA GLY A 98 -5.98 7.06 12.78
C GLY A 98 -5.33 5.89 12.07
N LYS A 99 -6.16 4.97 11.60
CA LYS A 99 -5.68 3.79 10.87
C LYS A 99 -6.87 3.02 10.34
N VAL A 100 -6.82 2.70 9.06
CA VAL A 100 -7.92 1.99 8.43
C VAL A 100 -7.44 1.09 7.29
N ARG A 101 -8.22 0.07 6.99
CA ARG A 101 -7.88 -0.89 5.94
C ARG A 101 -8.28 -0.39 4.55
N VAL A 102 -7.48 -0.76 3.56
CA VAL A 102 -7.73 -0.37 2.18
C VAL A 102 -7.66 -1.57 1.24
N LEU A 103 -8.70 -1.72 0.41
CA LEU A 103 -8.75 -2.83 -0.53
C LEU A 103 -8.60 -2.34 -1.97
N VAL A 104 -7.46 -2.65 -2.58
CA VAL A 104 -7.20 -2.22 -3.95
C VAL A 104 -7.31 -3.39 -4.93
N SER A 105 -7.81 -3.09 -6.12
CA SER A 105 -7.96 -4.11 -7.16
C SER A 105 -8.19 -3.45 -8.52
N SER A 106 -7.57 -4.01 -9.56
CA SER A 106 -7.69 -3.45 -10.90
C SER A 106 -8.89 -4.06 -11.62
N LEU A 107 -9.96 -3.27 -11.73
CA LEU A 107 -11.17 -3.72 -12.41
C LEU A 107 -10.91 -3.87 -13.91
N THR A 108 -9.83 -3.25 -14.39
CA THR A 108 -9.45 -3.32 -15.78
C THR A 108 -9.08 -4.74 -16.19
N GLY A 109 -8.46 -5.47 -15.26
CA GLY A 109 -8.07 -6.83 -15.53
C GLY A 109 -6.56 -6.98 -15.64
N GLU A 110 -5.87 -5.86 -15.89
CA GLU A 110 -4.42 -5.88 -16.02
C GLU A 110 -3.75 -5.61 -14.68
N PRO A 111 -2.51 -6.09 -14.50
CA PRO A 111 -1.76 -5.90 -13.25
C PRO A 111 -1.61 -4.42 -12.90
N LEU A 112 -1.22 -4.16 -11.65
CA LEU A 112 -1.03 -2.80 -11.17
C LEU A 112 0.04 -2.08 -12.00
N PRO A 113 -0.28 -0.89 -12.54
CA PRO A 113 0.65 -0.12 -13.35
C PRO A 113 1.93 0.21 -12.59
N ALA A 114 1.81 0.40 -11.28
CA ALA A 114 2.94 0.73 -10.43
C ALA A 114 3.61 2.01 -10.90
N LYS A 115 4.43 2.59 -10.03
CA LYS A 115 5.13 3.84 -10.34
C LYS A 115 4.14 4.98 -10.54
N GLU A 116 2.91 4.79 -10.09
CA GLU A 116 1.86 5.80 -10.21
C GLU A 116 0.94 5.74 -8.99
N VAL A 117 -0.23 6.37 -9.10
CA VAL A 117 -1.19 6.37 -8.01
C VAL A 117 -1.95 5.05 -7.97
N LEU A 118 -1.61 4.20 -7.02
CA LEU A 118 -2.27 2.90 -6.89
C LEU A 118 -3.50 3.00 -5.99
N ALA A 119 -3.44 3.89 -5.00
CA ALA A 119 -4.57 4.08 -4.10
C ALA A 119 -4.37 5.32 -3.22
N LYS A 120 -5.43 6.12 -3.14
CA LYS A 120 -5.38 7.34 -2.35
C LYS A 120 -6.48 7.35 -1.28
N VAL A 121 -6.12 7.04 -0.05
CA VAL A 121 -7.08 7.02 1.04
C VAL A 121 -7.45 8.46 1.45
N VAL A 122 -8.68 8.85 1.16
CA VAL A 122 -9.15 10.19 1.49
C VAL A 122 -9.43 10.34 2.97
N LEU A 123 -8.66 11.21 3.63
CA LEU A 123 -8.84 11.47 5.05
C LEU A 123 -9.58 12.79 5.24
N ARG A 124 -10.02 13.06 6.47
CA ARG A 124 -10.76 14.30 6.73
C ARG A 124 -10.02 15.24 7.68
N ALA A 125 -9.83 16.47 7.22
CA ALA A 125 -9.17 17.50 8.01
C ALA A 125 -10.22 18.29 8.80
N GLU A 126 -10.77 17.68 9.83
CA GLU A 126 -11.77 18.32 10.66
C GLU A 126 -11.09 19.10 11.77
N ALA A 127 -9.77 18.95 11.83
CA ALA A 127 -8.97 19.64 12.80
C ALA A 127 -7.52 19.63 12.36
N LYS A 128 -6.98 20.81 12.26
CA LYS A 128 -5.60 21.00 11.82
C LYS A 128 -4.63 20.10 12.57
N ALA A 129 -3.74 19.47 11.82
CA ALA A 129 -2.73 18.58 12.36
C ALA A 129 -1.40 18.82 11.65
N GLU A 130 -0.85 20.00 11.81
CA GLU A 130 0.42 20.36 11.17
C GLU A 130 1.52 19.38 11.54
N GLY A 131 2.00 18.63 10.55
CA GLY A 131 3.05 17.66 10.79
C GLY A 131 2.51 16.31 11.24
N SER A 132 1.24 16.05 10.94
CA SER A 132 0.62 14.78 11.32
C SER A 132 1.17 13.65 10.47
N ASN A 133 2.46 13.36 10.65
CA ASN A 133 3.13 12.31 9.90
C ASN A 133 2.31 11.02 9.88
N LEU A 134 2.34 10.34 8.75
CA LEU A 134 1.62 9.08 8.56
C LEU A 134 2.60 7.97 8.20
N SER A 135 2.16 6.73 8.31
CA SER A 135 3.02 5.60 7.99
C SER A 135 2.23 4.44 7.40
N VAL A 136 2.37 4.24 6.09
CA VAL A 136 1.67 3.16 5.41
C VAL A 136 2.58 1.95 5.27
N THR A 137 2.47 1.02 6.21
CA THR A 137 3.28 -0.19 6.20
C THR A 137 2.47 -1.39 5.70
N ASN A 138 2.95 -2.59 6.02
CA ASN A 138 2.27 -3.83 5.61
C ASN A 138 1.80 -3.79 4.16
N SER A 139 2.39 -2.90 3.37
CA SER A 139 2.04 -2.76 1.97
C SER A 139 2.29 -4.07 1.24
N SER A 140 1.28 -4.93 1.20
CA SER A 140 1.38 -6.23 0.56
C SER A 140 0.43 -6.33 -0.63
N VAL A 141 0.91 -6.91 -1.73
CA VAL A 141 0.10 -7.08 -2.93
C VAL A 141 -0.15 -8.56 -3.22
N GLY A 142 -1.26 -8.84 -3.90
CA GLY A 142 -1.59 -10.21 -4.23
C GLY A 142 -1.03 -10.65 -5.57
N ASP A 143 0.08 -11.37 -5.55
CA ASP A 143 0.71 -11.84 -6.79
C ASP A 143 -0.30 -12.59 -7.66
N GLY A 144 0.04 -12.75 -8.93
CA GLY A 144 -0.85 -13.45 -9.85
C GLY A 144 -1.13 -14.87 -9.41
N GLU A 145 -0.10 -15.58 -8.96
CA GLU A 145 -0.26 -16.95 -8.50
C GLU A 145 -1.16 -17.02 -7.28
N GLY A 146 -1.15 -15.97 -6.48
CA GLY A 146 -1.97 -15.92 -5.28
C GLY A 146 -1.18 -15.49 -4.05
N LEU A 147 0.11 -15.76 -4.06
CA LEU A 147 0.97 -15.40 -2.93
C LEU A 147 1.13 -13.88 -2.83
N VAL A 148 1.43 -13.40 -1.64
CA VAL A 148 1.60 -11.97 -1.41
C VAL A 148 3.04 -11.65 -1.02
N HIS A 149 3.57 -10.56 -1.56
CA HIS A 149 4.93 -10.15 -1.28
C HIS A 149 4.96 -8.88 -0.44
N GLU A 150 5.11 -9.03 0.87
CA GLU A 150 5.16 -7.88 1.77
C GLU A 150 6.27 -6.93 1.34
N ILE A 151 5.89 -5.81 0.74
CA ILE A 151 6.85 -4.83 0.26
C ILE A 151 7.28 -3.88 1.37
N ALA A 152 8.12 -2.91 0.99
CA ALA A 152 8.63 -1.92 1.91
C ALA A 152 7.53 -0.97 2.41
N GLY A 153 7.93 0.20 2.87
CA GLY A 153 6.98 1.18 3.37
C GLY A 153 7.53 2.58 3.27
N THR A 154 6.70 3.57 3.61
CA THR A 154 7.12 4.97 3.54
C THR A 154 6.16 5.85 4.34
N GLU A 155 6.70 6.91 4.94
CA GLU A 155 5.89 7.84 5.72
C GLU A 155 5.60 9.12 4.93
N LYS A 156 4.65 9.90 5.43
CA LYS A 156 4.26 11.15 4.79
C LYS A 156 3.73 12.14 5.80
N THR A 157 3.83 13.41 5.45
CA THR A 157 3.39 14.48 6.34
C THR A 157 2.42 15.43 5.63
N VAL A 158 1.44 15.91 6.37
CA VAL A 158 0.44 16.83 5.84
C VAL A 158 0.20 17.99 6.80
N ASN A 159 0.26 19.22 6.27
CA ASN A 159 0.04 20.39 7.10
C ASN A 159 -1.34 20.96 6.88
N ILE A 160 -2.22 20.75 7.85
CA ILE A 160 -3.56 21.27 7.76
C ILE A 160 -3.56 22.73 8.14
N ILE A 161 -3.89 23.55 7.17
CA ILE A 161 -3.91 24.98 7.35
C ILE A 161 -5.31 25.49 7.66
N GLU A 162 -5.43 26.26 8.73
CA GLU A 162 -6.72 26.80 9.13
C GLU A 162 -7.35 27.61 8.01
N GLY A 163 -8.68 27.55 7.93
CA GLY A 163 -9.39 28.29 6.90
C GLY A 163 -10.05 29.55 7.43
N THR A 164 -11.36 29.61 7.34
CA THR A 164 -12.11 30.77 7.81
C THR A 164 -12.10 30.84 9.34
N SER A 165 -12.62 31.94 9.87
CA SER A 165 -12.67 32.13 11.32
C SER A 165 -13.88 32.96 11.72
N MET A 1 14.80 -26.81 -38.90
CA MET A 1 15.69 -26.44 -37.76
C MET A 1 17.02 -25.90 -38.26
N GLY A 2 17.56 -24.91 -37.54
CA GLY A 2 18.83 -24.32 -37.93
C GLY A 2 19.34 -23.33 -36.89
N SER A 3 20.29 -23.76 -36.09
CA SER A 3 20.88 -22.90 -35.06
C SER A 3 19.81 -22.46 -34.06
N SER A 4 20.22 -21.65 -33.09
CA SER A 4 19.30 -21.15 -32.08
C SER A 4 18.63 -19.86 -32.53
N HIS A 5 19.45 -18.85 -32.81
CA HIS A 5 18.94 -17.56 -33.26
C HIS A 5 19.94 -16.88 -34.19
N HIS A 6 19.41 -16.21 -35.22
CA HIS A 6 20.26 -15.52 -36.19
C HIS A 6 20.27 -14.02 -35.93
N HIS A 7 20.19 -13.65 -34.65
CA HIS A 7 20.20 -12.25 -34.26
C HIS A 7 21.26 -11.98 -33.19
N HIS A 8 21.56 -10.71 -32.97
CA HIS A 8 22.56 -10.32 -31.98
C HIS A 8 21.88 -9.73 -30.74
N HIS A 9 21.93 -10.48 -29.64
CA HIS A 9 21.33 -10.04 -28.39
C HIS A 9 22.10 -8.86 -27.80
N HIS A 10 21.47 -7.69 -27.77
CA HIS A 10 22.10 -6.50 -27.23
C HIS A 10 22.50 -6.69 -25.77
N SER A 11 21.77 -7.56 -25.07
CA SER A 11 22.06 -7.84 -23.67
C SER A 11 21.62 -9.25 -23.30
N SER A 12 22.52 -9.98 -22.64
CA SER A 12 22.22 -11.35 -22.23
C SER A 12 21.95 -11.42 -20.73
N GLY A 13 22.94 -11.02 -19.94
CA GLY A 13 22.78 -11.05 -18.49
C GLY A 13 21.95 -9.89 -17.98
N LEU A 14 20.75 -10.20 -17.51
CA LEU A 14 19.85 -9.16 -16.99
C LEU A 14 19.63 -9.35 -15.49
N VAL A 15 19.22 -10.55 -15.09
CA VAL A 15 18.98 -10.86 -13.69
C VAL A 15 20.28 -11.12 -12.95
N PRO A 16 20.33 -10.80 -11.64
CA PRO A 16 21.51 -11.00 -10.80
C PRO A 16 22.35 -12.20 -11.21
N ARG A 17 23.67 -12.05 -11.16
CA ARG A 17 24.59 -13.12 -11.53
C ARG A 17 25.76 -13.18 -10.56
N GLY A 18 26.51 -12.09 -10.47
CA GLY A 18 27.66 -12.05 -9.57
C GLY A 18 27.38 -11.26 -8.32
N SER A 19 26.68 -11.87 -7.38
CA SER A 19 26.34 -11.21 -6.11
C SER A 19 26.24 -12.22 -4.98
N HIS A 20 25.97 -11.73 -3.78
CA HIS A 20 25.85 -12.59 -2.61
C HIS A 20 24.38 -12.75 -2.20
N MET A 21 24.16 -13.37 -1.05
CA MET A 21 22.81 -13.60 -0.54
C MET A 21 22.06 -14.61 -1.40
N ALA A 22 21.76 -14.21 -2.64
CA ALA A 22 21.04 -15.07 -3.56
C ALA A 22 21.94 -16.18 -4.09
N SER A 23 21.66 -17.41 -3.66
CA SER A 23 22.46 -18.56 -4.09
C SER A 23 21.74 -19.33 -5.19
N LYS A 24 22.38 -20.38 -5.69
CA LYS A 24 21.80 -21.20 -6.75
C LYS A 24 21.03 -22.38 -6.17
N LEU A 25 19.82 -22.11 -5.71
CA LEU A 25 18.97 -23.15 -5.13
C LEU A 25 17.49 -22.82 -5.32
N LYS A 26 16.79 -23.67 -6.06
CA LYS A 26 15.38 -23.48 -6.33
C LYS A 26 15.13 -22.15 -7.05
N GLU A 27 16.02 -21.83 -7.99
CA GLU A 27 15.90 -20.60 -8.76
C GLU A 27 15.97 -19.37 -7.85
N ALA A 28 16.11 -18.20 -8.44
CA ALA A 28 16.20 -16.97 -7.68
C ALA A 28 15.14 -15.96 -8.14
N ALA A 29 14.47 -15.33 -7.19
CA ALA A 29 13.44 -14.36 -7.49
C ALA A 29 12.90 -13.71 -6.22
N GLU A 30 13.67 -12.78 -5.67
CA GLU A 30 13.27 -12.07 -4.45
C GLU A 30 13.03 -10.60 -4.73
N VAL A 31 11.76 -10.20 -4.70
CA VAL A 31 11.39 -8.80 -4.95
C VAL A 31 12.03 -7.88 -3.92
N THR A 32 12.20 -6.62 -4.29
CA THR A 32 12.79 -5.64 -3.39
C THR A 32 11.70 -5.07 -2.50
N GLY A 33 10.57 -4.76 -3.12
CA GLY A 33 9.43 -4.25 -2.39
C GLY A 33 9.63 -2.84 -1.88
N SER A 34 8.77 -1.94 -2.33
CA SER A 34 8.82 -0.55 -1.89
C SER A 34 7.52 0.17 -2.18
N VAL A 35 7.10 1.02 -1.25
CA VAL A 35 5.87 1.79 -1.38
C VAL A 35 6.15 3.20 -1.88
N SER A 36 5.42 3.59 -2.92
CA SER A 36 5.58 4.93 -3.51
C SER A 36 4.54 5.89 -2.92
N LEU A 37 5.02 6.81 -2.08
CA LEU A 37 4.13 7.80 -1.47
C LEU A 37 4.17 9.12 -2.23
N GLU A 38 3.00 9.55 -2.70
CA GLU A 38 2.88 10.80 -3.44
C GLU A 38 1.67 11.60 -2.96
N ALA A 39 1.93 12.73 -2.32
CA ALA A 39 0.86 13.58 -1.81
C ALA A 39 1.29 15.04 -1.74
N LEU A 40 0.31 15.94 -1.77
CA LEU A 40 0.59 17.37 -1.69
C LEU A 40 1.33 17.69 -0.40
N GLU A 41 1.08 16.88 0.63
CA GLU A 41 1.71 17.06 1.93
C GLU A 41 1.21 18.31 2.64
N GLU A 42 0.02 18.76 2.29
CA GLU A 42 -0.55 19.95 2.92
C GLU A 42 -2.04 20.08 2.66
N VAL A 43 -2.81 20.28 3.74
CA VAL A 43 -4.25 20.45 3.64
C VAL A 43 -4.70 21.63 4.50
N GLN A 44 -5.96 22.01 4.37
CA GLN A 44 -6.51 23.14 5.14
C GLN A 44 -7.85 22.75 5.76
N VAL A 45 -7.94 22.80 7.10
CA VAL A 45 -9.17 22.45 7.80
C VAL A 45 -10.41 22.72 6.96
N GLY A 46 -11.28 21.72 6.93
CA GLY A 46 -12.49 21.82 6.17
C GLY A 46 -12.30 21.29 4.76
N GLU A 47 -11.23 20.52 4.57
CA GLU A 47 -10.91 19.94 3.27
C GLU A 47 -10.33 18.53 3.45
N ASN A 48 -10.09 17.85 2.34
CA ASN A 48 -9.53 16.50 2.39
C ASN A 48 -8.29 16.39 1.51
N LEU A 49 -7.36 15.53 1.92
CA LEU A 49 -6.12 15.33 1.18
C LEU A 49 -6.19 14.03 0.39
N GLU A 50 -5.29 13.88 -0.58
CA GLU A 50 -5.25 12.68 -1.40
C GLU A 50 -3.84 12.10 -1.45
N VAL A 51 -3.55 11.18 -0.55
CA VAL A 51 -2.24 10.55 -0.50
C VAL A 51 -2.28 9.16 -1.11
N GLY A 52 -1.88 9.06 -2.37
CA GLY A 52 -1.89 7.78 -3.05
C GLY A 52 -0.58 7.02 -2.93
N VAL A 53 -0.42 6.27 -1.85
CA VAL A 53 0.78 5.49 -1.64
C VAL A 53 0.73 4.22 -2.47
N GLY A 54 1.33 4.27 -3.65
CA GLY A 54 1.33 3.11 -4.53
C GLY A 54 2.60 2.30 -4.39
N ILE A 55 3.16 1.90 -5.53
CA ILE A 55 4.38 1.10 -5.54
C ILE A 55 5.60 1.95 -5.90
N ASP A 56 6.68 1.77 -5.13
CA ASP A 56 7.91 2.48 -5.38
C ASP A 56 8.92 1.55 -6.05
N GLU A 57 8.84 0.27 -5.68
CA GLU A 57 9.72 -0.75 -6.25
C GLU A 57 9.21 -2.15 -5.93
N LEU A 58 9.19 -3.00 -6.94
CA LEU A 58 8.74 -4.37 -6.81
C LEU A 58 9.23 -5.20 -8.00
N VAL A 59 10.40 -5.82 -7.85
CA VAL A 59 10.97 -6.60 -8.94
C VAL A 59 11.17 -8.07 -8.58
N ASN A 60 10.26 -8.91 -9.11
CA ASN A 60 10.27 -10.37 -8.91
C ASN A 60 8.87 -10.89 -8.54
N ALA A 61 7.84 -10.16 -8.92
CA ALA A 61 6.47 -10.55 -8.61
C ALA A 61 5.47 -9.85 -9.52
N GLU A 62 4.21 -10.27 -9.44
CA GLU A 62 3.16 -9.68 -10.27
C GLU A 62 2.06 -9.09 -9.38
N ALA A 63 2.25 -7.84 -8.96
CA ALA A 63 1.28 -7.17 -8.11
C ALA A 63 -0.07 -7.02 -8.82
N PHE A 64 -1.14 -7.34 -8.12
CA PHE A 64 -2.48 -7.24 -8.68
C PHE A 64 -3.40 -6.44 -7.76
N ALA A 65 -3.30 -6.70 -6.46
CA ALA A 65 -4.12 -6.00 -5.48
C ALA A 65 -3.26 -5.38 -4.38
N TYR A 66 -3.23 -4.05 -4.34
CA TYR A 66 -2.45 -3.34 -3.34
C TYR A 66 -3.25 -3.14 -2.06
N ASP A 67 -2.98 -3.98 -1.06
CA ASP A 67 -3.68 -3.89 0.22
C ASP A 67 -2.74 -3.38 1.30
N PHE A 68 -3.03 -2.17 1.79
CA PHE A 68 -2.21 -1.57 2.85
C PHE A 68 -3.07 -0.79 3.84
N THR A 69 -2.45 -0.33 4.92
CA THR A 69 -3.16 0.42 5.95
C THR A 69 -2.42 1.72 6.27
N LEU A 70 -3.10 2.85 6.09
CA LEU A 70 -2.51 4.15 6.36
C LEU A 70 -2.88 4.63 7.77
N ASN A 71 -1.85 4.97 8.55
CA ASN A 71 -2.07 5.43 9.92
C ASN A 71 -2.03 6.95 10.00
N TYR A 72 -3.21 7.55 10.18
CA TYR A 72 -3.32 9.00 10.27
C TYR A 72 -3.61 9.43 11.71
N ASP A 73 -3.95 10.70 11.89
CA ASP A 73 -4.24 11.23 13.22
C ASP A 73 -5.75 11.28 13.46
N GLU A 74 -6.21 10.57 14.49
CA GLU A 74 -7.63 10.54 14.82
C GLU A 74 -8.02 11.74 15.67
N ASN A 75 -7.06 12.25 16.46
CA ASN A 75 -7.31 13.40 17.33
C ASN A 75 -7.64 14.64 16.50
N ALA A 76 -7.15 14.70 15.28
CA ALA A 76 -7.39 15.84 14.41
C ALA A 76 -7.98 15.40 13.07
N PHE A 77 -7.40 14.35 12.48
CA PHE A 77 -7.87 13.83 11.20
C PHE A 77 -8.88 12.72 11.42
N GLU A 78 -9.66 12.42 10.37
CA GLU A 78 -10.67 11.38 10.44
C GLU A 78 -10.81 10.67 9.09
N TYR A 79 -10.77 9.34 9.12
CA TYR A 79 -10.90 8.56 7.90
C TYR A 79 -12.18 8.92 7.14
N VAL A 80 -12.13 8.80 5.83
CA VAL A 80 -13.27 9.11 4.98
C VAL A 80 -13.53 8.00 3.96
N GLU A 81 -12.84 8.06 2.82
CA GLU A 81 -13.00 7.04 1.78
C GLU A 81 -11.81 7.05 0.83
N ALA A 82 -11.32 5.86 0.49
CA ALA A 82 -10.20 5.73 -0.42
C ALA A 82 -10.63 5.80 -1.84
N ILE A 83 -9.71 6.29 -2.65
CA ILE A 83 -9.98 6.49 -4.04
C ILE A 83 -9.03 5.70 -4.92
N SER A 84 -9.53 5.39 -6.10
CA SER A 84 -8.78 4.63 -7.11
C SER A 84 -8.55 5.48 -8.36
N ASP A 85 -8.15 4.82 -9.44
CA ASP A 85 -7.88 5.50 -10.70
C ASP A 85 -9.09 5.38 -11.63
N ASP A 86 -8.86 5.54 -12.94
CA ASP A 86 -9.94 5.44 -13.92
C ASP A 86 -10.03 4.03 -14.48
N GLY A 87 -9.81 3.04 -13.61
CA GLY A 87 -9.88 1.66 -14.02
C GLY A 87 -9.81 0.70 -12.84
N VAL A 88 -9.02 1.05 -11.85
CA VAL A 88 -8.87 0.23 -10.65
C VAL A 88 -9.93 0.57 -9.62
N PHE A 89 -10.19 -0.36 -8.71
CA PHE A 89 -11.18 -0.16 -7.66
C PHE A 89 -10.51 -0.06 -6.30
N VAL A 90 -10.80 1.02 -5.58
CA VAL A 90 -10.23 1.24 -4.26
C VAL A 90 -11.33 1.41 -3.21
N ASN A 91 -11.16 0.76 -2.07
CA ASN A 91 -12.14 0.85 -0.98
C ASN A 91 -11.45 0.69 0.36
N ALA A 92 -11.58 1.70 1.21
CA ALA A 92 -10.96 1.68 2.53
C ALA A 92 -11.95 1.23 3.60
N LYS A 93 -11.42 0.71 4.70
CA LYS A 93 -12.26 0.25 5.79
C LYS A 93 -11.69 0.64 7.15
N LYS A 94 -12.33 1.61 7.78
CA LYS A 94 -11.90 2.10 9.09
C LYS A 94 -11.81 0.96 10.10
N ILE A 95 -10.61 0.42 10.25
CA ILE A 95 -10.37 -0.66 11.19
C ILE A 95 -10.16 -0.12 12.60
N GLU A 96 -9.77 1.15 12.70
CA GLU A 96 -9.55 1.79 13.99
C GLU A 96 -9.40 3.30 13.83
N ASP A 97 -8.91 3.95 14.87
CA ASP A 97 -8.71 5.40 14.86
C ASP A 97 -7.33 5.76 14.31
N GLY A 98 -7.30 6.72 13.39
CA GLY A 98 -6.04 7.14 12.80
C GLY A 98 -5.31 6.00 12.13
N LYS A 99 -6.07 5.02 11.63
CA LYS A 99 -5.49 3.88 10.95
C LYS A 99 -6.58 3.03 10.35
N VAL A 100 -6.52 2.84 9.05
CA VAL A 100 -7.55 2.08 8.35
C VAL A 100 -6.99 1.37 7.13
N ARG A 101 -7.66 0.28 6.74
CA ARG A 101 -7.21 -0.51 5.60
C ARG A 101 -7.80 0.00 4.27
N VAL A 102 -7.06 -0.25 3.19
CA VAL A 102 -7.48 0.16 1.86
C VAL A 102 -7.47 -1.02 0.90
N LEU A 103 -8.62 -1.67 0.76
CA LEU A 103 -8.74 -2.82 -0.13
C LEU A 103 -8.94 -2.38 -1.57
N VAL A 104 -7.93 -2.61 -2.40
CA VAL A 104 -8.00 -2.21 -3.81
C VAL A 104 -7.92 -3.43 -4.75
N SER A 105 -8.40 -3.23 -5.97
CA SER A 105 -8.41 -4.29 -6.97
C SER A 105 -8.65 -3.70 -8.36
N SER A 106 -7.87 -4.16 -9.34
CA SER A 106 -8.00 -3.66 -10.70
C SER A 106 -9.18 -4.31 -11.40
N LEU A 107 -10.19 -3.50 -11.73
CA LEU A 107 -11.37 -3.97 -12.43
C LEU A 107 -11.21 -3.76 -13.93
N THR A 108 -9.97 -3.83 -14.39
CA THR A 108 -9.65 -3.63 -15.80
C THR A 108 -9.22 -4.94 -16.44
N GLY A 109 -8.52 -5.77 -15.68
CA GLY A 109 -8.05 -7.04 -16.19
C GLY A 109 -6.54 -7.12 -16.20
N GLU A 110 -5.89 -5.96 -16.20
CA GLU A 110 -4.42 -5.90 -16.21
C GLU A 110 -3.89 -5.86 -14.78
N PRO A 111 -2.63 -6.30 -14.59
CA PRO A 111 -1.99 -6.31 -13.27
C PRO A 111 -1.62 -4.91 -12.78
N LEU A 112 -1.15 -4.83 -11.54
CA LEU A 112 -0.76 -3.56 -10.94
C LEU A 112 0.25 -2.83 -11.82
N PRO A 113 -0.17 -1.74 -12.50
CA PRO A 113 0.73 -0.97 -13.37
C PRO A 113 1.94 -0.44 -12.62
N ALA A 114 1.75 -0.15 -11.34
CA ALA A 114 2.83 0.36 -10.50
C ALA A 114 3.38 1.66 -11.04
N LYS A 115 4.24 2.31 -10.27
CA LYS A 115 4.85 3.57 -10.67
C LYS A 115 3.80 4.67 -10.80
N GLU A 116 2.63 4.44 -10.22
CA GLU A 116 1.54 5.42 -10.25
C GLU A 116 0.70 5.32 -8.99
N VAL A 117 -0.33 6.17 -8.90
CA VAL A 117 -1.21 6.16 -7.74
C VAL A 117 -2.09 4.91 -7.73
N LEU A 118 -1.75 3.98 -6.85
CA LEU A 118 -2.50 2.72 -6.75
C LEU A 118 -3.69 2.87 -5.80
N ALA A 119 -3.54 3.71 -4.78
CA ALA A 119 -4.62 3.92 -3.81
C ALA A 119 -4.37 5.14 -2.94
N LYS A 120 -5.39 5.98 -2.83
CA LYS A 120 -5.29 7.20 -2.04
C LYS A 120 -6.33 7.21 -0.92
N VAL A 121 -5.85 7.24 0.32
CA VAL A 121 -6.74 7.28 1.48
C VAL A 121 -6.90 8.72 1.97
N VAL A 122 -7.96 9.37 1.52
CA VAL A 122 -8.22 10.76 1.89
C VAL A 122 -8.78 10.87 3.31
N LEU A 123 -8.05 11.57 4.17
CA LEU A 123 -8.48 11.78 5.55
C LEU A 123 -9.27 13.08 5.64
N ARG A 124 -9.92 13.30 6.79
CA ARG A 124 -10.73 14.49 6.97
C ARG A 124 -10.06 15.51 7.89
N ALA A 125 -9.79 16.70 7.33
CA ALA A 125 -9.18 17.79 8.09
C ALA A 125 -10.27 18.66 8.70
N GLU A 126 -10.95 18.13 9.71
CA GLU A 126 -12.01 18.87 10.39
C GLU A 126 -11.41 19.65 11.54
N ALA A 127 -10.12 19.44 11.74
CA ALA A 127 -9.37 20.11 12.77
C ALA A 127 -7.90 20.01 12.45
N LYS A 128 -7.26 21.16 12.39
CA LYS A 128 -5.86 21.24 12.05
C LYS A 128 -5.02 20.16 12.71
N ALA A 129 -3.81 19.96 12.20
CA ALA A 129 -2.90 18.96 12.70
C ALA A 129 -1.58 19.02 11.92
N GLU A 130 -0.94 20.18 11.97
CA GLU A 130 0.32 20.38 11.25
C GLU A 130 1.35 19.33 11.65
N GLY A 131 1.68 18.46 10.71
CA GLY A 131 2.65 17.41 10.97
C GLY A 131 2.00 16.04 11.12
N SER A 132 0.69 15.97 10.92
CA SER A 132 -0.03 14.72 11.04
C SER A 132 0.46 13.72 10.00
N ASN A 133 1.51 12.98 10.34
CA ASN A 133 2.09 12.01 9.43
C ASN A 133 1.08 10.93 9.04
N LEU A 134 1.44 10.17 8.01
CA LEU A 134 0.60 9.10 7.51
C LEU A 134 1.48 7.90 7.13
N SER A 135 1.45 6.88 7.97
CA SER A 135 2.28 5.68 7.73
C SER A 135 1.48 4.55 7.09
N VAL A 136 2.04 4.01 6.01
CA VAL A 136 1.41 2.91 5.29
C VAL A 136 2.27 1.66 5.39
N THR A 137 1.80 0.67 6.16
CA THR A 137 2.56 -0.57 6.35
C THR A 137 1.89 -1.73 5.64
N ASN A 138 2.36 -2.94 5.95
CA ASN A 138 1.83 -4.18 5.37
C ASN A 138 1.47 -4.02 3.89
N SER A 139 2.18 -3.14 3.20
CA SER A 139 1.93 -2.91 1.78
C SER A 139 2.19 -4.19 0.99
N SER A 140 1.17 -5.02 0.85
CA SER A 140 1.30 -6.29 0.14
C SER A 140 0.91 -6.13 -1.33
N VAL A 141 1.15 -7.18 -2.11
CA VAL A 141 0.85 -7.18 -3.53
C VAL A 141 0.45 -8.57 -4.00
N GLY A 142 -0.75 -8.68 -4.56
CA GLY A 142 -1.22 -9.97 -5.05
C GLY A 142 -0.46 -10.45 -6.26
N ASP A 143 0.50 -11.34 -6.03
CA ASP A 143 1.31 -11.89 -7.12
C ASP A 143 0.43 -12.52 -8.19
N GLY A 144 1.00 -12.72 -9.38
CA GLY A 144 0.25 -13.32 -10.46
C GLY A 144 -0.03 -14.80 -10.23
N GLU A 145 0.85 -15.46 -9.49
CA GLU A 145 0.69 -16.88 -9.20
C GLU A 145 -0.43 -17.10 -8.19
N GLY A 146 -0.40 -16.34 -7.10
CA GLY A 146 -1.42 -16.47 -6.08
C GLY A 146 -0.94 -16.00 -4.72
N LEU A 147 0.37 -16.12 -4.48
CA LEU A 147 0.96 -15.71 -3.21
C LEU A 147 1.15 -14.20 -3.17
N VAL A 148 1.49 -13.68 -1.99
CA VAL A 148 1.70 -12.26 -1.81
C VAL A 148 3.14 -11.95 -1.41
N HIS A 149 3.61 -10.75 -1.75
CA HIS A 149 4.97 -10.36 -1.42
C HIS A 149 4.98 -9.08 -0.58
N GLU A 150 5.05 -9.23 0.74
CA GLU A 150 5.07 -8.09 1.64
C GLU A 150 6.20 -7.14 1.26
N ILE A 151 5.86 -6.02 0.65
CA ILE A 151 6.85 -5.05 0.22
C ILE A 151 7.23 -4.10 1.34
N ALA A 152 8.10 -3.15 1.01
CA ALA A 152 8.57 -2.15 1.96
C ALA A 152 7.45 -1.21 2.40
N GLY A 153 7.83 -0.06 2.94
CA GLY A 153 6.85 0.92 3.38
C GLY A 153 7.44 2.32 3.50
N THR A 154 6.61 3.29 3.81
CA THR A 154 7.06 4.67 3.95
C THR A 154 6.03 5.51 4.71
N GLU A 155 6.23 6.82 4.74
CA GLU A 155 5.31 7.70 5.45
C GLU A 155 5.27 9.11 4.84
N LYS A 156 4.12 9.76 5.00
CA LYS A 156 3.92 11.11 4.48
C LYS A 156 3.38 12.01 5.59
N THR A 157 3.35 13.31 5.33
CA THR A 157 2.84 14.26 6.31
C THR A 157 2.08 15.39 5.62
N VAL A 158 1.02 15.87 6.27
CA VAL A 158 0.21 16.95 5.72
C VAL A 158 -0.09 18.01 6.77
N ASN A 159 0.23 19.26 6.45
CA ASN A 159 -0.03 20.35 7.38
C ASN A 159 -1.39 20.95 7.16
N ILE A 160 -2.25 20.83 8.17
CA ILE A 160 -3.58 21.38 8.07
C ILE A 160 -3.56 22.83 8.48
N ILE A 161 -3.90 23.67 7.53
CA ILE A 161 -3.92 25.10 7.74
C ILE A 161 -5.34 25.60 7.97
N GLU A 162 -5.49 26.51 8.92
CA GLU A 162 -6.81 27.06 9.24
C GLU A 162 -7.31 27.95 8.11
N GLY A 163 -8.63 27.95 7.91
CA GLY A 163 -9.23 28.75 6.87
C GLY A 163 -9.52 30.17 7.32
N THR A 164 -9.70 31.07 6.36
CA THR A 164 -9.99 32.46 6.67
C THR A 164 -11.13 32.61 7.68
N SER A 165 -11.42 33.84 8.04
CA SER A 165 -12.48 34.13 9.01
C SER A 165 -12.90 35.59 8.93
N MET A 1 29.46 -38.78 -40.86
CA MET A 1 29.46 -38.71 -39.38
C MET A 1 30.30 -37.54 -38.88
N GLY A 2 31.40 -37.28 -39.57
CA GLY A 2 32.29 -36.20 -39.18
C GLY A 2 31.67 -34.84 -39.43
N SER A 3 32.17 -33.82 -38.72
CA SER A 3 31.65 -32.47 -38.86
C SER A 3 32.63 -31.59 -39.63
N SER A 4 32.24 -30.33 -39.85
CA SER A 4 33.09 -29.40 -40.57
C SER A 4 32.93 -27.98 -40.03
N HIS A 5 33.87 -27.56 -39.19
CA HIS A 5 33.82 -26.23 -38.59
C HIS A 5 35.23 -25.67 -38.43
N HIS A 6 35.37 -24.36 -38.64
CA HIS A 6 36.66 -23.69 -38.51
C HIS A 6 36.52 -22.38 -37.75
N HIS A 7 37.64 -21.70 -37.54
CA HIS A 7 37.65 -20.43 -36.82
C HIS A 7 36.86 -19.37 -37.59
N HIS A 8 36.39 -18.35 -36.88
CA HIS A 8 35.63 -17.27 -37.50
C HIS A 8 35.37 -16.16 -36.50
N HIS A 9 34.81 -16.51 -35.35
CA HIS A 9 34.51 -15.53 -34.31
C HIS A 9 34.99 -16.02 -32.95
N HIS A 10 35.82 -15.20 -32.30
CA HIS A 10 36.36 -15.55 -30.99
C HIS A 10 37.16 -16.84 -31.06
N SER A 11 37.64 -17.30 -29.91
CA SER A 11 38.43 -18.53 -29.83
C SER A 11 38.06 -19.34 -28.59
N SER A 12 38.24 -18.74 -27.42
CA SER A 12 37.93 -19.41 -26.17
C SER A 12 38.76 -20.69 -26.01
N GLY A 13 39.94 -20.54 -25.42
CA GLY A 13 40.82 -21.69 -25.22
C GLY A 13 42.28 -21.35 -25.40
N LEU A 14 42.89 -20.82 -24.33
CA LEU A 14 44.30 -20.45 -24.38
C LEU A 14 45.07 -21.13 -23.26
N VAL A 15 44.50 -21.13 -22.07
CA VAL A 15 45.14 -21.74 -20.90
C VAL A 15 44.10 -22.05 -19.81
N PRO A 16 43.47 -21.02 -19.22
CA PRO A 16 42.48 -21.18 -18.16
C PRO A 16 41.65 -22.47 -18.30
N ARG A 17 41.68 -23.29 -17.26
CA ARG A 17 40.94 -24.55 -17.26
C ARG A 17 39.43 -24.30 -17.38
N GLY A 18 38.89 -23.54 -16.43
CA GLY A 18 37.48 -23.24 -16.44
C GLY A 18 37.19 -21.79 -16.11
N SER A 19 35.95 -21.37 -16.32
CA SER A 19 35.54 -20.00 -16.04
C SER A 19 34.69 -19.93 -14.78
N HIS A 20 33.94 -20.99 -14.52
CA HIS A 20 33.08 -21.05 -13.34
C HIS A 20 32.05 -19.93 -13.36
N MET A 21 31.57 -19.60 -14.55
CA MET A 21 30.57 -18.53 -14.72
C MET A 21 29.19 -19.03 -14.31
N ALA A 22 28.92 -19.02 -13.01
CA ALA A 22 27.64 -19.47 -12.49
C ALA A 22 26.50 -18.63 -13.05
N SER A 23 25.66 -19.25 -13.88
CA SER A 23 24.53 -18.56 -14.48
C SER A 23 23.21 -19.18 -14.05
N LYS A 24 23.05 -20.47 -14.35
CA LYS A 24 21.83 -21.19 -13.98
C LYS A 24 22.12 -22.26 -12.93
N LEU A 25 22.22 -21.84 -11.68
CA LEU A 25 22.49 -22.75 -10.58
C LEU A 25 21.36 -22.75 -9.57
N LYS A 26 20.87 -21.55 -9.23
CA LYS A 26 19.78 -21.41 -8.27
C LYS A 26 18.97 -20.15 -8.56
N GLU A 27 19.67 -19.03 -8.78
CA GLU A 27 19.01 -17.76 -9.07
C GLU A 27 18.11 -17.35 -7.91
N ALA A 28 17.67 -16.09 -7.93
CA ALA A 28 16.80 -15.57 -6.88
C ALA A 28 15.60 -14.85 -7.48
N ALA A 29 14.60 -14.59 -6.64
CA ALA A 29 13.38 -13.91 -7.09
C ALA A 29 12.78 -13.06 -5.97
N GLU A 30 13.65 -12.54 -5.11
CA GLU A 30 13.21 -11.71 -3.99
C GLU A 30 12.94 -10.28 -4.45
N VAL A 31 11.71 -9.81 -4.22
CA VAL A 31 11.33 -8.46 -4.62
C VAL A 31 11.78 -7.45 -3.57
N THR A 32 12.06 -6.23 -4.01
CA THR A 32 12.48 -5.17 -3.10
C THR A 32 11.26 -4.59 -2.42
N GLY A 33 10.16 -4.59 -3.15
CA GLY A 33 8.91 -4.07 -2.65
C GLY A 33 9.04 -2.67 -2.10
N SER A 34 8.29 -1.75 -2.65
CA SER A 34 8.33 -0.37 -2.19
C SER A 34 7.00 0.34 -2.39
N VAL A 35 6.78 1.36 -1.56
CA VAL A 35 5.54 2.13 -1.62
C VAL A 35 5.81 3.53 -2.19
N SER A 36 5.09 3.87 -3.25
CA SER A 36 5.24 5.16 -3.89
C SER A 36 4.24 6.16 -3.30
N LEU A 37 4.75 7.10 -2.50
CA LEU A 37 3.91 8.10 -1.88
C LEU A 37 3.91 9.41 -2.67
N GLU A 38 2.72 9.89 -3.01
CA GLU A 38 2.58 11.13 -3.76
C GLU A 38 1.42 11.95 -3.23
N ALA A 39 1.73 12.97 -2.44
CA ALA A 39 0.72 13.83 -1.85
C ALA A 39 1.21 15.26 -1.73
N LEU A 40 0.27 16.21 -1.71
CA LEU A 40 0.60 17.62 -1.59
C LEU A 40 1.40 17.87 -0.31
N GLU A 41 1.19 17.01 0.68
CA GLU A 41 1.88 17.12 1.96
C GLU A 41 1.43 18.34 2.74
N GLU A 42 0.23 18.83 2.45
CA GLU A 42 -0.30 20.00 3.14
C GLU A 42 -1.81 20.15 2.92
N VAL A 43 -2.55 20.26 4.02
CA VAL A 43 -3.99 20.42 3.95
C VAL A 43 -4.43 21.62 4.79
N GLN A 44 -5.70 21.99 4.68
CA GLN A 44 -6.25 23.11 5.44
C GLN A 44 -7.59 22.74 6.06
N VAL A 45 -7.65 22.65 7.39
CA VAL A 45 -8.87 22.28 8.10
C VAL A 45 -10.13 22.65 7.33
N GLY A 46 -10.86 21.63 6.93
CA GLY A 46 -12.08 21.85 6.21
C GLY A 46 -12.12 21.12 4.87
N GLU A 47 -10.94 20.87 4.30
CA GLU A 47 -10.85 20.18 3.02
C GLU A 47 -10.43 18.72 3.22
N ASN A 48 -10.22 18.02 2.10
CA ASN A 48 -9.82 16.62 2.14
C ASN A 48 -8.42 16.44 1.57
N LEU A 49 -7.83 15.27 1.78
CA LEU A 49 -6.50 14.96 1.28
C LEU A 49 -6.55 13.86 0.23
N GLU A 50 -5.50 13.78 -0.59
CA GLU A 50 -5.42 12.76 -1.63
C GLU A 50 -4.02 12.16 -1.68
N VAL A 51 -3.83 11.05 -0.97
CA VAL A 51 -2.53 10.39 -0.93
C VAL A 51 -2.52 9.12 -1.77
N GLY A 52 -2.03 9.22 -3.00
CA GLY A 52 -1.97 8.08 -3.88
C GLY A 52 -0.75 7.20 -3.60
N VAL A 53 -0.78 6.49 -2.48
CA VAL A 53 0.32 5.62 -2.10
C VAL A 53 0.27 4.32 -2.88
N GLY A 54 1.05 4.25 -3.95
CA GLY A 54 1.08 3.06 -4.77
C GLY A 54 2.37 2.28 -4.64
N ILE A 55 3.00 1.98 -5.77
CA ILE A 55 4.25 1.22 -5.77
C ILE A 55 5.42 2.09 -6.24
N ASP A 56 6.53 2.00 -5.52
CA ASP A 56 7.74 2.73 -5.86
C ASP A 56 8.69 1.81 -6.61
N GLU A 57 8.66 0.53 -6.23
CA GLU A 57 9.49 -0.49 -6.85
C GLU A 57 9.14 -1.86 -6.31
N LEU A 58 8.94 -2.80 -7.22
CA LEU A 58 8.61 -4.17 -6.86
C LEU A 58 9.09 -5.13 -7.95
N VAL A 59 10.30 -5.65 -7.78
CA VAL A 59 10.88 -6.55 -8.77
C VAL A 59 10.77 -8.01 -8.34
N ASN A 60 10.04 -8.80 -9.14
CA ASN A 60 9.85 -10.24 -8.92
C ASN A 60 8.49 -10.56 -8.29
N ALA A 61 7.53 -9.64 -8.46
CA ALA A 61 6.20 -9.83 -7.92
C ALA A 61 5.14 -9.27 -8.89
N GLU A 62 4.05 -10.01 -9.05
CA GLU A 62 2.98 -9.60 -9.94
C GLU A 62 1.81 -9.02 -9.15
N ALA A 63 1.88 -7.72 -8.87
CA ALA A 63 0.83 -7.05 -8.11
C ALA A 63 -0.50 -7.11 -8.83
N PHE A 64 -1.44 -7.87 -8.26
CA PHE A 64 -2.77 -8.00 -8.84
C PHE A 64 -3.81 -7.30 -7.98
N ALA A 65 -3.56 -7.28 -6.67
CA ALA A 65 -4.47 -6.63 -5.73
C ALA A 65 -3.70 -5.94 -4.62
N TYR A 66 -3.75 -4.61 -4.60
CA TYR A 66 -3.06 -3.83 -3.59
C TYR A 66 -3.92 -3.63 -2.35
N ASP A 67 -3.31 -3.78 -1.18
CA ASP A 67 -4.02 -3.62 0.08
C ASP A 67 -3.08 -3.08 1.15
N PHE A 68 -3.28 -1.82 1.53
CA PHE A 68 -2.43 -1.19 2.54
C PHE A 68 -3.26 -0.65 3.70
N THR A 69 -2.59 -0.23 4.76
CA THR A 69 -3.24 0.33 5.94
C THR A 69 -2.62 1.66 6.33
N LEU A 70 -3.42 2.73 6.23
CA LEU A 70 -2.94 4.07 6.57
C LEU A 70 -2.88 4.26 8.08
N ASN A 71 -1.85 4.97 8.53
CA ASN A 71 -1.66 5.25 9.96
C ASN A 71 -1.66 6.75 10.21
N TYR A 72 -2.75 7.26 10.75
CA TYR A 72 -2.88 8.68 11.04
C TYR A 72 -3.43 8.91 12.45
N ASP A 73 -3.76 10.16 12.75
CA ASP A 73 -4.29 10.51 14.07
C ASP A 73 -5.77 10.89 13.97
N GLU A 74 -6.57 10.31 14.86
CA GLU A 74 -8.00 10.59 14.87
C GLU A 74 -8.31 11.85 15.67
N ASN A 75 -7.45 12.16 16.64
CA ASN A 75 -7.65 13.35 17.48
C ASN A 75 -7.74 14.62 16.63
N ALA A 76 -7.07 14.60 15.48
CA ALA A 76 -7.09 15.76 14.58
C ALA A 76 -7.63 15.37 13.20
N PHE A 77 -7.11 14.27 12.66
CA PHE A 77 -7.54 13.80 11.35
C PHE A 77 -8.66 12.77 11.49
N GLU A 78 -9.14 12.28 10.35
CA GLU A 78 -10.22 11.30 10.34
C GLU A 78 -10.44 10.75 8.93
N TYR A 79 -10.26 9.46 8.76
CA TYR A 79 -10.44 8.81 7.46
C TYR A 79 -11.83 9.12 6.90
N VAL A 80 -11.95 9.04 5.58
CA VAL A 80 -13.21 9.31 4.91
C VAL A 80 -13.57 8.20 3.93
N GLU A 81 -13.04 8.28 2.72
CA GLU A 81 -13.31 7.27 1.69
C GLU A 81 -12.16 7.18 0.70
N ALA A 82 -11.71 5.96 0.42
CA ALA A 82 -10.62 5.74 -0.52
C ALA A 82 -11.10 5.74 -1.93
N ILE A 83 -10.20 6.16 -2.80
CA ILE A 83 -10.49 6.27 -4.18
C ILE A 83 -9.46 5.58 -5.05
N SER A 84 -9.93 5.16 -6.20
CA SER A 84 -9.08 4.47 -7.17
C SER A 84 -8.95 5.29 -8.45
N ASP A 85 -8.41 4.68 -9.50
CA ASP A 85 -8.21 5.35 -10.78
C ASP A 85 -9.40 5.10 -11.71
N ASP A 86 -9.18 5.29 -13.00
CA ASP A 86 -10.24 5.08 -13.99
C ASP A 86 -10.16 3.68 -14.59
N GLY A 87 -9.80 2.70 -13.76
CA GLY A 87 -9.70 1.33 -14.21
C GLY A 87 -9.74 0.34 -13.07
N VAL A 88 -9.02 0.66 -11.99
CA VAL A 88 -8.98 -0.21 -10.82
C VAL A 88 -9.99 0.24 -9.77
N PHE A 89 -10.12 -0.55 -8.71
CA PHE A 89 -11.06 -0.23 -7.64
C PHE A 89 -10.32 -0.01 -6.32
N VAL A 90 -10.94 0.72 -5.41
CA VAL A 90 -10.35 1.02 -4.11
C VAL A 90 -11.43 1.13 -3.03
N ASN A 91 -11.29 0.33 -1.98
CA ASN A 91 -12.26 0.34 -0.89
C ASN A 91 -11.55 0.36 0.46
N ALA A 92 -11.65 1.49 1.16
CA ALA A 92 -11.03 1.62 2.47
C ALA A 92 -12.02 1.35 3.60
N LYS A 93 -11.61 0.52 4.54
CA LYS A 93 -12.46 0.17 5.67
C LYS A 93 -11.82 0.59 6.99
N LYS A 94 -12.36 1.63 7.61
CA LYS A 94 -11.84 2.13 8.87
C LYS A 94 -12.12 1.16 10.01
N ILE A 95 -11.14 0.33 10.33
CA ILE A 95 -11.29 -0.64 11.40
C ILE A 95 -11.15 -0.02 12.79
N GLU A 96 -10.91 1.29 12.83
CA GLU A 96 -10.76 2.00 14.11
C GLU A 96 -10.46 3.47 13.87
N ASP A 97 -10.08 4.17 14.94
CA ASP A 97 -9.74 5.58 14.86
C ASP A 97 -8.25 5.77 14.59
N GLY A 98 -7.93 6.34 13.44
CA GLY A 98 -6.54 6.55 13.08
C GLY A 98 -5.88 5.29 12.57
N LYS A 99 -6.63 4.51 11.79
CA LYS A 99 -6.13 3.28 11.20
C LYS A 99 -7.16 2.77 10.26
N VAL A 100 -6.75 2.60 9.03
CA VAL A 100 -7.68 2.23 8.01
C VAL A 100 -7.04 1.42 6.90
N ARG A 101 -7.69 0.31 6.52
CA ARG A 101 -7.19 -0.56 5.47
C ARG A 101 -7.93 -0.33 4.17
N VAL A 102 -7.26 -0.58 3.05
CA VAL A 102 -7.86 -0.39 1.73
C VAL A 102 -7.83 -1.66 0.90
N LEU A 103 -8.74 -1.74 -0.08
CA LEU A 103 -8.82 -2.89 -0.96
C LEU A 103 -8.69 -2.47 -2.42
N VAL A 104 -7.54 -2.76 -3.02
CA VAL A 104 -7.30 -2.39 -4.41
C VAL A 104 -7.39 -3.60 -5.34
N SER A 105 -7.92 -3.37 -6.54
CA SER A 105 -8.05 -4.42 -7.53
C SER A 105 -8.32 -3.82 -8.91
N SER A 106 -7.65 -4.35 -9.92
CA SER A 106 -7.80 -3.85 -11.28
C SER A 106 -8.93 -4.57 -12.00
N LEU A 107 -10.00 -3.84 -12.29
CA LEU A 107 -11.14 -4.40 -13.00
C LEU A 107 -11.00 -4.13 -14.49
N THR A 108 -9.76 -4.10 -14.96
CA THR A 108 -9.46 -3.85 -16.36
C THR A 108 -8.93 -5.10 -17.03
N GLY A 109 -8.24 -5.92 -16.26
CA GLY A 109 -7.67 -7.15 -16.80
C GLY A 109 -6.16 -7.16 -16.73
N GLU A 110 -5.56 -5.97 -16.61
CA GLU A 110 -4.12 -5.85 -16.54
C GLU A 110 -3.66 -5.80 -15.08
N PRO A 111 -2.39 -6.17 -14.80
CA PRO A 111 -1.84 -6.17 -13.45
C PRO A 111 -1.58 -4.75 -12.93
N LEU A 112 -1.14 -4.66 -11.68
CA LEU A 112 -0.84 -3.38 -11.06
C LEU A 112 0.17 -2.59 -11.88
N PRO A 113 -0.21 -1.39 -12.38
CA PRO A 113 0.69 -0.55 -13.19
C PRO A 113 1.94 -0.15 -12.41
N ALA A 114 1.76 0.21 -11.15
CA ALA A 114 2.87 0.62 -10.29
C ALA A 114 3.49 1.92 -10.78
N LYS A 115 4.27 2.55 -9.91
CA LYS A 115 4.93 3.80 -10.25
C LYS A 115 3.91 4.93 -10.47
N GLU A 116 2.68 4.71 -10.01
CA GLU A 116 1.62 5.70 -10.14
C GLU A 116 0.67 5.63 -8.95
N VAL A 117 -0.45 6.32 -9.05
CA VAL A 117 -1.44 6.32 -7.98
C VAL A 117 -2.20 5.00 -7.97
N LEU A 118 -1.88 4.14 -7.00
CA LEU A 118 -2.53 2.84 -6.89
C LEU A 118 -3.67 2.89 -5.88
N ALA A 119 -3.55 3.76 -4.88
CA ALA A 119 -4.58 3.89 -3.86
C ALA A 119 -4.57 5.28 -3.23
N LYS A 120 -5.74 5.90 -3.19
CA LYS A 120 -5.86 7.24 -2.62
C LYS A 120 -6.81 7.25 -1.41
N VAL A 121 -6.23 7.26 -0.22
CA VAL A 121 -7.01 7.29 1.00
C VAL A 121 -7.14 8.73 1.51
N VAL A 122 -8.28 9.35 1.19
CA VAL A 122 -8.52 10.73 1.58
C VAL A 122 -8.87 10.85 3.06
N LEU A 123 -8.10 11.68 3.77
CA LEU A 123 -8.33 11.91 5.19
C LEU A 123 -9.20 13.15 5.39
N ARG A 124 -9.68 13.37 6.60
CA ARG A 124 -10.53 14.52 6.88
C ARG A 124 -9.84 15.55 7.77
N ALA A 125 -9.69 16.76 7.26
CA ALA A 125 -9.07 17.86 7.99
C ALA A 125 -10.13 18.62 8.79
N GLU A 126 -10.67 17.98 9.81
CA GLU A 126 -11.68 18.60 10.65
C GLU A 126 -11.02 19.31 11.81
N ALA A 127 -9.72 19.08 11.95
CA ALA A 127 -8.93 19.70 12.98
C ALA A 127 -7.46 19.62 12.63
N LYS A 128 -6.84 20.77 12.60
CA LYS A 128 -5.43 20.90 12.25
C LYS A 128 -4.57 19.82 12.91
N ALA A 129 -3.44 19.53 12.28
CA ALA A 129 -2.50 18.54 12.76
C ALA A 129 -1.16 18.69 12.03
N GLU A 130 -0.56 19.87 12.15
CA GLU A 130 0.71 20.15 11.49
C GLU A 130 1.76 19.12 11.86
N GLY A 131 2.22 18.37 10.87
CA GLY A 131 3.22 17.34 11.10
C GLY A 131 2.61 16.00 11.44
N SER A 132 1.33 15.84 11.12
CA SER A 132 0.62 14.59 11.39
C SER A 132 1.12 13.47 10.47
N ASN A 133 2.38 13.09 10.66
CA ASN A 133 3.01 12.06 9.85
C ASN A 133 2.08 10.86 9.65
N LEU A 134 2.01 10.40 8.41
CA LEU A 134 1.18 9.25 8.05
C LEU A 134 2.05 8.11 7.55
N SER A 135 2.02 6.98 8.25
CA SER A 135 2.83 5.83 7.88
C SER A 135 2.01 4.79 7.12
N VAL A 136 2.47 4.44 5.92
CA VAL A 136 1.79 3.46 5.10
C VAL A 136 2.61 2.18 5.00
N THR A 137 2.30 1.22 5.88
CA THR A 137 3.02 -0.05 5.90
C THR A 137 2.11 -1.19 5.44
N ASN A 138 2.48 -2.42 5.81
CA ASN A 138 1.71 -3.62 5.45
C ASN A 138 1.26 -3.59 3.99
N SER A 139 1.92 -2.78 3.17
CA SER A 139 1.57 -2.69 1.76
C SER A 139 1.90 -4.01 1.05
N SER A 140 0.92 -4.90 0.99
CA SER A 140 1.12 -6.19 0.37
C SER A 140 0.52 -6.23 -1.03
N VAL A 141 0.93 -7.23 -1.82
CA VAL A 141 0.42 -7.39 -3.18
C VAL A 141 0.15 -8.86 -3.49
N GLY A 142 -1.04 -9.13 -4.03
CA GLY A 142 -1.40 -10.49 -4.37
C GLY A 142 -0.72 -10.98 -5.63
N ASP A 143 0.52 -11.44 -5.49
CA ASP A 143 1.28 -11.94 -6.64
C ASP A 143 0.50 -13.04 -7.37
N GLY A 144 0.55 -13.02 -8.69
CA GLY A 144 -0.15 -14.01 -9.49
C GLY A 144 0.11 -15.44 -9.03
N GLU A 145 1.34 -15.71 -8.63
CA GLU A 145 1.72 -17.04 -8.17
C GLU A 145 0.79 -17.52 -7.05
N GLY A 146 0.21 -16.56 -6.32
CA GLY A 146 -0.69 -16.90 -5.24
C GLY A 146 -0.21 -16.41 -3.89
N LEU A 147 1.09 -16.10 -3.80
CA LEU A 147 1.68 -15.61 -2.56
C LEU A 147 1.68 -14.08 -2.53
N VAL A 148 2.01 -13.53 -1.37
CA VAL A 148 2.06 -12.08 -1.20
C VAL A 148 3.45 -11.62 -0.77
N HIS A 149 4.05 -10.73 -1.56
CA HIS A 149 5.38 -10.22 -1.26
C HIS A 149 5.31 -8.93 -0.45
N GLU A 150 5.51 -9.06 0.87
CA GLU A 150 5.47 -7.90 1.75
C GLU A 150 6.48 -6.85 1.27
N ILE A 151 5.96 -5.73 0.75
CA ILE A 151 6.83 -4.69 0.24
C ILE A 151 7.32 -3.75 1.35
N ALA A 152 8.26 -2.88 0.98
CA ALA A 152 8.85 -1.93 1.90
C ALA A 152 7.78 -1.02 2.52
N GLY A 153 8.14 0.24 2.78
CA GLY A 153 7.20 1.17 3.39
C GLY A 153 7.64 2.61 3.24
N THR A 154 6.72 3.54 3.53
CA THR A 154 7.00 4.95 3.43
C THR A 154 5.89 5.77 4.09
N GLU A 155 6.25 6.92 4.65
CA GLU A 155 5.28 7.76 5.32
C GLU A 155 5.15 9.14 4.64
N LYS A 156 4.27 9.97 5.18
CA LYS A 156 4.05 11.31 4.66
C LYS A 156 3.75 12.27 5.79
N THR A 157 3.75 13.55 5.48
CA THR A 157 3.49 14.58 6.46
C THR A 157 2.67 15.72 5.85
N VAL A 158 1.46 15.90 6.35
CA VAL A 158 0.57 16.95 5.85
C VAL A 158 0.31 18.00 6.92
N ASN A 159 0.63 19.26 6.60
CA ASN A 159 0.41 20.34 7.54
C ASN A 159 -0.96 20.94 7.35
N ILE A 160 -1.81 20.75 8.33
CA ILE A 160 -3.14 21.30 8.28
C ILE A 160 -3.11 22.76 8.69
N ILE A 161 -3.55 23.60 7.78
CA ILE A 161 -3.54 25.03 8.00
C ILE A 161 -4.95 25.54 8.27
N GLU A 162 -5.09 26.32 9.34
CA GLU A 162 -6.39 26.87 9.70
C GLU A 162 -6.95 27.75 8.59
N GLY A 163 -8.28 27.72 8.45
CA GLY A 163 -8.92 28.52 7.43
C GLY A 163 -10.40 28.73 7.71
N THR A 164 -11.25 28.10 6.91
CA THR A 164 -12.69 28.22 7.07
C THR A 164 -13.13 27.66 8.42
N SER A 165 -14.41 27.83 8.72
CA SER A 165 -14.96 27.34 9.99
C SER A 165 -15.39 25.89 9.87
N MET A 1 -2.64 -44.83 32.47
CA MET A 1 -1.54 -45.77 32.15
C MET A 1 -1.80 -46.49 30.83
N GLY A 2 -2.35 -45.76 29.86
CA GLY A 2 -2.64 -46.35 28.57
C GLY A 2 -4.04 -46.89 28.48
N SER A 3 -5.00 -46.17 29.06
CA SER A 3 -6.40 -46.58 29.04
C SER A 3 -7.08 -46.13 27.76
N SER A 4 -7.76 -47.06 27.11
CA SER A 4 -8.46 -46.77 25.86
C SER A 4 -9.65 -47.71 25.66
N HIS A 5 -9.34 -48.96 25.32
CA HIS A 5 -10.37 -49.96 25.10
C HIS A 5 -9.77 -51.36 24.97
N HIS A 6 -8.69 -51.46 24.18
CA HIS A 6 -8.01 -52.74 23.98
C HIS A 6 -6.52 -52.53 23.78
N HIS A 7 -5.76 -53.63 23.82
CA HIS A 7 -4.32 -53.56 23.64
C HIS A 7 -3.93 -53.91 22.21
N HIS A 8 -2.96 -53.18 21.67
CA HIS A 8 -2.49 -53.42 20.30
C HIS A 8 -0.99 -53.18 20.20
N HIS A 9 -0.40 -53.68 19.12
CA HIS A 9 1.04 -53.52 18.90
C HIS A 9 1.37 -53.61 17.41
N HIS A 10 0.44 -53.17 16.58
CA HIS A 10 0.63 -53.20 15.13
C HIS A 10 -0.30 -52.22 14.43
N SER A 11 0.28 -51.27 13.70
CA SER A 11 -0.49 -50.27 12.99
C SER A 11 0.28 -49.71 11.80
N SER A 12 -0.29 -48.72 11.13
CA SER A 12 0.35 -48.10 9.98
C SER A 12 -0.17 -46.68 9.76
N GLY A 13 0.62 -45.88 9.05
CA GLY A 13 0.22 -44.51 8.78
C GLY A 13 1.20 -43.79 7.87
N LEU A 14 1.59 -44.45 6.79
CA LEU A 14 2.53 -43.87 5.83
C LEU A 14 2.06 -44.11 4.40
N VAL A 15 2.63 -43.36 3.46
CA VAL A 15 2.28 -43.49 2.06
C VAL A 15 3.39 -44.18 1.27
N PRO A 16 3.02 -44.92 0.20
CA PRO A 16 3.97 -45.64 -0.64
C PRO A 16 5.34 -44.96 -0.75
N ARG A 17 5.32 -43.67 -1.07
CA ARG A 17 6.55 -42.90 -1.20
C ARG A 17 6.46 -41.58 -0.44
N GLY A 18 7.50 -41.26 0.31
CA GLY A 18 7.52 -40.03 1.07
C GLY A 18 8.86 -39.77 1.72
N SER A 19 9.93 -40.10 1.02
CA SER A 19 11.29 -39.89 1.52
C SER A 19 12.17 -39.22 0.48
N HIS A 20 12.12 -39.74 -0.75
CA HIS A 20 12.93 -39.18 -1.84
C HIS A 20 12.45 -37.79 -2.21
N MET A 21 13.12 -37.17 -3.17
CA MET A 21 12.76 -35.83 -3.61
C MET A 21 12.88 -34.83 -2.47
N ALA A 22 14.04 -34.19 -2.37
CA ALA A 22 14.29 -33.20 -1.32
C ALA A 22 15.06 -32.01 -1.86
N SER A 23 14.84 -30.84 -1.26
CA SER A 23 15.51 -29.63 -1.68
C SER A 23 15.77 -28.70 -0.49
N LYS A 24 16.59 -27.68 -0.70
CA LYS A 24 16.93 -26.74 0.36
C LYS A 24 17.23 -25.36 -0.23
N LEU A 25 18.31 -25.27 -1.00
CA LEU A 25 18.71 -24.01 -1.62
C LEU A 25 19.10 -24.22 -3.08
N LYS A 26 18.48 -23.45 -3.97
CA LYS A 26 18.78 -23.56 -5.40
C LYS A 26 18.82 -22.17 -6.05
N GLU A 27 17.65 -21.53 -6.11
CA GLU A 27 17.55 -20.20 -6.71
C GLU A 27 16.83 -19.24 -5.77
N ALA A 28 16.63 -18.01 -6.24
CA ALA A 28 15.95 -17.00 -5.43
C ALA A 28 15.22 -15.99 -6.32
N ALA A 29 14.44 -15.12 -5.71
CA ALA A 29 13.69 -14.11 -6.44
C ALA A 29 12.97 -13.16 -5.49
N GLU A 30 13.71 -12.55 -4.58
CA GLU A 30 13.14 -11.62 -3.61
C GLU A 30 12.94 -10.24 -4.23
N VAL A 31 11.70 -9.77 -4.20
CA VAL A 31 11.37 -8.46 -4.76
C VAL A 31 12.00 -7.35 -3.93
N THR A 32 12.25 -6.21 -4.58
CA THR A 32 12.84 -5.07 -3.90
C THR A 32 11.89 -4.57 -2.82
N GLY A 33 10.62 -4.52 -3.18
CA GLY A 33 9.60 -4.09 -2.26
C GLY A 33 9.75 -2.64 -1.88
N SER A 34 8.90 -1.80 -2.43
CA SER A 34 8.92 -0.37 -2.13
C SER A 34 7.64 0.33 -2.51
N VAL A 35 7.15 1.15 -1.58
CA VAL A 35 5.92 1.89 -1.79
C VAL A 35 6.19 3.25 -2.37
N SER A 36 5.28 3.68 -3.23
CA SER A 36 5.37 4.98 -3.87
C SER A 36 4.58 6.01 -3.09
N LEU A 37 5.29 6.95 -2.47
CA LEU A 37 4.64 7.99 -1.67
C LEU A 37 4.44 9.27 -2.46
N GLU A 38 3.19 9.68 -2.59
CA GLU A 38 2.83 10.89 -3.31
C GLU A 38 1.70 11.64 -2.60
N ALA A 39 1.89 12.93 -2.37
CA ALA A 39 0.86 13.73 -1.70
C ALA A 39 1.26 15.21 -1.63
N LEU A 40 0.26 16.07 -1.52
CA LEU A 40 0.49 17.50 -1.43
C LEU A 40 1.17 17.85 -0.11
N GLU A 41 0.90 17.05 0.91
CA GLU A 41 1.48 17.24 2.23
C GLU A 41 0.88 18.45 2.94
N GLU A 42 -0.35 18.82 2.57
CA GLU A 42 -1.01 19.96 3.18
C GLU A 42 -2.51 19.98 2.89
N VAL A 43 -3.31 20.09 3.95
CA VAL A 43 -4.76 20.15 3.82
C VAL A 43 -5.36 21.10 4.85
N GLN A 44 -5.82 22.27 4.40
CA GLN A 44 -6.40 23.27 5.28
C GLN A 44 -7.76 22.80 5.82
N VAL A 45 -7.94 22.83 7.16
CA VAL A 45 -9.18 22.42 7.80
C VAL A 45 -10.39 22.64 6.90
N GLY A 46 -11.21 21.60 6.81
CA GLY A 46 -12.39 21.66 6.01
C GLY A 46 -12.21 21.02 4.65
N GLU A 47 -10.96 20.85 4.24
CA GLU A 47 -10.63 20.24 2.95
C GLU A 47 -10.12 18.81 3.14
N ASN A 48 -9.94 18.10 2.04
CA ASN A 48 -9.44 16.73 2.09
C ASN A 48 -8.19 16.57 1.24
N LEU A 49 -7.32 15.65 1.66
CA LEU A 49 -6.07 15.40 0.93
C LEU A 49 -6.19 14.12 0.11
N GLU A 50 -5.27 13.93 -0.83
CA GLU A 50 -5.27 12.76 -1.69
C GLU A 50 -3.87 12.18 -1.82
N VAL A 51 -3.54 11.21 -0.97
CA VAL A 51 -2.22 10.59 -1.01
C VAL A 51 -2.30 9.20 -1.65
N GLY A 52 -1.96 9.13 -2.94
CA GLY A 52 -1.99 7.88 -3.64
C GLY A 52 -0.72 7.08 -3.46
N VAL A 53 -0.59 6.39 -2.33
CA VAL A 53 0.59 5.59 -2.06
C VAL A 53 0.54 4.27 -2.82
N GLY A 54 1.22 4.24 -3.97
CA GLY A 54 1.23 3.05 -4.78
C GLY A 54 2.51 2.26 -4.64
N ILE A 55 3.12 1.93 -5.77
CA ILE A 55 4.36 1.16 -5.78
C ILE A 55 5.55 2.01 -6.23
N ASP A 56 6.63 1.95 -5.47
CA ASP A 56 7.85 2.67 -5.79
C ASP A 56 8.84 1.72 -6.42
N GLU A 57 8.85 0.49 -5.92
CA GLU A 57 9.74 -0.54 -6.42
C GLU A 57 9.20 -1.93 -6.08
N LEU A 58 9.17 -2.80 -7.08
CA LEU A 58 8.67 -4.16 -6.92
C LEU A 58 9.12 -5.03 -8.08
N VAL A 59 10.28 -5.68 -7.94
CA VAL A 59 10.80 -6.52 -9.00
C VAL A 59 11.02 -7.95 -8.53
N ASN A 60 10.15 -8.85 -9.02
CA ASN A 60 10.20 -10.29 -8.73
C ASN A 60 8.83 -10.82 -8.28
N ALA A 61 7.77 -10.07 -8.61
CA ALA A 61 6.41 -10.47 -8.24
C ALA A 61 5.40 -9.84 -9.19
N GLU A 62 4.16 -10.36 -9.16
CA GLU A 62 3.11 -9.84 -10.01
C GLU A 62 1.94 -9.32 -9.18
N ALA A 63 2.04 -8.07 -8.75
CA ALA A 63 0.99 -7.46 -7.94
C ALA A 63 -0.32 -7.37 -8.72
N PHE A 64 -1.35 -8.02 -8.18
CA PHE A 64 -2.66 -8.01 -8.83
C PHE A 64 -3.68 -7.24 -7.98
N ALA A 65 -3.48 -7.26 -6.66
CA ALA A 65 -4.37 -6.57 -5.75
C ALA A 65 -3.60 -5.91 -4.61
N TYR A 66 -3.59 -4.58 -4.61
CA TYR A 66 -2.88 -3.83 -3.58
C TYR A 66 -3.73 -3.63 -2.35
N ASP A 67 -3.16 -3.89 -1.18
CA ASP A 67 -3.87 -3.73 0.08
C ASP A 67 -2.91 -3.31 1.18
N PHE A 68 -3.04 -2.06 1.63
CA PHE A 68 -2.19 -1.54 2.68
C PHE A 68 -3.01 -0.93 3.81
N THR A 69 -2.33 -0.59 4.91
CA THR A 69 -3.00 -0.01 6.08
C THR A 69 -2.30 1.27 6.50
N LEU A 70 -3.00 2.40 6.35
CA LEU A 70 -2.44 3.69 6.73
C LEU A 70 -2.82 4.07 8.16
N ASN A 71 -1.99 4.87 8.80
CA ASN A 71 -2.24 5.31 10.17
C ASN A 71 -2.28 6.83 10.26
N TYR A 72 -3.23 7.34 11.03
CA TYR A 72 -3.38 8.78 11.20
C TYR A 72 -3.74 9.14 12.64
N ASP A 73 -3.99 10.41 12.89
CA ASP A 73 -4.35 10.87 14.23
C ASP A 73 -5.84 11.17 14.32
N GLU A 74 -6.52 10.47 15.23
CA GLU A 74 -7.95 10.67 15.43
C GLU A 74 -8.24 11.93 16.25
N ASN A 75 -7.18 12.59 16.72
CA ASN A 75 -7.33 13.80 17.51
C ASN A 75 -7.22 15.05 16.64
N ALA A 76 -7.45 14.88 15.34
CA ALA A 76 -7.37 15.99 14.39
C ALA A 76 -7.72 15.51 12.99
N PHE A 77 -7.23 14.33 12.63
CA PHE A 77 -7.50 13.75 11.32
C PHE A 77 -8.48 12.58 11.45
N GLU A 78 -9.18 12.29 10.37
CA GLU A 78 -10.15 11.20 10.35
C GLU A 78 -10.31 10.62 8.95
N TYR A 79 -10.23 9.30 8.85
CA TYR A 79 -10.37 8.63 7.57
C TYR A 79 -11.66 9.06 6.86
N VAL A 80 -11.64 9.03 5.54
CA VAL A 80 -12.80 9.42 4.74
C VAL A 80 -13.18 8.33 3.75
N GLU A 81 -12.52 8.33 2.59
CA GLU A 81 -12.80 7.34 1.56
C GLU A 81 -11.62 7.20 0.61
N ALA A 82 -11.22 5.96 0.34
CA ALA A 82 -10.10 5.69 -0.56
C ALA A 82 -10.52 5.72 -1.99
N ILE A 83 -9.61 6.19 -2.80
CA ILE A 83 -9.86 6.34 -4.20
C ILE A 83 -8.82 5.66 -5.06
N SER A 84 -9.25 5.32 -6.26
CA SER A 84 -8.40 4.66 -7.24
C SER A 84 -8.26 5.50 -8.51
N ASP A 85 -7.78 4.88 -9.58
CA ASP A 85 -7.61 5.56 -10.85
C ASP A 85 -8.86 5.42 -11.71
N ASP A 86 -8.70 5.59 -13.03
CA ASP A 86 -9.83 5.47 -13.95
C ASP A 86 -9.92 4.07 -14.52
N GLY A 87 -9.62 3.07 -13.69
CA GLY A 87 -9.68 1.69 -14.11
C GLY A 87 -9.68 0.72 -12.95
N VAL A 88 -8.90 1.04 -11.92
CA VAL A 88 -8.81 0.20 -10.73
C VAL A 88 -9.89 0.56 -9.73
N PHE A 89 -10.24 -0.40 -8.88
CA PHE A 89 -11.27 -0.19 -7.86
C PHE A 89 -10.68 -0.21 -6.46
N VAL A 90 -10.71 0.95 -5.81
CA VAL A 90 -10.15 1.07 -4.46
C VAL A 90 -11.28 1.07 -3.42
N ASN A 91 -10.95 0.68 -2.19
CA ASN A 91 -11.93 0.63 -1.12
C ASN A 91 -11.25 0.52 0.24
N ALA A 92 -11.31 1.60 1.02
CA ALA A 92 -10.70 1.62 2.34
C ALA A 92 -11.73 1.34 3.42
N LYS A 93 -11.33 0.55 4.43
CA LYS A 93 -12.21 0.21 5.53
C LYS A 93 -11.63 0.67 6.86
N LYS A 94 -12.25 1.70 7.43
CA LYS A 94 -11.81 2.26 8.70
C LYS A 94 -11.77 1.18 9.78
N ILE A 95 -10.59 0.60 9.97
CA ILE A 95 -10.40 -0.44 10.96
C ILE A 95 -10.53 0.12 12.38
N GLU A 96 -10.21 1.39 12.54
CA GLU A 96 -10.30 2.04 13.84
C GLU A 96 -9.81 3.49 13.77
N ASP A 97 -9.63 4.10 14.95
CA ASP A 97 -9.17 5.48 15.03
C ASP A 97 -7.67 5.57 14.71
N GLY A 98 -7.35 6.38 13.72
CA GLY A 98 -5.96 6.53 13.32
C GLY A 98 -5.38 5.25 12.77
N LYS A 99 -6.16 4.54 11.96
CA LYS A 99 -5.73 3.29 11.36
C LYS A 99 -6.78 2.88 10.39
N VAL A 100 -6.35 2.62 9.18
CA VAL A 100 -7.27 2.32 8.14
C VAL A 100 -6.67 1.41 7.07
N ARG A 101 -7.43 0.42 6.63
CA ARG A 101 -6.96 -0.52 5.62
C ARG A 101 -7.64 -0.29 4.28
N VAL A 102 -6.95 -0.63 3.20
CA VAL A 102 -7.51 -0.45 1.86
C VAL A 102 -7.39 -1.73 1.03
N LEU A 103 -8.36 -1.96 0.16
CA LEU A 103 -8.37 -3.14 -0.70
C LEU A 103 -8.66 -2.73 -2.14
N VAL A 104 -7.61 -2.61 -2.93
CA VAL A 104 -7.77 -2.23 -4.33
C VAL A 104 -7.75 -3.44 -5.26
N SER A 105 -8.28 -3.25 -6.47
CA SER A 105 -8.32 -4.30 -7.47
C SER A 105 -8.58 -3.72 -8.85
N SER A 106 -7.84 -4.19 -9.85
CA SER A 106 -7.99 -3.70 -11.21
C SER A 106 -9.22 -4.31 -11.88
N LEU A 107 -10.23 -3.47 -12.11
CA LEU A 107 -11.46 -3.91 -12.76
C LEU A 107 -11.35 -3.68 -14.26
N THR A 108 -10.13 -3.74 -14.78
CA THR A 108 -9.86 -3.53 -16.19
C THR A 108 -9.48 -4.83 -16.87
N GLY A 109 -8.90 -5.75 -16.10
CA GLY A 109 -8.48 -7.03 -16.65
C GLY A 109 -6.99 -7.23 -16.54
N GLU A 110 -6.26 -6.14 -16.34
CA GLU A 110 -4.81 -6.20 -16.22
C GLU A 110 -4.39 -6.11 -14.76
N PRO A 111 -3.18 -6.60 -14.43
CA PRO A 111 -2.66 -6.58 -13.06
C PRO A 111 -2.22 -5.18 -12.63
N LEU A 112 -1.65 -5.08 -11.43
CA LEU A 112 -1.18 -3.80 -10.90
C LEU A 112 -0.18 -3.16 -11.85
N PRO A 113 -0.54 -1.99 -12.44
CA PRO A 113 0.35 -1.28 -13.37
C PRO A 113 1.62 -0.79 -12.70
N ALA A 114 1.49 -0.31 -11.46
CA ALA A 114 2.62 0.18 -10.69
C ALA A 114 3.18 1.46 -11.31
N LYS A 115 4.06 2.13 -10.58
CA LYS A 115 4.67 3.36 -11.05
C LYS A 115 3.63 4.47 -11.19
N GLU A 116 2.47 4.27 -10.57
CA GLU A 116 1.40 5.26 -10.63
C GLU A 116 0.59 5.23 -9.33
N VAL A 117 -0.56 5.91 -9.33
CA VAL A 117 -1.42 5.95 -8.16
C VAL A 117 -2.19 4.64 -8.02
N LEU A 118 -1.78 3.82 -7.07
CA LEU A 118 -2.44 2.54 -6.83
C LEU A 118 -3.62 2.69 -5.88
N ALA A 119 -3.52 3.62 -4.94
CA ALA A 119 -4.60 3.86 -3.99
C ALA A 119 -4.38 5.16 -3.22
N LYS A 120 -5.43 5.97 -3.16
CA LYS A 120 -5.37 7.25 -2.45
C LYS A 120 -6.30 7.27 -1.26
N VAL A 121 -5.74 7.34 -0.06
CA VAL A 121 -6.51 7.39 1.17
C VAL A 121 -6.66 8.83 1.64
N VAL A 122 -7.77 9.46 1.26
CA VAL A 122 -8.02 10.84 1.64
C VAL A 122 -8.44 10.98 3.09
N LEU A 123 -7.60 11.64 3.89
CA LEU A 123 -7.90 11.86 5.30
C LEU A 123 -8.81 13.07 5.47
N ARG A 124 -9.33 13.26 6.68
CA ARG A 124 -10.23 14.37 6.94
C ARG A 124 -9.58 15.44 7.81
N ALA A 125 -9.58 16.67 7.30
CA ALA A 125 -9.02 17.81 8.03
C ALA A 125 -10.13 18.61 8.68
N GLU A 126 -10.75 18.03 9.70
CA GLU A 126 -11.84 18.70 10.41
C GLU A 126 -11.26 19.48 11.58
N ALA A 127 -9.97 19.31 11.78
CA ALA A 127 -9.25 19.98 12.83
C ALA A 127 -7.77 19.93 12.55
N LYS A 128 -7.16 21.10 12.51
CA LYS A 128 -5.75 21.23 12.22
C LYS A 128 -4.89 20.21 12.96
N ALA A 129 -3.96 19.61 12.23
CA ALA A 129 -3.05 18.62 12.78
C ALA A 129 -1.68 18.76 12.12
N GLU A 130 -1.08 19.94 12.27
CA GLU A 130 0.23 20.22 11.68
C GLU A 130 1.26 19.18 12.12
N GLY A 131 1.76 18.42 11.16
CA GLY A 131 2.76 17.40 11.45
C GLY A 131 2.14 16.01 11.55
N SER A 132 0.82 15.93 11.47
CA SER A 132 0.12 14.66 11.55
C SER A 132 0.64 13.69 10.48
N ASN A 133 1.65 12.91 10.84
CA ASN A 133 2.24 11.97 9.90
C ASN A 133 1.25 10.88 9.51
N LEU A 134 1.53 10.23 8.39
CA LEU A 134 0.69 9.16 7.86
C LEU A 134 1.57 8.01 7.37
N SER A 135 1.64 6.94 8.15
CA SER A 135 2.47 5.80 7.80
C SER A 135 1.63 4.65 7.23
N VAL A 136 2.01 4.19 6.04
CA VAL A 136 1.32 3.09 5.39
C VAL A 136 2.21 1.85 5.33
N THR A 137 2.06 0.97 6.31
CA THR A 137 2.85 -0.25 6.38
C THR A 137 2.06 -1.44 5.83
N ASN A 138 2.50 -2.65 6.16
CA ASN A 138 1.84 -3.88 5.71
C ASN A 138 1.50 -3.84 4.22
N SER A 139 2.17 -2.95 3.50
CA SER A 139 1.94 -2.81 2.06
C SER A 139 2.25 -4.12 1.34
N SER A 140 1.21 -4.87 1.00
CA SER A 140 1.38 -6.15 0.33
C SER A 140 0.91 -6.08 -1.12
N VAL A 141 1.16 -7.16 -1.86
CA VAL A 141 0.77 -7.23 -3.27
C VAL A 141 0.40 -8.65 -3.66
N GLY A 142 -0.78 -8.83 -4.24
CA GLY A 142 -1.22 -10.15 -4.64
C GLY A 142 -0.49 -10.65 -5.88
N ASP A 143 0.54 -11.48 -5.66
CA ASP A 143 1.31 -12.03 -6.76
C ASP A 143 0.41 -12.75 -7.76
N GLY A 144 0.93 -12.96 -8.97
CA GLY A 144 0.16 -13.65 -10.00
C GLY A 144 -0.14 -15.08 -9.64
N GLU A 145 0.80 -15.73 -8.96
CA GLU A 145 0.63 -17.12 -8.56
C GLU A 145 -0.41 -17.25 -7.46
N GLY A 146 -0.51 -16.22 -6.63
CA GLY A 146 -1.48 -16.23 -5.54
C GLY A 146 -0.89 -15.73 -4.23
N LEU A 147 0.40 -15.99 -4.04
CA LEU A 147 1.08 -15.56 -2.82
C LEU A 147 1.21 -14.04 -2.77
N VAL A 148 1.63 -13.52 -1.62
CA VAL A 148 1.80 -12.09 -1.45
C VAL A 148 3.25 -11.73 -1.12
N HIS A 149 3.67 -10.54 -1.52
CA HIS A 149 5.04 -10.10 -1.25
C HIS A 149 5.05 -8.80 -0.44
N GLU A 150 5.18 -8.93 0.87
CA GLU A 150 5.22 -7.76 1.74
C GLU A 150 6.33 -6.82 1.32
N ILE A 151 5.94 -5.70 0.70
CA ILE A 151 6.92 -4.73 0.23
C ILE A 151 7.33 -3.76 1.33
N ALA A 152 8.16 -2.80 0.96
CA ALA A 152 8.65 -1.79 1.88
C ALA A 152 7.50 -0.90 2.37
N GLY A 153 7.84 0.32 2.81
CA GLY A 153 6.83 1.23 3.29
C GLY A 153 7.31 2.67 3.31
N THR A 154 6.38 3.60 3.48
CA THR A 154 6.71 5.01 3.53
C THR A 154 5.56 5.81 4.13
N GLU A 155 5.86 6.98 4.69
CA GLU A 155 4.84 7.81 5.32
C GLU A 155 4.83 9.23 4.76
N LYS A 156 3.83 10.00 5.17
CA LYS A 156 3.68 11.39 4.75
C LYS A 156 3.24 12.25 5.94
N THR A 157 3.29 13.56 5.76
CA THR A 157 2.88 14.49 6.80
C THR A 157 2.18 15.70 6.20
N VAL A 158 0.90 15.87 6.52
CA VAL A 158 0.13 16.98 6.00
C VAL A 158 -0.09 18.05 7.07
N ASN A 159 0.19 19.30 6.71
CA ASN A 159 0.02 20.42 7.64
C ASN A 159 -1.33 21.08 7.42
N ILE A 160 -2.23 20.85 8.34
CA ILE A 160 -3.54 21.46 8.24
C ILE A 160 -3.48 22.89 8.70
N ILE A 161 -3.83 23.77 7.80
CA ILE A 161 -3.79 25.19 8.06
C ILE A 161 -5.19 25.72 8.30
N GLU A 162 -5.34 26.57 9.30
CA GLU A 162 -6.66 27.12 9.62
C GLU A 162 -7.21 27.93 8.46
N GLY A 163 -8.52 27.88 8.29
CA GLY A 163 -9.17 28.61 7.22
C GLY A 163 -9.69 29.96 7.67
N THR A 164 -9.72 30.92 6.74
CA THR A 164 -10.20 32.27 7.06
C THR A 164 -11.16 32.76 5.99
N SER A 165 -11.77 33.92 6.23
CA SER A 165 -12.71 34.50 5.29
C SER A 165 -12.02 34.88 3.97
#